data_3U6X
#
_entry.id   3U6X
#
_cell.length_a   149.960
_cell.length_b   237.420
_cell.length_c   152.210
_cell.angle_alpha   90.00
_cell.angle_beta   115.67
_cell.angle_gamma   90.00
#
_symmetry.space_group_name_H-M   'P 1 21 1'
#
loop_
_entity.id
_entity.type
_entity.pdbx_description
1 polymer BPP
2 polymer ORF48
3 non-polymer 'BROMIDE ION'
4 water water
#
loop_
_entity_poly.entity_id
_entity_poly.type
_entity_poly.pdbx_seq_one_letter_code
_entity_poly.pdbx_strand_id
1 'polypeptide(L)'
;MASIKKVYRGMKNGAETINDDLEAINSELTSGGNVVHKTGDETIAGKKTFTGNVEVNGSLTLPTKSWSGELGGGIILSLR
KKGTTVEYSIGGEISSSILANSNLVNRSVPNEFCPRNRCSLVGHMVGGWNAFHIDIPSSGVCQWFGPTASSGTPRGTGTY
PIDH
;
A,B,C,D,E,F,G,H,I,J,K,L,M,N,O,P,Q,R
2 'polypeptide(L)'
;GFKFVLEHDSEYQPEVKVTSYKNAIGTETDGFDSGPVFGGGTIYNVPVSLSYDRQKVYVEMPKSYTLAGDIILIDDGTLL
VIKETQVLCFKMSDAKITKGYVFVA
;
S,T,U,X,Y,Z
#
loop_
_chem_comp.id
_chem_comp.type
_chem_comp.name
_chem_comp.formula
BR non-polymer 'BROMIDE ION' 'Br -1'
#
# COMPACT_ATOMS: atom_id res chain seq x y z
N ALA A 2 9.12 70.65 -36.01
CA ALA A 2 9.98 71.82 -36.22
C ALA A 2 9.34 73.11 -35.71
N SER A 3 10.17 74.16 -35.50
CA SER A 3 9.64 75.47 -35.11
C SER A 3 9.40 76.28 -36.39
N ILE A 4 8.12 76.52 -36.69
CA ILE A 4 7.71 77.26 -37.87
C ILE A 4 6.99 78.55 -37.53
N LYS A 5 7.13 79.57 -38.36
CA LYS A 5 6.46 80.86 -38.19
C LYS A 5 5.11 80.87 -38.95
N LYS A 6 4.16 81.67 -38.46
CA LYS A 6 2.83 81.76 -39.07
C LYS A 6 2.91 82.39 -40.45
N VAL A 7 2.06 81.91 -41.36
CA VAL A 7 1.92 82.44 -42.72
C VAL A 7 0.51 83.01 -42.73
N TYR A 8 0.35 84.29 -43.06
CA TYR A 8 -1.00 84.91 -43.01
C TYR A 8 -1.22 85.97 -44.08
N ARG A 9 -2.50 86.29 -44.34
CA ARG A 9 -2.91 87.33 -45.30
C ARG A 9 -2.32 88.72 -44.92
N GLY A 10 -1.74 89.40 -45.90
CA GLY A 10 -1.15 90.72 -45.70
C GLY A 10 0.19 90.75 -44.98
N MET A 11 0.75 89.55 -44.74
CA MET A 11 2.03 89.32 -44.10
C MET A 11 3.20 90.03 -44.82
N LYS A 12 4.24 90.37 -44.05
CA LYS A 12 5.46 90.97 -44.52
C LYS A 12 6.51 89.81 -44.53
N ASN A 13 7.26 89.67 -45.63
CA ASN A 13 8.25 88.59 -45.87
C ASN A 13 7.61 87.24 -46.05
N GLY A 14 6.56 87.21 -46.88
CA GLY A 14 5.76 86.04 -47.18
C GLY A 14 6.49 84.84 -47.75
N ALA A 15 7.18 85.06 -48.87
CA ALA A 15 7.91 84.02 -49.58
C ALA A 15 9.07 83.48 -48.76
N GLU A 16 9.80 84.37 -48.03
CA GLU A 16 10.94 84.01 -47.17
C GLU A 16 10.44 83.12 -46.02
N THR A 17 9.34 83.52 -45.35
CA THR A 17 8.73 82.74 -44.27
C THR A 17 8.31 81.36 -44.76
N ILE A 18 7.56 81.25 -45.91
CA ILE A 18 7.14 79.97 -46.48
C ILE A 18 8.36 79.08 -46.71
N ASN A 19 9.39 79.61 -47.39
CA ASN A 19 10.64 78.89 -47.70
C ASN A 19 11.35 78.39 -46.46
N ASP A 20 11.57 79.27 -45.48
CA ASP A 20 12.20 78.93 -44.21
C ASP A 20 11.41 77.87 -43.45
N ASP A 21 10.06 77.95 -43.49
CA ASP A 21 9.17 76.96 -42.87
C ASP A 21 9.32 75.60 -43.55
N LEU A 22 9.31 75.60 -44.92
CA LEU A 22 9.51 74.41 -45.75
C LEU A 22 10.83 73.73 -45.43
N GLU A 23 11.88 74.50 -45.22
CA GLU A 23 13.22 74.00 -44.92
C GLU A 23 13.36 73.42 -43.53
N ALA A 24 12.75 74.08 -42.52
CA ALA A 24 12.78 73.66 -41.12
C ALA A 24 12.13 72.27 -40.98
N ILE A 25 10.99 72.09 -41.67
CA ILE A 25 10.22 70.85 -41.71
C ILE A 25 11.03 69.76 -42.43
N ASN A 26 11.53 70.06 -43.62
CA ASN A 26 12.31 69.12 -44.42
C ASN A 26 13.60 68.61 -43.74
N SER A 27 14.20 69.44 -42.86
CA SER A 27 15.40 69.06 -42.11
C SER A 27 15.12 67.88 -41.18
N GLU A 28 13.94 67.91 -40.51
CA GLU A 28 13.48 66.88 -39.59
C GLU A 28 13.13 65.55 -40.30
N LEU A 29 13.12 65.53 -41.63
CA LEU A 29 12.85 64.30 -42.37
C LEU A 29 14.13 63.51 -42.61
N THR A 30 15.29 64.08 -42.23
CA THR A 30 16.61 63.45 -42.38
C THR A 30 17.29 63.19 -41.03
N SER A 31 17.20 64.16 -40.09
CA SER A 31 17.77 64.05 -38.74
C SER A 31 17.09 65.00 -37.77
N GLY A 32 17.26 64.76 -36.46
CA GLY A 32 16.73 65.61 -35.40
C GLY A 32 15.25 65.49 -35.18
N GLY A 33 14.72 66.43 -34.38
CA GLY A 33 13.33 66.50 -34.00
C GLY A 33 12.90 65.34 -33.11
N ASN A 34 11.61 65.00 -33.14
CA ASN A 34 11.06 63.90 -32.37
C ASN A 34 10.78 62.75 -33.31
N VAL A 35 11.36 62.76 -34.52
CA VAL A 35 11.13 61.66 -35.47
C VAL A 35 12.26 60.62 -35.47
N VAL A 36 11.91 59.34 -35.61
CA VAL A 36 12.85 58.22 -35.64
C VAL A 36 13.23 58.06 -37.11
N HIS A 37 14.55 58.02 -37.36
CA HIS A 37 15.14 57.93 -38.70
C HIS A 37 15.79 56.61 -39.02
N LYS A 38 15.97 56.33 -40.33
CA LYS A 38 16.63 55.13 -40.84
C LYS A 38 18.16 55.25 -40.78
N THR A 39 18.71 56.29 -40.10
CA THR A 39 20.15 56.51 -39.91
C THR A 39 20.37 57.20 -38.56
N GLY A 40 21.59 57.10 -38.04
CA GLY A 40 22.00 57.77 -36.82
C GLY A 40 21.59 57.14 -35.51
N ASP A 41 22.31 57.53 -34.45
CA ASP A 41 22.06 57.05 -33.09
C ASP A 41 20.96 57.91 -32.49
N GLU A 42 19.86 57.27 -32.09
CA GLU A 42 18.71 57.94 -31.52
C GLU A 42 18.22 57.24 -30.26
N THR A 43 17.71 58.05 -29.32
CA THR A 43 17.08 57.61 -28.08
C THR A 43 15.56 57.71 -28.29
N ILE A 44 14.83 56.60 -28.07
CA ILE A 44 13.39 56.50 -28.28
C ILE A 44 12.66 56.21 -26.97
N ALA A 45 11.61 56.99 -26.62
CA ALA A 45 10.80 56.77 -25.42
C ALA A 45 9.37 56.29 -25.76
N GLY A 46 8.69 55.62 -24.81
CA GLY A 46 7.32 55.13 -24.95
C GLY A 46 7.21 53.66 -25.29
N LYS A 47 6.01 53.07 -25.06
CA LYS A 47 5.75 51.67 -25.37
C LYS A 47 5.70 51.51 -26.89
N LYS A 48 6.75 50.91 -27.47
CA LYS A 48 6.77 50.62 -28.90
C LYS A 48 6.33 49.20 -29.13
N THR A 49 5.17 49.01 -29.78
CA THR A 49 4.64 47.70 -30.06
C THR A 49 4.89 47.40 -31.53
N PHE A 50 5.68 46.35 -31.81
CA PHE A 50 5.95 45.91 -33.17
C PHE A 50 5.03 44.73 -33.46
N THR A 51 4.13 44.88 -34.45
CA THR A 51 3.16 43.83 -34.79
C THR A 51 3.67 42.87 -35.83
N GLY A 52 4.78 43.23 -36.47
CA GLY A 52 5.42 42.40 -37.48
C GLY A 52 6.68 41.74 -36.97
N ASN A 53 7.48 41.23 -37.92
CA ASN A 53 8.76 40.61 -37.63
C ASN A 53 9.83 41.68 -37.41
N VAL A 54 10.62 41.53 -36.38
CA VAL A 54 11.73 42.42 -36.09
C VAL A 54 13.01 41.61 -36.28
N GLU A 55 13.94 42.14 -37.06
CA GLU A 55 15.23 41.51 -37.23
C GLU A 55 16.29 42.49 -36.72
N VAL A 56 17.26 42.00 -35.95
CA VAL A 56 18.37 42.80 -35.45
C VAL A 56 19.65 42.10 -35.94
N ASN A 57 20.48 42.84 -36.67
CA ASN A 57 21.72 42.35 -37.24
C ASN A 57 22.91 42.55 -36.32
N GLY A 58 22.80 43.55 -35.45
CA GLY A 58 23.82 43.90 -34.48
C GLY A 58 23.52 43.25 -33.14
N SER A 59 23.88 43.93 -32.06
CA SER A 59 23.64 43.44 -30.73
C SER A 59 22.30 43.94 -30.19
N LEU A 60 21.66 43.13 -29.33
CA LEU A 60 20.42 43.49 -28.66
C LEU A 60 20.74 43.50 -27.17
N THR A 61 20.98 44.68 -26.61
CA THR A 61 21.33 44.85 -25.20
C THR A 61 20.10 45.04 -24.32
N LEU A 62 20.01 44.25 -23.24
CA LEU A 62 18.90 44.32 -22.29
C LEU A 62 19.41 44.74 -20.91
N PRO A 63 18.53 45.12 -19.92
CA PRO A 63 19.06 45.45 -18.57
C PRO A 63 19.59 44.18 -17.86
N THR A 64 20.86 44.26 -17.42
CA THR A 64 21.61 43.19 -16.76
C THR A 64 21.96 43.51 -15.30
N LYS A 65 21.97 42.48 -14.43
CA LYS A 65 22.33 42.56 -13.02
C LYS A 65 22.87 41.23 -12.56
N SER A 66 24.00 41.26 -11.86
CA SER A 66 24.69 40.07 -11.36
C SER A 66 24.68 39.98 -9.85
N TRP A 67 24.78 38.74 -9.35
CA TRP A 67 24.86 38.42 -7.93
C TRP A 67 25.54 37.09 -7.79
N SER A 68 26.32 36.95 -6.76
CA SER A 68 27.03 35.74 -6.40
C SER A 68 27.08 35.70 -4.88
N GLY A 69 26.95 34.51 -4.33
CA GLY A 69 26.98 34.31 -2.89
C GLY A 69 27.12 32.84 -2.55
N GLU A 70 27.38 32.55 -1.28
CA GLU A 70 27.51 31.18 -0.80
C GLU A 70 26.23 30.87 -0.07
N LEU A 71 25.36 30.05 -0.69
CA LEU A 71 24.07 29.63 -0.14
C LEU A 71 24.22 28.95 1.22
N GLY A 72 25.22 28.08 1.32
CA GLY A 72 25.51 27.33 2.52
C GLY A 72 26.32 26.10 2.19
N GLY A 73 27.07 25.60 3.18
CA GLY A 73 27.89 24.39 3.07
C GLY A 73 29.01 24.46 2.05
N GLY A 74 29.34 25.66 1.62
CA GLY A 74 30.40 25.85 0.65
C GLY A 74 29.93 25.93 -0.78
N ILE A 75 28.61 25.81 -1.00
CA ILE A 75 28.01 25.89 -2.34
C ILE A 75 27.81 27.36 -2.72
N ILE A 76 28.38 27.77 -3.87
CA ILE A 76 28.29 29.14 -4.41
C ILE A 76 27.38 29.13 -5.60
N LEU A 77 26.49 30.11 -5.65
CA LEU A 77 25.58 30.31 -6.76
C LEU A 77 25.84 31.69 -7.36
N SER A 78 26.16 31.71 -8.65
CA SER A 78 26.40 32.95 -9.39
C SER A 78 25.28 33.10 -10.39
N LEU A 79 24.63 34.28 -10.35
CA LEU A 79 23.48 34.60 -11.19
C LEU A 79 23.68 35.87 -11.99
N ARG A 80 23.10 35.92 -13.18
CA ARG A 80 23.06 37.08 -14.07
C ARG A 80 21.67 37.14 -14.69
N LYS A 81 20.93 38.20 -14.35
CA LYS A 81 19.56 38.50 -14.80
C LYS A 81 19.68 39.30 -16.09
N LYS A 82 19.12 38.81 -17.18
CA LYS A 82 19.08 39.47 -18.50
C LYS A 82 17.62 39.41 -18.87
N GLY A 83 16.91 40.48 -18.59
CA GLY A 83 15.48 40.57 -18.87
C GLY A 83 14.68 39.72 -17.91
N THR A 84 13.96 38.73 -18.44
CA THR A 84 13.16 37.82 -17.63
C THR A 84 13.81 36.44 -17.42
N THR A 85 15.09 36.31 -17.77
CA THR A 85 15.83 35.06 -17.61
C THR A 85 17.00 35.26 -16.66
N VAL A 86 17.24 34.29 -15.79
CA VAL A 86 18.38 34.29 -14.88
C VAL A 86 19.30 33.15 -15.31
N GLU A 87 20.54 33.50 -15.67
CA GLU A 87 21.58 32.55 -16.04
C GLU A 87 22.25 32.21 -14.75
N TYR A 88 22.39 30.92 -14.43
CA TYR A 88 23.03 30.46 -13.19
C TYR A 88 24.23 29.60 -13.48
N SER A 89 25.09 29.50 -12.48
CA SER A 89 26.28 28.65 -12.46
C SER A 89 26.50 28.22 -11.02
N ILE A 90 26.50 26.90 -10.77
CA ILE A 90 26.76 26.36 -9.44
C ILE A 90 28.28 26.18 -9.34
N GLY A 91 28.84 26.62 -8.23
CA GLY A 91 30.26 26.51 -7.92
C GLY A 91 30.48 26.18 -6.46
N GLY A 92 31.73 26.30 -6.04
CA GLY A 92 32.16 26.04 -4.67
C GLY A 92 32.63 24.61 -4.45
N GLU A 93 32.64 24.19 -3.18
CA GLU A 93 33.04 22.87 -2.70
C GLU A 93 32.32 22.61 -1.41
N ILE A 94 31.68 21.43 -1.28
CA ILE A 94 31.01 21.08 -0.04
C ILE A 94 32.06 20.98 1.08
N SER A 95 31.96 21.93 2.02
CA SER A 95 32.90 22.11 3.13
C SER A 95 32.35 21.71 4.49
N SER A 96 31.08 21.30 4.56
CA SER A 96 30.41 20.86 5.80
C SER A 96 29.23 19.93 5.50
N SER A 97 28.62 19.33 6.52
CA SER A 97 27.48 18.43 6.33
C SER A 97 26.21 19.18 5.91
N ILE A 98 25.70 18.87 4.69
CA ILE A 98 24.46 19.41 4.15
C ILE A 98 23.45 18.28 4.22
N LEU A 99 22.45 18.42 5.07
CA LEU A 99 21.42 17.38 5.22
C LEU A 99 20.46 17.30 4.03
N ALA A 100 19.97 16.10 3.74
CA ALA A 100 19.02 15.93 2.64
C ALA A 100 17.82 16.78 2.94
N ASN A 101 17.32 17.48 1.90
CA ASN A 101 16.13 18.34 1.91
C ASN A 101 16.22 19.58 2.82
N SER A 102 17.44 19.97 3.19
CA SER A 102 17.71 21.11 4.09
C SER A 102 17.80 22.44 3.40
N ASN A 103 17.57 23.50 4.18
CA ASN A 103 17.64 24.88 3.72
C ASN A 103 19.08 25.35 3.75
N LEU A 104 19.47 26.13 2.74
CA LEU A 104 20.82 26.68 2.64
C LEU A 104 20.68 28.09 3.19
N VAL A 105 21.18 28.26 4.44
CA VAL A 105 20.97 29.43 5.30
C VAL A 105 22.10 30.47 5.45
N ASN A 106 23.20 30.34 4.69
CA ASN A 106 24.27 31.34 4.78
C ASN A 106 23.88 32.63 4.05
N ARG A 107 23.29 32.49 2.85
CA ARG A 107 22.83 33.57 2.00
C ARG A 107 21.59 33.14 1.21
N SER A 108 20.57 33.98 1.21
CA SER A 108 19.35 33.79 0.44
C SER A 108 19.53 34.47 -0.91
N VAL A 109 18.85 33.97 -1.97
CA VAL A 109 18.87 34.61 -3.27
C VAL A 109 18.06 35.93 -3.13
N PRO A 110 18.63 37.09 -3.54
CA PRO A 110 17.87 38.36 -3.42
C PRO A 110 16.57 38.35 -4.21
N ASN A 111 15.57 39.10 -3.75
CA ASN A 111 14.25 39.18 -4.35
C ASN A 111 14.21 39.40 -5.86
N GLU A 112 15.06 40.30 -6.40
CA GLU A 112 15.09 40.55 -7.85
C GLU A 112 15.49 39.35 -8.68
N PHE A 113 16.09 38.32 -8.03
CA PHE A 113 16.51 37.10 -8.70
C PHE A 113 15.60 35.90 -8.39
N CYS A 114 14.57 36.10 -7.56
CA CYS A 114 13.63 35.07 -7.15
C CYS A 114 12.54 34.76 -8.17
N PRO A 115 12.31 33.46 -8.44
CA PRO A 115 11.28 33.10 -9.42
C PRO A 115 9.86 33.18 -8.85
N ARG A 116 8.82 33.18 -9.74
CA ARG A 116 7.40 33.20 -9.37
C ARG A 116 7.09 31.92 -8.62
N ASN A 117 7.49 30.78 -9.20
CA ASN A 117 7.34 29.45 -8.63
C ASN A 117 8.70 28.79 -8.49
N ARG A 118 8.77 27.78 -7.66
CA ARG A 118 9.94 26.97 -7.35
C ARG A 118 10.68 26.45 -8.61
N CYS A 119 12.00 26.73 -8.72
CA CYS A 119 12.87 26.30 -9.80
C CYS A 119 13.89 25.30 -9.32
N SER A 120 14.04 24.15 -10.03
CA SER A 120 14.94 23.05 -9.66
C SER A 120 16.19 23.05 -10.54
N LEU A 121 17.31 23.52 -9.95
CA LEU A 121 18.57 23.67 -10.67
C LEU A 121 19.38 22.40 -10.58
N VAL A 122 19.42 21.63 -11.67
CA VAL A 122 20.12 20.34 -11.70
C VAL A 122 21.63 20.54 -11.84
N GLY A 123 22.38 19.83 -11.02
CA GLY A 123 23.83 19.88 -11.04
C GLY A 123 24.45 18.52 -10.94
N HIS A 124 25.78 18.45 -11.08
CA HIS A 124 26.56 17.22 -11.02
C HIS A 124 27.77 17.42 -10.11
N MET A 125 28.19 16.36 -9.44
CA MET A 125 29.36 16.32 -8.59
C MET A 125 30.54 15.73 -9.40
N VAL A 126 31.65 16.45 -9.46
CA VAL A 126 32.87 16.06 -10.19
C VAL A 126 33.37 14.69 -9.74
N GLY A 127 33.83 13.86 -10.69
CA GLY A 127 34.47 12.59 -10.40
C GLY A 127 33.67 11.31 -10.37
N GLY A 128 32.36 11.42 -10.44
CA GLY A 128 31.48 10.26 -10.41
C GLY A 128 30.22 10.47 -11.21
N TRP A 129 29.21 9.66 -10.91
CA TRP A 129 27.93 9.72 -11.64
C TRP A 129 26.84 10.45 -10.84
N ASN A 130 27.22 11.20 -9.76
CA ASN A 130 26.25 11.81 -8.84
C ASN A 130 25.65 13.14 -9.25
N ALA A 131 24.32 13.20 -9.28
CA ALA A 131 23.61 14.42 -9.58
C ALA A 131 22.82 14.89 -8.35
N PHE A 132 22.51 16.17 -8.32
CA PHE A 132 21.70 16.77 -7.26
C PHE A 132 20.86 17.85 -7.92
N HIS A 133 20.05 18.51 -7.12
CA HIS A 133 19.34 19.72 -7.52
C HIS A 133 19.18 20.62 -6.34
N ILE A 134 19.16 21.92 -6.62
CA ILE A 134 18.92 22.94 -5.60
C ILE A 134 17.65 23.63 -6.03
N ASP A 135 16.69 23.75 -5.11
CA ASP A 135 15.47 24.49 -5.44
C ASP A 135 15.63 25.91 -5.03
N ILE A 136 15.23 26.83 -5.89
CA ILE A 136 15.14 28.25 -5.57
C ILE A 136 13.64 28.51 -5.43
N PRO A 137 13.09 28.60 -4.20
CA PRO A 137 11.67 28.96 -4.05
C PRO A 137 11.50 30.48 -4.22
N SER A 138 10.26 30.99 -4.22
CA SER A 138 10.02 32.43 -4.36
C SER A 138 10.56 33.28 -3.19
N SER A 139 10.83 32.63 -2.02
CA SER A 139 11.41 33.24 -0.81
C SER A 139 12.93 33.50 -0.90
N GLY A 140 13.62 32.72 -1.75
CA GLY A 140 15.06 32.82 -1.94
C GLY A 140 15.83 31.94 -0.98
N VAL A 141 15.12 31.22 -0.10
CA VAL A 141 15.77 30.32 0.85
C VAL A 141 15.95 29.01 0.10
N CYS A 142 17.12 28.81 -0.51
CA CYS A 142 17.40 27.65 -1.35
C CYS A 142 17.44 26.38 -0.55
N GLN A 143 17.06 25.29 -1.21
CA GLN A 143 16.96 23.99 -0.58
C GLN A 143 17.75 22.95 -1.35
N TRP A 144 18.49 22.11 -0.61
CA TRP A 144 19.31 21.04 -1.17
C TRP A 144 18.51 19.75 -1.29
N PHE A 145 18.42 19.20 -2.53
CA PHE A 145 17.64 17.99 -2.73
C PHE A 145 18.39 16.75 -3.14
N GLY A 146 19.67 16.74 -2.87
CA GLY A 146 20.47 15.54 -3.03
C GLY A 146 20.36 14.82 -1.72
N PRO A 147 21.19 13.80 -1.44
CA PRO A 147 21.14 13.18 -0.13
C PRO A 147 22.03 14.00 0.85
N THR A 148 22.20 13.52 2.09
CA THR A 148 23.12 14.14 3.02
C THR A 148 24.51 14.00 2.37
N ALA A 149 25.23 15.11 2.21
CA ALA A 149 26.56 15.18 1.60
C ALA A 149 27.50 16.05 2.47
N SER A 150 28.79 15.72 2.47
CA SER A 150 29.78 16.36 3.34
C SER A 150 31.07 16.67 2.64
N SER A 151 31.12 16.39 1.33
CA SER A 151 32.28 16.68 0.47
C SER A 151 31.90 16.65 -1.01
N GLY A 152 32.79 17.17 -1.86
CA GLY A 152 32.59 17.17 -3.30
C GLY A 152 32.53 18.53 -3.95
N THR A 153 32.63 18.52 -5.29
CA THR A 153 32.66 19.70 -6.14
C THR A 153 31.34 19.83 -6.96
N PRO A 154 30.40 20.73 -6.54
CA PRO A 154 29.12 20.85 -7.27
C PRO A 154 29.21 21.79 -8.46
N ARG A 155 28.67 21.37 -9.62
CA ARG A 155 28.72 22.16 -10.86
C ARG A 155 27.44 22.03 -11.64
N GLY A 156 27.18 23.03 -12.48
CA GLY A 156 25.99 23.09 -13.31
C GLY A 156 25.71 24.50 -13.77
N THR A 157 25.52 24.67 -15.07
CA THR A 157 25.22 25.93 -15.76
C THR A 157 23.87 25.76 -16.51
N GLY A 158 22.98 26.72 -16.31
CA GLY A 158 21.72 26.73 -17.02
C GLY A 158 20.99 28.03 -16.80
N THR A 159 19.65 28.02 -16.96
CA THR A 159 18.80 29.21 -16.75
C THR A 159 17.49 28.86 -16.05
N TYR A 160 16.84 29.88 -15.49
CA TYR A 160 15.50 29.75 -14.89
C TYR A 160 14.73 31.06 -15.13
N PRO A 161 13.39 31.03 -15.25
CA PRO A 161 12.65 32.29 -15.52
C PRO A 161 12.24 33.12 -14.30
N ILE A 162 12.18 34.42 -14.53
CA ILE A 162 11.77 35.48 -13.63
C ILE A 162 10.70 36.34 -14.38
N ASP A 163 10.09 37.33 -13.70
CA ASP A 163 9.10 38.20 -14.37
C ASP A 163 8.97 39.64 -13.85
N HIS A 164 8.62 40.57 -14.78
CA HIS A 164 8.32 41.99 -14.60
C HIS A 164 7.90 42.65 -15.91
N ALA B 2 13.19 65.09 -48.05
CA ALA B 2 12.61 65.23 -49.38
C ALA B 2 13.31 66.27 -50.21
N SER B 3 13.22 66.16 -51.54
CA SER B 3 13.78 67.13 -52.47
C SER B 3 12.74 68.21 -52.72
N ILE B 4 13.00 69.43 -52.23
CA ILE B 4 12.10 70.58 -52.38
C ILE B 4 12.80 71.72 -53.14
N LYS B 5 12.01 72.53 -53.88
CA LYS B 5 12.49 73.70 -54.63
C LYS B 5 12.35 74.96 -53.81
N LYS B 6 13.17 75.98 -54.11
CA LYS B 6 13.17 77.24 -53.39
C LYS B 6 11.94 78.06 -53.71
N VAL B 7 11.43 78.76 -52.70
CA VAL B 7 10.28 79.63 -52.79
C VAL B 7 10.82 81.02 -52.53
N TYR B 8 10.57 81.97 -53.44
CA TYR B 8 11.09 83.33 -53.30
C TYR B 8 10.21 84.39 -53.89
N ARG B 9 10.32 85.63 -53.38
CA ARG B 9 9.57 86.81 -53.81
C ARG B 9 9.83 87.07 -55.29
N GLY B 10 8.73 87.26 -56.01
CA GLY B 10 8.74 87.55 -57.44
C GLY B 10 8.94 86.37 -58.35
N MET B 11 8.96 85.14 -57.84
CA MET B 11 9.11 84.00 -58.72
C MET B 11 7.85 83.71 -59.55
N LYS B 12 8.01 83.00 -60.66
CA LYS B 12 6.91 82.52 -61.48
C LYS B 12 6.59 81.11 -60.99
N ASN B 13 5.34 80.68 -61.10
CA ASN B 13 4.87 79.37 -60.66
C ASN B 13 5.07 79.11 -59.15
N GLY B 14 4.79 80.14 -58.37
CA GLY B 14 4.89 80.14 -56.91
C GLY B 14 4.01 79.13 -56.23
N ALA B 15 2.71 79.13 -56.58
CA ALA B 15 1.70 78.22 -56.04
C ALA B 15 2.01 76.75 -56.38
N GLU B 16 2.43 76.45 -57.65
CA GLU B 16 2.78 75.08 -58.02
C GLU B 16 4.01 74.61 -57.27
N THR B 17 5.00 75.50 -57.03
CA THR B 17 6.21 75.16 -56.30
C THR B 17 5.90 74.84 -54.85
N ILE B 18 5.10 75.70 -54.18
CA ILE B 18 4.68 75.47 -52.79
C ILE B 18 3.93 74.13 -52.70
N ASN B 19 2.99 73.87 -53.63
CA ASN B 19 2.21 72.63 -53.68
C ASN B 19 3.08 71.39 -53.84
N ASP B 20 4.02 71.42 -54.81
CA ASP B 20 4.93 70.31 -55.07
C ASP B 20 5.83 70.03 -53.88
N ASP B 21 6.27 71.11 -53.19
CA ASP B 21 7.11 71.04 -51.98
C ASP B 21 6.34 70.41 -50.82
N LEU B 22 5.09 70.84 -50.61
CA LEU B 22 4.23 70.29 -49.57
C LEU B 22 3.96 68.81 -49.82
N GLU B 23 3.70 68.42 -51.09
CA GLU B 23 3.43 67.03 -51.47
C GLU B 23 4.65 66.13 -51.29
N ALA B 24 5.84 66.62 -51.71
CA ALA B 24 7.10 65.88 -51.57
C ALA B 24 7.38 65.60 -50.09
N ILE B 25 7.20 66.60 -49.22
CA ILE B 25 7.40 66.49 -47.79
C ILE B 25 6.40 65.50 -47.19
N ASN B 26 5.11 65.69 -47.51
CA ASN B 26 4.01 64.88 -47.01
C ASN B 26 4.14 63.41 -47.37
N SER B 27 4.65 63.10 -48.58
CA SER B 27 4.86 61.74 -49.06
C SER B 27 5.77 60.98 -48.07
N GLU B 28 6.85 61.65 -47.58
CA GLU B 28 7.80 61.08 -46.65
C GLU B 28 7.21 60.83 -45.27
N LEU B 29 6.01 61.34 -44.97
CA LEU B 29 5.32 61.09 -43.70
C LEU B 29 4.49 59.81 -43.76
N THR B 30 4.43 59.13 -44.94
CA THR B 30 3.71 57.86 -45.12
C THR B 30 4.63 56.70 -45.47
N SER B 31 5.58 56.92 -46.38
CA SER B 31 6.58 55.94 -46.83
C SER B 31 7.81 56.64 -47.42
N GLY B 32 8.91 55.90 -47.53
CA GLY B 32 10.16 56.36 -48.10
C GLY B 32 10.92 57.33 -47.23
N GLY B 33 11.95 57.94 -47.82
CA GLY B 33 12.79 58.91 -47.13
C GLY B 33 13.63 58.24 -46.08
N ASN B 34 14.08 59.05 -45.11
CA ASN B 34 14.93 58.58 -44.03
C ASN B 34 14.10 58.45 -42.76
N VAL B 35 12.77 58.41 -42.90
CA VAL B 35 11.91 58.30 -41.71
C VAL B 35 11.39 56.88 -41.48
N VAL B 36 11.30 56.48 -40.19
CA VAL B 36 10.78 55.17 -39.79
C VAL B 36 9.27 55.32 -39.67
N HIS B 37 8.54 54.43 -40.36
CA HIS B 37 7.08 54.43 -40.42
C HIS B 37 6.42 53.32 -39.60
N LYS B 38 5.11 53.50 -39.32
CA LYS B 38 4.25 52.54 -38.63
C LYS B 38 3.68 51.50 -39.59
N THR B 39 4.17 51.46 -40.87
CA THR B 39 3.81 50.49 -41.91
C THR B 39 5.04 50.18 -42.77
N GLY B 40 4.99 49.07 -43.51
CA GLY B 40 6.04 48.67 -44.45
C GLY B 40 7.32 48.11 -43.87
N ASP B 41 8.06 47.38 -44.74
CA ASP B 41 9.34 46.75 -44.45
C ASP B 41 10.43 47.79 -44.59
N GLU B 42 11.17 48.05 -43.52
CA GLU B 42 12.20 49.08 -43.54
C GLU B 42 13.48 48.61 -42.87
N THR B 43 14.63 49.10 -43.40
CA THR B 43 15.98 48.87 -42.89
C THR B 43 16.42 50.10 -42.11
N ILE B 44 16.80 49.91 -40.84
CA ILE B 44 17.16 50.99 -39.93
C ILE B 44 18.62 50.84 -39.46
N ALA B 45 19.41 51.93 -39.57
CA ALA B 45 20.81 51.93 -39.12
C ALA B 45 21.02 52.88 -37.93
N GLY B 46 22.06 52.62 -37.13
CA GLY B 46 22.43 53.41 -35.97
C GLY B 46 22.04 52.78 -34.65
N LYS B 47 22.69 53.19 -33.54
CA LYS B 47 22.35 52.69 -32.21
C LYS B 47 21.00 53.27 -31.78
N LYS B 48 19.95 52.42 -31.85
CA LYS B 48 18.61 52.78 -31.40
C LYS B 48 18.45 52.35 -29.97
N THR B 49 18.31 53.31 -29.06
CA THR B 49 18.15 53.06 -27.64
C THR B 49 16.70 53.31 -27.28
N PHE B 50 16.01 52.27 -26.85
CA PHE B 50 14.63 52.35 -26.43
C PHE B 50 14.62 52.47 -24.91
N THR B 51 14.15 53.59 -24.39
CA THR B 51 14.14 53.82 -22.94
C THR B 51 12.91 53.30 -22.24
N GLY B 52 11.88 52.96 -23.02
CA GLY B 52 10.64 52.42 -22.50
C GLY B 52 10.53 50.93 -22.74
N ASN B 53 9.30 50.40 -22.65
CA ASN B 53 9.04 48.99 -22.89
C ASN B 53 8.86 48.76 -24.37
N VAL B 54 9.44 47.69 -24.89
CA VAL B 54 9.28 47.28 -26.28
C VAL B 54 8.49 45.97 -26.26
N GLU B 55 7.51 45.86 -27.14
CA GLU B 55 6.73 44.65 -27.31
C GLU B 55 6.86 44.22 -28.75
N VAL B 56 7.08 42.92 -28.97
CA VAL B 56 7.14 42.33 -30.30
C VAL B 56 6.10 41.22 -30.35
N ASN B 57 5.13 41.32 -31.25
CA ASN B 57 4.02 40.39 -31.47
C ASN B 57 4.36 39.33 -32.50
N GLY B 58 5.26 39.64 -33.44
CA GLY B 58 5.72 38.71 -34.46
C GLY B 58 7.00 38.05 -34.00
N SER B 59 7.91 37.74 -34.93
CA SER B 59 9.17 37.10 -34.57
C SER B 59 10.28 38.14 -34.29
N LEU B 60 11.23 37.79 -33.43
CA LEU B 60 12.41 38.59 -33.15
C LEU B 60 13.61 37.74 -33.57
N THR B 61 14.15 38.02 -34.75
CA THR B 61 15.28 37.29 -35.32
C THR B 61 16.60 37.96 -34.98
N LEU B 62 17.54 37.18 -34.44
CA LEU B 62 18.87 37.66 -34.06
C LEU B 62 19.94 36.96 -34.92
N PRO B 63 21.25 37.37 -34.86
CA PRO B 63 22.27 36.66 -35.67
C PRO B 63 22.47 35.22 -35.15
N THR B 64 22.36 34.23 -36.07
CA THR B 64 22.48 32.81 -35.78
C THR B 64 23.68 32.15 -36.48
N LYS B 65 24.34 31.23 -35.79
CA LYS B 65 25.44 30.41 -36.30
C LYS B 65 25.42 29.05 -35.61
N SER B 66 25.65 27.98 -36.38
CA SER B 66 25.63 26.60 -35.90
C SER B 66 26.96 25.91 -36.08
N TRP B 67 27.20 24.88 -35.24
CA TRP B 67 28.41 24.06 -35.23
C TRP B 67 28.11 22.77 -34.53
N SER B 68 28.66 21.70 -35.07
CA SER B 68 28.54 20.38 -34.50
C SER B 68 29.88 19.71 -34.71
N GLY B 69 30.27 18.90 -33.74
CA GLY B 69 31.51 18.15 -33.83
C GLY B 69 31.64 17.14 -32.71
N GLU B 70 32.44 16.09 -32.95
CA GLU B 70 32.73 15.07 -31.96
C GLU B 70 33.93 15.56 -31.16
N LEU B 71 33.68 15.93 -29.89
CA LEU B 71 34.69 16.43 -28.97
C LEU B 71 35.84 15.41 -28.73
N GLY B 72 35.46 14.14 -28.63
CA GLY B 72 36.37 13.04 -28.36
C GLY B 72 35.63 11.94 -27.63
N GLY B 73 36.13 10.70 -27.81
CA GLY B 73 35.57 9.50 -27.18
C GLY B 73 34.21 9.10 -27.72
N GLY B 74 33.79 9.71 -28.82
CA GLY B 74 32.49 9.47 -29.45
C GLY B 74 31.41 10.43 -29.02
N ILE B 75 31.75 11.39 -28.14
CA ILE B 75 30.82 12.39 -27.61
C ILE B 75 30.70 13.50 -28.62
N ILE B 76 29.46 13.77 -29.08
CA ILE B 76 29.15 14.83 -30.05
C ILE B 76 28.49 16.00 -29.36
N LEU B 77 28.96 17.24 -29.65
CA LEU B 77 28.34 18.45 -29.12
C LEU B 77 27.79 19.23 -30.27
N SER B 78 26.50 19.58 -30.24
CA SER B 78 25.86 20.39 -31.29
C SER B 78 25.48 21.73 -30.68
N LEU B 79 25.89 22.82 -31.33
CA LEU B 79 25.67 24.16 -30.82
C LEU B 79 24.98 25.05 -31.82
N ARG B 80 24.21 26.03 -31.31
CA ARG B 80 23.55 27.08 -32.07
C ARG B 80 23.59 28.35 -31.27
N LYS B 81 24.32 29.35 -31.78
CA LYS B 81 24.49 30.66 -31.16
C LYS B 81 23.36 31.55 -31.69
N LYS B 82 22.59 32.13 -30.78
CA LYS B 82 21.51 33.06 -31.08
C LYS B 82 21.77 34.25 -30.18
N GLY B 83 22.42 35.28 -30.73
CA GLY B 83 22.79 36.48 -29.99
C GLY B 83 23.89 36.16 -29.01
N THR B 84 23.62 36.30 -27.70
CA THR B 84 24.60 36.05 -26.63
C THR B 84 24.35 34.69 -25.91
N THR B 85 23.60 33.81 -26.52
CA THR B 85 23.27 32.52 -25.92
C THR B 85 23.61 31.41 -26.85
N VAL B 86 24.21 30.35 -26.30
CA VAL B 86 24.50 29.16 -27.08
C VAL B 86 23.58 28.04 -26.61
N GLU B 87 22.82 27.49 -27.56
CA GLU B 87 21.91 26.34 -27.35
C GLU B 87 22.74 25.09 -27.61
N TYR B 88 22.85 24.18 -26.62
CA TYR B 88 23.65 22.96 -26.78
C TYR B 88 22.84 21.68 -26.70
N SER B 89 23.34 20.62 -27.38
CA SER B 89 22.77 19.27 -27.36
C SER B 89 23.92 18.27 -27.36
N ILE B 90 24.05 17.52 -26.25
CA ILE B 90 25.06 16.48 -26.11
C ILE B 90 24.46 15.26 -26.77
N GLY B 91 25.23 14.65 -27.66
CA GLY B 91 24.83 13.46 -28.39
C GLY B 91 25.99 12.50 -28.48
N GLY B 92 25.85 11.50 -29.35
CA GLY B 92 26.87 10.49 -29.59
C GLY B 92 26.74 9.26 -28.73
N GLU B 93 27.85 8.52 -28.63
CA GLU B 93 28.01 7.27 -27.88
C GLU B 93 29.46 7.11 -27.53
N ILE B 94 29.74 6.88 -26.23
CA ILE B 94 31.11 6.67 -25.76
C ILE B 94 31.63 5.38 -26.44
N SER B 95 32.63 5.55 -27.33
CA SER B 95 33.24 4.52 -28.18
C SER B 95 34.67 4.15 -27.77
N SER B 96 35.24 4.84 -26.74
CA SER B 96 36.60 4.58 -26.24
C SER B 96 36.71 5.02 -24.80
N SER B 97 37.86 4.73 -24.14
CA SER B 97 38.07 5.11 -22.76
C SER B 97 38.28 6.62 -22.61
N ILE B 98 37.40 7.24 -21.81
CA ILE B 98 37.44 8.66 -21.49
C ILE B 98 37.84 8.73 -20.03
N LEU B 99 39.05 9.22 -19.75
CA LEU B 99 39.51 9.28 -18.36
C LEU B 99 38.80 10.37 -17.57
N ALA B 100 38.66 10.18 -16.26
CA ALA B 100 38.06 11.18 -15.37
C ALA B 100 38.88 12.44 -15.45
N ASN B 101 38.22 13.62 -15.59
CA ASN B 101 38.83 14.96 -15.61
C ASN B 101 39.72 15.22 -16.83
N SER B 102 39.59 14.39 -17.86
CA SER B 102 40.39 14.49 -19.08
C SER B 102 39.85 15.49 -20.07
N ASN B 103 40.75 16.00 -20.95
CA ASN B 103 40.43 16.91 -22.04
C ASN B 103 39.96 16.06 -23.21
N LEU B 104 38.93 16.53 -23.92
CA LEU B 104 38.36 15.89 -25.09
C LEU B 104 39.04 16.58 -26.25
N VAL B 105 40.00 15.86 -26.85
CA VAL B 105 40.95 16.40 -27.84
C VAL B 105 40.72 16.15 -29.34
N ASN B 106 39.59 15.54 -29.74
CA ASN B 106 39.34 15.30 -31.16
C ASN B 106 38.96 16.58 -31.88
N ARG B 107 38.08 17.38 -31.27
CA ARG B 107 37.64 18.66 -31.81
C ARG B 107 37.44 19.69 -30.65
N SER B 108 37.85 20.92 -30.86
CA SER B 108 37.68 22.02 -29.90
C SER B 108 36.48 22.85 -30.32
N VAL B 109 35.77 23.41 -29.36
CA VAL B 109 34.64 24.28 -29.66
C VAL B 109 35.22 25.56 -30.30
N PRO B 110 34.79 25.96 -31.51
CA PRO B 110 35.36 27.16 -32.15
C PRO B 110 35.21 28.40 -31.31
N ASN B 111 36.14 29.31 -31.50
CA ASN B 111 36.26 30.58 -30.78
C ASN B 111 34.94 31.39 -30.62
N GLU B 112 34.11 31.47 -31.68
CA GLU B 112 32.84 32.21 -31.65
C GLU B 112 31.77 31.62 -30.72
N PHE B 113 31.93 30.33 -30.33
CA PHE B 113 31.02 29.62 -29.45
C PHE B 113 31.56 29.46 -28.04
N CYS B 114 32.76 29.99 -27.74
CA CYS B 114 33.39 29.87 -26.42
C CYS B 114 32.92 30.86 -25.41
N PRO B 115 32.66 30.43 -24.16
CA PRO B 115 32.19 31.36 -23.12
C PRO B 115 33.31 32.21 -22.52
N ARG B 116 32.96 33.27 -21.80
CA ARG B 116 33.91 34.17 -21.11
C ARG B 116 34.43 33.40 -19.90
N ASN B 117 33.55 32.71 -19.19
CA ASN B 117 33.86 31.90 -18.02
C ASN B 117 33.48 30.43 -18.30
N ARG B 118 34.10 29.49 -17.57
CA ARG B 118 33.89 28.05 -17.63
C ARG B 118 32.43 27.68 -17.44
N CYS B 119 31.86 26.92 -18.41
CA CYS B 119 30.45 26.46 -18.36
C CYS B 119 30.35 24.97 -18.18
N SER B 120 29.52 24.50 -17.21
CA SER B 120 29.36 23.09 -16.86
C SER B 120 28.07 22.55 -17.37
N LEU B 121 28.11 21.80 -18.48
CA LEU B 121 26.94 21.23 -19.17
C LEU B 121 26.59 19.87 -18.58
N VAL B 122 25.45 19.79 -17.85
CA VAL B 122 25.02 18.56 -17.18
C VAL B 122 24.32 17.65 -18.13
N GLY B 123 24.68 16.37 -18.10
CA GLY B 123 24.08 15.38 -18.96
C GLY B 123 23.72 14.11 -18.23
N HIS B 124 23.04 13.20 -18.93
CA HIS B 124 22.60 11.93 -18.38
C HIS B 124 22.86 10.79 -19.34
N MET B 125 23.22 9.63 -18.78
CA MET B 125 23.51 8.40 -19.49
C MET B 125 22.26 7.55 -19.54
N VAL B 126 21.79 7.24 -20.76
CA VAL B 126 20.60 6.41 -21.05
C VAL B 126 20.62 5.10 -20.27
N GLY B 127 19.47 4.73 -19.69
CA GLY B 127 19.29 3.42 -19.08
C GLY B 127 19.49 3.24 -17.60
N GLY B 128 19.90 4.29 -16.91
CA GLY B 128 20.13 4.22 -15.47
C GLY B 128 20.03 5.57 -14.83
N TRP B 129 20.63 5.73 -13.64
CA TRP B 129 20.57 7.00 -12.91
C TRP B 129 21.82 7.89 -13.08
N ASN B 130 22.76 7.49 -13.95
CA ASN B 130 24.05 8.18 -14.13
C ASN B 130 24.12 9.51 -14.80
N ALA B 131 24.70 10.49 -14.08
CA ALA B 131 24.89 11.85 -14.56
C ALA B 131 26.39 12.17 -14.71
N PHE B 132 26.70 13.10 -15.59
CA PHE B 132 28.05 13.58 -15.81
C PHE B 132 27.93 15.08 -16.12
N HIS B 133 29.07 15.72 -16.33
CA HIS B 133 29.12 17.08 -16.86
C HIS B 133 30.33 17.24 -17.72
N ILE B 134 30.23 18.08 -18.73
CA ILE B 134 31.31 18.46 -19.62
C ILE B 134 31.52 19.95 -19.41
N ASP B 135 32.75 20.36 -19.16
CA ASP B 135 33.04 21.79 -19.02
C ASP B 135 33.51 22.32 -20.33
N ILE B 136 32.98 23.51 -20.73
CA ILE B 136 33.47 24.24 -21.89
C ILE B 136 34.25 25.41 -21.30
N PRO B 137 35.59 25.31 -21.27
CA PRO B 137 36.39 26.47 -20.81
C PRO B 137 36.44 27.50 -21.92
N SER B 138 36.98 28.72 -21.67
CA SER B 138 37.06 29.76 -22.72
C SER B 138 37.95 29.37 -23.92
N SER B 139 38.77 28.32 -23.78
CA SER B 139 39.62 27.78 -24.84
C SER B 139 38.86 26.89 -25.85
N GLY B 140 37.79 26.24 -25.40
CA GLY B 140 37.01 25.33 -26.22
C GLY B 140 37.49 23.89 -26.12
N VAL B 141 38.59 23.66 -25.35
CA VAL B 141 39.09 22.31 -25.12
C VAL B 141 38.24 21.76 -23.99
N CYS B 142 37.15 21.08 -24.34
CA CYS B 142 36.20 20.54 -23.37
C CYS B 142 36.80 19.48 -22.47
N GLN B 143 36.27 19.38 -21.25
CA GLN B 143 36.73 18.45 -20.25
C GLN B 143 35.60 17.57 -19.77
N TRP B 144 35.91 16.28 -19.55
CA TRP B 144 34.95 15.31 -19.05
C TRP B 144 35.05 15.23 -17.53
N PHE B 145 33.98 15.53 -16.81
CA PHE B 145 34.00 15.47 -15.36
C PHE B 145 33.17 14.35 -14.72
N GLY B 146 32.89 13.32 -15.51
CA GLY B 146 32.32 12.11 -14.99
C GLY B 146 33.49 11.24 -14.56
N PRO B 147 33.30 9.97 -14.18
CA PRO B 147 34.47 9.15 -13.83
C PRO B 147 35.06 8.55 -15.11
N THR B 148 36.07 7.70 -15.01
CA THR B 148 36.57 7.04 -16.23
C THR B 148 35.42 6.17 -16.80
N ALA B 149 35.09 6.40 -18.06
CA ALA B 149 33.99 5.72 -18.72
C ALA B 149 34.46 5.22 -20.07
N SER B 150 33.92 4.08 -20.53
CA SER B 150 34.26 3.45 -21.81
C SER B 150 33.03 3.05 -22.65
N SER B 151 31.81 3.33 -22.14
CA SER B 151 30.57 3.01 -22.84
C SER B 151 29.37 3.87 -22.38
N GLY B 152 28.27 3.82 -23.12
CA GLY B 152 27.06 4.57 -22.78
C GLY B 152 26.65 5.63 -23.78
N THR B 153 25.42 6.09 -23.64
CA THR B 153 24.76 7.06 -24.51
C THR B 153 24.56 8.38 -23.76
N PRO B 154 25.42 9.41 -24.02
CA PRO B 154 25.30 10.68 -23.28
C PRO B 154 24.30 11.63 -23.91
N ARG B 155 23.42 12.23 -23.10
CA ARG B 155 22.37 13.15 -23.59
C ARG B 155 22.17 14.36 -22.70
N GLY B 156 21.65 15.44 -23.27
CA GLY B 156 21.39 16.64 -22.50
C GLY B 156 21.32 17.87 -23.36
N THR B 157 20.21 18.63 -23.20
CA THR B 157 19.88 19.85 -23.95
C THR B 157 19.74 21.01 -22.94
N GLY B 158 20.31 22.14 -23.30
CA GLY B 158 20.21 23.35 -22.49
C GLY B 158 20.87 24.52 -23.17
N THR B 159 21.30 25.54 -22.37
CA THR B 159 21.98 26.73 -22.87
C THR B 159 23.14 27.18 -21.96
N TYR B 160 24.05 28.01 -22.51
CA TYR B 160 25.16 28.66 -21.78
C TYR B 160 25.42 30.02 -22.39
N PRO B 161 25.90 31.02 -21.61
CA PRO B 161 26.08 32.36 -22.18
C PRO B 161 27.44 32.65 -22.81
N ILE B 162 27.42 33.54 -23.80
CA ILE B 162 28.52 34.10 -24.58
C ILE B 162 28.34 35.66 -24.51
N ASP B 163 29.26 36.45 -25.10
CA ASP B 163 29.13 37.94 -25.10
C ASP B 163 29.80 38.77 -26.24
N HIS B 164 29.15 39.93 -26.56
CA HIS B 164 29.54 40.94 -27.56
C HIS B 164 28.63 42.16 -27.42
N ALA C 2 -0.02 63.47 -43.52
CA ALA C 2 -1.08 64.38 -43.09
C ALA C 2 -2.08 64.67 -44.21
N SER C 3 -3.26 65.18 -43.84
CA SER C 3 -4.28 65.60 -44.82
C SER C 3 -4.02 67.06 -45.16
N ILE C 4 -3.53 67.32 -46.36
CA ILE C 4 -3.21 68.66 -46.82
C ILE C 4 -4.09 69.03 -48.01
N LYS C 5 -4.45 70.31 -48.15
CA LYS C 5 -5.26 70.81 -49.26
C LYS C 5 -4.34 71.31 -50.38
N LYS C 6 -4.82 71.29 -51.64
CA LYS C 6 -4.07 71.76 -52.82
C LYS C 6 -3.82 73.26 -52.72
N VAL C 7 -2.67 73.67 -53.19
CA VAL C 7 -2.24 75.06 -53.23
C VAL C 7 -2.16 75.34 -54.73
N TYR C 8 -2.86 76.39 -55.21
CA TYR C 8 -2.93 76.68 -56.64
C TYR C 8 -3.08 78.15 -56.97
N ARG C 9 -2.69 78.53 -58.23
CA ARG C 9 -2.78 79.89 -58.75
C ARG C 9 -4.24 80.37 -58.72
N GLY C 10 -4.44 81.55 -58.14
CA GLY C 10 -5.74 82.20 -58.05
C GLY C 10 -6.62 81.75 -56.91
N MET C 11 -6.11 80.88 -56.04
CA MET C 11 -6.90 80.44 -54.90
C MET C 11 -7.26 81.51 -53.91
N LYS C 12 -8.48 81.44 -53.42
CA LYS C 12 -8.95 82.28 -52.35
C LYS C 12 -8.33 81.63 -51.14
N ASN C 13 -7.84 82.43 -50.19
CA ASN C 13 -7.29 81.77 -48.97
C ASN C 13 -6.00 80.97 -49.17
N GLY C 14 -5.10 81.52 -49.99
CA GLY C 14 -3.80 80.96 -50.26
C GLY C 14 -2.90 80.92 -49.05
N ALA C 15 -2.66 82.09 -48.41
CA ALA C 15 -1.82 82.26 -47.20
C ALA C 15 -2.30 81.35 -46.11
N GLU C 16 -3.61 81.32 -45.94
CA GLU C 16 -4.23 80.52 -44.91
C GLU C 16 -4.19 79.01 -45.18
N THR C 17 -4.35 78.56 -46.44
CA THR C 17 -4.23 77.14 -46.79
C THR C 17 -2.77 76.70 -46.62
N ILE C 18 -1.77 77.52 -47.09
CA ILE C 18 -0.33 77.23 -46.96
C ILE C 18 0.00 77.05 -45.48
N ASN C 19 -0.46 78.00 -44.61
CA ASN C 19 -0.22 77.93 -43.16
C ASN C 19 -0.80 76.68 -42.53
N ASP C 20 -2.07 76.39 -42.80
CA ASP C 20 -2.75 75.21 -42.27
C ASP C 20 -2.16 73.89 -42.78
N ASP C 21 -1.59 73.88 -44.01
CA ASP C 21 -0.91 72.72 -44.57
C ASP C 21 0.43 72.51 -43.85
N LEU C 22 1.18 73.61 -43.60
CA LEU C 22 2.47 73.57 -42.90
C LEU C 22 2.29 73.04 -41.48
N GLU C 23 1.22 73.49 -40.80
CA GLU C 23 0.90 73.07 -39.43
C GLU C 23 0.45 71.61 -39.35
N ALA C 24 -0.30 71.14 -40.34
CA ALA C 24 -0.78 69.76 -40.42
C ALA C 24 0.43 68.81 -40.59
N ILE C 25 1.38 69.16 -41.48
CA ILE C 25 2.61 68.40 -41.71
C ILE C 25 3.49 68.44 -40.45
N ASN C 26 3.71 69.63 -39.90
CA ASN C 26 4.50 69.82 -38.70
C ASN C 26 3.98 69.06 -37.50
N SER C 27 2.64 68.94 -37.34
CA SER C 27 2.04 68.20 -36.22
C SER C 27 2.50 66.76 -36.23
N GLU C 28 2.55 66.12 -37.43
CA GLU C 28 2.99 64.74 -37.62
C GLU C 28 4.50 64.51 -37.35
N LEU C 29 5.28 65.59 -37.15
CA LEU C 29 6.70 65.50 -36.80
C LEU C 29 6.87 65.37 -35.30
N THR C 30 5.78 65.51 -34.52
CA THR C 30 5.80 65.37 -33.05
C THR C 30 5.00 64.16 -32.54
N SER C 31 3.80 63.91 -33.12
CA SER C 31 2.93 62.78 -32.79
C SER C 31 1.97 62.47 -33.92
N GLY C 32 1.41 61.27 -33.88
CA GLY C 32 0.42 60.80 -34.83
C GLY C 32 0.97 60.42 -36.17
N GLY C 33 0.07 60.26 -37.13
CA GLY C 33 0.41 59.90 -38.50
C GLY C 33 1.00 58.52 -38.60
N ASN C 34 1.71 58.27 -39.71
CA ASN C 34 2.34 57.00 -39.99
C ASN C 34 3.82 57.07 -39.65
N VAL C 35 4.22 58.08 -38.84
CA VAL C 35 5.63 58.23 -38.45
C VAL C 35 5.95 57.75 -37.04
N VAL C 36 7.10 57.06 -36.87
CA VAL C 36 7.54 56.57 -35.55
C VAL C 36 8.29 57.71 -34.86
N HIS C 37 7.89 58.03 -33.64
CA HIS C 37 8.47 59.14 -32.88
C HIS C 37 9.36 58.72 -31.70
N LYS C 38 10.11 59.67 -31.17
CA LYS C 38 11.01 59.50 -30.03
C LYS C 38 10.27 59.68 -28.70
N THR C 39 8.91 59.71 -28.73
CA THR C 39 8.03 59.83 -27.56
C THR C 39 6.71 59.09 -27.83
N GLY C 40 5.97 58.79 -26.76
CA GLY C 40 4.65 58.16 -26.79
C GLY C 40 4.57 56.72 -27.24
N ASP C 41 3.44 56.07 -26.88
CA ASP C 41 3.08 54.69 -27.18
C ASP C 41 2.60 54.62 -28.61
N GLU C 42 3.23 53.77 -29.41
CA GLU C 42 2.92 53.62 -30.82
C GLU C 42 2.95 52.17 -31.26
N THR C 43 2.10 51.82 -32.21
CA THR C 43 2.02 50.50 -32.79
C THR C 43 2.65 50.59 -34.17
N ILE C 44 3.62 49.70 -34.45
CA ILE C 44 4.43 49.66 -35.68
C ILE C 44 4.25 48.34 -36.41
N ALA C 45 3.93 48.37 -37.71
CA ALA C 45 3.74 47.16 -38.53
C ALA C 45 4.82 47.06 -39.63
N GLY C 46 5.09 45.85 -40.12
CA GLY C 46 6.06 45.60 -41.18
C GLY C 46 7.36 45.03 -40.67
N LYS C 47 8.14 44.36 -41.56
CA LYS C 47 9.43 43.77 -41.21
C LYS C 47 10.46 44.91 -40.98
N LYS C 48 10.75 45.19 -39.70
CA LYS C 48 11.72 46.21 -39.33
C LYS C 48 13.07 45.52 -39.09
N THR C 49 14.04 45.77 -39.98
CA THR C 49 15.38 45.22 -39.89
C THR C 49 16.29 46.30 -39.32
N PHE C 50 16.89 46.04 -38.17
CA PHE C 50 17.83 46.98 -37.56
C PHE C 50 19.22 46.48 -37.89
N THR C 51 20.01 47.26 -38.63
CA THR C 51 21.36 46.85 -39.02
C THR C 51 22.43 47.22 -38.00
N GLY C 52 22.08 48.04 -37.03
CA GLY C 52 22.98 48.43 -35.96
C GLY C 52 22.66 47.73 -34.66
N ASN C 53 23.19 48.27 -33.56
CA ASN C 53 22.95 47.75 -32.24
C ASN C 53 21.67 48.35 -31.68
N VAL C 54 20.82 47.50 -31.09
CA VAL C 54 19.58 47.93 -30.46
C VAL C 54 19.76 47.75 -28.95
N GLU C 55 19.41 48.76 -28.19
CA GLU C 55 19.44 48.69 -26.75
C GLU C 55 18.02 48.95 -26.23
N VAL C 56 17.57 48.15 -25.25
CA VAL C 56 16.26 48.31 -24.62
C VAL C 56 16.52 48.47 -23.12
N ASN C 57 16.13 49.60 -22.56
CA ASN C 57 16.29 49.93 -21.14
C ASN C 57 15.11 49.49 -20.28
N GLY C 58 13.94 49.33 -20.89
CA GLY C 58 12.73 48.85 -20.22
C GLY C 58 12.61 47.36 -20.41
N SER C 59 11.37 46.86 -20.54
CA SER C 59 11.13 45.45 -20.74
C SER C 59 11.07 45.10 -22.23
N LEU C 60 11.40 43.85 -22.59
CA LEU C 60 11.22 43.37 -23.95
C LEU C 60 10.29 42.15 -23.89
N THR C 61 9.03 42.37 -24.24
CA THR C 61 7.97 41.37 -24.21
C THR C 61 7.79 40.70 -25.54
N LEU C 62 7.83 39.36 -25.52
CA LEU C 62 7.66 38.54 -26.72
C LEU C 62 6.37 37.72 -26.64
N PRO C 63 5.90 37.09 -27.76
CA PRO C 63 4.67 36.28 -27.66
C PRO C 63 4.86 35.08 -26.72
N THR C 64 3.94 34.94 -25.74
CA THR C 64 3.97 33.90 -24.71
C THR C 64 2.75 32.97 -24.75
N LYS C 65 2.98 31.69 -24.45
CA LYS C 65 1.96 30.64 -24.36
C LYS C 65 2.43 29.56 -23.38
N SER C 66 1.55 29.16 -22.48
CA SER C 66 1.81 28.10 -21.49
C SER C 66 0.98 26.82 -21.75
N TRP C 67 1.47 25.71 -21.19
CA TRP C 67 0.86 24.38 -21.25
C TRP C 67 1.44 23.60 -20.14
N SER C 68 0.62 22.78 -19.53
CA SER C 68 1.05 21.88 -18.47
C SER C 68 0.23 20.59 -18.61
N GLY C 69 0.89 19.46 -18.41
CA GLY C 69 0.21 18.19 -18.49
C GLY C 69 0.98 17.04 -17.92
N GLU C 70 0.25 15.98 -17.52
CA GLU C 70 0.86 14.77 -17.02
C GLU C 70 1.19 13.92 -18.25
N LEU C 71 2.48 13.72 -18.51
CA LEU C 71 2.93 12.95 -19.68
C LEU C 71 2.55 11.47 -19.55
N GLY C 72 2.68 10.98 -18.32
CA GLY C 72 2.38 9.61 -17.94
C GLY C 72 3.13 9.26 -16.67
N GLY C 73 2.67 8.23 -15.97
CA GLY C 73 3.26 7.72 -14.73
C GLY C 73 3.29 8.68 -13.56
N GLY C 74 2.59 9.80 -13.70
CA GLY C 74 2.52 10.83 -12.67
C GLY C 74 3.50 11.95 -12.89
N ILE C 75 4.33 11.85 -13.97
CA ILE C 75 5.29 12.89 -14.35
C ILE C 75 4.54 14.03 -15.04
N ILE C 76 4.70 15.26 -14.52
CA ILE C 76 4.07 16.47 -15.05
C ILE C 76 5.14 17.31 -15.72
N LEU C 77 4.83 17.85 -16.90
CA LEU C 77 5.73 18.73 -17.61
C LEU C 77 5.03 20.04 -17.82
N SER C 78 5.60 21.13 -17.29
CA SER C 78 5.05 22.50 -17.43
C SER C 78 5.92 23.29 -18.40
N LEU C 79 5.31 23.81 -19.44
CA LEU C 79 5.99 24.56 -20.48
C LEU C 79 5.50 25.97 -20.63
N ARG C 80 6.40 26.89 -21.04
CA ARG C 80 6.14 28.28 -21.39
C ARG C 80 7.01 28.63 -22.58
N LYS C 81 6.36 28.91 -23.70
CA LYS C 81 6.99 29.30 -24.96
C LYS C 81 7.13 30.84 -24.95
N LYS C 82 8.35 31.35 -25.08
CA LYS C 82 8.68 32.78 -25.17
C LYS C 82 9.55 32.90 -26.41
N GLY C 83 8.95 33.33 -27.51
CA GLY C 83 9.62 33.43 -28.80
C GLY C 83 9.94 32.05 -29.35
N THR C 84 11.25 31.77 -29.49
CA THR C 84 11.77 30.48 -30.01
C THR C 84 12.41 29.59 -28.93
N THR C 85 12.09 29.87 -27.66
CA THR C 85 12.58 29.11 -26.53
C THR C 85 11.40 28.58 -25.70
N VAL C 86 11.54 27.33 -25.24
CA VAL C 86 10.53 26.77 -24.36
C VAL C 86 11.18 26.56 -23.01
N GLU C 87 10.63 27.22 -21.99
CA GLU C 87 11.06 27.08 -20.60
C GLU C 87 10.31 25.87 -20.05
N TYR C 88 11.01 24.90 -19.47
CA TYR C 88 10.36 23.70 -18.95
C TYR C 88 10.62 23.55 -17.48
N SER C 89 9.70 22.84 -16.82
CA SER C 89 9.80 22.51 -15.41
C SER C 89 9.19 21.13 -15.28
N ILE C 90 9.98 20.17 -14.79
CA ILE C 90 9.52 18.80 -14.58
C ILE C 90 9.05 18.76 -13.14
N GLY C 91 7.85 18.22 -12.94
CA GLY C 91 7.21 18.03 -11.65
C GLY C 91 6.49 16.69 -11.56
N GLY C 92 5.64 16.57 -10.54
CA GLY C 92 4.86 15.36 -10.26
C GLY C 92 5.55 14.38 -9.33
N GLU C 93 5.05 13.15 -9.35
CA GLU C 93 5.54 12.02 -8.57
C GLU C 93 5.25 10.75 -9.31
N ILE C 94 6.23 9.87 -9.44
CA ILE C 94 6.06 8.59 -10.14
C ILE C 94 5.05 7.74 -9.39
N SER C 95 3.88 7.54 -10.02
CA SER C 95 2.73 6.87 -9.41
C SER C 95 2.44 5.48 -9.97
N SER C 96 3.22 5.06 -10.98
CA SER C 96 3.09 3.74 -11.60
C SER C 96 4.41 3.34 -12.28
N SER C 97 4.54 2.05 -12.69
CA SER C 97 5.75 1.56 -13.35
C SER C 97 5.99 2.20 -14.72
N ILE C 98 7.12 2.87 -14.84
CA ILE C 98 7.56 3.55 -16.07
C ILE C 98 8.73 2.76 -16.52
N LEU C 99 8.57 2.03 -17.61
CA LEU C 99 9.66 1.18 -18.12
C LEU C 99 10.79 1.97 -18.72
N ALA C 100 12.00 1.42 -18.65
CA ALA C 100 13.19 2.03 -19.28
C ALA C 100 12.93 2.18 -20.79
N ASN C 101 13.21 3.36 -21.33
CA ASN C 101 13.11 3.69 -22.76
C ASN C 101 11.69 3.74 -23.33
N SER C 102 10.69 3.79 -22.44
CA SER C 102 9.28 3.79 -22.82
C SER C 102 8.72 5.15 -23.15
N ASN C 103 7.65 5.18 -23.97
CA ASN C 103 6.92 6.41 -24.30
C ASN C 103 5.95 6.68 -23.14
N LEU C 104 5.67 7.97 -22.92
CA LEU C 104 4.77 8.49 -21.90
C LEU C 104 3.50 8.80 -22.66
N VAL C 105 2.51 7.94 -22.41
CA VAL C 105 1.30 7.88 -23.20
C VAL C 105 0.01 8.42 -22.58
N ASN C 106 0.10 9.33 -21.59
CA ASN C 106 -1.15 9.92 -21.09
C ASN C 106 -1.52 11.14 -21.93
N ARG C 107 -0.52 11.98 -22.24
CA ARG C 107 -0.67 13.25 -22.93
C ARG C 107 0.63 13.52 -23.65
N SER C 108 0.52 13.99 -24.89
CA SER C 108 1.68 14.37 -25.69
C SER C 108 1.84 15.89 -25.58
N VAL C 109 3.06 16.36 -25.87
CA VAL C 109 3.37 17.79 -25.88
C VAL C 109 2.74 18.36 -27.17
N PRO C 110 1.87 19.38 -27.07
CA PRO C 110 1.24 19.95 -28.28
C PRO C 110 2.25 20.43 -29.31
N ASN C 111 1.88 20.34 -30.58
CA ASN C 111 2.73 20.73 -31.71
C ASN C 111 3.44 22.07 -31.55
N GLU C 112 2.73 23.13 -31.06
CA GLU C 112 3.31 24.47 -30.90
C GLU C 112 4.52 24.55 -29.95
N PHE C 113 4.67 23.53 -29.07
CA PHE C 113 5.74 23.41 -28.08
C PHE C 113 6.75 22.33 -28.51
N CYS C 114 6.56 21.71 -29.67
CA CYS C 114 7.45 20.65 -30.13
C CYS C 114 8.70 21.12 -30.82
N PRO C 115 9.87 20.51 -30.49
CA PRO C 115 11.12 20.94 -31.12
C PRO C 115 11.27 20.35 -32.52
N ARG C 116 12.18 20.92 -33.35
CA ARG C 116 12.48 20.45 -34.71
C ARG C 116 13.17 19.09 -34.60
N ASN C 117 14.16 19.01 -33.72
CA ASN C 117 14.98 17.84 -33.40
C ASN C 117 14.73 17.41 -31.95
N ARG C 118 14.96 16.13 -31.66
CA ARG C 118 14.83 15.51 -30.35
C ARG C 118 15.62 16.29 -29.25
N CYS C 119 14.94 16.65 -28.15
CA CYS C 119 15.55 17.35 -27.01
C CYS C 119 15.58 16.45 -25.77
N SER C 120 16.72 16.41 -25.09
CA SER C 120 16.89 15.61 -23.89
C SER C 120 16.87 16.47 -22.65
N LEU C 121 15.77 16.41 -21.89
CA LEU C 121 15.56 17.19 -20.67
C LEU C 121 16.07 16.46 -19.45
N VAL C 122 17.18 16.93 -18.89
CA VAL C 122 17.83 16.30 -17.74
C VAL C 122 17.15 16.71 -16.45
N GLY C 123 16.80 15.72 -15.65
CA GLY C 123 16.18 15.91 -14.35
C GLY C 123 16.91 15.14 -13.28
N HIS C 124 16.50 15.36 -12.01
CA HIS C 124 17.04 14.73 -10.81
C HIS C 124 15.89 14.24 -9.93
N MET C 125 16.11 13.14 -9.20
CA MET C 125 15.16 12.52 -8.29
C MET C 125 15.50 12.97 -6.89
N VAL C 126 14.55 13.61 -6.19
CA VAL C 126 14.71 14.09 -4.82
C VAL C 126 15.22 13.00 -3.88
N GLY C 127 16.15 13.37 -2.99
CA GLY C 127 16.63 12.50 -1.93
C GLY C 127 17.84 11.61 -2.11
N GLY C 128 18.43 11.65 -3.30
CA GLY C 128 19.63 10.88 -3.62
C GLY C 128 20.41 11.50 -4.75
N TRP C 129 21.32 10.73 -5.37
CA TRP C 129 22.19 11.23 -6.45
C TRP C 129 21.67 10.87 -7.85
N ASN C 130 20.41 10.38 -7.96
CA ASN C 130 19.81 9.90 -9.21
C ASN C 130 19.36 10.93 -10.24
N ALA C 131 19.84 10.77 -11.47
CA ALA C 131 19.42 11.62 -12.59
C ALA C 131 18.70 10.79 -13.64
N PHE C 132 17.93 11.47 -14.48
CA PHE C 132 17.22 10.83 -15.59
C PHE C 132 17.12 11.89 -16.66
N HIS C 133 16.58 11.51 -17.81
CA HIS C 133 16.25 12.45 -18.85
C HIS C 133 15.02 11.97 -19.58
N ILE C 134 14.23 12.93 -20.05
CA ILE C 134 13.01 12.73 -20.81
C ILE C 134 13.26 13.38 -22.14
N ASP C 135 13.04 12.62 -23.23
CA ASP C 135 13.20 13.16 -24.57
C ASP C 135 11.90 13.69 -25.11
N ILE C 136 11.94 14.87 -25.70
CA ILE C 136 10.78 15.41 -26.38
C ILE C 136 11.09 15.30 -27.86
N PRO C 137 10.54 14.30 -28.59
CA PRO C 137 10.78 14.27 -30.05
C PRO C 137 9.84 15.28 -30.72
N SER C 138 9.97 15.45 -32.03
CA SER C 138 9.11 16.38 -32.78
C SER C 138 7.62 16.01 -32.76
N SER C 139 7.30 14.73 -32.50
CA SER C 139 5.92 14.22 -32.38
C SER C 139 5.24 14.61 -31.06
N GLY C 140 6.03 14.88 -30.03
CA GLY C 140 5.52 15.28 -28.74
C GLY C 140 5.24 14.11 -27.83
N VAL C 141 5.51 12.88 -28.30
CA VAL C 141 5.34 11.65 -27.52
C VAL C 141 6.65 11.48 -26.77
N CYS C 142 6.67 11.98 -25.54
CA CYS C 142 7.84 11.98 -24.68
C CYS C 142 8.27 10.60 -24.26
N GLN C 143 9.58 10.44 -24.08
CA GLN C 143 10.20 9.16 -23.78
C GLN C 143 11.05 9.25 -22.51
N TRP C 144 10.91 8.25 -21.63
CA TRP C 144 11.64 8.19 -20.37
C TRP C 144 12.94 7.42 -20.56
N PHE C 145 14.09 8.06 -20.25
CA PHE C 145 15.40 7.46 -20.41
C PHE C 145 16.18 7.13 -19.16
N GLY C 146 15.46 7.02 -18.06
CA GLY C 146 16.01 6.52 -16.82
C GLY C 146 15.78 5.01 -16.82
N PRO C 147 16.03 4.31 -15.69
CA PRO C 147 15.77 2.88 -15.66
C PRO C 147 14.30 2.67 -15.37
N THR C 148 13.84 1.42 -15.22
CA THR C 148 12.46 1.14 -14.84
C THR C 148 12.29 1.71 -13.43
N ALA C 149 11.33 2.60 -13.27
CA ALA C 149 11.05 3.27 -12.01
C ALA C 149 9.58 3.23 -11.71
N SER C 150 9.23 3.13 -10.43
CA SER C 150 7.85 3.02 -9.99
C SER C 150 7.53 3.95 -8.85
N SER C 151 8.49 4.76 -8.44
CA SER C 151 8.37 5.73 -7.34
C SER C 151 9.45 6.83 -7.45
N GLY C 152 9.23 7.93 -6.72
CA GLY C 152 10.15 9.06 -6.69
C GLY C 152 9.60 10.38 -7.16
N THR C 153 10.32 11.47 -6.80
CA THR C 153 9.96 12.85 -7.11
C THR C 153 10.89 13.45 -8.20
N PRO C 154 10.41 13.53 -9.46
CA PRO C 154 11.26 14.06 -10.53
C PRO C 154 11.22 15.57 -10.62
N ARG C 155 12.39 16.21 -10.77
CA ARG C 155 12.51 17.67 -10.80
C ARG C 155 13.55 18.11 -11.83
N GLY C 156 13.46 19.36 -12.28
CA GLY C 156 14.39 19.89 -13.27
C GLY C 156 13.82 21.05 -14.04
N THR C 157 14.54 22.18 -14.07
CA THR C 157 14.12 23.41 -14.73
C THR C 157 15.19 23.76 -15.76
N GLY C 158 14.77 24.08 -16.97
CA GLY C 158 15.70 24.45 -18.03
C GLY C 158 14.96 25.01 -19.23
N THR C 159 15.60 24.92 -20.42
CA THR C 159 15.01 25.37 -21.69
C THR C 159 15.40 24.43 -22.82
N TYR C 160 14.66 24.50 -23.94
CA TYR C 160 14.95 23.82 -25.19
C TYR C 160 14.49 24.71 -26.36
N PRO C 161 15.08 24.59 -27.57
CA PRO C 161 14.65 25.46 -28.65
C PRO C 161 13.49 24.96 -29.50
N ILE C 162 12.77 25.92 -30.08
CA ILE C 162 11.61 25.80 -30.98
C ILE C 162 11.84 26.76 -32.18
N ASP C 163 10.96 26.70 -33.21
CA ASP C 163 11.05 27.62 -34.35
C ASP C 163 9.75 27.98 -35.03
N HIS C 164 9.70 29.24 -35.58
CA HIS C 164 8.66 29.87 -36.39
C HIS C 164 8.99 31.33 -36.70
N ALA D 2 -35.46 49.14 -44.73
CA ALA D 2 -34.64 50.29 -45.18
C ALA D 2 -35.30 51.62 -44.84
N SER D 3 -34.48 52.70 -44.75
CA SER D 3 -34.99 54.05 -44.56
C SER D 3 -35.24 54.68 -45.92
N ILE D 4 -36.53 54.87 -46.27
CA ILE D 4 -36.93 55.45 -47.55
C ILE D 4 -37.67 56.77 -47.34
N LYS D 5 -37.51 57.69 -48.29
CA LYS D 5 -38.23 58.97 -48.27
C LYS D 5 -39.56 58.86 -49.03
N LYS D 6 -40.59 59.69 -48.63
CA LYS D 6 -41.92 59.69 -49.26
C LYS D 6 -41.84 60.16 -50.70
N VAL D 7 -42.62 59.52 -51.58
CA VAL D 7 -42.75 59.87 -52.99
C VAL D 7 -44.15 60.45 -53.15
N TYR D 8 -44.24 61.69 -53.62
CA TYR D 8 -45.52 62.38 -53.73
C TYR D 8 -45.64 63.29 -54.95
N ARG D 9 -46.89 63.59 -55.35
CA ARG D 9 -47.21 64.49 -56.46
C ARG D 9 -46.62 65.88 -56.19
N GLY D 10 -45.89 66.39 -57.18
CA GLY D 10 -45.32 67.74 -57.17
C GLY D 10 -44.00 67.89 -56.45
N MET D 11 -43.35 66.79 -56.04
CA MET D 11 -42.04 66.90 -55.38
C MET D 11 -40.92 67.24 -56.37
N LYS D 12 -39.96 68.09 -55.95
CA LYS D 12 -38.82 68.33 -56.82
C LYS D 12 -37.95 67.17 -56.50
N ASN D 13 -37.22 66.67 -57.49
CA ASN D 13 -36.33 65.50 -57.20
C ASN D 13 -37.08 64.18 -57.04
N GLY D 14 -38.11 64.00 -57.85
CA GLY D 14 -38.91 62.79 -57.86
C GLY D 14 -38.14 61.62 -58.39
N ALA D 15 -37.51 61.78 -59.57
CA ALA D 15 -36.65 60.80 -60.21
C ALA D 15 -35.52 60.35 -59.27
N GLU D 16 -34.80 61.31 -58.69
CA GLU D 16 -33.71 61.06 -57.74
C GLU D 16 -34.18 60.40 -56.44
N THR D 17 -35.36 60.78 -55.87
CA THR D 17 -35.89 60.12 -54.66
C THR D 17 -36.39 58.67 -54.95
N ILE D 18 -37.01 58.45 -56.11
CA ILE D 18 -37.43 57.09 -56.51
C ILE D 18 -36.14 56.23 -56.65
N ASN D 19 -35.10 56.75 -57.32
CA ASN D 19 -33.85 56.02 -57.50
C ASN D 19 -33.20 55.68 -56.16
N ASP D 20 -33.03 56.68 -55.29
CA ASP D 20 -32.43 56.49 -53.98
C ASP D 20 -33.26 55.60 -53.03
N ASP D 21 -34.60 55.49 -53.25
CA ASP D 21 -35.45 54.60 -52.45
C ASP D 21 -35.29 53.17 -52.95
N LEU D 22 -35.24 53.01 -54.28
CA LEU D 22 -35.05 51.71 -54.92
C LEU D 22 -33.70 51.13 -54.53
N GLU D 23 -32.65 51.98 -54.47
CA GLU D 23 -31.30 51.61 -54.06
C GLU D 23 -31.18 51.23 -52.59
N ALA D 24 -31.86 51.95 -51.70
CA ALA D 24 -31.84 51.67 -50.27
C ALA D 24 -32.51 50.31 -50.01
N ILE D 25 -33.61 50.01 -50.72
CA ILE D 25 -34.35 48.76 -50.62
C ILE D 25 -33.51 47.61 -51.21
N ASN D 26 -32.96 47.82 -52.42
CA ASN D 26 -32.12 46.83 -53.11
C ASN D 26 -30.86 46.44 -52.34
N SER D 27 -30.25 47.39 -51.60
CA SER D 27 -29.08 47.13 -50.75
C SER D 27 -29.40 46.05 -49.70
N GLU D 28 -30.56 46.16 -49.02
CA GLU D 28 -31.01 45.21 -48.02
C GLU D 28 -31.31 43.81 -48.57
N LEU D 29 -31.32 43.63 -49.88
CA LEU D 29 -31.50 42.32 -50.52
C LEU D 29 -30.16 41.56 -50.65
N THR D 30 -29.03 42.22 -50.32
CA THR D 30 -27.68 41.64 -50.34
C THR D 30 -27.03 41.55 -48.94
N SER D 31 -27.17 42.61 -48.11
CA SER D 31 -26.62 42.67 -46.75
C SER D 31 -27.36 43.72 -45.91
N GLY D 32 -27.16 43.67 -44.60
CA GLY D 32 -27.77 44.61 -43.65
C GLY D 32 -29.26 44.48 -43.44
N GLY D 33 -29.80 45.46 -42.73
CA GLY D 33 -31.22 45.56 -42.41
C GLY D 33 -31.69 44.45 -41.49
N ASN D 34 -32.97 44.13 -41.52
CA ASN D 34 -33.56 43.09 -40.68
C ASN D 34 -33.80 41.82 -41.46
N VAL D 35 -33.15 41.67 -42.62
CA VAL D 35 -33.31 40.46 -43.42
C VAL D 35 -32.15 39.50 -43.27
N VAL D 36 -32.45 38.18 -43.21
CA VAL D 36 -31.45 37.12 -43.09
C VAL D 36 -30.97 36.79 -44.49
N HIS D 37 -29.64 36.79 -44.69
CA HIS D 37 -29.05 36.55 -46.00
C HIS D 37 -28.32 35.21 -46.16
N LYS D 38 -28.06 34.83 -47.41
CA LYS D 38 -27.37 33.61 -47.78
C LYS D 38 -25.85 33.78 -47.71
N THR D 39 -25.38 34.91 -47.15
CA THR D 39 -23.95 35.23 -46.94
C THR D 39 -23.81 36.07 -45.67
N GLY D 40 -22.57 36.18 -45.15
CA GLY D 40 -22.22 36.99 -43.98
C GLY D 40 -22.68 36.51 -42.63
N ASP D 41 -22.02 37.04 -41.59
CA ASP D 41 -22.30 36.72 -40.20
C ASP D 41 -23.45 37.58 -39.76
N GLU D 42 -24.50 36.97 -39.20
CA GLU D 42 -25.69 37.71 -38.79
C GLU D 42 -26.22 37.24 -37.46
N THR D 43 -26.87 38.15 -36.71
CA THR D 43 -27.49 37.84 -35.42
C THR D 43 -28.99 37.83 -35.65
N ILE D 44 -29.66 36.73 -35.27
CA ILE D 44 -31.07 36.48 -35.49
C ILE D 44 -31.81 36.29 -34.17
N ALA D 45 -32.88 37.06 -33.93
CA ALA D 45 -33.70 36.95 -32.72
C ALA D 45 -35.11 36.39 -33.02
N GLY D 46 -35.79 35.86 -32.01
CA GLY D 46 -37.14 35.29 -32.14
C GLY D 46 -37.16 33.79 -32.27
N LYS D 47 -38.33 33.17 -31.98
CA LYS D 47 -38.51 31.71 -32.09
C LYS D 47 -38.56 31.33 -33.56
N LYS D 48 -37.45 30.79 -34.08
CA LYS D 48 -37.40 30.33 -35.47
C LYS D 48 -37.73 28.85 -35.52
N THR D 49 -38.88 28.50 -36.11
CA THR D 49 -39.32 27.11 -36.24
C THR D 49 -39.05 26.67 -37.66
N PHE D 50 -38.21 25.65 -37.82
CA PHE D 50 -37.92 25.09 -39.13
C PHE D 50 -38.77 23.83 -39.26
N THR D 51 -39.65 23.82 -40.27
CA THR D 51 -40.57 22.71 -40.50
C THR D 51 -39.99 21.62 -41.39
N GLY D 52 -38.90 21.93 -42.09
CA GLY D 52 -38.20 21.00 -42.95
C GLY D 52 -36.94 20.43 -42.33
N ASN D 53 -36.05 19.93 -43.18
CA ASN D 53 -34.80 19.35 -42.72
C ASN D 53 -33.77 20.44 -42.71
N VAL D 54 -33.00 20.54 -41.63
CA VAL D 54 -31.93 21.51 -41.48
C VAL D 54 -30.61 20.74 -41.52
N GLU D 55 -29.70 21.18 -42.38
CA GLU D 55 -28.37 20.61 -42.46
C GLU D 55 -27.36 21.69 -42.02
N VAL D 56 -26.37 21.33 -41.17
CA VAL D 56 -25.29 22.22 -40.74
C VAL D 56 -23.98 21.52 -41.12
N ASN D 57 -23.17 22.15 -41.98
CA ASN D 57 -21.90 21.59 -42.42
C ASN D 57 -20.72 22.00 -41.54
N GLY D 58 -20.85 23.13 -40.85
CA GLY D 58 -19.83 23.62 -39.91
C GLY D 58 -20.15 23.16 -38.51
N SER D 59 -19.86 23.99 -37.50
CA SER D 59 -20.13 23.66 -36.11
C SER D 59 -21.52 24.11 -35.68
N LEU D 60 -22.08 23.48 -34.65
CA LEU D 60 -23.34 23.90 -34.06
C LEU D 60 -23.05 24.07 -32.57
N THR D 61 -22.91 25.33 -32.14
CA THR D 61 -22.59 25.69 -30.76
C THR D 61 -23.85 25.99 -29.97
N LEU D 62 -23.97 25.39 -28.79
CA LEU D 62 -25.10 25.57 -27.87
C LEU D 62 -24.61 26.22 -26.56
N PRO D 63 -25.53 26.65 -25.64
CA PRO D 63 -25.05 27.25 -24.38
C PRO D 63 -24.36 26.22 -23.49
N THR D 64 -23.13 26.52 -23.05
CA THR D 64 -22.27 25.67 -22.23
C THR D 64 -21.93 26.26 -20.88
N LYS D 65 -22.00 25.43 -19.83
CA LYS D 65 -21.65 25.75 -18.45
C LYS D 65 -21.05 24.52 -17.76
N SER D 66 -19.94 24.71 -17.05
CA SER D 66 -19.22 23.67 -16.32
C SER D 66 -19.26 23.86 -14.81
N TRP D 67 -19.08 22.75 -14.08
CA TRP D 67 -19.07 22.67 -12.62
C TRP D 67 -18.35 21.40 -12.21
N SER D 68 -17.57 21.48 -11.15
CA SER D 68 -16.85 20.36 -10.60
C SER D 68 -16.79 20.54 -9.11
N GLY D 69 -17.05 19.47 -8.38
CA GLY D 69 -17.03 19.49 -6.93
C GLY D 69 -16.87 18.11 -6.35
N GLU D 70 -16.37 18.05 -5.09
CA GLU D 70 -16.26 16.81 -4.36
C GLU D 70 -17.62 16.60 -3.64
N LEU D 71 -18.40 15.62 -4.09
CA LEU D 71 -19.70 15.33 -3.50
C LEU D 71 -19.60 14.90 -2.04
N GLY D 72 -18.62 14.07 -1.73
CA GLY D 72 -18.36 13.52 -0.40
C GLY D 72 -17.58 12.23 -0.53
N GLY D 73 -16.84 11.91 0.53
CA GLY D 73 -16.02 10.70 0.60
C GLY D 73 -14.82 10.68 -0.34
N GLY D 74 -14.49 11.82 -0.91
CA GLY D 74 -13.37 11.94 -1.84
C GLY D 74 -13.79 11.75 -3.30
N ILE D 75 -15.11 11.56 -3.55
CA ILE D 75 -15.67 11.37 -4.89
C ILE D 75 -15.89 12.72 -5.53
N ILE D 76 -15.35 12.91 -6.73
CA ILE D 76 -15.45 14.16 -7.49
C ILE D 76 -16.35 13.94 -8.71
N LEU D 77 -17.27 14.85 -8.94
CA LEU D 77 -18.15 14.83 -10.08
C LEU D 77 -17.92 16.10 -10.87
N SER D 78 -17.53 15.95 -12.15
CA SER D 78 -17.30 17.04 -13.09
C SER D 78 -18.42 17.02 -14.12
N LEU D 79 -19.12 18.15 -14.23
CA LEU D 79 -20.26 18.32 -15.13
C LEU D 79 -20.06 19.41 -16.16
N ARG D 80 -20.64 19.21 -17.36
CA ARG D 80 -20.70 20.19 -18.44
C ARG D 80 -22.07 20.14 -19.07
N LYS D 81 -22.82 21.23 -18.92
CA LYS D 81 -24.17 21.37 -19.46
C LYS D 81 -24.06 21.91 -20.89
N LYS D 82 -24.56 21.16 -21.89
CA LYS D 82 -24.62 21.54 -23.33
C LYS D 82 -26.08 21.37 -23.73
N GLY D 83 -26.83 22.47 -23.71
CA GLY D 83 -28.25 22.46 -24.01
C GLY D 83 -29.05 21.81 -22.91
N THR D 84 -29.70 20.69 -23.23
CA THR D 84 -30.51 19.92 -22.28
C THR D 84 -29.82 18.62 -21.81
N THR D 85 -28.53 18.48 -22.10
CA THR D 85 -27.74 17.33 -21.70
C THR D 85 -26.62 17.76 -20.75
N VAL D 86 -26.38 16.96 -19.71
CA VAL D 86 -25.27 17.15 -18.80
C VAL D 86 -24.30 15.99 -19.04
N GLU D 87 -23.07 16.32 -19.45
CA GLU D 87 -22.01 15.35 -19.62
C GLU D 87 -21.34 15.28 -18.24
N TYR D 88 -21.20 14.06 -17.69
CA TYR D 88 -20.57 13.85 -16.41
C TYR D 88 -19.29 13.03 -16.52
N SER D 89 -18.45 13.12 -15.49
CA SER D 89 -17.22 12.36 -15.36
C SER D 89 -17.02 12.15 -13.88
N ILE D 90 -17.03 10.89 -13.44
CA ILE D 90 -16.79 10.56 -12.03
C ILE D 90 -15.29 10.39 -11.86
N GLY D 91 -14.77 11.02 -10.83
CA GLY D 91 -13.36 10.97 -10.47
C GLY D 91 -13.14 10.96 -8.98
N GLY D 92 -11.90 11.21 -8.58
CA GLY D 92 -11.47 11.22 -7.18
C GLY D 92 -10.97 9.88 -6.71
N GLU D 93 -11.04 9.67 -5.40
CA GLU D 93 -10.58 8.49 -4.66
C GLU D 93 -11.29 8.43 -3.31
N ILE D 94 -11.91 7.29 -3.00
CA ILE D 94 -12.61 7.12 -1.72
C ILE D 94 -11.60 7.26 -0.60
N SER D 95 -11.76 8.32 0.20
CA SER D 95 -10.85 8.74 1.26
C SER D 95 -11.41 8.55 2.66
N SER D 96 -12.69 8.14 2.78
CA SER D 96 -13.38 7.87 4.04
C SER D 96 -14.52 6.85 3.86
N SER D 97 -15.09 6.39 4.98
CA SER D 97 -16.18 5.40 4.92
C SER D 97 -17.47 6.00 4.34
N ILE D 98 -17.92 5.42 3.21
CA ILE D 98 -19.14 5.82 2.52
C ILE D 98 -20.08 4.68 2.74
N LEU D 99 -21.13 4.90 3.53
CA LEU D 99 -22.08 3.83 3.83
C LEU D 99 -22.99 3.51 2.63
N ALA D 100 -23.41 2.25 2.51
CA ALA D 100 -24.35 1.83 1.47
C ALA D 100 -25.60 2.68 1.58
N ASN D 101 -26.08 3.20 0.44
CA ASN D 101 -27.31 3.98 0.31
C ASN D 101 -27.29 5.34 0.99
N SER D 102 -26.09 5.86 1.28
CA SER D 102 -25.95 7.14 1.99
C SER D 102 -25.87 8.36 1.07
N ASN D 103 -26.24 9.53 1.61
CA ASN D 103 -26.15 10.80 0.91
C ASN D 103 -24.71 11.31 1.01
N LEU D 104 -24.21 11.92 -0.07
CA LEU D 104 -22.89 12.51 -0.17
C LEU D 104 -23.10 13.98 0.19
N VAL D 105 -22.62 14.35 1.38
CA VAL D 105 -22.89 15.63 2.01
C VAL D 105 -21.79 16.70 2.06
N ASN D 106 -20.80 16.66 1.16
CA ASN D 106 -19.81 17.74 1.18
C ASN D 106 -20.32 18.89 0.33
N ARG D 107 -20.89 18.57 -0.83
CA ARG D 107 -21.35 19.53 -1.82
C ARG D 107 -22.49 18.90 -2.62
N SER D 108 -23.53 19.67 -2.86
CA SER D 108 -24.69 19.28 -3.65
C SER D 108 -24.50 19.79 -5.07
N VAL D 109 -25.10 19.09 -6.03
CA VAL D 109 -25.04 19.51 -7.41
C VAL D 109 -25.89 20.81 -7.54
N PRO D 110 -25.36 21.92 -8.11
CA PRO D 110 -26.16 23.16 -8.19
C PRO D 110 -27.42 22.96 -9.02
N ASN D 111 -28.48 23.72 -8.72
CA ASN D 111 -29.78 23.63 -9.40
C ASN D 111 -29.74 23.60 -10.93
N GLU D 112 -28.88 24.44 -11.55
CA GLU D 112 -28.81 24.50 -13.03
C GLU D 112 -28.40 23.20 -13.71
N PHE D 113 -27.76 22.27 -12.94
CA PHE D 113 -27.27 20.95 -13.36
C PHE D 113 -28.15 19.81 -12.82
N CYS D 114 -29.22 20.13 -12.10
CA CYS D 114 -30.11 19.12 -11.53
C CYS D 114 -31.17 18.57 -12.46
N PRO D 115 -31.34 17.25 -12.50
CA PRO D 115 -32.37 16.69 -13.39
C PRO D 115 -33.80 16.83 -12.83
N ARG D 116 -34.80 16.71 -13.70
CA ARG D 116 -36.23 16.73 -13.38
C ARG D 116 -36.54 15.51 -12.50
N ASN D 117 -36.06 14.35 -12.92
CA ASN D 117 -36.21 13.05 -12.25
C ASN D 117 -34.85 12.49 -11.84
N ARG D 118 -34.84 11.65 -10.83
CA ARG D 118 -33.66 10.94 -10.31
C ARG D 118 -32.83 10.23 -11.44
N CYS D 119 -31.51 10.53 -11.52
CA CYS D 119 -30.60 9.95 -12.52
C CYS D 119 -29.56 9.05 -11.89
N SER D 120 -29.41 7.82 -12.41
CA SER D 120 -28.46 6.84 -11.88
C SER D 120 -27.19 6.75 -12.68
N LEU D 121 -26.11 7.34 -12.16
CA LEU D 121 -24.82 7.39 -12.86
C LEU D 121 -23.98 6.19 -12.53
N VAL D 122 -23.84 5.27 -13.49
CA VAL D 122 -23.08 4.02 -13.32
C VAL D 122 -21.57 4.27 -13.44
N GLY D 123 -20.83 3.74 -12.49
CA GLY D 123 -19.38 3.84 -12.48
C GLY D 123 -18.72 2.51 -12.16
N HIS D 124 -17.38 2.48 -12.27
CA HIS D 124 -16.57 1.28 -12.03
C HIS D 124 -15.38 1.65 -11.16
N MET D 125 -14.98 0.71 -10.29
CA MET D 125 -13.84 0.84 -9.39
C MET D 125 -12.63 0.19 -10.08
N VAL D 126 -11.56 0.97 -10.27
CA VAL D 126 -10.28 0.54 -10.84
C VAL D 126 -9.72 -0.73 -10.19
N GLY D 127 -9.23 -1.66 -11.02
CA GLY D 127 -8.54 -2.86 -10.54
C GLY D 127 -9.32 -4.15 -10.29
N GLY D 128 -10.63 -4.10 -10.45
CA GLY D 128 -11.49 -5.26 -10.25
C GLY D 128 -12.71 -5.21 -11.13
N TRP D 129 -13.74 -5.99 -10.76
CA TRP D 129 -14.97 -6.09 -11.55
C TRP D 129 -16.14 -5.30 -10.93
N ASN D 130 -15.85 -4.51 -9.87
CA ASN D 130 -16.84 -3.77 -9.07
C ASN D 130 -17.42 -2.56 -9.73
N ALA D 131 -18.74 -2.47 -9.70
CA ALA D 131 -19.52 -1.36 -10.24
C ALA D 131 -20.33 -0.75 -9.10
N PHE D 132 -20.65 0.53 -9.25
CA PHE D 132 -21.51 1.24 -8.33
C PHE D 132 -22.36 2.14 -9.19
N HIS D 133 -23.22 2.92 -8.51
CA HIS D 133 -23.95 4.01 -9.10
C HIS D 133 -24.21 5.09 -8.06
N ILE D 134 -24.22 6.32 -8.54
CA ILE D 134 -24.50 7.51 -7.76
C ILE D 134 -25.77 8.10 -8.35
N ASP D 135 -26.77 8.31 -7.50
CA ASP D 135 -28.00 8.94 -7.93
C ASP D 135 -27.89 10.45 -7.76
N ILE D 136 -28.33 11.20 -8.76
CA ILE D 136 -28.46 12.64 -8.68
C ILE D 136 -29.97 12.89 -8.65
N PRO D 137 -30.57 13.17 -7.49
CA PRO D 137 -32.00 13.52 -7.49
C PRO D 137 -32.12 15.00 -7.91
N SER D 138 -33.36 15.52 -7.98
CA SER D 138 -33.62 16.92 -8.34
C SER D 138 -33.09 17.93 -7.29
N SER D 139 -32.95 17.50 -6.02
CA SER D 139 -32.42 18.30 -4.91
C SER D 139 -30.91 18.55 -5.03
N GLY D 140 -30.19 17.67 -5.72
CA GLY D 140 -28.76 17.80 -5.92
C GLY D 140 -27.94 17.09 -4.88
N VAL D 141 -28.61 16.52 -3.84
CA VAL D 141 -27.96 15.76 -2.77
C VAL D 141 -27.76 14.34 -3.30
N CYS D 142 -26.56 14.10 -3.87
CA CYS D 142 -26.18 12.84 -4.46
C CYS D 142 -26.11 11.70 -3.49
N GLN D 143 -26.52 10.52 -3.96
CA GLN D 143 -26.63 9.35 -3.14
C GLN D 143 -25.78 8.22 -3.68
N TRP D 144 -25.06 7.51 -2.78
CA TRP D 144 -24.18 6.41 -3.13
C TRP D 144 -24.94 5.06 -3.04
N PHE D 145 -25.03 4.33 -4.16
CA PHE D 145 -25.70 3.05 -4.19
C PHE D 145 -24.85 1.81 -4.32
N GLY D 146 -23.57 1.93 -3.96
CA GLY D 146 -22.67 0.79 -3.88
C GLY D 146 -22.79 0.24 -2.47
N PRO D 147 -22.00 -0.75 -2.05
CA PRO D 147 -22.06 -1.16 -0.64
C PRO D 147 -21.20 -0.22 0.22
N THR D 148 -21.08 -0.49 1.54
CA THR D 148 -20.20 0.31 2.39
C THR D 148 -18.78 0.14 1.84
N ALA D 149 -18.15 1.27 1.51
CA ALA D 149 -16.81 1.32 0.92
C ALA D 149 -15.98 2.41 1.59
N SER D 150 -14.66 2.16 1.76
CA SER D 150 -13.74 3.07 2.45
C SER D 150 -12.44 3.35 1.65
N SER D 151 -12.34 2.80 0.43
CA SER D 151 -11.18 2.95 -0.46
C SER D 151 -11.55 2.63 -1.92
N GLY D 152 -10.68 3.02 -2.84
CA GLY D 152 -10.85 2.74 -4.25
C GLY D 152 -10.92 3.96 -5.12
N THR D 153 -10.83 3.73 -6.44
CA THR D 153 -10.79 4.75 -7.48
C THR D 153 -12.06 4.65 -8.33
N PRO D 154 -13.09 5.52 -8.06
CA PRO D 154 -14.31 5.48 -8.87
C PRO D 154 -14.12 6.22 -10.19
N ARG D 155 -14.69 5.69 -11.29
CA ARG D 155 -14.57 6.28 -12.63
C ARG D 155 -15.82 6.02 -13.42
N GLY D 156 -16.11 6.90 -14.36
CA GLY D 156 -17.29 6.77 -15.22
C GLY D 156 -17.63 8.04 -15.96
N THR D 157 -17.75 7.96 -17.25
CA THR D 157 -18.10 9.06 -18.15
C THR D 157 -19.43 8.71 -18.88
N GLY D 158 -20.33 9.68 -18.92
CA GLY D 158 -21.62 9.54 -19.59
C GLY D 158 -22.41 10.83 -19.62
N THR D 159 -23.73 10.72 -19.75
CA THR D 159 -24.64 11.87 -19.77
C THR D 159 -25.94 11.57 -19.01
N TYR D 160 -26.66 12.64 -18.66
CA TYR D 160 -27.99 12.57 -18.07
C TYR D 160 -28.77 13.80 -18.54
N PRO D 161 -30.12 13.72 -18.68
CA PRO D 161 -30.86 14.88 -19.19
C PRO D 161 -31.32 15.93 -18.17
N ILE D 162 -31.44 17.16 -18.66
CA ILE D 162 -31.89 18.38 -17.97
C ILE D 162 -32.93 19.08 -18.85
N ASP D 163 -33.59 20.14 -18.34
CA ASP D 163 -34.56 20.88 -19.16
C ASP D 163 -34.68 22.37 -18.90
N HIS D 164 -34.99 23.13 -19.98
CA HIS D 164 -35.28 24.58 -20.06
C HIS D 164 -35.57 25.02 -21.49
N ALA E 2 -30.99 42.55 -56.15
CA ALA E 2 -31.48 42.42 -57.54
C ALA E 2 -30.74 43.35 -58.49
N SER E 3 -30.84 43.08 -59.79
CA SER E 3 -30.24 43.95 -60.80
C SER E 3 -31.28 45.01 -61.20
N ILE E 4 -31.03 46.27 -60.80
CA ILE E 4 -31.91 47.40 -61.09
C ILE E 4 -31.20 48.46 -61.93
N LYS E 5 -31.97 49.18 -62.75
CA LYS E 5 -31.45 50.22 -63.62
C LYS E 5 -31.59 51.58 -62.94
N LYS E 6 -30.71 52.52 -63.26
CA LYS E 6 -30.77 53.87 -62.68
C LYS E 6 -31.98 54.66 -63.18
N VAL E 7 -32.60 55.41 -62.26
CA VAL E 7 -33.74 56.29 -62.48
C VAL E 7 -33.18 57.70 -62.30
N TYR E 8 -33.38 58.57 -63.29
CA TYR E 8 -32.82 59.92 -63.28
C TYR E 8 -33.64 60.93 -64.05
N ARG E 9 -33.50 62.20 -63.67
CA ARG E 9 -34.14 63.35 -64.27
C ARG E 9 -33.84 63.42 -65.75
N GLY E 10 -34.88 63.54 -66.57
CA GLY E 10 -34.76 63.64 -68.02
C GLY E 10 -34.52 62.35 -68.78
N MET E 11 -34.65 61.22 -68.10
CA MET E 11 -34.48 59.94 -68.73
C MET E 11 -35.61 59.58 -69.69
N LYS E 12 -35.29 58.74 -70.66
CA LYS E 12 -36.21 58.16 -71.64
C LYS E 12 -36.66 56.79 -71.03
N ASN E 13 -37.94 56.40 -71.23
CA ASN E 13 -38.53 55.18 -70.67
C ASN E 13 -38.48 55.08 -69.13
N GLY E 14 -38.81 56.19 -68.47
CA GLY E 14 -38.84 56.34 -67.02
C GLY E 14 -39.79 55.42 -66.28
N ALA E 15 -41.06 55.41 -66.70
CA ALA E 15 -42.14 54.58 -66.14
C ALA E 15 -41.84 53.07 -66.28
N GLU E 16 -41.34 52.64 -67.44
CA GLU E 16 -40.96 51.25 -67.74
C GLU E 16 -39.83 50.83 -66.85
N THR E 17 -38.81 51.70 -66.66
CA THR E 17 -37.64 51.43 -65.81
C THR E 17 -38.02 51.28 -64.33
N ILE E 18 -38.85 52.20 -63.82
CA ILE E 18 -39.35 52.18 -62.45
C ILE E 18 -40.10 50.87 -62.23
N ASN E 19 -41.04 50.50 -63.15
CA ASN E 19 -41.85 49.27 -63.05
C ASN E 19 -41.00 48.02 -63.00
N ASP E 20 -40.06 47.88 -63.93
CA ASP E 20 -39.14 46.75 -64.01
C ASP E 20 -38.19 46.67 -62.80
N ASP E 21 -37.87 47.82 -62.16
CA ASP E 21 -37.05 47.85 -60.96
C ASP E 21 -37.85 47.36 -59.76
N LEU E 22 -39.11 47.81 -59.63
CA LEU E 22 -39.99 47.37 -58.55
C LEU E 22 -40.24 45.88 -58.65
N GLU E 23 -40.38 45.34 -59.88
CA GLU E 23 -40.64 43.92 -60.10
C GLU E 23 -39.45 43.05 -59.81
N ALA E 24 -38.23 43.49 -60.21
CA ALA E 24 -36.97 42.78 -59.98
C ALA E 24 -36.70 42.62 -58.47
N ILE E 25 -36.95 43.70 -57.70
CA ILE E 25 -36.80 43.75 -56.25
C ILE E 25 -37.83 42.85 -55.60
N ASN E 26 -39.10 42.99 -56.00
CA ASN E 26 -40.21 42.21 -55.45
C ASN E 26 -40.04 40.70 -55.64
N SER E 27 -39.43 40.28 -56.77
CA SER E 27 -39.19 38.88 -57.08
C SER E 27 -38.29 38.24 -55.99
N GLU E 28 -37.27 39.00 -55.54
CA GLU E 28 -36.34 38.56 -54.51
C GLU E 28 -36.98 38.44 -53.13
N LEU E 29 -38.23 38.94 -52.93
CA LEU E 29 -38.94 38.84 -51.65
C LEU E 29 -39.76 37.54 -51.56
N THR E 30 -39.74 36.73 -52.64
CA THR E 30 -40.42 35.43 -52.70
C THR E 30 -39.44 34.28 -52.89
N SER E 31 -38.44 34.43 -53.76
CA SER E 31 -37.41 33.41 -54.02
C SER E 31 -36.18 34.07 -54.62
N GLY E 32 -35.09 33.32 -54.70
CA GLY E 32 -33.85 33.79 -55.31
C GLY E 32 -33.09 34.85 -54.52
N GLY E 33 -32.06 35.38 -55.17
CA GLY E 33 -31.20 36.40 -54.61
C GLY E 33 -30.38 35.90 -53.43
N ASN E 34 -29.93 36.83 -52.60
CA ASN E 34 -29.12 36.54 -51.44
C ASN E 34 -29.98 36.56 -50.19
N VAL E 35 -31.32 36.49 -50.34
CA VAL E 35 -32.22 36.49 -49.19
C VAL E 35 -32.72 35.12 -48.78
N VAL E 36 -32.86 34.90 -47.46
CA VAL E 36 -33.33 33.63 -46.91
C VAL E 36 -34.85 33.75 -46.80
N HIS E 37 -35.56 32.77 -47.39
CA HIS E 37 -37.01 32.68 -47.48
C HIS E 37 -37.66 31.65 -46.57
N LYS E 38 -38.97 31.82 -46.28
CA LYS E 38 -39.79 30.90 -45.48
C LYS E 38 -40.31 29.73 -46.33
N THR E 39 -39.74 29.49 -47.56
CA THR E 39 -40.04 28.39 -48.47
C THR E 39 -38.79 28.07 -49.29
N GLY E 40 -38.70 26.83 -49.76
CA GLY E 40 -37.64 26.39 -50.67
C GLY E 40 -36.34 25.97 -50.05
N ASP E 41 -35.59 25.15 -50.83
CA ASP E 41 -34.28 24.66 -50.44
C ASP E 41 -33.26 25.72 -50.75
N GLU E 42 -32.53 26.18 -49.73
CA GLU E 42 -31.54 27.24 -49.87
C GLU E 42 -30.28 26.88 -49.11
N THR E 43 -29.13 27.33 -49.65
CA THR E 43 -27.80 27.17 -49.04
C THR E 43 -27.44 28.53 -48.41
N ILE E 44 -27.10 28.52 -47.11
CA ILE E 44 -26.81 29.71 -46.31
C ILE E 44 -25.37 29.66 -45.79
N ALA E 45 -24.60 30.76 -45.99
CA ALA E 45 -23.19 30.89 -45.56
C ALA E 45 -23.02 31.94 -44.46
N GLY E 46 -21.99 31.76 -43.60
CA GLY E 46 -21.65 32.70 -42.53
C GLY E 46 -22.14 32.27 -41.17
N LYS E 47 -21.52 32.85 -40.11
CA LYS E 47 -21.86 32.56 -38.72
C LYS E 47 -23.28 33.10 -38.43
N LYS E 48 -24.24 32.18 -38.32
CA LYS E 48 -25.60 32.58 -37.97
C LYS E 48 -25.77 32.35 -36.48
N THR E 49 -26.00 33.43 -35.74
CA THR E 49 -26.20 33.36 -34.30
C THR E 49 -27.67 33.58 -33.99
N PHE E 50 -28.31 32.56 -33.42
CA PHE E 50 -29.70 32.66 -33.05
C PHE E 50 -29.73 32.94 -31.56
N THR E 51 -30.25 34.11 -31.15
CA THR E 51 -30.33 34.49 -29.74
C THR E 51 -31.62 34.03 -29.06
N GLY E 52 -32.56 33.51 -29.83
CA GLY E 52 -33.82 33.00 -29.30
C GLY E 52 -33.86 31.50 -29.35
N ASN E 53 -35.08 30.94 -29.24
CA ASN E 53 -35.31 29.51 -29.30
C ASN E 53 -35.38 29.09 -30.75
N VAL E 54 -34.70 28.00 -31.09
CA VAL E 54 -34.76 27.43 -32.42
C VAL E 54 -35.42 26.06 -32.29
N GLU E 55 -36.43 25.81 -33.12
CA GLU E 55 -37.12 24.53 -33.15
C GLU E 55 -36.91 23.88 -34.51
N VAL E 56 -36.60 22.59 -34.54
CA VAL E 56 -36.48 21.86 -35.82
C VAL E 56 -37.47 20.69 -35.81
N ASN E 57 -38.41 20.64 -36.76
CA ASN E 57 -39.45 19.61 -36.85
C ASN E 57 -39.06 18.43 -37.73
N GLY E 58 -38.13 18.67 -38.65
CA GLY E 58 -37.61 17.62 -39.52
C GLY E 58 -36.32 17.06 -38.96
N SER E 59 -35.39 16.68 -39.84
CA SER E 59 -34.11 16.16 -39.38
C SER E 59 -33.05 17.27 -39.22
N LEU E 60 -32.12 17.08 -38.26
CA LEU E 60 -30.99 17.98 -38.05
C LEU E 60 -29.75 17.17 -38.33
N THR E 61 -29.15 17.35 -39.50
CA THR E 61 -27.96 16.65 -39.94
C THR E 61 -26.70 17.42 -39.62
N LEU E 62 -25.76 16.80 -38.89
CA LEU E 62 -24.48 17.41 -38.53
C LEU E 62 -23.32 16.67 -39.25
N PRO E 63 -22.06 17.20 -39.27
CA PRO E 63 -20.96 16.40 -39.85
C PRO E 63 -20.63 15.16 -38.96
N THR E 64 -20.58 13.98 -39.60
CA THR E 64 -20.35 12.66 -38.99
C THR E 64 -19.07 11.97 -39.50
N LYS E 65 -18.35 11.25 -38.62
CA LYS E 65 -17.19 10.46 -38.97
C LYS E 65 -17.14 9.23 -38.08
N SER E 66 -16.89 8.06 -38.67
CA SER E 66 -16.85 6.77 -37.96
C SER E 66 -15.45 6.16 -37.99
N TRP E 67 -15.17 5.32 -37.00
CA TRP E 67 -13.93 4.57 -36.84
C TRP E 67 -14.21 3.36 -36.00
N SER E 68 -13.62 2.24 -36.36
CA SER E 68 -13.71 1.00 -35.64
C SER E 68 -12.33 0.30 -35.67
N GLY E 69 -11.93 -0.27 -34.56
CA GLY E 69 -10.66 -0.97 -34.49
C GLY E 69 -10.54 -1.84 -33.26
N GLU E 70 -9.68 -2.87 -33.34
CA GLU E 70 -9.38 -3.76 -32.23
C GLU E 70 -8.29 -3.05 -31.43
N LEU E 71 -8.66 -2.51 -30.27
CA LEU E 71 -7.72 -1.82 -29.36
C LEU E 71 -6.55 -2.72 -28.94
N GLY E 72 -6.86 -3.97 -28.60
CA GLY E 72 -5.92 -4.99 -28.14
C GLY E 72 -6.68 -6.07 -27.42
N GLY E 73 -6.09 -7.26 -27.34
CA GLY E 73 -6.62 -8.42 -26.63
C GLY E 73 -7.93 -8.96 -27.15
N GLY E 74 -8.31 -8.55 -28.34
CA GLY E 74 -9.58 -8.92 -28.95
C GLY E 74 -10.72 -7.96 -28.70
N ILE E 75 -10.48 -6.88 -27.92
CA ILE E 75 -11.48 -5.85 -27.61
C ILE E 75 -11.62 -4.89 -28.78
N ILE E 76 -12.84 -4.70 -29.28
CA ILE E 76 -13.12 -3.82 -30.40
C ILE E 76 -13.84 -2.58 -29.92
N LEU E 77 -13.41 -1.41 -30.39
CA LEU E 77 -14.08 -0.16 -30.06
C LEU E 77 -14.61 0.47 -31.34
N SER E 78 -15.92 0.73 -31.40
CA SER E 78 -16.56 1.37 -32.56
C SER E 78 -17.03 2.75 -32.15
N LEU E 79 -16.62 3.77 -32.90
CA LEU E 79 -16.92 5.17 -32.63
C LEU E 79 -17.60 5.86 -33.77
N ARG E 80 -18.43 6.84 -33.45
CA ARG E 80 -19.08 7.75 -34.39
C ARG E 80 -19.08 9.12 -33.75
N LYS E 81 -18.42 10.08 -34.39
CA LYS E 81 -18.33 11.49 -33.97
C LYS E 81 -19.45 12.25 -34.67
N LYS E 82 -20.35 12.89 -33.92
CA LYS E 82 -21.42 13.77 -34.45
C LYS E 82 -21.22 15.06 -33.67
N GLY E 83 -20.62 16.04 -34.34
CA GLY E 83 -20.32 17.35 -33.75
C GLY E 83 -19.26 17.23 -32.67
N THR E 84 -19.62 17.49 -31.40
CA THR E 84 -18.67 17.39 -30.27
C THR E 84 -18.89 16.16 -29.37
N THR E 85 -19.67 15.20 -29.82
CA THR E 85 -19.96 13.99 -29.07
C THR E 85 -19.48 12.78 -29.83
N VAL E 86 -18.90 11.81 -29.12
CA VAL E 86 -18.49 10.54 -29.71
C VAL E 86 -19.36 9.45 -29.11
N GLU E 87 -20.13 8.79 -29.96
CA GLU E 87 -20.96 7.63 -29.59
C GLU E 87 -20.04 6.43 -29.69
N TYR E 88 -19.96 5.65 -28.62
CA TYR E 88 -19.11 4.45 -28.60
C TYR E 88 -19.92 3.16 -28.42
N SER E 89 -19.32 2.05 -28.83
CA SER E 89 -19.83 0.70 -28.63
C SER E 89 -18.65 -0.22 -28.44
N ILE E 90 -18.58 -0.86 -27.27
CA ILE E 90 -17.52 -1.81 -26.94
C ILE E 90 -18.01 -3.17 -27.43
N GLY E 91 -17.15 -3.84 -28.17
CA GLY E 91 -17.42 -5.17 -28.72
C GLY E 91 -16.19 -6.03 -28.68
N GLY E 92 -16.28 -7.18 -29.35
CA GLY E 92 -15.21 -8.17 -29.45
C GLY E 92 -15.31 -9.24 -28.37
N GLU E 93 -14.22 -9.95 -28.18
CA GLU E 93 -14.06 -11.05 -27.23
C GLU E 93 -12.62 -11.13 -26.83
N ILE E 94 -12.36 -11.20 -25.51
CA ILE E 94 -11.00 -11.27 -25.01
C ILE E 94 -10.37 -12.57 -25.52
N SER E 95 -9.35 -12.44 -26.39
CA SER E 95 -8.65 -13.54 -27.07
C SER E 95 -7.23 -13.82 -26.53
N SER E 96 -6.76 -13.01 -25.55
CA SER E 96 -5.43 -13.13 -24.94
C SER E 96 -5.39 -12.52 -23.57
N SER E 97 -4.32 -12.68 -22.84
CA SER E 97 -4.23 -12.16 -21.48
C SER E 97 -4.01 -10.61 -21.47
N ILE E 98 -4.96 -9.88 -20.84
CA ILE E 98 -4.96 -8.39 -20.73
C ILE E 98 -4.67 -8.07 -19.28
N LEU E 99 -3.49 -7.59 -18.98
CA LEU E 99 -3.13 -7.29 -17.60
C LEU E 99 -3.89 -6.12 -17.02
N ALA E 100 -4.07 -6.11 -15.70
CA ALA E 100 -4.76 -5.00 -15.06
C ALA E 100 -3.97 -3.73 -15.28
N ASN E 101 -4.66 -2.64 -15.60
CA ASN E 101 -4.11 -1.29 -15.78
C ASN E 101 -3.14 -1.17 -16.95
N SER E 102 -3.24 -2.07 -17.93
CA SER E 102 -2.38 -2.13 -19.09
C SER E 102 -2.87 -1.30 -20.24
N ASN E 103 -1.94 -0.92 -21.14
CA ASN E 103 -2.27 -0.20 -22.35
C ASN E 103 -2.64 -1.22 -23.40
N LEU E 104 -3.69 -0.91 -24.19
CA LEU E 104 -4.21 -1.72 -25.28
C LEU E 104 -3.47 -1.13 -26.50
N VAL E 105 -2.47 -1.88 -26.99
CA VAL E 105 -1.48 -1.43 -27.99
C VAL E 105 -1.62 -1.94 -29.43
N ASN E 106 -2.74 -2.57 -29.78
CA ASN E 106 -2.92 -3.02 -31.16
C ASN E 106 -3.31 -1.84 -32.03
N ARG E 107 -4.18 -0.95 -31.56
CA ARG E 107 -4.66 0.19 -32.35
C ARG E 107 -4.98 1.33 -31.40
N SER E 108 -4.55 2.55 -31.73
CA SER E 108 -4.84 3.71 -30.89
C SER E 108 -6.05 4.41 -31.45
N VAL E 109 -6.83 5.07 -30.58
CA VAL E 109 -7.97 5.85 -31.04
C VAL E 109 -7.41 7.06 -31.81
N PRO E 110 -7.86 7.30 -33.07
CA PRO E 110 -7.28 8.42 -33.85
C PRO E 110 -7.53 9.75 -33.22
N ASN E 111 -6.62 10.71 -33.46
CA ASN E 111 -6.68 12.05 -32.91
C ASN E 111 -8.02 12.77 -32.99
N GLU E 112 -8.73 12.68 -34.14
CA GLU E 112 -10.04 13.35 -34.30
C GLU E 112 -11.12 12.83 -33.36
N PHE E 113 -10.92 11.62 -32.76
CA PHE E 113 -11.83 10.99 -31.80
C PHE E 113 -11.30 11.05 -30.36
N CYS E 114 -10.15 11.68 -30.15
CA CYS E 114 -9.54 11.79 -28.81
C CYS E 114 -10.10 12.90 -27.96
N PRO E 115 -10.41 12.64 -26.68
CA PRO E 115 -10.97 13.68 -25.84
C PRO E 115 -9.89 14.65 -25.29
N ARG E 116 -10.34 15.72 -24.64
CA ARG E 116 -9.46 16.68 -24.01
C ARG E 116 -8.86 15.97 -22.77
N ASN E 117 -9.70 15.48 -21.85
CA ASN E 117 -9.23 14.73 -20.70
C ASN E 117 -9.66 13.27 -20.82
N ARG E 118 -9.12 12.39 -19.98
CA ARG E 118 -9.47 10.98 -19.93
C ARG E 118 -10.95 10.74 -19.80
N CYS E 119 -11.43 9.79 -20.58
CA CYS E 119 -12.82 9.36 -20.54
C CYS E 119 -12.89 7.93 -20.15
N SER E 120 -13.68 7.63 -19.10
CA SER E 120 -13.76 6.26 -18.55
C SER E 120 -15.00 5.60 -19.03
N LEU E 121 -14.84 4.72 -20.03
CA LEU E 121 -15.94 4.00 -20.69
C LEU E 121 -16.34 2.76 -19.88
N VAL E 122 -17.49 2.80 -19.18
CA VAL E 122 -17.97 1.69 -18.35
C VAL E 122 -18.65 0.59 -19.19
N GLY E 123 -18.20 -0.64 -18.99
CA GLY E 123 -18.73 -1.79 -19.70
C GLY E 123 -19.02 -2.94 -18.77
N HIS E 124 -19.73 -3.96 -19.29
CA HIS E 124 -20.11 -5.15 -18.54
C HIS E 124 -19.69 -6.40 -19.33
N MET E 125 -19.32 -7.46 -18.59
CA MET E 125 -18.92 -8.75 -19.16
C MET E 125 -20.13 -9.66 -19.13
N VAL E 126 -20.51 -10.20 -20.30
CA VAL E 126 -21.64 -11.12 -20.47
C VAL E 126 -21.56 -12.30 -19.53
N GLY E 127 -22.70 -12.64 -18.93
CA GLY E 127 -22.79 -13.83 -18.09
C GLY E 127 -22.73 -13.70 -16.60
N GLY E 128 -22.34 -12.53 -16.10
CA GLY E 128 -22.18 -12.35 -14.66
C GLY E 128 -22.44 -10.94 -14.20
N TRP E 129 -21.95 -10.61 -13.01
CA TRP E 129 -22.13 -9.29 -12.44
C TRP E 129 -20.92 -8.38 -12.61
N ASN E 130 -19.93 -8.80 -13.43
CA ASN E 130 -18.67 -8.08 -13.64
C ASN E 130 -18.71 -6.88 -14.56
N ALA E 131 -18.17 -5.75 -14.06
CA ALA E 131 -18.01 -4.50 -14.82
C ALA E 131 -16.53 -4.21 -15.02
N PHE E 132 -16.22 -3.34 -15.98
CA PHE E 132 -14.85 -2.87 -16.24
C PHE E 132 -14.94 -1.45 -16.82
N HIS E 133 -13.81 -0.81 -16.99
CA HIS E 133 -13.76 0.45 -17.71
C HIS E 133 -12.51 0.56 -18.53
N ILE E 134 -12.63 1.19 -19.70
CA ILE E 134 -11.52 1.46 -20.59
C ILE E 134 -11.34 2.98 -20.61
N ASP E 135 -10.15 3.45 -20.30
CA ASP E 135 -9.89 4.90 -20.38
C ASP E 135 -9.43 5.25 -21.75
N ILE E 136 -9.93 6.36 -22.29
CA ILE E 136 -9.45 6.92 -23.54
C ILE E 136 -8.72 8.21 -23.08
N PRO E 137 -7.36 8.25 -23.08
CA PRO E 137 -6.68 9.51 -22.75
C PRO E 137 -6.57 10.41 -23.99
N SER E 138 -5.97 11.62 -23.91
CA SER E 138 -5.80 12.50 -25.08
C SER E 138 -4.93 11.89 -26.16
N SER E 139 -3.98 11.03 -25.75
CA SER E 139 -3.04 10.38 -26.65
C SER E 139 -3.73 9.32 -27.52
N GLY E 140 -4.87 8.80 -27.03
CA GLY E 140 -5.61 7.74 -27.70
C GLY E 140 -5.12 6.35 -27.39
N VAL E 141 -4.05 6.22 -26.55
CA VAL E 141 -3.55 4.91 -26.14
C VAL E 141 -4.46 4.44 -25.03
N CYS E 142 -5.46 3.60 -25.37
CA CYS E 142 -6.45 3.11 -24.40
C CYS E 142 -5.89 2.24 -23.30
N GLN E 143 -6.56 2.24 -22.14
CA GLN E 143 -6.08 1.52 -20.99
C GLN E 143 -7.19 0.74 -20.32
N TRP E 144 -6.93 -0.54 -20.06
CA TRP E 144 -7.88 -1.45 -19.42
C TRP E 144 -7.81 -1.36 -17.90
N PHE E 145 -8.94 -1.06 -17.27
CA PHE E 145 -8.99 -0.96 -15.82
C PHE E 145 -9.81 -1.99 -15.12
N GLY E 146 -9.91 -3.17 -15.70
CA GLY E 146 -10.52 -4.32 -15.03
C GLY E 146 -9.35 -5.06 -14.42
N PRO E 147 -9.52 -6.26 -13.82
CA PRO E 147 -8.35 -7.01 -13.37
C PRO E 147 -7.74 -7.77 -14.57
N THR E 148 -6.70 -8.59 -14.32
CA THR E 148 -6.13 -9.39 -15.40
C THR E 148 -7.22 -10.35 -15.90
N ALA E 149 -7.50 -10.31 -17.20
CA ALA E 149 -8.53 -11.15 -17.82
C ALA E 149 -8.02 -11.80 -19.11
N SER E 150 -8.37 -13.08 -19.33
CA SER E 150 -7.91 -13.80 -20.51
C SER E 150 -9.08 -14.31 -21.38
N SER E 151 -10.34 -13.98 -21.00
CA SER E 151 -11.55 -14.41 -21.71
C SER E 151 -12.73 -13.55 -21.31
N GLY E 152 -13.78 -13.61 -22.11
CA GLY E 152 -15.01 -12.90 -21.84
C GLY E 152 -15.44 -12.02 -22.97
N THR E 153 -16.70 -11.58 -22.89
CA THR E 153 -17.39 -10.80 -23.89
C THR E 153 -17.68 -9.42 -23.34
N PRO E 154 -16.86 -8.40 -23.71
CA PRO E 154 -17.06 -7.05 -23.20
C PRO E 154 -18.11 -6.26 -23.98
N ARG E 155 -19.05 -5.61 -23.29
CA ARG E 155 -20.11 -4.83 -23.93
C ARG E 155 -20.33 -3.50 -23.24
N GLY E 156 -20.87 -2.54 -23.97
CA GLY E 156 -21.18 -1.22 -23.43
C GLY E 156 -21.33 -0.21 -24.53
N THR E 157 -22.42 0.54 -24.46
CA THR E 157 -22.82 1.60 -25.40
C THR E 157 -23.06 2.89 -24.60
N GLY E 158 -22.46 3.97 -25.07
CA GLY E 158 -22.67 5.28 -24.47
C GLY E 158 -22.06 6.35 -25.33
N THR E 159 -21.67 7.48 -24.68
CA THR E 159 -21.02 8.63 -25.34
C THR E 159 -19.95 9.22 -24.45
N TYR E 160 -19.04 10.01 -25.06
CA TYR E 160 -18.03 10.82 -24.41
C TYR E 160 -17.82 12.09 -25.21
N PRO E 161 -17.41 13.23 -24.57
CA PRO E 161 -17.23 14.48 -25.35
C PRO E 161 -15.87 14.71 -25.97
N ILE E 162 -15.90 15.46 -27.05
CA ILE E 162 -14.76 15.92 -27.84
C ILE E 162 -14.95 17.46 -28.01
N ASP E 163 -14.00 18.16 -28.67
CA ASP E 163 -14.13 19.62 -28.89
C ASP E 163 -13.46 20.21 -30.14
N HIS E 164 -14.10 21.24 -30.74
CA HIS E 164 -13.69 22.04 -31.90
C HIS E 164 -14.75 23.12 -32.19
N ALA F 2 -44.24 41.25 -51.91
CA ALA F 2 -45.39 42.12 -51.66
C ALA F 2 -46.26 42.24 -52.88
N SER F 3 -47.55 42.59 -52.68
CA SER F 3 -48.45 42.83 -53.82
C SER F 3 -48.27 44.28 -54.23
N ILE F 4 -47.76 44.50 -55.47
CA ILE F 4 -47.51 45.82 -56.02
C ILE F 4 -48.37 46.07 -57.27
N LYS F 5 -48.63 47.35 -57.57
CA LYS F 5 -49.41 47.75 -58.74
C LYS F 5 -48.47 48.14 -59.86
N LYS F 6 -48.97 48.03 -61.10
CA LYS F 6 -48.18 48.40 -62.28
C LYS F 6 -47.96 49.93 -62.35
N VAL F 7 -46.79 50.32 -62.83
CA VAL F 7 -46.37 51.70 -63.02
C VAL F 7 -46.18 51.82 -64.52
N TYR F 8 -46.83 52.82 -65.15
CA TYR F 8 -46.75 53.02 -66.61
C TYR F 8 -46.92 54.46 -67.01
N ARG F 9 -46.43 54.81 -68.23
CA ARG F 9 -46.51 56.13 -68.85
C ARG F 9 -47.97 56.49 -69.07
N GLY F 10 -48.31 57.71 -68.64
CA GLY F 10 -49.62 58.29 -68.74
C GLY F 10 -50.54 57.92 -67.60
N MET F 11 -50.12 57.05 -66.69
CA MET F 11 -51.03 56.66 -65.61
C MET F 11 -51.46 57.82 -64.67
N LYS F 12 -52.65 57.68 -64.06
CA LYS F 12 -53.10 58.64 -63.06
C LYS F 12 -52.60 58.17 -61.70
N ASN F 13 -52.36 59.12 -60.77
CA ASN F 13 -51.85 58.86 -59.42
C ASN F 13 -50.55 58.01 -59.40
N GLY F 14 -49.61 58.38 -60.28
CA GLY F 14 -48.32 57.74 -60.45
C GLY F 14 -47.46 57.78 -59.21
N ALA F 15 -47.33 58.97 -58.61
CA ALA F 15 -46.55 59.20 -57.40
C ALA F 15 -47.07 58.36 -56.22
N GLU F 16 -48.39 58.39 -55.97
CA GLU F 16 -49.04 57.61 -54.92
C GLU F 16 -48.82 56.09 -55.16
N THR F 17 -48.92 55.62 -56.42
CA THR F 17 -48.71 54.20 -56.75
C THR F 17 -47.27 53.79 -56.47
N ILE F 18 -46.27 54.60 -56.92
CA ILE F 18 -44.86 54.30 -56.67
C ILE F 18 -44.63 54.23 -55.15
N ASN F 19 -45.10 55.26 -54.41
CA ASN F 19 -44.97 55.33 -52.95
C ASN F 19 -45.56 54.12 -52.26
N ASP F 20 -46.77 53.73 -52.63
CA ASP F 20 -47.44 52.57 -52.04
C ASP F 20 -46.72 51.28 -52.37
N ASP F 21 -46.17 51.17 -53.59
CA ASP F 21 -45.37 50.01 -54.03
C ASP F 21 -44.06 49.93 -53.24
N LEU F 22 -43.37 51.08 -53.05
CA LEU F 22 -42.13 51.14 -52.28
C LEU F 22 -42.36 50.79 -50.82
N GLU F 23 -43.49 51.25 -50.24
CA GLU F 23 -43.84 50.95 -48.83
C GLU F 23 -44.25 49.48 -48.64
N ALA F 24 -44.92 48.87 -49.63
CA ALA F 24 -45.35 47.48 -49.59
C ALA F 24 -44.12 46.57 -49.56
N ILE F 25 -43.14 46.87 -50.45
CA ILE F 25 -41.87 46.16 -50.57
C ILE F 25 -41.05 46.35 -49.31
N ASN F 26 -40.91 47.60 -48.85
CA ASN F 26 -40.14 47.94 -47.65
C ASN F 26 -40.66 47.28 -46.38
N SER F 27 -41.98 47.14 -46.24
CA SER F 27 -42.58 46.50 -45.08
C SER F 27 -42.04 45.06 -44.93
N GLU F 28 -41.95 44.30 -46.05
CA GLU F 28 -41.43 42.92 -46.07
C GLU F 28 -39.93 42.82 -45.71
N LEU F 29 -39.22 43.96 -45.64
CA LEU F 29 -37.81 43.97 -45.24
C LEU F 29 -37.64 44.04 -43.70
N THR F 30 -38.76 44.17 -42.95
CA THR F 30 -38.81 44.22 -41.47
C THR F 30 -39.59 43.05 -40.86
N SER F 31 -40.75 42.71 -41.44
CA SER F 31 -41.59 41.61 -41.00
C SER F 31 -42.52 41.12 -42.10
N GLY F 32 -43.09 39.92 -41.92
CA GLY F 32 -44.02 39.33 -42.86
C GLY F 32 -43.39 38.87 -44.18
N GLY F 33 -44.24 38.57 -45.15
CA GLY F 33 -43.81 38.07 -46.45
C GLY F 33 -43.20 36.68 -46.36
N ASN F 34 -42.44 36.33 -47.38
CA ASN F 34 -41.78 35.04 -47.44
C ASN F 34 -40.31 35.18 -47.04
N VAL F 35 -39.96 36.29 -46.39
CA VAL F 35 -38.57 36.56 -46.00
C VAL F 35 -38.29 36.25 -44.54
N VAL F 36 -37.09 35.71 -44.27
CA VAL F 36 -36.66 35.37 -42.93
C VAL F 36 -35.97 36.62 -42.37
N HIS F 37 -36.43 37.06 -41.19
CA HIS F 37 -35.93 38.25 -40.52
C HIS F 37 -35.06 38.01 -39.31
N LYS F 38 -34.25 39.02 -38.94
CA LYS F 38 -33.35 39.01 -37.79
C LYS F 38 -34.12 39.31 -36.50
N THR F 39 -35.47 39.36 -36.56
CA THR F 39 -36.33 39.59 -35.39
C THR F 39 -37.66 38.81 -35.61
N GLY F 40 -38.45 38.64 -34.55
CA GLY F 40 -39.76 37.98 -34.59
C GLY F 40 -39.81 36.48 -34.70
N ASP F 41 -40.94 35.91 -34.27
CA ASP F 41 -41.20 34.49 -34.35
C ASP F 41 -41.65 34.14 -35.77
N GLU F 42 -40.96 33.19 -36.41
CA GLU F 42 -41.26 32.83 -37.80
C GLU F 42 -41.13 31.35 -38.06
N THR F 43 -41.99 30.83 -38.96
CA THR F 43 -42.02 29.44 -39.41
C THR F 43 -41.32 29.40 -40.78
N ILE F 44 -40.35 28.48 -40.93
CA ILE F 44 -39.53 28.39 -42.15
C ILE F 44 -39.65 26.99 -42.74
N ALA F 45 -39.97 26.88 -44.07
CA ALA F 45 -40.11 25.59 -44.75
C ALA F 45 -39.00 25.37 -45.76
N GLY F 46 -38.69 24.10 -46.05
CA GLY F 46 -37.67 23.71 -47.03
C GLY F 46 -36.36 23.27 -46.42
N LYS F 47 -35.54 22.51 -47.18
CA LYS F 47 -34.24 22.02 -46.71
C LYS F 47 -33.27 23.22 -46.63
N LYS F 48 -33.03 23.69 -45.39
CA LYS F 48 -32.09 24.80 -45.15
C LYS F 48 -30.71 24.23 -44.81
N THR F 49 -29.75 24.40 -45.69
CA THR F 49 -28.37 23.94 -45.53
C THR F 49 -27.50 25.14 -45.12
N PHE F 50 -26.92 25.06 -43.92
CA PHE F 50 -26.00 26.06 -43.39
C PHE F 50 -24.60 25.54 -43.61
N THR F 51 -23.81 26.22 -44.43
CA THR F 51 -22.44 25.80 -44.73
C THR F 51 -21.41 26.35 -43.75
N GLY F 52 -21.83 27.27 -42.90
CA GLY F 52 -20.95 27.86 -41.89
C GLY F 52 -21.29 27.39 -40.49
N ASN F 53 -20.80 28.11 -39.48
CA ASN F 53 -21.05 27.78 -38.09
C ASN F 53 -22.38 28.36 -37.67
N VAL F 54 -23.16 27.59 -36.92
CA VAL F 54 -24.44 28.07 -36.39
C VAL F 54 -24.29 28.11 -34.87
N GLU F 55 -24.70 29.21 -34.25
CA GLU F 55 -24.67 29.35 -32.80
C GLU F 55 -26.10 29.54 -32.31
N VAL F 56 -26.47 28.86 -31.22
CA VAL F 56 -27.79 28.98 -30.62
C VAL F 56 -27.61 29.37 -29.16
N ASN F 57 -28.12 30.54 -28.77
CA ASN F 57 -28.01 31.07 -27.41
C ASN F 57 -29.23 30.73 -26.57
N GLY F 58 -30.34 30.42 -27.23
CA GLY F 58 -31.57 30.03 -26.54
C GLY F 58 -31.64 28.53 -26.53
N SER F 59 -32.83 27.96 -26.59
CA SER F 59 -32.99 26.50 -26.62
C SER F 59 -32.99 25.98 -28.04
N LEU F 60 -32.58 24.72 -28.22
CA LEU F 60 -32.65 24.04 -29.50
C LEU F 60 -33.56 22.84 -29.33
N THR F 61 -34.82 22.97 -29.80
CA THR F 61 -35.86 21.96 -29.69
C THR F 61 -35.93 21.08 -30.93
N LEU F 62 -35.83 19.77 -30.72
CA LEU F 62 -35.92 18.77 -31.77
C LEU F 62 -37.18 17.91 -31.55
N PRO F 63 -37.58 17.02 -32.48
CA PRO F 63 -38.79 16.21 -32.24
C PRO F 63 -38.56 15.21 -31.10
N THR F 64 -39.45 15.23 -30.10
CA THR F 64 -39.42 14.40 -28.91
C THR F 64 -40.59 13.40 -28.88
N LYS F 65 -40.34 12.22 -28.28
CA LYS F 65 -41.33 11.19 -28.03
C LYS F 65 -40.84 10.35 -26.87
N SER F 66 -41.74 9.99 -25.94
CA SER F 66 -41.46 9.20 -24.76
C SER F 66 -42.25 7.89 -24.77
N TRP F 67 -41.70 6.88 -24.08
CA TRP F 67 -42.29 5.57 -23.90
C TRP F 67 -41.69 4.98 -22.63
N SER F 68 -42.51 4.22 -21.90
CA SER F 68 -42.10 3.50 -20.72
C SER F 68 -42.85 2.18 -20.69
N GLY F 69 -42.15 1.11 -20.33
CA GLY F 69 -42.74 -0.22 -20.23
C GLY F 69 -41.92 -1.18 -19.39
N GLU F 70 -42.57 -2.24 -18.89
CA GLU F 70 -41.91 -3.30 -18.13
C GLU F 70 -41.45 -4.33 -19.16
N LEU F 71 -40.13 -4.43 -19.39
CA LEU F 71 -39.56 -5.36 -20.39
C LEU F 71 -39.84 -6.83 -20.04
N GLY F 72 -39.71 -7.14 -18.77
CA GLY F 72 -39.90 -8.48 -18.22
C GLY F 72 -39.21 -8.60 -16.88
N GLY F 73 -39.73 -9.49 -16.04
CA GLY F 73 -39.17 -9.77 -14.71
C GLY F 73 -39.16 -8.60 -13.73
N GLY F 74 -39.96 -7.58 -14.00
CA GLY F 74 -40.07 -6.42 -13.13
C GLY F 74 -39.25 -5.21 -13.58
N ILE F 75 -38.34 -5.42 -14.56
CA ILE F 75 -37.46 -4.39 -15.09
C ILE F 75 -38.28 -3.46 -15.98
N ILE F 76 -38.22 -2.16 -15.64
CA ILE F 76 -38.89 -1.07 -16.36
C ILE F 76 -37.86 -0.27 -17.13
N LEU F 77 -38.15 0.03 -18.40
CA LEU F 77 -37.28 0.86 -19.24
C LEU F 77 -38.06 2.07 -19.69
N SER F 78 -37.59 3.26 -19.33
CA SER F 78 -38.18 4.55 -19.70
C SER F 78 -37.30 5.20 -20.73
N LEU F 79 -37.88 5.54 -21.87
CA LEU F 79 -37.17 6.13 -23.02
C LEU F 79 -37.73 7.48 -23.42
N ARG F 80 -36.84 8.35 -23.92
CA ARG F 80 -37.16 9.65 -24.51
C ARG F 80 -36.26 9.87 -25.73
N LYS F 81 -36.89 9.91 -26.90
CA LYS F 81 -36.25 10.11 -28.20
C LYS F 81 -36.20 11.64 -28.43
N LYS F 82 -35.02 12.19 -28.68
CA LYS F 82 -34.79 13.61 -28.97
C LYS F 82 -33.91 13.58 -30.20
N GLY F 83 -34.52 13.78 -31.37
CA GLY F 83 -33.82 13.67 -32.64
C GLY F 83 -33.42 12.23 -32.94
N THR F 84 -32.10 12.00 -33.04
CA THR F 84 -31.54 10.66 -33.32
C THR F 84 -30.94 9.97 -32.08
N THR F 85 -31.29 10.48 -30.88
CA THR F 85 -30.77 9.96 -29.64
C THR F 85 -31.89 9.53 -28.74
N VAL F 86 -31.71 8.37 -28.10
CA VAL F 86 -32.66 7.89 -27.13
C VAL F 86 -32.01 7.95 -25.75
N GLU F 87 -32.69 8.64 -24.83
CA GLU F 87 -32.31 8.80 -23.44
C GLU F 87 -33.02 7.70 -22.71
N TYR F 88 -32.27 6.87 -22.01
CA TYR F 88 -32.85 5.76 -21.29
C TYR F 88 -32.66 5.88 -19.79
N SER F 89 -33.53 5.18 -19.05
CA SER F 89 -33.46 5.07 -17.60
C SER F 89 -34.00 3.70 -17.23
N ILE F 90 -33.14 2.82 -16.67
CA ILE F 90 -33.49 1.49 -16.20
C ILE F 90 -34.08 1.67 -14.77
N GLY F 91 -35.20 1.02 -14.51
CA GLY F 91 -35.88 1.08 -13.23
C GLY F 91 -36.60 -0.22 -12.89
N GLY F 92 -37.48 -0.16 -11.91
CA GLY F 92 -38.24 -1.31 -11.43
C GLY F 92 -37.49 -2.10 -10.38
N GLU F 93 -37.91 -3.37 -10.19
CA GLU F 93 -37.36 -4.32 -9.23
C GLU F 93 -37.58 -5.68 -9.75
N ILE F 94 -36.53 -6.51 -9.77
CA ILE F 94 -36.64 -7.91 -10.24
C ILE F 94 -37.61 -8.65 -9.33
N SER F 95 -38.77 -9.03 -9.91
CA SER F 95 -39.93 -9.64 -9.25
C SER F 95 -40.12 -11.12 -9.56
N SER F 96 -39.32 -11.67 -10.50
CA SER F 96 -39.37 -13.09 -10.90
C SER F 96 -38.02 -13.54 -11.47
N SER F 97 -37.86 -14.83 -11.73
CA SER F 97 -36.60 -15.37 -12.26
C SER F 97 -36.32 -14.92 -13.69
N ILE F 98 -35.20 -14.24 -13.87
CA ILE F 98 -34.72 -13.79 -15.18
C ILE F 98 -33.49 -14.63 -15.45
N LEU F 99 -33.59 -15.49 -16.46
CA LEU F 99 -32.50 -16.39 -16.86
C LEU F 99 -31.38 -15.63 -17.55
N ALA F 100 -30.15 -16.12 -17.38
CA ALA F 100 -28.99 -15.53 -18.02
C ALA F 100 -29.18 -15.61 -19.54
N ASN F 101 -28.91 -14.49 -20.23
CA ASN F 101 -28.91 -14.37 -21.69
C ASN F 101 -30.28 -14.54 -22.34
N SER F 102 -31.34 -14.29 -21.56
CA SER F 102 -32.71 -14.50 -22.00
C SER F 102 -33.36 -13.28 -22.61
N ASN F 103 -34.40 -13.50 -23.45
CA ASN F 103 -35.22 -12.43 -24.00
C ASN F 103 -36.21 -11.99 -22.93
N LEU F 104 -36.38 -10.66 -22.75
CA LEU F 104 -37.33 -10.05 -21.82
C LEU F 104 -38.61 -9.88 -22.68
N VAL F 105 -39.59 -10.75 -22.42
CA VAL F 105 -40.78 -10.93 -23.26
C VAL F 105 -42.07 -10.27 -22.86
N ASN F 106 -42.10 -9.45 -21.80
CA ASN F 106 -43.36 -8.81 -21.40
C ASN F 106 -43.76 -7.67 -22.37
N ARG F 107 -42.80 -6.80 -22.71
CA ARG F 107 -42.99 -5.67 -23.60
C ARG F 107 -41.71 -5.45 -24.43
N SER F 108 -41.90 -5.21 -25.71
CA SER F 108 -40.85 -4.92 -26.66
C SER F 108 -40.72 -3.39 -26.78
N VAL F 109 -39.54 -2.92 -27.19
CA VAL F 109 -39.34 -1.49 -27.39
C VAL F 109 -40.00 -1.15 -28.73
N PRO F 110 -40.91 -0.16 -28.78
CA PRO F 110 -41.55 0.17 -30.06
C PRO F 110 -40.56 0.59 -31.13
N ASN F 111 -40.90 0.34 -32.37
CA ASN F 111 -40.06 0.60 -33.54
C ASN F 111 -39.41 1.95 -33.61
N GLU F 112 -40.13 3.02 -33.21
CA GLU F 112 -39.59 4.40 -33.27
C GLU F 112 -38.36 4.63 -32.38
N PHE F 113 -38.20 3.78 -31.35
CA PHE F 113 -37.13 3.82 -30.36
C PHE F 113 -36.07 2.71 -30.58
N CYS F 114 -36.16 1.94 -31.67
CA CYS F 114 -35.27 0.81 -31.96
C CYS F 114 -34.01 1.18 -32.67
N PRO F 115 -32.83 0.70 -32.22
CA PRO F 115 -31.58 1.11 -32.86
C PRO F 115 -31.29 0.36 -34.15
N ARG F 116 -30.41 0.89 -35.00
CA ARG F 116 -30.01 0.25 -36.28
C ARG F 116 -29.15 -0.93 -35.94
N ASN F 117 -28.30 -0.79 -34.93
CA ASN F 117 -27.39 -1.82 -34.43
C ASN F 117 -27.69 -2.12 -32.96
N ARG F 118 -27.31 -3.30 -32.49
CA ARG F 118 -27.47 -3.78 -31.12
C ARG F 118 -26.80 -2.84 -30.11
N CYS F 119 -27.56 -2.42 -29.09
CA CYS F 119 -27.09 -1.49 -28.05
C CYS F 119 -27.05 -2.16 -26.72
N SER F 120 -25.91 -2.08 -26.00
CA SER F 120 -25.68 -2.68 -24.67
C SER F 120 -25.77 -1.67 -23.56
N LEU F 121 -26.91 -1.60 -22.85
CA LEU F 121 -27.17 -0.63 -21.79
C LEU F 121 -26.69 -1.15 -20.44
N VAL F 122 -25.57 -0.59 -19.94
CA VAL F 122 -24.94 -1.00 -18.68
C VAL F 122 -25.68 -0.46 -17.49
N GLY F 123 -25.95 -1.32 -16.52
CA GLY F 123 -26.63 -0.95 -15.29
C GLY F 123 -25.97 -1.52 -14.06
N HIS F 124 -26.47 -1.12 -12.89
CA HIS F 124 -25.95 -1.51 -11.60
C HIS F 124 -27.12 -1.86 -10.72
N MET F 125 -26.91 -2.82 -9.83
CA MET F 125 -27.86 -3.33 -8.85
C MET F 125 -27.57 -2.65 -7.52
N VAL F 126 -28.56 -1.97 -6.93
CA VAL F 126 -28.47 -1.26 -5.63
C VAL F 126 -27.98 -2.17 -4.53
N GLY F 127 -27.09 -1.65 -3.66
CA GLY F 127 -26.61 -2.35 -2.47
C GLY F 127 -25.32 -3.13 -2.52
N GLY F 128 -24.74 -3.24 -3.70
CA GLY F 128 -23.49 -4.01 -3.83
C GLY F 128 -22.68 -3.59 -5.02
N TRP F 129 -21.78 -4.44 -5.47
CA TRP F 129 -20.89 -4.10 -6.60
C TRP F 129 -21.36 -4.65 -7.95
N ASN F 130 -22.58 -5.20 -8.03
CA ASN F 130 -23.07 -5.91 -9.21
C ASN F 130 -23.54 -5.09 -10.40
N ALA F 131 -23.00 -5.44 -11.56
CA ALA F 131 -23.39 -4.80 -12.80
C ALA F 131 -24.07 -5.79 -13.73
N PHE F 132 -24.82 -5.25 -14.68
CA PHE F 132 -25.46 -6.06 -15.72
C PHE F 132 -25.52 -5.21 -16.98
N HIS F 133 -26.01 -5.80 -18.05
CA HIS F 133 -26.37 -5.04 -19.23
C HIS F 133 -27.57 -5.64 -19.87
N ILE F 134 -28.36 -4.79 -20.51
CA ILE F 134 -29.53 -5.17 -21.28
C ILE F 134 -29.24 -4.80 -22.74
N ASP F 135 -29.37 -5.75 -23.65
CA ASP F 135 -29.21 -5.45 -25.08
C ASP F 135 -30.51 -5.08 -25.70
N ILE F 136 -30.55 -3.97 -26.45
CA ILE F 136 -31.72 -3.61 -27.23
C ILE F 136 -31.31 -3.92 -28.68
N PRO F 137 -31.73 -5.07 -29.26
CA PRO F 137 -31.45 -5.30 -30.70
C PRO F 137 -32.42 -4.47 -31.54
N SER F 138 -32.28 -4.45 -32.90
CA SER F 138 -33.19 -3.67 -33.75
C SER F 138 -34.67 -4.13 -33.68
N SER F 139 -34.91 -5.34 -33.22
CA SER F 139 -36.26 -5.88 -33.02
C SER F 139 -36.95 -5.29 -31.79
N GLY F 140 -36.18 -4.84 -30.79
CA GLY F 140 -36.72 -4.28 -29.56
C GLY F 140 -37.09 -5.33 -28.55
N VAL F 141 -36.75 -6.61 -28.83
CA VAL F 141 -36.97 -7.72 -27.91
C VAL F 141 -35.69 -7.74 -27.12
N CYS F 142 -35.68 -7.02 -25.98
CA CYS F 142 -34.51 -6.89 -25.15
C CYS F 142 -34.03 -8.17 -24.55
N GLN F 143 -32.71 -8.30 -24.36
CA GLN F 143 -32.06 -9.47 -23.78
C GLN F 143 -31.29 -9.07 -22.50
N TRP F 144 -31.42 -9.90 -21.45
CA TRP F 144 -30.75 -9.70 -20.19
C TRP F 144 -29.40 -10.44 -20.22
N PHE F 145 -28.29 -9.69 -20.05
CA PHE F 145 -26.96 -10.26 -20.05
C PHE F 145 -26.24 -10.29 -18.70
N GLY F 146 -27.02 -10.28 -17.62
CA GLY F 146 -26.50 -10.52 -16.29
C GLY F 146 -26.62 -12.03 -16.05
N PRO F 147 -26.38 -12.53 -14.83
CA PRO F 147 -26.57 -13.98 -14.63
C PRO F 147 -28.05 -14.24 -14.31
N THR F 148 -28.42 -15.49 -13.94
CA THR F 148 -29.79 -15.83 -13.57
C THR F 148 -30.04 -15.06 -12.27
N ALA F 149 -31.04 -14.17 -12.29
CA ALA F 149 -31.37 -13.30 -11.15
C ALA F 149 -32.86 -13.39 -10.82
N SER F 150 -33.22 -13.25 -9.55
CA SER F 150 -34.61 -13.35 -9.12
C SER F 150 -34.98 -12.24 -8.16
N SER F 151 -34.05 -11.30 -7.88
CA SER F 151 -34.27 -10.15 -6.99
C SER F 151 -33.26 -9.02 -7.25
N GLY F 152 -33.56 -7.84 -6.71
CA GLY F 152 -32.70 -6.69 -6.78
C GLY F 152 -33.34 -5.49 -7.45
N THR F 153 -32.67 -4.33 -7.31
CA THR F 153 -33.06 -3.04 -7.84
C THR F 153 -32.14 -2.59 -8.96
N PRO F 154 -32.57 -2.74 -10.25
CA PRO F 154 -31.70 -2.32 -11.38
C PRO F 154 -31.82 -0.83 -11.70
N ARG F 155 -30.67 -0.17 -11.92
CA ARG F 155 -30.61 1.27 -12.21
C ARG F 155 -29.53 1.57 -13.23
N GLY F 156 -29.73 2.64 -13.99
CA GLY F 156 -28.79 3.09 -15.01
C GLY F 156 -29.42 4.10 -15.93
N THR F 157 -28.76 5.23 -16.16
CA THR F 157 -29.21 6.34 -17.01
C THR F 157 -28.11 6.61 -18.01
N GLY F 158 -28.49 6.75 -19.27
CA GLY F 158 -27.57 7.04 -20.35
C GLY F 158 -28.29 7.33 -21.64
N THR F 159 -27.61 7.08 -22.78
CA THR F 159 -28.14 7.26 -24.14
C THR F 159 -27.69 6.16 -25.12
N TYR F 160 -28.42 6.03 -26.25
CA TYR F 160 -28.07 5.15 -27.36
C TYR F 160 -28.54 5.78 -28.67
N PRO F 161 -27.86 5.57 -29.79
CA PRO F 161 -28.31 6.19 -31.04
C PRO F 161 -29.37 5.44 -31.85
N ILE F 162 -30.15 6.22 -32.61
CA ILE F 162 -31.23 5.86 -33.54
C ILE F 162 -30.96 6.63 -34.85
N ASP F 163 -31.83 6.48 -35.90
CA ASP F 163 -31.69 7.23 -37.18
C ASP F 163 -32.96 7.47 -38.05
N HIS F 164 -32.98 8.68 -38.69
CA HIS F 164 -34.00 9.21 -39.60
C HIS F 164 -33.48 10.50 -40.27
N ALA G 2 -29.69 78.04 -3.22
CA ALA G 2 -29.04 79.25 -3.76
C ALA G 2 -29.80 80.53 -3.42
N SER G 3 -29.06 81.65 -3.34
CA SER G 3 -29.62 82.98 -3.07
C SER G 3 -29.98 83.64 -4.40
N ILE G 4 -31.31 83.79 -4.65
CA ILE G 4 -31.84 84.37 -5.88
C ILE G 4 -32.65 85.64 -5.61
N LYS G 5 -32.65 86.56 -6.58
CA LYS G 5 -33.40 87.83 -6.52
C LYS G 5 -34.77 87.67 -7.17
N LYS G 6 -35.77 88.43 -6.70
CA LYS G 6 -37.13 88.37 -7.22
C LYS G 6 -37.23 88.95 -8.62
N VAL G 7 -38.06 88.32 -9.47
CA VAL G 7 -38.31 88.74 -10.85
C VAL G 7 -39.78 89.16 -11.08
N TYR G 8 -39.99 90.46 -11.29
CA TYR G 8 -41.31 91.09 -11.41
C TYR G 8 -41.46 91.98 -12.65
N ARG G 9 -42.70 92.15 -13.12
CA ARG G 9 -43.06 92.99 -14.27
C ARG G 9 -42.75 94.47 -13.92
N GLY G 10 -42.10 95.16 -14.85
CA GLY G 10 -41.69 96.56 -14.71
C GLY G 10 -40.31 96.72 -14.11
N MET G 11 -39.65 95.61 -13.78
CA MET G 11 -38.30 95.54 -13.21
C MET G 11 -37.25 96.26 -14.06
N LYS G 12 -36.19 96.69 -13.40
CA LYS G 12 -35.02 97.36 -13.93
C LYS G 12 -33.94 96.28 -14.01
N ASN G 13 -33.12 96.29 -15.07
CA ASN G 13 -32.06 95.27 -15.30
C ASN G 13 -32.61 93.81 -15.17
N GLY G 14 -33.78 93.58 -15.76
CA GLY G 14 -34.50 92.33 -15.71
C GLY G 14 -33.78 91.11 -16.24
N ALA G 15 -33.13 91.23 -17.41
CA ALA G 15 -32.38 90.14 -18.06
C ALA G 15 -31.15 89.75 -17.24
N GLU G 16 -30.42 90.76 -16.76
CA GLU G 16 -29.20 90.62 -15.97
C GLU G 16 -29.50 89.92 -14.65
N THR G 17 -30.67 90.19 -14.05
CA THR G 17 -31.16 89.54 -12.82
C THR G 17 -31.44 88.06 -13.07
N ILE G 18 -32.20 87.74 -14.15
CA ILE G 18 -32.55 86.37 -14.54
C ILE G 18 -31.26 85.56 -14.72
N ASN G 19 -30.30 86.13 -15.46
CA ASN G 19 -28.99 85.54 -15.74
C ASN G 19 -28.20 85.27 -14.45
N ASP G 20 -28.15 86.22 -13.51
CA ASP G 20 -27.47 86.03 -12.23
C ASP G 20 -28.14 84.92 -11.42
N ASP G 21 -29.49 84.96 -11.33
CA ASP G 21 -30.30 83.94 -10.66
C ASP G 21 -30.08 82.56 -11.29
N LEU G 22 -30.06 82.47 -12.64
CA LEU G 22 -29.85 81.19 -13.32
C LEU G 22 -28.47 80.61 -13.01
N GLU G 23 -27.44 81.48 -12.97
CA GLU G 23 -26.06 81.10 -12.66
C GLU G 23 -25.86 80.68 -11.21
N ALA G 24 -26.53 81.34 -10.25
CA ALA G 24 -26.44 81.01 -8.83
C ALA G 24 -26.94 79.59 -8.60
N ILE G 25 -28.11 79.25 -9.22
CA ILE G 25 -28.76 77.93 -9.18
C ILE G 25 -27.86 76.89 -9.85
N ASN G 26 -27.37 77.20 -11.07
CA ASN G 26 -26.52 76.30 -11.86
C ASN G 26 -25.23 75.93 -11.18
N SER G 27 -24.64 76.87 -10.43
CA SER G 27 -23.41 76.68 -9.66
C SER G 27 -23.61 75.54 -8.64
N GLU G 28 -24.78 75.49 -8.01
CA GLU G 28 -25.11 74.49 -6.99
C GLU G 28 -25.35 73.10 -7.55
N LEU G 29 -25.41 72.96 -8.89
CA LEU G 29 -25.56 71.67 -9.56
C LEU G 29 -24.17 71.04 -9.80
N THR G 30 -23.08 71.80 -9.54
CA THR G 30 -21.70 71.33 -9.70
C THR G 30 -20.94 71.22 -8.36
N SER G 31 -21.08 72.22 -7.47
CA SER G 31 -20.44 72.24 -6.14
C SER G 31 -21.20 73.15 -5.17
N GLY G 32 -20.90 73.00 -3.89
CA GLY G 32 -21.48 73.81 -2.83
C GLY G 32 -22.95 73.60 -2.55
N GLY G 33 -23.52 74.51 -1.77
CA GLY G 33 -24.92 74.49 -1.38
C GLY G 33 -25.23 73.29 -0.51
N ASN G 34 -26.51 72.90 -0.46
CA ASN G 34 -26.96 71.78 0.35
C ASN G 34 -27.16 70.52 -0.48
N VAL G 35 -26.53 70.47 -1.67
CA VAL G 35 -26.66 69.32 -2.56
C VAL G 35 -25.42 68.40 -2.56
N VAL G 36 -25.64 67.09 -2.60
CA VAL G 36 -24.56 66.09 -2.64
C VAL G 36 -24.15 65.90 -4.11
N HIS G 37 -22.86 66.06 -4.38
CA HIS G 37 -22.30 65.96 -5.73
C HIS G 37 -21.47 64.69 -6.01
N LYS G 38 -21.29 64.40 -7.32
CA LYS G 38 -20.52 63.28 -7.83
C LYS G 38 -19.03 63.58 -7.84
N THR G 39 -18.60 64.73 -7.26
CA THR G 39 -17.20 65.18 -7.12
C THR G 39 -17.02 65.97 -5.81
N GLY G 40 -15.77 66.15 -5.39
CA GLY G 40 -15.38 66.90 -4.20
C GLY G 40 -15.68 66.27 -2.86
N ASP G 41 -14.96 66.72 -1.84
CA ASP G 41 -15.09 66.27 -0.46
C ASP G 41 -16.28 66.96 0.17
N GLU G 42 -17.24 66.18 0.70
CA GLU G 42 -18.47 66.75 1.27
C GLU G 42 -18.87 66.10 2.57
N THR G 43 -19.44 66.90 3.50
CA THR G 43 -19.95 66.44 4.79
C THR G 43 -21.47 66.36 4.67
N ILE G 44 -22.04 65.19 4.98
CA ILE G 44 -23.46 64.90 4.83
C ILE G 44 -24.08 64.51 6.18
N ALA G 45 -25.23 65.18 6.54
CA ALA G 45 -25.95 64.95 7.80
C ALA G 45 -27.34 64.35 7.56
N GLY G 46 -27.89 63.65 8.55
CA GLY G 46 -29.21 63.04 8.51
C GLY G 46 -29.20 61.56 8.25
N LYS G 47 -30.32 60.87 8.54
CA LYS G 47 -30.46 59.42 8.33
C LYS G 47 -30.54 59.14 6.83
N LYS G 48 -29.43 58.68 6.25
CA LYS G 48 -29.39 58.33 4.83
C LYS G 48 -29.65 56.84 4.70
N THR G 49 -30.82 56.48 4.14
CA THR G 49 -31.20 55.10 3.91
C THR G 49 -31.02 54.76 2.45
N PHE G 50 -30.13 53.80 2.16
CA PHE G 50 -29.85 53.31 0.83
C PHE G 50 -30.61 52.01 0.67
N THR G 51 -31.60 51.97 -0.24
CA THR G 51 -32.43 50.78 -0.45
C THR G 51 -31.84 49.78 -1.44
N GLY G 52 -30.86 50.23 -2.21
CA GLY G 52 -30.19 49.41 -3.21
C GLY G 52 -28.81 49.00 -2.74
N ASN G 53 -28.00 48.54 -3.69
CA ASN G 53 -26.64 48.11 -3.38
C ASN G 53 -25.71 49.32 -3.38
N VAL G 54 -24.79 49.35 -2.43
CA VAL G 54 -23.79 50.42 -2.33
C VAL G 54 -22.42 49.75 -2.56
N GLU G 55 -21.60 50.34 -3.41
CA GLU G 55 -20.25 49.84 -3.69
C GLU G 55 -19.28 50.93 -3.28
N VAL G 56 -18.18 50.55 -2.62
CA VAL G 56 -17.13 51.49 -2.22
C VAL G 56 -15.83 51.00 -2.82
N ASN G 57 -15.19 51.80 -3.66
CA ASN G 57 -13.95 51.44 -4.35
C ASN G 57 -12.75 51.93 -3.59
N GLY G 58 -12.94 52.95 -2.75
CA GLY G 58 -11.89 53.51 -1.89
C GLY G 58 -11.97 52.89 -0.52
N SER G 59 -11.65 53.66 0.52
CA SER G 59 -11.73 53.14 1.89
C SER G 59 -13.07 53.43 2.53
N LEU G 60 -13.50 52.58 3.46
CA LEU G 60 -14.72 52.78 4.25
C LEU G 60 -14.29 52.87 5.72
N THR G 61 -14.13 54.12 6.21
CA THR G 61 -13.71 54.41 7.57
C THR G 61 -14.91 54.54 8.50
N LEU G 62 -14.91 53.76 9.59
CA LEU G 62 -15.94 53.76 10.61
C LEU G 62 -15.35 54.28 11.93
N PRO G 63 -16.15 54.50 13.01
CA PRO G 63 -15.55 55.02 14.26
C PRO G 63 -14.67 53.97 14.92
N THR G 64 -13.40 54.34 15.18
CA THR G 64 -12.38 53.47 15.75
C THR G 64 -11.95 53.91 17.17
N LYS G 65 -11.66 52.94 18.02
CA LYS G 65 -11.12 53.14 19.36
C LYS G 65 -10.31 51.91 19.75
N SER G 66 -9.15 52.13 20.33
CA SER G 66 -8.22 51.08 20.76
C SER G 66 -8.02 51.09 22.27
N TRP G 67 -7.62 49.93 22.82
CA TRP G 67 -7.33 49.73 24.24
C TRP G 67 -6.49 48.50 24.37
N SER G 68 -5.56 48.52 25.33
CA SER G 68 -4.74 47.38 25.65
C SER G 68 -4.46 47.38 27.15
N GLY G 69 -4.55 46.24 27.78
CA GLY G 69 -4.27 46.13 29.21
C GLY G 69 -3.94 44.73 29.65
N GLU G 70 -3.30 44.61 30.83
CA GLU G 70 -3.02 43.31 31.42
C GLU G 70 -4.26 42.86 32.21
N LEU G 71 -4.93 41.79 31.73
CA LEU G 71 -6.15 41.27 32.36
C LEU G 71 -5.88 40.68 33.73
N GLY G 72 -4.75 40.00 33.84
CA GLY G 72 -4.31 39.31 35.05
C GLY G 72 -3.42 38.15 34.68
N GLY G 73 -2.50 37.80 35.59
CA GLY G 73 -1.56 36.71 35.42
C GLY G 73 -0.51 36.93 34.33
N GLY G 74 -0.42 38.15 33.84
CA GLY G 74 0.53 38.52 32.79
C GLY G 74 -0.07 38.46 31.40
N ILE G 75 -1.38 38.15 31.30
CA ILE G 75 -2.05 38.04 30.00
C ILE G 75 -2.45 39.43 29.59
N ILE G 76 -2.12 39.80 28.34
CA ILE G 76 -2.42 41.11 27.76
C ILE G 76 -3.48 40.95 26.69
N LEU G 77 -4.48 41.83 26.71
CA LEU G 77 -5.52 41.83 25.69
C LEU G 77 -5.52 43.18 25.03
N SER G 78 -5.26 43.18 23.72
CA SER G 78 -5.23 44.38 22.88
C SER G 78 -6.43 44.37 21.97
N LEU G 79 -7.21 45.44 22.00
CA LEU G 79 -8.47 45.58 21.30
C LEU G 79 -8.50 46.78 20.42
N ARG G 80 -9.30 46.69 19.33
CA ARG G 80 -9.61 47.77 18.40
C ARG G 80 -11.03 47.59 17.94
N LYS G 81 -11.87 48.58 18.26
CA LYS G 81 -13.30 48.61 17.93
C LYS G 81 -13.43 49.33 16.61
N LYS G 82 -14.00 48.69 15.60
CA LYS G 82 -14.28 49.27 14.29
C LYS G 82 -15.75 49.00 14.05
N GLY G 83 -16.58 50.01 14.31
CA GLY G 83 -18.03 49.86 14.18
C GLY G 83 -18.55 48.95 15.26
N THR G 84 -19.17 47.83 14.85
CA THR G 84 -19.76 46.85 15.77
C THR G 84 -18.92 45.56 15.94
N THR G 85 -17.63 45.66 15.62
CA THR G 85 -16.70 44.55 15.68
C THR G 85 -15.49 44.97 16.47
N VAL G 86 -15.02 44.07 17.34
CA VAL G 86 -13.82 44.27 18.13
C VAL G 86 -12.82 43.28 17.65
N GLU G 87 -11.67 43.79 17.23
CA GLU G 87 -10.54 43.02 16.79
C GLU G 87 -9.71 42.81 18.03
N TYR G 88 -9.44 41.56 18.42
CA TYR G 88 -8.62 41.26 19.58
C TYR G 88 -7.28 40.60 19.22
N SER G 89 -6.34 40.66 20.16
CA SER G 89 -5.05 39.99 20.11
C SER G 89 -4.65 39.64 21.55
N ILE G 90 -4.45 38.35 21.84
CA ILE G 90 -4.01 37.86 23.15
C ILE G 90 -2.46 37.92 23.12
N GLY G 91 -1.90 38.52 24.16
CA GLY G 91 -0.46 38.67 24.30
C GLY G 91 0.03 38.43 25.71
N GLY G 92 1.27 38.83 25.98
CA GLY G 92 1.89 38.65 27.29
C GLY G 92 2.53 37.30 27.52
N GLU G 93 2.79 37.02 28.78
CA GLU G 93 3.40 35.81 29.29
C GLU G 93 2.84 35.55 30.65
N ILE G 94 2.39 34.30 30.91
CA ILE G 94 1.85 33.90 32.21
C ILE G 94 2.97 34.03 33.24
N SER G 95 2.84 35.01 34.15
CA SER G 95 3.80 35.43 35.17
C SER G 95 3.45 35.02 36.62
N SER G 96 2.27 34.42 36.83
CA SER G 96 1.80 33.94 38.14
C SER G 96 0.78 32.83 37.95
N SER G 97 0.36 32.17 39.04
CA SER G 97 -0.62 31.08 38.98
C SER G 97 -2.02 31.57 38.61
N ILE G 98 -2.56 31.09 37.47
CA ILE G 98 -3.91 31.42 37.01
C ILE G 98 -4.72 30.16 37.21
N LEU G 99 -5.64 30.18 38.18
CA LEU G 99 -6.46 29.01 38.49
C LEU G 99 -7.47 28.74 37.40
N ALA G 100 -7.79 27.47 37.19
CA ALA G 100 -8.79 27.04 36.23
C ALA G 100 -10.13 27.71 36.56
N ASN G 101 -10.80 28.28 35.54
CA ASN G 101 -12.12 28.90 35.59
C ASN G 101 -12.20 30.19 36.39
N SER G 102 -11.03 30.79 36.70
CA SER G 102 -10.88 32.03 37.47
C SER G 102 -11.04 33.34 36.68
N ASN G 103 -11.47 34.40 37.38
CA ASN G 103 -11.63 35.73 36.83
C ASN G 103 -10.27 36.42 36.82
N LEU G 104 -10.00 37.16 35.74
CA LEU G 104 -8.75 37.90 35.57
C LEU G 104 -9.09 39.30 36.05
N VAL G 105 -8.57 39.63 37.23
CA VAL G 105 -8.95 40.84 37.97
C VAL G 105 -7.99 42.03 38.01
N ASN G 106 -6.87 41.99 37.26
CA ASN G 106 -5.96 43.14 37.25
C ASN G 106 -6.58 44.36 36.53
N ARG G 107 -7.26 44.15 35.39
CA ARG G 107 -7.92 45.21 34.62
C ARG G 107 -9.14 44.62 33.95
N SER G 108 -10.18 45.41 33.80
CA SER G 108 -11.43 45.06 33.15
C SER G 108 -11.44 45.61 31.74
N VAL G 109 -12.20 44.98 30.87
CA VAL G 109 -12.32 45.47 29.51
C VAL G 109 -13.30 46.68 29.57
N PRO G 110 -12.89 47.85 29.02
CA PRO G 110 -13.80 49.02 29.04
C PRO G 110 -15.18 48.74 28.46
N ASN G 111 -16.21 49.36 29.02
CA ASN G 111 -17.60 49.13 28.61
C ASN G 111 -17.86 49.26 27.09
N GLU G 112 -17.11 50.17 26.45
CA GLU G 112 -17.24 50.41 25.01
C GLU G 112 -16.80 49.22 24.14
N PHE G 113 -16.00 48.29 24.69
CA PHE G 113 -15.51 47.07 24.02
C PHE G 113 -16.19 45.82 24.56
N CYS G 114 -17.27 45.94 25.36
CA CYS G 114 -17.95 44.81 25.99
C CYS G 114 -19.06 44.24 25.19
N PRO G 115 -19.09 42.90 25.02
CA PRO G 115 -20.18 42.30 24.24
C PRO G 115 -21.49 42.28 25.02
N ARG G 116 -22.60 42.09 24.34
CA ARG G 116 -23.94 41.99 24.93
C ARG G 116 -24.01 40.65 25.67
N ASN G 117 -23.52 39.59 25.02
CA ASN G 117 -23.45 38.22 25.50
C ASN G 117 -21.97 37.78 25.60
N ARG G 118 -21.73 36.76 26.39
CA ARG G 118 -20.43 36.13 26.64
C ARG G 118 -19.74 35.65 25.31
N CYS G 119 -18.46 36.05 25.11
CA CYS G 119 -17.63 35.71 23.95
C CYS G 119 -16.44 34.88 24.38
N SER G 120 -16.22 33.74 23.71
CA SER G 120 -15.11 32.84 24.02
C SER G 120 -13.96 33.01 23.02
N LEU G 121 -12.88 33.65 23.46
CA LEU G 121 -11.71 33.92 22.63
C LEU G 121 -10.70 32.78 22.76
N VAL G 122 -10.60 31.97 21.69
CA VAL G 122 -9.73 30.79 21.61
C VAL G 122 -8.29 31.21 21.36
N GLY G 123 -7.39 30.64 22.15
CA GLY G 123 -5.97 30.94 22.05
C GLY G 123 -5.11 29.69 22.06
N HIS G 124 -3.82 29.87 21.78
CA HIS G 124 -2.84 28.80 21.77
C HIS G 124 -1.62 29.22 22.57
N MET G 125 -0.97 28.25 23.22
CA MET G 125 0.25 28.42 23.99
C MET G 125 1.42 28.03 23.09
N VAL G 126 2.39 28.94 22.90
CA VAL G 126 3.62 28.72 22.12
C VAL G 126 4.40 27.44 22.52
N GLY G 127 4.89 26.68 21.53
CA GLY G 127 5.75 25.53 21.76
C GLY G 127 5.17 24.14 21.97
N GLY G 128 3.84 24.01 21.96
CA GLY G 128 3.17 22.73 22.12
C GLY G 128 1.82 22.69 21.40
N TRP G 129 0.97 21.77 21.83
CA TRP G 129 -0.35 21.59 21.24
C TRP G 129 -1.49 22.19 22.11
N ASN G 130 -1.12 22.99 23.13
CA ASN G 130 -2.08 23.52 24.10
C ASN G 130 -2.92 24.71 23.70
N ALA G 131 -4.23 24.56 23.86
CA ALA G 131 -5.21 25.62 23.61
C ALA G 131 -5.95 25.99 24.89
N PHE G 132 -6.45 27.21 24.93
CA PHE G 132 -7.23 27.72 26.05
C PHE G 132 -8.28 28.63 25.45
N HIS G 133 -9.11 29.20 26.33
CA HIS G 133 -10.03 30.25 25.93
C HIS G 133 -10.28 31.19 27.09
N ILE G 134 -10.50 32.45 26.76
CA ILE G 134 -10.81 33.51 27.70
C ILE G 134 -12.17 34.01 27.32
N ASP G 135 -13.10 34.01 28.28
CA ASP G 135 -14.45 34.53 28.05
C ASP G 135 -14.44 36.01 28.40
N ILE G 136 -15.09 36.83 27.57
CA ILE G 136 -15.32 38.22 27.86
C ILE G 136 -16.83 38.28 28.12
N PRO G 137 -17.28 38.48 29.40
CA PRO G 137 -18.73 38.62 29.64
C PRO G 137 -19.13 40.08 29.44
N SER G 138 -20.42 40.41 29.59
CA SER G 138 -20.89 41.79 29.42
C SER G 138 -20.23 42.79 30.35
N SER G 139 -19.81 42.36 31.56
CA SER G 139 -19.15 43.17 32.58
C SER G 139 -17.70 43.55 32.26
N GLY G 140 -17.03 42.77 31.42
CA GLY G 140 -15.65 43.04 31.03
C GLY G 140 -14.63 42.35 31.91
N VAL G 141 -15.10 41.63 32.95
CA VAL G 141 -14.22 40.89 33.85
C VAL G 141 -13.98 39.53 33.21
N CYS G 142 -12.88 39.42 32.46
CA CYS G 142 -12.51 38.21 31.74
C CYS G 142 -12.29 37.00 32.61
N GLN G 143 -12.63 35.83 32.07
CA GLN G 143 -12.48 34.55 32.77
C GLN G 143 -11.57 33.60 31.99
N TRP G 144 -10.65 32.91 32.68
CA TRP G 144 -9.71 31.97 32.10
C TRP G 144 -10.31 30.56 32.13
N PHE G 145 -10.47 29.94 30.94
CA PHE G 145 -11.02 28.60 30.84
C PHE G 145 -10.09 27.47 30.47
N GLY G 146 -8.80 27.70 30.66
CA GLY G 146 -7.79 26.67 30.51
C GLY G 146 -7.66 26.02 31.87
N PRO G 147 -6.70 25.08 32.07
CA PRO G 147 -6.53 24.52 33.41
C PRO G 147 -5.69 25.48 34.26
N THR G 148 -5.32 25.08 35.49
CA THR G 148 -4.45 25.92 36.31
C THR G 148 -3.08 25.99 35.58
N ALA G 149 -2.63 27.22 35.30
CA ALA G 149 -1.38 27.46 34.60
C ALA G 149 -0.55 28.52 35.32
N SER G 150 0.78 28.38 35.29
CA SER G 150 1.72 29.28 35.96
C SER G 150 2.88 29.75 35.06
N SER G 151 2.87 29.32 33.78
CA SER G 151 3.87 29.73 32.80
C SER G 151 3.33 29.56 31.37
N GLY G 152 4.04 30.13 30.39
CA GLY G 152 3.68 30.02 28.99
C GLY G 152 3.38 31.32 28.27
N THR G 153 3.30 31.24 26.94
CA THR G 153 3.08 32.36 26.03
C THR G 153 1.71 32.28 25.33
N PRO G 154 0.70 33.05 25.83
CA PRO G 154 -0.64 32.99 25.22
C PRO G 154 -0.75 33.86 23.97
N ARG G 155 -1.32 33.27 22.88
CA ARG G 155 -1.49 33.96 21.60
C ARG G 155 -2.83 33.66 20.94
N GLY G 156 -3.29 34.56 20.10
CA GLY G 156 -4.55 34.42 19.39
C GLY G 156 -5.08 35.74 18.90
N THR G 157 -5.43 35.81 17.63
CA THR G 157 -5.97 36.99 16.94
C THR G 157 -7.31 36.63 16.30
N GLY G 158 -8.29 37.49 16.48
CA GLY G 158 -9.60 37.30 15.88
C GLY G 158 -10.51 38.47 16.13
N THR G 159 -11.83 38.24 16.15
CA THR G 159 -12.84 39.27 16.39
C THR G 159 -14.03 38.73 17.22
N TYR G 160 -14.79 39.67 17.84
CA TYR G 160 -16.04 39.35 18.55
C TYR G 160 -17.00 40.51 18.30
N PRO G 161 -18.35 40.30 18.35
CA PRO G 161 -19.27 41.41 18.10
C PRO G 161 -19.67 42.23 19.32
N ILE G 162 -19.95 43.52 19.05
CA ILE G 162 -20.43 44.57 19.96
C ILE G 162 -21.68 45.23 19.32
N ASP G 163 -22.34 46.20 20.00
CA ASP G 163 -23.49 46.89 19.43
C ASP G 163 -23.74 48.34 19.82
N HIS G 164 -24.36 49.12 18.90
CA HIS G 164 -24.83 50.50 18.98
C HIS G 164 -25.36 50.99 17.63
N ALA H 2 -25.50 72.16 -15.24
CA ALA H 2 -26.02 72.13 -16.59
C ALA H 2 -25.31 73.13 -17.47
N SER H 3 -25.44 72.94 -18.81
CA SER H 3 -24.89 73.85 -19.80
C SER H 3 -26.00 74.80 -20.17
N ILE H 4 -25.86 76.05 -19.74
CA ILE H 4 -26.84 77.11 -19.97
C ILE H 4 -26.24 78.24 -20.79
N LYS H 5 -27.10 78.92 -21.57
CA LYS H 5 -26.71 80.05 -22.41
C LYS H 5 -26.93 81.35 -21.65
N LYS H 6 -26.12 82.38 -21.97
CA LYS H 6 -26.23 83.70 -21.36
C LYS H 6 -27.59 84.35 -21.70
N VAL H 7 -28.19 85.01 -20.72
CA VAL H 7 -29.44 85.77 -20.82
C VAL H 7 -29.01 87.24 -20.69
N TYR H 8 -29.31 88.07 -21.70
CA TYR H 8 -28.86 89.46 -21.71
C TYR H 8 -29.81 90.43 -22.38
N ARG H 9 -29.66 91.76 -22.05
CA ARG H 9 -30.45 92.86 -22.59
C ARG H 9 -30.35 92.89 -24.11
N GLY H 10 -31.49 92.95 -24.78
CA GLY H 10 -31.57 93.01 -26.24
C GLY H 10 -31.40 91.70 -26.98
N MET H 11 -31.31 90.58 -26.27
CA MET H 11 -31.14 89.29 -26.94
C MET H 11 -32.37 88.89 -27.77
N LYS H 12 -32.12 88.32 -28.95
CA LYS H 12 -33.12 87.88 -29.91
C LYS H 12 -34.18 86.93 -29.35
N ASN H 13 -33.75 85.79 -28.78
CA ASN H 13 -34.67 84.81 -28.25
C ASN H 13 -34.62 84.73 -26.71
N GLY H 14 -35.03 85.81 -26.07
CA GLY H 14 -35.07 85.93 -24.61
C GLY H 14 -35.90 84.86 -23.94
N ALA H 15 -37.20 84.81 -24.23
CA ALA H 15 -38.15 83.86 -23.68
C ALA H 15 -37.76 82.40 -23.95
N GLU H 16 -37.24 82.10 -25.14
CA GLU H 16 -36.83 80.74 -25.53
C GLU H 16 -35.57 80.33 -24.81
N THR H 17 -34.61 81.26 -24.61
CA THR H 17 -33.37 80.96 -23.91
C THR H 17 -33.66 80.77 -22.44
N ILE H 18 -34.47 81.66 -21.84
CA ILE H 18 -34.85 81.52 -20.42
C ILE H 18 -35.47 80.13 -20.21
N ASN H 19 -36.44 79.75 -21.09
CA ASN H 19 -37.11 78.46 -21.02
C ASN H 19 -36.14 77.29 -21.11
N ASP H 20 -35.28 77.26 -22.14
CA ASP H 20 -34.30 76.22 -22.35
C ASP H 20 -33.30 76.09 -21.20
N ASP H 21 -32.88 77.24 -20.61
CA ASP H 21 -32.00 77.32 -19.45
C ASP H 21 -32.68 76.74 -18.22
N LEU H 22 -33.98 77.06 -18.01
CA LEU H 22 -34.74 76.52 -16.87
C LEU H 22 -34.91 74.99 -16.99
N GLU H 23 -35.19 74.50 -18.22
CA GLU H 23 -35.35 73.08 -18.48
C GLU H 23 -34.04 72.28 -18.34
N ALA H 24 -32.88 72.86 -18.77
CA ALA H 24 -31.56 72.22 -18.66
C ALA H 24 -31.21 72.04 -17.18
N ILE H 25 -31.47 73.08 -16.36
CA ILE H 25 -31.25 73.09 -14.92
C ILE H 25 -32.19 72.08 -14.25
N ASN H 26 -33.49 72.15 -14.58
CA ASN H 26 -34.51 71.28 -14.00
C ASN H 26 -34.24 69.81 -14.25
N SER H 27 -33.67 69.48 -15.43
CA SER H 27 -33.33 68.11 -15.82
C SER H 27 -32.33 67.52 -14.80
N GLU H 28 -31.33 68.32 -14.37
CA GLU H 28 -30.31 67.91 -13.41
C GLU H 28 -30.84 67.72 -11.99
N LEU H 29 -32.13 68.02 -11.75
CA LEU H 29 -32.75 67.82 -10.45
C LEU H 29 -33.44 66.44 -10.41
N THR H 30 -33.44 65.71 -11.54
CA THR H 30 -34.01 64.36 -11.64
C THR H 30 -32.95 63.31 -11.98
N SER H 31 -32.05 63.61 -12.92
CA SER H 31 -30.97 62.70 -13.33
C SER H 31 -29.81 63.48 -13.96
N GLY H 32 -28.66 62.81 -14.10
CA GLY H 32 -27.48 63.37 -14.73
C GLY H 32 -26.79 64.48 -13.95
N GLY H 33 -25.87 65.14 -14.65
CA GLY H 33 -25.07 66.23 -14.10
C GLY H 33 -24.13 65.75 -13.03
N ASN H 34 -23.73 66.67 -12.12
CA ASN H 34 -22.82 66.36 -11.04
C ASN H 34 -23.59 66.16 -9.73
N VAL H 35 -24.91 66.02 -9.80
CA VAL H 35 -25.73 65.87 -8.60
C VAL H 35 -26.08 64.42 -8.27
N VAL H 36 -26.06 64.08 -6.97
CA VAL H 36 -26.43 62.74 -6.49
C VAL H 36 -27.95 62.71 -6.31
N HIS H 37 -28.61 61.71 -6.89
CA HIS H 37 -30.07 61.58 -6.88
C HIS H 37 -30.58 60.46 -6.01
N LYS H 38 -31.88 60.51 -5.70
CA LYS H 38 -32.60 59.50 -4.93
C LYS H 38 -33.04 58.29 -5.78
N THR H 39 -32.56 58.21 -7.06
CA THR H 39 -32.82 57.13 -8.03
C THR H 39 -31.60 56.92 -8.93
N GLY H 40 -31.55 55.76 -9.60
CA GLY H 40 -30.53 55.40 -10.59
C GLY H 40 -29.13 55.09 -10.11
N ASP H 41 -28.35 54.41 -10.98
CA ASP H 41 -26.97 54.02 -10.72
C ASP H 41 -26.07 55.20 -10.98
N GLU H 42 -25.29 55.60 -9.98
CA GLU H 42 -24.40 56.76 -10.10
C GLU H 42 -23.04 56.47 -9.50
N THR H 43 -22.00 57.06 -10.07
CA THR H 43 -20.62 56.94 -9.60
C THR H 43 -20.30 58.25 -8.89
N ILE H 44 -19.82 58.18 -7.64
CA ILE H 44 -19.55 59.33 -6.78
C ILE H 44 -18.07 59.38 -6.39
N ALA H 45 -17.42 60.54 -6.58
CA ALA H 45 -16.01 60.75 -6.25
C ALA H 45 -15.85 61.78 -5.10
N GLY H 46 -14.70 61.74 -4.41
CA GLY H 46 -14.39 62.62 -3.28
C GLY H 46 -14.70 62.03 -1.92
N LYS H 47 -14.06 62.56 -0.86
CA LYS H 47 -14.26 62.08 0.52
C LYS H 47 -15.64 62.48 1.00
N LYS H 48 -16.56 61.48 1.03
CA LYS H 48 -17.93 61.71 1.51
C LYS H 48 -18.01 61.33 2.99
N THR H 49 -18.16 62.32 3.87
CA THR H 49 -18.26 62.09 5.30
C THR H 49 -19.71 62.14 5.74
N PHE H 50 -20.22 61.04 6.26
CA PHE H 50 -21.58 60.99 6.75
C PHE H 50 -21.51 61.16 8.26
N THR H 51 -22.10 62.22 8.80
CA THR H 51 -22.05 62.50 10.24
C THR H 51 -23.19 61.86 11.00
N GLY H 52 -24.18 61.34 10.27
CA GLY H 52 -25.36 60.70 10.84
C GLY H 52 -25.34 59.20 10.67
N ASN H 53 -26.50 58.59 10.88
CA ASN H 53 -26.69 57.15 10.74
C ASN H 53 -26.97 56.83 9.29
N VAL H 54 -26.26 55.84 8.73
CA VAL H 54 -26.41 55.38 7.37
C VAL H 54 -27.00 53.97 7.43
N GLU H 55 -28.00 53.70 6.61
CA GLU H 55 -28.60 52.38 6.51
C GLU H 55 -28.47 51.89 5.08
N VAL H 56 -28.00 50.66 4.90
CA VAL H 56 -27.86 50.03 3.59
C VAL H 56 -28.76 48.80 3.66
N ASN H 57 -29.78 48.75 2.83
CA ASN H 57 -30.72 47.62 2.81
C ASN H 57 -30.31 46.53 1.82
N GLY H 58 -29.48 46.90 0.83
CA GLY H 58 -28.95 45.98 -0.16
C GLY H 58 -27.59 45.50 0.28
N SER H 59 -26.69 45.25 -0.67
CA SER H 59 -25.36 44.77 -0.38
C SER H 59 -24.40 45.95 -0.23
N LEU H 60 -23.32 45.75 0.55
CA LEU H 60 -22.25 46.73 0.70
C LEU H 60 -20.98 46.01 0.26
N THR H 61 -20.55 46.30 -0.97
CA THR H 61 -19.37 45.71 -1.58
C THR H 61 -18.15 46.58 -1.38
N LEU H 62 -17.06 45.98 -0.89
CA LEU H 62 -15.80 46.68 -0.67
C LEU H 62 -14.71 46.15 -1.59
N PRO H 63 -13.49 46.77 -1.70
CA PRO H 63 -12.47 46.22 -2.59
C PRO H 63 -11.96 44.85 -2.12
N THR H 64 -12.01 43.84 -3.01
CA THR H 64 -11.63 42.45 -2.75
C THR H 64 -10.44 41.96 -3.58
N LYS H 65 -9.57 41.17 -2.95
CA LYS H 65 -8.42 40.53 -3.57
C LYS H 65 -8.10 39.23 -2.83
N SER H 66 -7.84 38.16 -3.57
CA SER H 66 -7.52 36.84 -3.04
C SER H 66 -6.08 36.39 -3.35
N TRP H 67 -5.58 35.50 -2.50
CA TRP H 67 -4.26 34.89 -2.59
C TRP H 67 -4.27 33.58 -1.85
N SER H 68 -3.54 32.62 -2.36
CA SER H 68 -3.39 31.30 -1.77
C SER H 68 -2.00 30.81 -2.14
N GLY H 69 -1.30 30.24 -1.17
CA GLY H 69 0.03 29.70 -1.37
C GLY H 69 0.46 28.78 -0.27
N GLU H 70 1.40 27.86 -0.59
CA GLU H 70 1.96 26.95 0.40
C GLU H 70 3.02 27.74 1.13
N LEU H 71 2.79 28.03 2.42
CA LEU H 71 3.74 28.76 3.26
C LEU H 71 5.04 27.96 3.39
N GLY H 72 4.89 26.64 3.58
CA GLY H 72 5.98 25.68 3.78
C GLY H 72 5.50 24.48 4.57
N GLY H 73 6.22 23.36 4.44
CA GLY H 73 5.92 22.09 5.09
C GLY H 73 4.60 21.45 4.66
N GLY H 74 3.97 21.94 3.58
CA GLY H 74 2.69 21.44 3.09
C GLY H 74 1.47 22.21 3.60
N ILE H 75 1.70 23.25 4.43
CA ILE H 75 0.65 24.11 4.99
C ILE H 75 0.32 25.16 3.94
N ILE H 76 -0.96 25.22 3.57
CA ILE H 76 -1.49 26.18 2.61
C ILE H 76 -2.31 27.24 3.36
N LEU H 77 -2.12 28.50 3.03
CA LEU H 77 -2.87 29.60 3.60
C LEU H 77 -3.60 30.30 2.46
N SER H 78 -4.94 30.40 2.59
CA SER H 78 -5.81 31.03 1.60
C SER H 78 -6.38 32.28 2.23
N LEU H 79 -6.15 33.43 1.59
CA LEU H 79 -6.54 34.75 2.06
C LEU H 79 -7.44 35.46 1.13
N ARG H 80 -8.35 36.30 1.68
CA ARG H 80 -9.25 37.17 0.94
C ARG H 80 -9.36 38.46 1.73
N LYS H 81 -8.82 39.53 1.12
CA LYS H 81 -8.79 40.87 1.66
C LYS H 81 -10.11 41.55 1.27
N LYS H 82 -10.90 41.95 2.28
CA LYS H 82 -12.17 42.69 2.09
C LYS H 82 -12.04 43.96 2.94
N GLY H 83 -11.57 45.02 2.30
CA GLY H 83 -11.34 46.31 2.95
C GLY H 83 -10.11 46.25 3.83
N THR H 84 -10.31 46.36 5.15
CA THR H 84 -9.23 46.35 6.13
C THR H 84 -9.19 45.04 6.94
N THR H 85 -9.88 44.02 6.44
CA THR H 85 -9.91 42.71 7.07
C THR H 85 -9.46 41.66 6.05
N VAL H 86 -8.66 40.71 6.54
CA VAL H 86 -8.23 39.57 5.76
C VAL H 86 -8.89 38.34 6.33
N GLU H 87 -9.65 37.65 5.51
CA GLU H 87 -10.32 36.38 5.84
C GLU H 87 -9.33 35.28 5.50
N TYR H 88 -8.97 34.43 6.46
CA TYR H 88 -8.01 33.36 6.24
C TYR H 88 -8.63 32.01 6.39
N SER H 89 -7.99 31.00 5.79
CA SER H 89 -8.33 29.59 5.90
C SER H 89 -7.04 28.80 5.81
N ILE H 90 -6.73 28.03 6.85
CA ILE H 90 -5.54 27.18 6.92
C ILE H 90 -5.97 25.86 6.32
N GLY H 91 -5.13 25.36 5.41
CA GLY H 91 -5.34 24.11 4.71
C GLY H 91 -4.05 23.35 4.50
N GLY H 92 -4.10 22.32 3.66
CA GLY H 92 -2.97 21.46 3.33
C GLY H 92 -2.82 20.28 4.26
N GLU H 93 -1.61 19.73 4.25
CA GLU H 93 -1.18 18.58 5.05
C GLU H 93 0.30 18.66 5.30
N ILE H 94 0.73 18.56 6.57
CA ILE H 94 2.15 18.56 6.90
C ILE H 94 2.82 17.37 6.15
N SER H 95 3.70 17.73 5.21
CA SER H 95 4.39 16.82 4.31
C SER H 95 5.87 16.68 4.62
N SER H 96 6.39 17.47 5.61
CA SER H 96 7.79 17.41 6.03
C SER H 96 7.97 17.86 7.47
N SER H 97 9.17 17.71 8.05
CA SER H 97 9.43 18.15 9.42
C SER H 97 9.42 19.69 9.53
N ILE H 98 8.50 20.20 10.36
CA ILE H 98 8.37 21.63 10.61
C ILE H 98 8.85 21.80 12.04
N LEU H 99 10.00 22.45 12.22
CA LEU H 99 10.54 22.64 13.57
C LEU H 99 9.75 23.64 14.37
N ALA H 100 9.74 23.46 15.71
CA ALA H 100 9.05 24.39 16.60
C ALA H 100 9.68 25.78 16.44
N ASN H 101 8.83 26.82 16.36
CA ASN H 101 9.20 28.23 16.25
C ASN H 101 9.94 28.62 14.96
N SER H 102 9.80 27.80 13.91
CA SER H 102 10.50 27.99 12.65
C SER H 102 9.74 28.81 11.64
N ASN H 103 10.49 29.48 10.76
CA ASN H 103 9.89 30.23 9.66
C ASN H 103 9.47 29.22 8.56
N LEU H 104 8.35 29.53 7.89
CA LEU H 104 7.78 28.75 6.81
C LEU H 104 8.30 29.45 5.56
N VAL H 105 9.33 28.83 4.95
CA VAL H 105 10.12 29.43 3.88
C VAL H 105 9.82 29.02 2.44
N ASN H 106 8.64 28.49 2.13
CA ASN H 106 8.37 28.23 0.73
C ASN H 106 7.93 29.55 0.07
N ARG H 107 6.91 30.19 0.63
CA ARG H 107 6.30 31.41 0.09
C ARG H 107 5.90 32.33 1.22
N SER H 108 6.15 33.61 1.04
CA SER H 108 5.80 34.66 1.99
C SER H 108 4.45 35.24 1.63
N VAL H 109 3.69 35.70 2.63
CA VAL H 109 2.39 36.35 2.38
C VAL H 109 2.70 37.70 1.69
N PRO H 110 2.11 37.98 0.53
CA PRO H 110 2.39 39.26 -0.14
C PRO H 110 2.10 40.50 0.72
N ASN H 111 2.81 41.60 0.48
CA ASN H 111 2.70 42.86 1.22
C ASN H 111 1.28 43.37 1.39
N GLU H 112 0.44 43.35 0.33
CA GLU H 112 -0.94 43.83 0.41
C GLU H 112 -1.82 43.09 1.42
N PHE H 113 -1.41 41.86 1.84
CA PHE H 113 -2.12 41.02 2.81
C PHE H 113 -1.39 40.98 4.17
N CYS H 114 -0.33 41.76 4.33
CA CYS H 114 0.47 41.79 5.54
C CYS H 114 -0.03 42.71 6.61
N PRO H 115 -0.10 42.24 7.88
CA PRO H 115 -0.60 43.10 8.95
C PRO H 115 0.42 44.14 9.43
N ARG H 116 -0.03 45.17 10.16
CA ARG H 116 0.82 46.23 10.71
C ARG H 116 1.67 45.60 11.81
N ASN H 117 1.02 44.84 12.68
CA ASN H 117 1.59 44.12 13.80
C ASN H 117 1.39 42.61 13.60
N ARG H 118 2.25 41.80 14.21
CA ARG H 118 2.24 40.36 14.21
C ARG H 118 0.83 39.77 14.59
N CYS H 119 0.25 38.91 13.74
CA CYS H 119 -1.06 38.27 13.99
C CYS H 119 -0.91 36.79 14.21
N SER H 120 -1.64 36.23 15.19
CA SER H 120 -1.53 34.83 15.56
C SER H 120 -2.75 34.06 15.15
N LEU H 121 -2.60 33.27 14.08
CA LEU H 121 -3.71 32.50 13.50
C LEU H 121 -3.80 31.10 14.11
N VAL H 122 -4.81 30.89 14.97
CA VAL H 122 -5.01 29.65 15.72
C VAL H 122 -5.65 28.58 14.87
N GLY H 123 -5.11 27.39 14.97
CA GLY H 123 -5.64 26.28 14.20
C GLY H 123 -5.70 25.00 15.00
N HIS H 124 -6.27 23.97 14.40
CA HIS H 124 -6.46 22.67 14.99
C HIS H 124 -6.06 21.56 14.01
N MET H 125 -5.50 20.50 14.55
CA MET H 125 -5.08 19.32 13.82
C MET H 125 -6.19 18.27 13.87
N VAL H 126 -6.68 17.85 12.70
CA VAL H 126 -7.73 16.83 12.54
C VAL H 126 -7.42 15.55 13.33
N GLY H 127 -8.45 15.01 13.99
CA GLY H 127 -8.38 13.71 14.65
C GLY H 127 -7.97 13.62 16.10
N GLY H 128 -7.65 14.75 16.72
CA GLY H 128 -7.23 14.81 18.12
C GLY H 128 -7.53 16.14 18.75
N TRP H 129 -6.90 16.43 19.91
CA TRP H 129 -7.13 17.68 20.68
C TRP H 129 -6.06 18.74 20.44
N ASN H 130 -5.13 18.52 19.49
CA ASN H 130 -4.03 19.42 19.21
C ASN H 130 -4.33 20.73 18.51
N ALA H 131 -3.83 21.84 19.10
CA ALA H 131 -3.93 23.18 18.53
C ALA H 131 -2.54 23.71 18.26
N PHE H 132 -2.44 24.65 17.34
CA PHE H 132 -1.20 25.31 16.97
C PHE H 132 -1.58 26.74 16.61
N HIS H 133 -0.60 27.55 16.29
CA HIS H 133 -0.77 28.87 15.73
C HIS H 133 0.36 29.21 14.81
N ILE H 134 0.03 30.00 13.77
CA ILE H 134 0.94 30.49 12.76
C ILE H 134 0.93 32.00 12.89
N ASP H 135 2.11 32.59 13.05
CA ASP H 135 2.22 34.05 13.11
C ASP H 135 2.49 34.63 11.75
N ILE H 136 1.72 35.65 11.38
CA ILE H 136 1.98 36.42 10.15
C ILE H 136 2.62 37.74 10.62
N PRO H 137 3.94 37.90 10.44
CA PRO H 137 4.57 39.20 10.78
C PRO H 137 4.35 40.15 9.61
N SER H 138 4.68 41.44 9.79
CA SER H 138 4.52 42.45 8.73
C SER H 138 5.38 42.17 7.49
N SER H 139 6.45 41.33 7.64
CA SER H 139 7.34 40.86 6.57
C SER H 139 6.68 39.76 5.68
N GLY H 140 5.71 39.05 6.24
CA GLY H 140 4.98 38.00 5.54
C GLY H 140 5.65 36.65 5.62
N VAL H 141 6.80 36.57 6.34
CA VAL H 141 7.54 35.32 6.55
C VAL H 141 6.85 34.67 7.74
N CYS H 142 5.89 33.77 7.45
CA CYS H 142 5.12 33.10 8.48
C CYS H 142 5.93 32.15 9.34
N GLN H 143 5.57 32.04 10.62
CA GLN H 143 6.25 31.28 11.66
C GLN H 143 5.32 30.28 12.32
N TRP H 144 5.77 29.04 12.45
CA TRP H 144 5.02 27.95 13.07
C TRP H 144 5.27 27.94 14.57
N PHE H 145 4.20 28.07 15.39
CA PHE H 145 4.30 28.07 16.84
C PHE H 145 3.75 26.87 17.58
N GLY H 146 3.64 25.76 16.85
CA GLY H 146 3.28 24.48 17.42
C GLY H 146 4.58 23.81 17.81
N PRO H 147 4.59 22.55 18.23
CA PRO H 147 5.89 21.90 18.48
C PRO H 147 6.45 21.35 17.16
N THR H 148 7.60 20.66 17.18
CA THR H 148 8.12 20.05 15.95
C THR H 148 7.08 19.01 15.47
N ALA H 149 6.64 19.15 14.23
CA ALA H 149 5.62 18.27 13.65
C ALA H 149 6.06 17.83 12.28
N SER H 150 5.72 16.59 11.91
CA SER H 150 6.09 15.99 10.62
C SER H 150 4.91 15.37 9.82
N SER H 151 3.68 15.48 10.38
CA SER H 151 2.45 14.95 9.78
C SER H 151 1.21 15.60 10.37
N GLY H 152 0.06 15.37 9.74
CA GLY H 152 -1.20 15.90 10.19
C GLY H 152 -1.86 16.87 9.25
N THR H 153 -3.17 17.09 9.46
CA THR H 153 -4.05 17.95 8.68
C THR H 153 -4.37 19.24 9.45
N PRO H 154 -3.69 20.37 9.14
CA PRO H 154 -3.97 21.62 9.87
C PRO H 154 -5.15 22.38 9.28
N ARG H 155 -6.07 22.89 10.14
CA ARG H 155 -7.27 23.61 9.75
C ARG H 155 -7.55 24.80 10.66
N GLY H 156 -8.32 25.74 10.16
CA GLY H 156 -8.65 26.94 10.91
C GLY H 156 -9.09 28.10 10.04
N THR H 157 -10.29 28.63 10.30
CA THR H 157 -10.89 29.76 9.58
C THR H 157 -11.11 30.92 10.57
N GLY H 158 -10.69 32.11 10.15
CA GLY H 158 -10.87 33.33 10.92
C GLY H 158 -10.52 34.56 10.12
N THR H 159 -10.14 35.63 10.82
CA THR H 159 -9.76 36.92 10.24
C THR H 159 -8.62 37.56 11.03
N TYR H 160 -7.93 38.51 10.40
CA TYR H 160 -6.92 39.36 10.99
C TYR H 160 -6.98 40.76 10.34
N PRO H 161 -6.60 41.85 11.03
CA PRO H 161 -6.70 43.18 10.40
C PRO H 161 -5.49 43.65 9.60
N ILE H 162 -5.78 44.48 8.61
CA ILE H 162 -4.85 45.15 7.70
C ILE H 162 -5.20 46.64 7.69
N ASP H 163 -4.41 47.48 6.97
CA ASP H 163 -4.72 48.91 6.84
C ASP H 163 -4.29 49.61 5.56
N HIS H 164 -5.11 50.62 5.14
CA HIS H 164 -4.94 51.57 4.04
C HIS H 164 -6.12 52.53 3.93
N ALA I 2 -38.39 69.49 -10.31
CA ALA I 2 -39.49 70.39 -9.99
C ALA I 2 -40.49 70.51 -11.13
N SER I 3 -41.72 70.91 -10.81
CA SER I 3 -42.75 71.14 -11.82
C SER I 3 -42.71 72.62 -12.18
N ILE I 4 -42.25 72.91 -13.42
CA ILE I 4 -42.09 74.27 -13.93
C ILE I 4 -43.02 74.50 -15.12
N LYS I 5 -43.43 75.76 -15.32
CA LYS I 5 -44.30 76.14 -16.44
C LYS I 5 -43.46 76.64 -17.62
N LYS I 6 -43.97 76.48 -18.84
CA LYS I 6 -43.27 76.91 -20.05
C LYS I 6 -43.16 78.43 -20.16
N VAL I 7 -41.99 78.89 -20.63
CA VAL I 7 -41.70 80.30 -20.90
C VAL I 7 -41.60 80.43 -22.42
N TYR I 8 -42.43 81.31 -23.00
CA TYR I 8 -42.49 81.46 -24.45
C TYR I 8 -42.77 82.88 -24.90
N ARG I 9 -42.44 83.19 -26.16
CA ARG I 9 -42.64 84.49 -26.77
C ARG I 9 -44.14 84.84 -26.85
N GLY I 10 -44.47 86.07 -26.42
CA GLY I 10 -45.83 86.58 -26.42
C GLY I 10 -46.67 86.10 -25.25
N MET I 11 -46.01 85.53 -24.26
CA MET I 11 -46.55 84.94 -23.06
C MET I 11 -47.53 85.77 -22.29
N LYS I 12 -48.48 85.08 -21.69
CA LYS I 12 -49.53 85.55 -20.80
C LYS I 12 -48.90 85.38 -19.39
N ASN I 13 -48.61 86.51 -18.68
CA ASN I 13 -48.02 86.56 -17.32
C ASN I 13 -46.58 85.98 -17.23
N GLY I 14 -45.66 86.58 -17.98
CA GLY I 14 -44.26 86.19 -18.12
C GLY I 14 -43.38 86.24 -16.89
N ALA I 15 -43.25 87.43 -16.27
CA ALA I 15 -42.41 87.66 -15.08
C ALA I 15 -42.81 86.79 -13.89
N GLU I 16 -44.13 86.63 -13.65
CA GLU I 16 -44.70 85.79 -12.59
C GLU I 16 -44.23 84.34 -12.82
N THR I 17 -44.35 83.84 -14.08
CA THR I 17 -43.94 82.49 -14.51
C THR I 17 -42.45 82.25 -14.27
N ILE I 18 -41.58 83.14 -14.78
CA ILE I 18 -40.12 83.05 -14.63
C ILE I 18 -39.73 82.97 -13.15
N ASN I 19 -40.26 83.89 -12.32
CA ASN I 19 -40.00 83.94 -10.89
C ASN I 19 -40.43 82.64 -10.17
N ASP I 20 -41.67 82.17 -10.42
CA ASP I 20 -42.21 80.97 -9.80
C ASP I 20 -41.44 79.70 -10.24
N ASP I 21 -40.93 79.68 -11.48
CA ASP I 21 -40.11 78.57 -12.00
C ASP I 21 -38.74 78.57 -11.32
N LEU I 22 -38.14 79.75 -11.10
CA LEU I 22 -36.84 79.85 -10.43
C LEU I 22 -36.95 79.41 -8.97
N GLU I 23 -38.07 79.72 -8.32
CA GLU I 23 -38.33 79.38 -6.92
C GLU I 23 -38.57 77.90 -6.69
N ALA I 24 -39.31 77.23 -7.61
CA ALA I 24 -39.64 75.80 -7.56
C ALA I 24 -38.35 74.96 -7.66
N ILE I 25 -37.43 75.39 -8.55
CA ILE I 25 -36.14 74.80 -8.82
C ILE I 25 -35.22 74.99 -7.59
N ASN I 26 -35.19 76.21 -7.05
CA ASN I 26 -34.37 76.57 -5.88
C ASN I 26 -34.77 75.84 -4.62
N SER I 27 -36.08 75.55 -4.45
CA SER I 27 -36.61 74.83 -3.31
C SER I 27 -35.99 73.42 -3.25
N GLU I 28 -35.84 72.77 -4.43
CA GLU I 28 -35.25 71.43 -4.57
C GLU I 28 -33.74 71.41 -4.31
N LEU I 29 -33.09 72.58 -4.16
CA LEU I 29 -31.67 72.68 -3.84
C LEU I 29 -31.43 72.69 -2.32
N THR I 30 -32.52 72.65 -1.52
CA THR I 30 -32.46 72.59 -0.05
C THR I 30 -33.11 71.33 0.51
N SER I 31 -34.27 70.92 -0.04
CA SER I 31 -34.99 69.72 0.37
C SER I 31 -35.90 69.24 -0.74
N GLY I 32 -36.35 68.00 -0.63
CA GLY I 32 -37.28 67.38 -1.57
C GLY I 32 -36.71 67.04 -2.93
N GLY I 33 -37.62 66.72 -3.85
CA GLY I 33 -37.30 66.31 -5.21
C GLY I 33 -36.58 65.00 -5.25
N ASN I 34 -35.81 64.78 -6.31
CA ASN I 34 -35.04 63.56 -6.50
C ASN I 34 -33.58 63.83 -6.17
N VAL I 35 -33.31 64.93 -5.46
CA VAL I 35 -31.93 65.28 -5.11
C VAL I 35 -31.53 64.90 -3.67
N VAL I 36 -30.28 64.40 -3.51
CA VAL I 36 -29.70 63.99 -2.24
C VAL I 36 -29.09 65.25 -1.62
N HIS I 37 -29.47 65.52 -0.39
CA HIS I 37 -29.03 66.73 0.31
C HIS I 37 -28.07 66.45 1.45
N LYS I 38 -27.34 67.50 1.85
CA LYS I 38 -26.40 67.45 2.96
C LYS I 38 -27.09 67.55 4.35
N THR I 39 -28.44 67.50 4.40
CA THR I 39 -29.26 67.56 5.61
C THR I 39 -30.51 66.68 5.44
N GLY I 40 -31.15 66.32 6.55
CA GLY I 40 -32.38 65.55 6.58
C GLY I 40 -32.30 64.08 6.24
N ASP I 41 -33.35 63.33 6.66
CA ASP I 41 -33.53 61.90 6.43
C ASP I 41 -34.03 61.68 5.00
N GLU I 42 -33.29 60.89 4.22
CA GLU I 42 -33.61 60.64 2.82
C GLU I 42 -33.43 59.19 2.46
N THR I 43 -34.31 58.67 1.61
CA THR I 43 -34.24 57.32 1.08
C THR I 43 -33.66 57.40 -0.33
N ILE I 44 -32.59 56.62 -0.62
CA ILE I 44 -31.85 56.64 -1.87
C ILE I 44 -31.90 55.26 -2.55
N ALA I 45 -32.23 55.23 -3.87
CA ALA I 45 -32.31 54.00 -4.67
C ALA I 45 -31.23 53.93 -5.77
N GLY I 46 -30.82 52.71 -6.15
CA GLY I 46 -29.84 52.45 -7.21
C GLY I 46 -28.43 52.15 -6.76
N LYS I 47 -27.62 51.55 -7.65
CA LYS I 47 -26.24 51.19 -7.36
C LYS I 47 -25.39 52.45 -7.26
N LYS I 48 -25.10 52.87 -6.03
CA LYS I 48 -24.25 54.01 -5.77
C LYS I 48 -22.83 53.50 -5.59
N THR I 49 -21.93 53.88 -6.50
CA THR I 49 -20.54 53.48 -6.46
C THR I 49 -19.73 54.68 -6.02
N PHE I 50 -19.06 54.55 -4.88
CA PHE I 50 -18.21 55.59 -4.34
C PHE I 50 -16.79 55.24 -4.72
N THR I 51 -16.13 56.07 -5.52
CA THR I 51 -14.77 55.81 -5.99
C THR I 51 -13.70 56.37 -5.05
N GLY I 52 -14.13 57.18 -4.09
CA GLY I 52 -13.25 57.78 -3.11
C GLY I 52 -13.40 57.13 -1.75
N ASN I 53 -12.87 57.80 -0.73
CA ASN I 53 -12.97 57.33 0.63
C ASN I 53 -14.32 57.74 1.21
N VAL I 54 -15.01 56.82 1.87
CA VAL I 54 -16.27 57.08 2.54
C VAL I 54 -16.02 56.94 4.05
N GLU I 55 -16.46 57.96 4.79
CA GLU I 55 -16.34 57.97 6.24
C GLU I 55 -17.75 58.00 6.83
N VAL I 56 -18.02 57.20 7.86
CA VAL I 56 -19.30 57.19 8.58
C VAL I 56 -19.00 57.45 10.08
N ASN I 57 -19.51 58.58 10.60
CA ASN I 57 -19.31 59.02 11.98
C ASN I 57 -20.39 58.47 12.93
N GLY I 58 -21.59 58.22 12.41
CA GLY I 58 -22.69 57.64 13.15
C GLY I 58 -22.68 56.13 13.02
N SER I 59 -23.85 55.51 12.94
CA SER I 59 -23.97 54.06 12.80
C SER I 59 -24.10 53.61 11.33
N LEU I 60 -23.61 52.40 11.01
CA LEU I 60 -23.75 51.79 9.69
C LEU I 60 -24.55 50.52 9.87
N THR I 61 -25.84 50.58 9.59
CA THR I 61 -26.77 49.46 9.73
C THR I 61 -26.88 48.67 8.43
N LEU I 62 -26.66 47.35 8.52
CA LEU I 62 -26.78 46.45 7.36
C LEU I 62 -27.88 45.45 7.68
N PRO I 63 -28.53 44.79 6.69
CA PRO I 63 -29.50 43.76 7.04
C PRO I 63 -28.78 42.58 7.74
N THR I 64 -29.43 42.06 8.78
CA THR I 64 -28.97 41.03 9.68
C THR I 64 -29.99 39.90 9.76
N LYS I 65 -29.52 38.67 9.99
CA LYS I 65 -30.37 37.51 10.20
C LYS I 65 -29.66 36.58 11.17
N SER I 66 -30.43 36.00 12.10
CA SER I 66 -29.90 35.09 13.12
C SER I 66 -30.48 33.71 13.02
N TRP I 67 -29.75 32.72 13.52
CA TRP I 67 -30.12 31.30 13.59
C TRP I 67 -29.36 30.66 14.72
N SER I 68 -30.01 29.73 15.41
CA SER I 68 -29.39 28.95 16.47
C SER I 68 -29.98 27.56 16.41
N GLY I 69 -29.16 26.55 16.62
CA GLY I 69 -29.60 25.16 16.59
C GLY I 69 -28.58 24.22 17.21
N GLU I 70 -29.07 23.05 17.67
CA GLU I 70 -28.21 22.01 18.25
C GLU I 70 -27.76 21.12 17.07
N LEU I 71 -26.46 21.20 16.70
CA LEU I 71 -25.93 20.45 15.56
C LEU I 71 -26.03 18.96 15.75
N GLY I 72 -25.73 18.54 16.97
CA GLY I 72 -25.73 17.14 17.37
C GLY I 72 -24.86 16.92 18.58
N GLY I 73 -25.17 15.89 19.36
CA GLY I 73 -24.43 15.52 20.58
C GLY I 73 -24.44 16.57 21.68
N GLY I 74 -25.35 17.53 21.59
CA GLY I 74 -25.49 18.61 22.56
C GLY I 74 -24.73 19.87 22.21
N ILE I 75 -24.03 19.88 21.06
CA ILE I 75 -23.26 21.05 20.61
C ILE I 75 -24.24 22.02 19.95
N ILE I 76 -24.23 23.29 20.41
CA ILE I 76 -25.09 24.35 19.89
C ILE I 76 -24.27 25.31 19.06
N LEU I 77 -24.80 25.75 17.93
CA LEU I 77 -24.15 26.74 17.08
C LEU I 77 -25.11 27.90 16.89
N SER I 78 -24.67 29.08 17.28
CA SER I 78 -25.45 30.30 17.16
C SER I 78 -24.79 31.20 16.12
N LEU I 79 -25.56 31.62 15.13
CA LEU I 79 -25.08 32.41 14.01
C LEU I 79 -25.85 33.71 13.82
N ARG I 80 -25.15 34.73 13.30
CA ARG I 80 -25.68 36.01 12.91
C ARG I 80 -24.97 36.41 11.64
N LYS I 81 -25.75 36.59 10.57
CA LYS I 81 -25.28 37.00 9.25
C LYS I 81 -25.42 38.52 9.17
N LYS I 82 -24.30 39.23 8.94
CA LYS I 82 -24.23 40.68 8.75
C LYS I 82 -23.49 40.86 7.42
N GLY I 83 -24.26 41.08 6.37
CA GLY I 83 -23.69 41.21 5.03
C GLY I 83 -23.18 39.89 4.50
N THR I 84 -21.86 39.82 4.24
CA THR I 84 -21.20 38.60 3.74
C THR I 84 -20.35 37.90 4.82
N THR I 85 -20.60 38.21 6.10
CA THR I 85 -19.90 37.62 7.23
C THR I 85 -20.88 36.97 8.16
N VAL I 86 -20.55 35.75 8.61
CA VAL I 86 -21.34 35.05 9.62
C VAL I 86 -20.54 35.02 10.92
N GLU I 87 -21.12 35.62 11.97
CA GLU I 87 -20.54 35.64 13.31
C GLU I 87 -21.04 34.36 13.96
N TYR I 88 -20.15 33.50 14.44
CA TYR I 88 -20.55 32.28 15.11
C TYR I 88 -20.17 32.27 16.59
N SER I 89 -20.88 31.41 17.34
CA SER I 89 -20.63 31.14 18.75
C SER I 89 -20.94 29.67 19.00
N ILE I 90 -19.93 28.89 19.39
CA ILE I 90 -20.11 27.50 19.77
C ILE I 90 -20.45 27.53 21.24
N GLY I 91 -21.51 26.79 21.59
CA GLY I 91 -22.02 26.59 22.93
C GLY I 91 -22.47 25.16 23.13
N GLY I 92 -23.23 24.94 24.20
CA GLY I 92 -23.77 23.64 24.56
C GLY I 92 -22.84 22.83 25.44
N GLU I 93 -23.13 21.53 25.58
CA GLU I 93 -22.40 20.54 26.36
C GLU I 93 -22.53 19.22 25.68
N ILE I 94 -21.40 18.50 25.48
CA ILE I 94 -21.41 17.18 24.85
C ILE I 94 -22.19 16.22 25.76
N SER I 95 -23.37 15.81 25.29
CA SER I 95 -24.33 15.00 26.02
C SER I 95 -24.39 13.53 25.59
N SER I 96 -23.72 13.17 24.47
CA SER I 96 -23.66 11.81 23.94
C SER I 96 -22.35 11.57 23.20
N SER I 97 -22.08 10.32 22.78
CA SER I 97 -20.83 10.01 22.10
C SER I 97 -20.79 10.63 20.71
N ILE I 98 -19.78 11.49 20.47
CA ILE I 98 -19.54 12.13 19.17
C ILE I 98 -18.29 11.47 18.58
N LEU I 99 -18.45 10.63 17.56
CA LEU I 99 -17.33 9.93 16.94
C LEU I 99 -16.39 10.86 16.18
N ALA I 100 -15.10 10.53 16.16
CA ALA I 100 -14.10 11.32 15.45
C ALA I 100 -14.51 11.38 13.97
N ASN I 101 -14.42 12.59 13.36
CA ASN I 101 -14.71 12.83 11.93
C ASN I 101 -16.16 12.57 11.50
N SER I 102 -17.09 12.55 12.46
CA SER I 102 -18.51 12.28 12.22
C SER I 102 -19.32 13.51 11.86
N ASN I 103 -20.44 13.30 11.17
CA ASN I 103 -21.39 14.35 10.83
C ASN I 103 -22.29 14.61 12.02
N LEU I 104 -22.63 15.87 12.26
CA LEU I 104 -23.52 16.28 13.34
C LEU I 104 -24.86 16.40 12.64
N VAL I 105 -25.73 15.41 12.89
CA VAL I 105 -26.99 15.19 12.18
C VAL I 105 -28.31 15.62 12.81
N ASN I 106 -28.29 16.33 13.94
CA ASN I 106 -29.54 16.77 14.56
C ASN I 106 -30.13 17.95 13.81
N ARG I 107 -29.28 18.91 13.43
CA ARG I 107 -29.71 20.11 12.71
C ARG I 107 -28.59 20.54 11.75
N SER I 108 -28.98 20.89 10.53
CA SER I 108 -28.05 21.37 9.50
C SER I 108 -28.08 22.90 9.51
N VAL I 109 -26.95 23.54 9.12
CA VAL I 109 -26.88 24.99 9.02
C VAL I 109 -27.72 25.40 7.77
N PRO I 110 -28.71 26.31 7.91
CA PRO I 110 -29.54 26.67 6.75
C PRO I 110 -28.74 27.27 5.60
N ASN I 111 -29.23 27.07 4.37
CA ASN I 111 -28.55 27.52 3.16
C ASN I 111 -28.04 28.96 3.20
N GLU I 112 -28.87 29.92 3.69
CA GLU I 112 -28.47 31.33 3.75
C GLU I 112 -27.22 31.60 4.63
N PHE I 113 -26.88 30.66 5.55
CA PHE I 113 -25.71 30.71 6.43
C PHE I 113 -24.55 29.80 5.97
N CYS I 114 -24.72 29.12 4.84
CA CYS I 114 -23.71 28.21 4.31
C CYS I 114 -22.59 28.87 3.52
N PRO I 115 -21.32 28.52 3.79
CA PRO I 115 -20.21 29.12 3.04
C PRO I 115 -20.03 28.51 1.65
N ARG I 116 -19.27 29.19 0.78
CA ARG I 116 -18.91 28.71 -0.56
C ARG I 116 -18.02 27.49 -0.40
N ASN I 117 -17.02 27.55 0.47
CA ASN I 117 -16.11 26.45 0.73
C ASN I 117 -16.11 26.13 2.19
N ARG I 118 -15.70 24.92 2.52
CA ARG I 118 -15.62 24.39 3.87
C ARG I 118 -14.89 25.36 4.84
N CYS I 119 -15.56 25.70 5.96
CA CYS I 119 -15.01 26.57 7.01
C CYS I 119 -14.78 25.79 8.27
N SER I 120 -13.55 25.89 8.82
CA SER I 120 -13.12 25.17 10.02
C SER I 120 -13.14 26.06 11.22
N LEU I 121 -14.18 25.88 12.06
CA LEU I 121 -14.41 26.68 13.27
C LEU I 121 -13.70 26.07 14.45
N VAL I 122 -12.60 26.69 14.87
CA VAL I 122 -11.77 26.23 15.98
C VAL I 122 -12.40 26.56 17.32
N GLY I 123 -12.45 25.56 18.17
CA GLY I 123 -13.00 25.68 19.51
C GLY I 123 -12.11 25.10 20.58
N HIS I 124 -12.49 25.32 21.85
CA HIS I 124 -11.76 24.85 23.02
C HIS I 124 -12.75 24.22 24.00
N MET I 125 -12.27 23.22 24.71
CA MET I 125 -13.02 22.48 25.73
C MET I 125 -12.63 23.04 27.09
N VAL I 126 -13.62 23.49 27.87
CA VAL I 126 -13.44 24.05 29.22
C VAL I 126 -12.62 23.13 30.14
N GLY I 127 -11.70 23.74 30.90
CA GLY I 127 -10.93 23.07 31.94
C GLY I 127 -9.63 22.37 31.63
N GLY I 128 -9.24 22.35 30.37
CA GLY I 128 -7.99 21.72 29.98
C GLY I 128 -7.37 22.39 28.79
N TRP I 129 -6.43 21.70 28.13
CA TRP I 129 -5.73 22.23 26.97
C TRP I 129 -6.29 21.75 25.65
N ASN I 130 -7.46 21.11 25.65
CA ASN I 130 -8.05 20.53 24.43
C ASN I 130 -8.76 21.45 23.46
N ALA I 131 -8.36 21.37 22.18
CA ALA I 131 -8.99 22.09 21.07
C ALA I 131 -9.63 21.10 20.12
N PHE I 132 -10.58 21.58 19.35
CA PHE I 132 -11.27 20.82 18.32
C PHE I 132 -11.62 21.80 17.21
N HIS I 133 -12.26 21.30 16.16
CA HIS I 133 -12.83 22.14 15.11
C HIS I 133 -14.02 21.48 14.52
N ILE I 134 -14.99 22.31 14.11
CA ILE I 134 -16.21 21.86 13.47
C ILE I 134 -16.18 22.47 12.11
N ASP I 135 -16.36 21.62 11.08
CA ASP I 135 -16.40 22.10 9.70
C ASP I 135 -17.79 22.40 9.28
N ILE I 136 -17.99 23.54 8.64
CA ILE I 136 -19.27 23.87 8.03
C ILE I 136 -19.06 23.72 6.54
N PRO I 137 -19.49 22.60 5.89
CA PRO I 137 -19.34 22.51 4.42
C PRO I 137 -20.48 23.27 3.75
N SER I 138 -20.47 23.44 2.42
CA SER I 138 -21.53 24.18 1.73
C SER I 138 -22.93 23.58 1.84
N SER I 139 -23.03 22.30 2.18
CA SER I 139 -24.28 21.56 2.39
C SER I 139 -24.93 21.89 3.75
N GLY I 140 -24.14 22.37 4.71
CA GLY I 140 -24.61 22.70 6.05
C GLY I 140 -24.59 21.53 7.02
N VAL I 141 -24.20 20.31 6.54
CA VAL I 141 -24.09 19.13 7.38
C VAL I 141 -22.73 19.24 8.06
N CYS I 142 -22.72 19.82 9.28
CA CYS I 142 -21.49 20.04 10.03
C CYS I 142 -20.77 18.76 10.43
N GLN I 143 -19.45 18.87 10.60
CA GLN I 143 -18.62 17.73 10.91
C GLN I 143 -17.70 18.02 12.10
N TRP I 144 -17.62 17.05 13.02
CA TRP I 144 -16.77 17.12 14.22
C TRP I 144 -15.36 16.59 13.90
N PHE I 145 -14.33 17.44 14.06
CA PHE I 145 -12.95 17.01 13.79
C PHE I 145 -12.01 16.84 14.97
N GLY I 146 -12.59 16.64 16.14
CA GLY I 146 -11.84 16.33 17.34
C GLY I 146 -11.83 14.82 17.40
N PRO I 147 -11.31 14.20 18.47
CA PRO I 147 -11.39 12.75 18.57
C PRO I 147 -12.78 12.34 19.03
N THR I 148 -12.97 11.04 19.32
CA THR I 148 -14.22 10.55 19.88
C THR I 148 -14.33 11.16 21.28
N ALA I 149 -15.44 11.86 21.52
CA ALA I 149 -15.71 12.56 22.77
C ALA I 149 -17.13 12.27 23.22
N SER I 150 -17.34 12.19 24.53
CA SER I 150 -18.65 11.91 25.12
C SER I 150 -19.04 12.87 26.23
N SER I 151 -18.17 13.83 26.53
CA SER I 151 -18.43 14.84 27.55
C SER I 151 -17.58 16.08 27.31
N GLY I 152 -17.90 17.15 28.03
CA GLY I 152 -17.18 18.40 27.95
C GLY I 152 -18.01 19.57 27.50
N THR I 153 -17.43 20.76 27.67
CA THR I 153 -18.03 22.06 27.38
C THR I 153 -17.30 22.73 26.23
N PRO I 154 -17.94 22.74 25.02
CA PRO I 154 -17.27 23.32 23.84
C PRO I 154 -17.56 24.81 23.69
N ARG I 155 -16.52 25.61 23.39
CA ARG I 155 -16.66 27.04 23.26
C ARG I 155 -15.79 27.59 22.12
N GLY I 156 -16.19 28.73 21.57
CA GLY I 156 -15.46 29.41 20.52
C GLY I 156 -16.31 30.42 19.79
N THR I 157 -15.79 31.63 19.69
CA THR I 157 -16.42 32.78 19.04
C THR I 157 -15.51 33.30 17.91
N GLY I 158 -16.09 33.53 16.75
CA GLY I 158 -15.36 34.09 15.62
C GLY I 158 -16.26 34.36 14.44
N THR I 159 -15.67 34.38 13.24
CA THR I 159 -16.43 34.61 11.99
C THR I 159 -16.03 33.67 10.84
N TYR I 160 -16.87 33.59 9.81
CA TYR I 160 -16.57 32.88 8.59
C TYR I 160 -17.27 33.59 7.43
N PRO I 161 -16.74 33.55 6.19
CA PRO I 161 -17.39 34.28 5.11
C PRO I 161 -18.45 33.51 4.33
N ILE I 162 -19.40 34.29 3.82
CA ILE I 162 -20.54 33.90 2.99
C ILE I 162 -20.53 34.82 1.72
N ASP I 163 -21.48 34.62 0.77
CA ASP I 163 -21.56 35.48 -0.43
C ASP I 163 -22.92 35.66 -1.10
N HIS I 164 -23.11 36.87 -1.71
CA HIS I 164 -24.24 37.35 -2.51
C HIS I 164 -24.03 38.82 -2.93
N ALA J 2 8.09 -81.37 3.64
CA ALA J 2 9.31 -82.14 3.48
C ALA J 2 9.07 -83.60 3.10
N SER J 3 10.09 -84.23 2.54
CA SER J 3 10.07 -85.67 2.21
C SER J 3 10.65 -86.40 3.42
N ILE J 4 9.77 -87.16 4.13
CA ILE J 4 10.17 -87.90 5.33
C ILE J 4 9.93 -89.40 5.11
N LYS J 5 10.73 -90.26 5.76
CA LYS J 5 10.61 -91.71 5.68
C LYS J 5 9.84 -92.25 6.89
N LYS J 6 9.22 -93.44 6.74
CA LYS J 6 8.44 -94.07 7.79
C LYS J 6 9.32 -94.57 8.92
N VAL J 7 8.81 -94.47 10.14
CA VAL J 7 9.45 -94.89 11.37
C VAL J 7 8.58 -96.03 11.91
N TYR J 8 9.17 -97.19 12.17
CA TYR J 8 8.37 -98.35 12.55
C TYR J 8 9.13 -99.28 13.42
N ARG J 9 8.40 -100.08 14.22
CA ARG J 9 8.94 -101.04 15.17
C ARG J 9 9.72 -102.10 14.40
N GLY J 10 10.89 -102.45 14.90
CA GLY J 10 11.75 -103.45 14.28
C GLY J 10 12.70 -102.92 13.23
N MET J 11 12.52 -101.66 12.78
CA MET J 11 13.36 -101.07 11.74
C MET J 11 14.87 -101.08 11.96
N LYS J 12 15.64 -101.15 10.85
CA LYS J 12 17.08 -101.26 10.78
C LYS J 12 17.84 -100.01 11.24
N ASN J 13 17.56 -98.82 10.73
CA ASN J 13 18.36 -97.66 11.24
C ASN J 13 17.44 -96.56 11.72
N GLY J 14 16.77 -96.85 12.82
CA GLY J 14 15.76 -96.02 13.44
C GLY J 14 16.20 -94.63 13.82
N ALA J 15 17.29 -94.54 14.59
CA ALA J 15 17.82 -93.28 15.07
C ALA J 15 18.21 -92.33 13.94
N GLU J 16 18.87 -92.87 12.90
CA GLU J 16 19.33 -92.12 11.73
C GLU J 16 18.14 -91.68 10.91
N THR J 17 17.10 -92.50 10.81
CA THR J 17 15.87 -92.16 10.08
C THR J 17 15.14 -91.03 10.76
N ILE J 18 14.88 -91.17 12.08
CA ILE J 18 14.23 -90.13 12.90
C ILE J 18 15.01 -88.83 12.74
N ASN J 19 16.35 -88.88 12.92
CA ASN J 19 17.21 -87.69 12.76
C ASN J 19 17.07 -87.01 11.43
N ASP J 20 17.16 -87.78 10.33
CA ASP J 20 17.04 -87.25 8.98
C ASP J 20 15.68 -86.62 8.72
N ASP J 21 14.61 -87.23 9.27
CA ASP J 21 13.25 -86.71 9.19
C ASP J 21 13.15 -85.39 9.90
N LEU J 22 13.59 -85.34 11.19
CA LEU J 22 13.58 -84.13 11.99
C LEU J 22 14.34 -82.98 11.30
N GLU J 23 15.52 -83.28 10.71
CA GLU J 23 16.32 -82.28 9.99
C GLU J 23 15.60 -81.80 8.75
N ALA J 24 14.99 -82.72 7.98
CA ALA J 24 14.19 -82.41 6.77
C ALA J 24 13.06 -81.43 7.10
N ILE J 25 12.27 -81.75 8.14
CA ILE J 25 11.16 -80.93 8.63
C ILE J 25 11.67 -79.57 9.09
N ASN J 26 12.73 -79.60 9.90
CA ASN J 26 13.33 -78.40 10.47
C ASN J 26 13.86 -77.42 9.43
N SER J 27 14.42 -77.92 8.33
CA SER J 27 14.95 -77.13 7.22
C SER J 27 13.83 -76.23 6.63
N GLU J 28 12.61 -76.79 6.47
CA GLU J 28 11.45 -76.06 5.94
C GLU J 28 10.92 -74.98 6.88
N LEU J 29 11.43 -74.91 8.13
CA LEU J 29 11.06 -73.87 9.10
C LEU J 29 11.97 -72.62 8.96
N THR J 30 12.99 -72.70 8.09
CA THR J 30 13.92 -71.59 7.82
C THR J 30 13.84 -71.13 6.37
N SER J 31 13.77 -72.06 5.41
CA SER J 31 13.66 -71.73 4.00
C SER J 31 13.09 -72.92 3.22
N GLY J 32 12.60 -72.67 2.01
CA GLY J 32 12.06 -73.70 1.11
C GLY J 32 10.67 -74.16 1.45
N GLY J 33 10.29 -75.27 0.81
CA GLY J 33 8.99 -75.91 0.99
C GLY J 33 7.84 -75.02 0.58
N ASN J 34 6.65 -75.28 1.14
CA ASN J 34 5.44 -74.53 0.85
C ASN J 34 5.15 -73.52 1.96
N VAL J 35 6.15 -73.23 2.82
CA VAL J 35 5.91 -72.28 3.93
C VAL J 35 6.42 -70.86 3.64
N VAL J 36 5.67 -69.85 4.10
CA VAL J 36 6.07 -68.45 3.95
C VAL J 36 6.97 -68.10 5.15
N HIS J 37 8.17 -67.57 4.85
CA HIS J 37 9.19 -67.22 5.83
C HIS J 37 9.41 -65.74 6.07
N LYS J 38 9.99 -65.41 7.25
CA LYS J 38 10.32 -64.05 7.68
C LYS J 38 11.63 -63.55 7.04
N THR J 39 12.22 -64.31 6.09
CA THR J 39 13.43 -63.94 5.32
C THR J 39 13.29 -64.51 3.91
N GLY J 40 14.14 -64.06 2.99
CA GLY J 40 14.18 -64.54 1.60
C GLY J 40 13.06 -64.14 0.67
N ASP J 41 13.39 -64.16 -0.64
CA ASP J 41 12.49 -63.84 -1.73
C ASP J 41 11.62 -65.04 -2.00
N GLU J 42 10.29 -64.86 -1.88
CA GLU J 42 9.33 -65.95 -2.04
C GLU J 42 8.11 -65.55 -2.86
N THR J 43 7.59 -66.52 -3.64
CA THR J 43 6.40 -66.44 -4.49
C THR J 43 5.25 -67.11 -3.75
N ILE J 44 4.15 -66.39 -3.55
CA ILE J 44 3.00 -66.89 -2.80
C ILE J 44 1.73 -66.89 -3.68
N ALA J 45 1.01 -68.03 -3.75
CA ALA J 45 -0.22 -68.18 -4.53
C ALA J 45 -1.45 -68.36 -3.63
N GLY J 46 -2.62 -67.97 -4.13
CA GLY J 46 -3.90 -68.06 -3.42
C GLY J 46 -4.40 -66.75 -2.85
N LYS J 47 -5.72 -66.65 -2.55
CA LYS J 47 -6.31 -65.44 -1.98
C LYS J 47 -5.85 -65.34 -0.51
N LYS J 48 -4.92 -64.38 -0.26
CA LYS J 48 -4.42 -64.10 1.08
C LYS J 48 -5.20 -62.93 1.63
N THR J 49 -5.99 -63.19 2.67
CA THR J 49 -6.81 -62.18 3.34
C THR J 49 -6.15 -61.83 4.68
N PHE J 50 -5.72 -60.59 4.81
CA PHE J 50 -5.11 -60.07 6.01
C PHE J 50 -6.20 -59.33 6.78
N THR J 51 -6.52 -59.78 7.99
CA THR J 51 -7.58 -59.15 8.79
C THR J 51 -7.05 -58.01 9.69
N GLY J 52 -5.74 -57.89 9.80
CA GLY J 52 -5.11 -56.86 10.62
C GLY J 52 -4.49 -55.78 9.76
N ASN J 53 -3.58 -55.02 10.35
CA ASN J 53 -2.87 -53.96 9.67
C ASN J 53 -1.71 -54.53 8.89
N VAL J 54 -1.47 -54.03 7.70
CA VAL J 54 -0.31 -54.43 6.90
C VAL J 54 0.56 -53.18 6.72
N GLU J 55 1.86 -53.33 6.99
CA GLU J 55 2.82 -52.26 6.80
C GLU J 55 3.82 -52.70 5.77
N VAL J 56 4.17 -51.81 4.84
CA VAL J 56 5.19 -52.10 3.82
C VAL J 56 6.25 -51.01 3.92
N ASN J 57 7.50 -51.38 4.23
CA ASN J 57 8.63 -50.47 4.39
C ASN J 57 9.41 -50.29 3.11
N GLY J 58 9.34 -51.28 2.22
CA GLY J 58 9.97 -51.20 0.90
C GLY J 58 8.98 -50.69 -0.11
N SER J 59 9.06 -51.16 -1.35
CA SER J 59 8.10 -50.75 -2.38
C SER J 59 6.89 -51.71 -2.46
N LEU J 60 5.74 -51.20 -2.91
CA LEU J 60 4.54 -51.98 -3.15
C LEU J 60 4.21 -51.90 -4.64
N THR J 61 4.65 -52.88 -5.42
CA THR J 61 4.45 -52.93 -6.85
C THR J 61 3.13 -53.63 -7.22
N LEU J 62 2.33 -52.96 -8.05
CA LEU J 62 1.05 -53.47 -8.54
C LEU J 62 1.08 -53.62 -10.06
N PRO J 63 0.08 -54.28 -10.72
CA PRO J 63 0.15 -54.40 -12.19
C PRO J 63 0.04 -53.02 -12.87
N THR J 64 0.97 -52.71 -13.79
CA THR J 64 1.07 -51.44 -14.50
C THR J 64 0.91 -51.60 -16.01
N LYS J 65 0.23 -50.64 -16.65
CA LYS J 65 0.08 -50.55 -18.09
C LYS J 65 -0.04 -49.09 -18.47
N SER J 66 0.64 -48.70 -19.56
CA SER J 66 0.66 -47.33 -20.06
C SER J 66 0.07 -47.21 -21.47
N TRP J 67 -0.42 -46.00 -21.80
CA TRP J 67 -1.01 -45.66 -23.09
C TRP J 67 -0.94 -44.18 -23.27
N SER J 68 -0.65 -43.75 -24.50
CA SER J 68 -0.66 -42.36 -24.88
C SER J 68 -1.24 -42.24 -26.29
N GLY J 69 -1.98 -41.18 -26.53
CA GLY J 69 -2.57 -40.94 -27.84
C GLY J 69 -3.18 -39.57 -27.95
N GLU J 70 -3.30 -39.08 -29.20
CA GLU J 70 -3.92 -37.80 -29.52
C GLU J 70 -5.43 -38.05 -29.61
N LEU J 71 -6.20 -37.53 -28.64
CA LEU J 71 -7.66 -37.70 -28.61
C LEU J 71 -8.34 -37.06 -29.79
N GLY J 72 -7.82 -35.90 -30.20
CA GLY J 72 -8.33 -35.10 -31.31
C GLY J 72 -8.04 -33.65 -31.07
N GLY J 73 -7.92 -32.88 -32.16
CA GLY J 73 -7.66 -31.45 -32.12
C GLY J 73 -6.28 -31.05 -31.63
N GLY J 74 -5.37 -32.03 -31.59
CA GLY J 74 -4.00 -31.87 -31.12
C GLY J 74 -3.80 -32.14 -29.64
N ILE J 75 -4.89 -32.50 -28.92
CA ILE J 75 -4.89 -32.80 -27.46
C ILE J 75 -4.37 -34.20 -27.25
N ILE J 76 -3.33 -34.34 -26.45
CA ILE J 76 -2.72 -35.66 -26.16
C ILE J 76 -3.05 -36.07 -24.76
N LEU J 77 -3.46 -37.33 -24.56
CA LEU J 77 -3.73 -37.85 -23.23
C LEU J 77 -2.78 -39.00 -22.97
N SER J 78 -2.02 -38.90 -21.88
CA SER J 78 -1.07 -39.93 -21.43
C SER J 78 -1.64 -40.55 -20.19
N LEU J 79 -1.68 -41.88 -20.18
CA LEU J 79 -2.26 -42.64 -19.06
C LEU J 79 -1.34 -43.73 -18.57
N ARG J 80 -1.40 -44.03 -17.26
CA ARG J 80 -0.71 -45.14 -16.61
C ARG J 80 -1.66 -45.72 -15.58
N LYS J 81 -2.01 -46.99 -15.77
CA LYS J 81 -2.91 -47.75 -14.89
C LYS J 81 -2.02 -48.46 -13.85
N LYS J 82 -2.27 -48.21 -12.57
CA LYS J 82 -1.59 -48.86 -11.45
C LYS J 82 -2.72 -49.42 -10.57
N GLY J 83 -3.02 -50.69 -10.74
CA GLY J 83 -4.12 -51.33 -10.02
C GLY J 83 -5.48 -50.82 -10.49
N THR J 84 -6.21 -50.14 -9.61
CA THR J 84 -7.54 -49.61 -9.93
C THR J 84 -7.55 -48.08 -10.11
N THR J 85 -6.38 -47.50 -10.35
CA THR J 85 -6.23 -46.07 -10.53
C THR J 85 -5.53 -45.78 -11.82
N VAL J 86 -6.01 -44.76 -12.53
CA VAL J 86 -5.38 -44.30 -13.75
C VAL J 86 -4.81 -42.92 -13.48
N GLU J 87 -3.49 -42.80 -13.71
CA GLU J 87 -2.75 -41.56 -13.59
C GLU J 87 -2.81 -40.92 -14.97
N TYR J 88 -3.33 -39.70 -15.07
CA TYR J 88 -3.43 -39.01 -16.37
C TYR J 88 -2.59 -37.75 -16.45
N SER J 89 -2.20 -37.39 -17.69
CA SER J 89 -1.48 -36.17 -18.03
C SER J 89 -1.99 -35.65 -19.37
N ILE J 90 -2.62 -34.46 -19.37
CA ILE J 90 -3.12 -33.79 -20.55
C ILE J 90 -1.95 -33.00 -21.10
N GLY J 91 -1.67 -33.22 -22.39
CA GLY J 91 -0.60 -32.57 -23.14
C GLY J 91 -1.09 -32.13 -24.49
N GLY J 92 -0.15 -31.70 -25.33
CA GLY J 92 -0.42 -31.30 -26.70
C GLY J 92 -0.65 -29.81 -26.91
N GLU J 93 -1.19 -29.48 -28.09
CA GLU J 93 -1.50 -28.11 -28.48
C GLU J 93 -2.69 -28.13 -29.37
N ILE J 94 -3.70 -27.28 -29.10
CA ILE J 94 -4.91 -27.21 -29.94
C ILE J 94 -4.50 -26.73 -31.36
N SER J 95 -4.59 -27.64 -32.34
CA SER J 95 -4.15 -27.46 -33.72
C SER J 95 -5.30 -27.30 -34.73
N SER J 96 -6.56 -27.47 -34.29
CA SER J 96 -7.77 -27.31 -35.12
C SER J 96 -8.97 -26.88 -34.27
N SER J 97 -10.11 -26.56 -34.89
CA SER J 97 -11.32 -26.15 -34.18
C SER J 97 -11.95 -27.31 -33.39
N ILE J 98 -12.06 -27.15 -32.08
CA ILE J 98 -12.68 -28.16 -31.20
C ILE J 98 -13.99 -27.56 -30.73
N LEU J 99 -15.11 -28.09 -31.17
CA LEU J 99 -16.39 -27.51 -30.81
C LEU J 99 -16.76 -27.78 -29.36
N ALA J 100 -17.51 -26.87 -28.75
CA ALA J 100 -18.01 -27.04 -27.38
C ALA J 100 -18.84 -28.33 -27.27
N ASN J 101 -18.58 -29.17 -26.24
CA ASN J 101 -19.32 -30.41 -25.93
C ASN J 101 -19.17 -31.52 -26.98
N SER J 102 -18.13 -31.41 -27.82
CA SER J 102 -17.83 -32.35 -28.91
C SER J 102 -17.01 -33.56 -28.50
N ASN J 103 -17.19 -34.67 -29.26
CA ASN J 103 -16.45 -35.90 -29.10
C ASN J 103 -15.08 -35.72 -29.75
N LEU J 104 -14.03 -36.24 -29.07
CA LEU J 104 -12.68 -36.22 -29.61
C LEU J 104 -12.54 -37.56 -30.30
N VAL J 105 -12.55 -37.54 -31.64
CA VAL J 105 -12.64 -38.74 -32.48
C VAL J 105 -11.35 -39.28 -33.14
N ASN J 106 -10.16 -38.68 -32.88
CA ASN J 106 -8.92 -39.22 -33.47
C ASN J 106 -8.50 -40.57 -32.88
N ARG J 107 -8.56 -40.68 -31.54
CA ARG J 107 -8.21 -41.89 -30.80
C ARG J 107 -9.10 -41.96 -29.55
N SER J 108 -9.59 -43.15 -29.24
CA SER J 108 -10.43 -43.47 -28.08
C SER J 108 -9.55 -44.05 -26.98
N VAL J 109 -9.94 -43.85 -25.71
CA VAL J 109 -9.20 -44.43 -24.59
C VAL J 109 -9.46 -45.96 -24.65
N PRO J 110 -8.40 -46.82 -24.73
CA PRO J 110 -8.63 -48.27 -24.79
C PRO J 110 -9.43 -48.74 -23.59
N ASN J 111 -10.11 -49.86 -23.79
CA ASN J 111 -11.02 -50.49 -22.86
C ASN J 111 -10.48 -50.67 -21.44
N GLU J 112 -9.20 -51.12 -21.32
CA GLU J 112 -8.58 -51.36 -20.01
C GLU J 112 -8.36 -50.10 -19.14
N PHE J 113 -8.44 -48.91 -19.76
CA PHE J 113 -8.25 -47.62 -19.09
C PHE J 113 -9.57 -46.86 -18.92
N CYS J 114 -10.70 -47.44 -19.36
CA CYS J 114 -12.03 -46.82 -19.28
C CYS J 114 -12.71 -46.93 -17.93
N PRO J 115 -13.25 -45.83 -17.41
CA PRO J 115 -13.90 -45.89 -16.09
C PRO J 115 -15.31 -46.48 -16.16
N ARG J 116 -15.83 -46.98 -15.03
CA ARG J 116 -17.17 -47.54 -14.88
C ARG J 116 -18.17 -46.38 -15.06
N ASN J 117 -17.88 -45.23 -14.46
CA ASN J 117 -18.67 -44.00 -14.52
C ASN J 117 -17.84 -42.88 -15.19
N ARG J 118 -18.52 -41.89 -15.78
CA ARG J 118 -17.95 -40.72 -16.44
C ARG J 118 -16.98 -39.96 -15.49
N CYS J 119 -15.75 -39.66 -15.98
CA CYS J 119 -14.72 -38.95 -15.21
C CYS J 119 -14.37 -37.61 -15.88
N SER J 120 -14.45 -36.49 -15.12
CA SER J 120 -14.20 -35.12 -15.59
C SER J 120 -12.81 -34.66 -15.24
N LEU J 121 -11.88 -34.68 -16.22
CA LEU J 121 -10.48 -34.29 -16.02
C LEU J 121 -10.28 -32.80 -16.30
N VAL J 122 -10.11 -32.03 -15.20
CA VAL J 122 -9.94 -30.58 -15.19
C VAL J 122 -8.51 -30.23 -15.61
N GLY J 123 -8.40 -29.28 -16.51
CA GLY J 123 -7.15 -28.78 -17.03
C GLY J 123 -7.09 -27.28 -17.15
N HIS J 124 -5.90 -26.77 -17.51
CA HIS J 124 -5.62 -25.34 -17.66
C HIS J 124 -4.90 -25.05 -18.95
N MET J 125 -5.20 -23.88 -19.55
CA MET J 125 -4.58 -23.42 -20.78
C MET J 125 -3.46 -22.43 -20.38
N VAL J 126 -2.22 -22.72 -20.81
CA VAL J 126 -1.02 -21.88 -20.57
C VAL J 126 -1.24 -20.44 -20.98
N GLY J 127 -0.76 -19.50 -20.16
CA GLY J 127 -0.76 -18.09 -20.53
C GLY J 127 -1.83 -17.18 -19.98
N GLY J 128 -2.87 -17.75 -19.38
CA GLY J 128 -3.97 -16.98 -18.82
C GLY J 128 -4.68 -17.67 -17.69
N TRP J 129 -5.95 -17.35 -17.47
CA TRP J 129 -6.74 -17.94 -16.39
C TRP J 129 -7.70 -19.03 -16.86
N ASN J 130 -7.67 -19.41 -18.16
CA ASN J 130 -8.58 -20.39 -18.78
C ASN J 130 -8.50 -21.83 -18.39
N ALA J 131 -9.66 -22.41 -17.99
CA ALA J 131 -9.86 -23.78 -17.56
C ALA J 131 -10.86 -24.50 -18.46
N PHE J 132 -10.68 -25.80 -18.57
CA PHE J 132 -11.54 -26.67 -19.36
C PHE J 132 -11.63 -27.99 -18.62
N HIS J 133 -12.41 -28.91 -19.15
CA HIS J 133 -12.45 -30.30 -18.70
C HIS J 133 -12.74 -31.20 -19.85
N ILE J 134 -12.21 -32.41 -19.78
CA ILE J 134 -12.39 -33.46 -20.77
C ILE J 134 -13.02 -34.60 -20.03
N ASP J 135 -14.13 -35.10 -20.56
CA ASP J 135 -14.80 -36.22 -19.93
C ASP J 135 -14.37 -37.51 -20.52
N ILE J 136 -14.06 -38.50 -19.65
CA ILE J 136 -13.78 -39.85 -20.12
C ILE J 136 -15.01 -40.66 -19.79
N PRO J 137 -15.91 -40.93 -20.78
CA PRO J 137 -17.06 -41.83 -20.51
C PRO J 137 -16.56 -43.27 -20.56
N SER J 138 -17.39 -44.27 -20.19
CA SER J 138 -17.02 -45.70 -20.23
C SER J 138 -16.67 -46.22 -21.62
N SER J 139 -17.06 -45.50 -22.69
CA SER J 139 -16.72 -45.80 -24.08
C SER J 139 -15.31 -45.37 -24.43
N GLY J 140 -14.78 -44.33 -23.79
CA GLY J 140 -13.43 -43.87 -24.08
C GLY J 140 -13.41 -42.87 -25.20
N VAL J 141 -14.60 -42.46 -25.66
CA VAL J 141 -14.74 -41.44 -26.68
C VAL J 141 -14.83 -40.18 -25.84
N CYS J 142 -13.68 -39.53 -25.65
CA CYS J 142 -13.58 -38.35 -24.82
C CYS J 142 -14.34 -37.18 -25.35
N GLN J 143 -14.85 -36.36 -24.44
CA GLN J 143 -15.60 -35.16 -24.76
C GLN J 143 -14.95 -33.93 -24.19
N TRP J 144 -14.97 -32.87 -25.01
CA TRP J 144 -14.40 -31.59 -24.65
C TRP J 144 -15.51 -30.72 -24.07
N PHE J 145 -15.36 -30.31 -22.81
CA PHE J 145 -16.34 -29.45 -22.18
C PHE J 145 -15.93 -28.00 -21.91
N GLY J 146 -14.94 -27.53 -22.65
CA GLY J 146 -14.57 -26.13 -22.70
C GLY J 146 -15.45 -25.53 -23.81
N PRO J 147 -15.30 -24.24 -24.16
CA PRO J 147 -16.12 -23.71 -25.26
C PRO J 147 -15.45 -24.10 -26.57
N THR J 148 -15.95 -23.59 -27.70
CA THR J 148 -15.31 -23.78 -28.98
C THR J 148 -13.91 -23.14 -28.90
N ALA J 149 -12.88 -23.94 -29.12
CA ALA J 149 -11.48 -23.53 -29.05
C ALA J 149 -10.75 -23.96 -30.31
N SER J 150 -9.78 -23.15 -30.76
CA SER J 150 -8.99 -23.40 -31.98
C SER J 150 -7.48 -23.23 -31.76
N SER J 151 -7.05 -22.87 -30.54
CA SER J 151 -5.65 -22.64 -30.17
C SER J 151 -5.41 -22.80 -28.66
N GLY J 152 -4.13 -22.88 -28.29
CA GLY J 152 -3.75 -23.01 -26.89
C GLY J 152 -3.00 -24.27 -26.51
N THR J 153 -2.45 -24.27 -25.28
CA THR J 153 -1.64 -25.34 -24.70
C THR J 153 -2.35 -26.00 -23.50
N PRO J 154 -3.08 -27.13 -23.69
CA PRO J 154 -3.83 -27.71 -22.57
C PRO J 154 -2.93 -28.52 -21.65
N ARG J 155 -3.13 -28.41 -20.32
CA ARG J 155 -2.30 -29.08 -19.32
C ARG J 155 -3.10 -29.51 -18.09
N GLY J 156 -2.65 -30.58 -17.44
CA GLY J 156 -3.29 -31.07 -16.23
C GLY J 156 -2.86 -32.47 -15.91
N THR J 157 -2.52 -32.70 -14.63
CA THR J 157 -2.07 -33.99 -14.09
C THR J 157 -2.95 -34.35 -12.89
N GLY J 158 -3.43 -35.58 -12.86
CA GLY J 158 -4.22 -36.10 -11.75
C GLY J 158 -4.44 -37.58 -11.88
N THR J 159 -5.52 -38.07 -11.27
CA THR J 159 -5.96 -39.47 -11.35
C THR J 159 -7.51 -39.61 -11.48
N TYR J 160 -7.95 -40.82 -11.89
CA TYR J 160 -9.37 -41.21 -11.92
C TYR J 160 -9.47 -42.69 -11.62
N PRO J 161 -10.59 -43.19 -11.06
CA PRO J 161 -10.67 -44.62 -10.77
C PRO J 161 -11.22 -45.54 -11.88
N ILE J 162 -10.78 -46.79 -11.84
CA ILE J 162 -11.14 -47.94 -12.68
C ILE J 162 -11.48 -49.09 -11.70
N ASP J 163 -11.88 -50.29 -12.20
CA ASP J 163 -12.17 -51.45 -11.32
C ASP J 163 -12.01 -52.90 -11.90
N HIS J 164 -11.63 -53.84 -10.99
CA HIS J 164 -11.42 -55.28 -11.21
C HIS J 164 -11.24 -55.97 -9.85
N ALA K 2 14.02 -74.30 14.03
CA ALA K 2 14.15 -74.51 15.47
C ALA K 2 15.51 -75.08 15.83
N SER K 3 15.86 -75.02 17.14
CA SER K 3 17.11 -75.60 17.66
C SER K 3 16.84 -77.01 18.11
N ILE K 4 17.33 -77.98 17.32
CA ILE K 4 17.12 -79.39 17.60
C ILE K 4 18.45 -80.10 17.88
N LYS K 5 18.42 -81.14 18.72
CA LYS K 5 19.62 -81.91 19.02
C LYS K 5 19.65 -83.16 18.13
N LYS K 6 20.86 -83.68 17.88
CA LYS K 6 21.05 -84.86 17.06
C LYS K 6 20.44 -86.07 17.73
N VAL K 7 19.83 -86.94 16.91
CA VAL K 7 19.26 -88.20 17.32
C VAL K 7 20.19 -89.25 16.72
N TYR K 8 20.80 -90.08 17.59
CA TYR K 8 21.74 -91.10 17.14
C TYR K 8 21.67 -92.40 17.89
N ARG K 9 22.17 -93.49 17.26
CA ARG K 9 22.26 -94.85 17.80
C ARG K 9 23.05 -94.85 19.11
N GLY K 10 22.52 -95.53 20.12
CA GLY K 10 23.17 -95.63 21.42
C GLY K 10 23.07 -94.40 22.32
N MET K 11 22.37 -93.36 21.90
CA MET K 11 22.28 -92.21 22.78
C MET K 11 21.49 -92.49 24.05
N LYS K 12 21.93 -91.92 25.14
CA LYS K 12 21.26 -91.96 26.43
C LYS K 12 20.18 -90.93 26.23
N ASN K 13 18.99 -91.16 26.75
CA ASN K 13 17.97 -90.11 26.54
C ASN K 13 17.49 -89.95 25.12
N GLY K 14 17.23 -91.06 24.44
CA GLY K 14 16.74 -91.07 23.06
C GLY K 14 15.31 -90.61 22.96
N ALA K 15 14.42 -91.23 23.77
CA ALA K 15 13.01 -90.87 23.90
C ALA K 15 12.84 -89.39 24.29
N GLU K 16 13.58 -88.91 25.32
CA GLU K 16 13.51 -87.50 25.71
C GLU K 16 14.03 -86.51 24.68
N THR K 17 15.08 -86.87 23.92
CA THR K 17 15.56 -85.99 22.85
C THR K 17 14.55 -85.92 21.70
N ILE K 18 14.01 -87.08 21.26
CA ILE K 18 13.01 -87.13 20.18
C ILE K 18 11.82 -86.25 20.58
N ASN K 19 11.29 -86.41 21.81
CA ASN K 19 10.17 -85.62 22.35
C ASN K 19 10.45 -84.12 22.37
N ASP K 20 11.60 -83.72 22.93
CA ASP K 20 12.01 -82.33 22.98
C ASP K 20 12.19 -81.69 21.59
N ASP K 21 12.68 -82.46 20.61
CA ASP K 21 12.84 -82.01 19.23
C ASP K 21 11.47 -81.86 18.57
N LEU K 22 10.57 -82.81 18.78
CA LEU K 22 9.22 -82.74 18.22
C LEU K 22 8.51 -81.50 18.73
N GLU K 23 8.67 -81.19 20.02
CA GLU K 23 8.07 -80.02 20.67
C GLU K 23 8.66 -78.72 20.17
N ALA K 24 10.00 -78.67 19.99
CA ALA K 24 10.66 -77.47 19.48
C ALA K 24 10.27 -77.16 18.03
N ILE K 25 10.12 -78.21 17.21
CA ILE K 25 9.67 -78.06 15.82
C ILE K 25 8.20 -77.62 15.82
N ASN K 26 7.35 -78.36 16.54
CA ASN K 26 5.91 -78.07 16.65
C ASN K 26 5.62 -76.66 17.16
N SER K 27 6.42 -76.14 18.10
CA SER K 27 6.24 -74.79 18.63
C SER K 27 6.31 -73.75 17.49
N GLU K 28 7.26 -73.90 16.56
CA GLU K 28 7.42 -72.97 15.45
C GLU K 28 6.32 -73.06 14.38
N LEU K 29 5.40 -74.04 14.54
CA LEU K 29 4.24 -74.18 13.67
C LEU K 29 3.11 -73.30 14.21
N THR K 30 3.26 -72.73 15.43
CA THR K 30 2.25 -71.83 16.03
C THR K 30 2.72 -70.37 16.14
N SER K 31 3.99 -70.15 16.51
CA SER K 31 4.60 -68.83 16.67
C SER K 31 6.09 -68.93 16.72
N GLY K 32 6.76 -67.81 16.46
CA GLY K 32 8.21 -67.72 16.47
C GLY K 32 8.91 -68.29 15.25
N GLY K 33 10.23 -68.36 15.34
CA GLY K 33 11.07 -68.89 14.28
C GLY K 33 11.08 -68.00 13.07
N ASN K 34 11.41 -68.58 11.90
CA ASN K 34 11.46 -67.86 10.63
C ASN K 34 10.20 -68.14 9.80
N VAL K 35 9.11 -68.61 10.46
CA VAL K 35 7.88 -68.91 9.73
C VAL K 35 6.79 -67.85 9.94
N VAL K 36 6.11 -67.46 8.86
CA VAL K 36 5.01 -66.50 8.94
C VAL K 36 3.73 -67.26 9.34
N HIS K 37 3.05 -66.77 10.38
CA HIS K 37 1.85 -67.38 10.94
C HIS K 37 0.54 -66.63 10.63
N LYS K 38 -0.58 -67.26 10.92
CA LYS K 38 -1.92 -66.72 10.74
C LYS K 38 -2.40 -65.94 11.97
N THR K 39 -1.49 -65.68 12.95
CA THR K 39 -1.72 -64.89 14.16
C THR K 39 -0.46 -64.09 14.51
N GLY K 40 -0.61 -63.11 15.41
CA GLY K 40 0.45 -62.25 15.95
C GLY K 40 1.12 -61.29 15.01
N ASP K 41 1.83 -60.30 15.62
CA ASP K 41 2.59 -59.26 14.94
C ASP K 41 3.90 -59.85 14.49
N GLU K 42 4.20 -59.75 13.18
CA GLU K 42 5.43 -60.32 12.66
C GLU K 42 6.10 -59.40 11.67
N THR K 43 7.44 -59.42 11.65
CA THR K 43 8.27 -58.65 10.74
C THR K 43 8.78 -59.62 9.70
N ILE K 44 8.55 -59.30 8.42
CA ILE K 44 8.87 -60.13 7.28
C ILE K 44 9.86 -59.42 6.34
N ALA K 45 10.98 -60.08 5.98
CA ALA K 45 11.98 -59.53 5.07
C ALA K 45 12.02 -60.32 3.74
N GLY K 46 12.55 -59.71 2.68
CA GLY K 46 12.69 -60.31 1.35
C GLY K 46 11.60 -59.93 0.39
N LYS K 47 11.83 -60.14 -0.92
CA LYS K 47 10.83 -59.82 -1.96
C LYS K 47 9.72 -60.86 -1.91
N LYS K 48 8.58 -60.46 -1.36
CA LYS K 48 7.39 -61.30 -1.31
C LYS K 48 6.49 -61.00 -2.52
N THR K 49 6.42 -61.95 -3.45
CA THR K 49 5.59 -61.84 -4.65
C THR K 49 4.28 -62.60 -4.47
N PHE K 50 3.16 -61.89 -4.44
CA PHE K 50 1.86 -62.53 -4.33
C PHE K 50 1.28 -62.65 -5.73
N THR K 51 1.05 -63.89 -6.21
CA THR K 51 0.53 -64.14 -7.55
C THR K 51 -0.98 -64.10 -7.65
N GLY K 52 -1.66 -64.13 -6.51
CA GLY K 52 -3.11 -64.11 -6.46
C GLY K 52 -3.63 -62.80 -5.95
N ASN K 53 -4.88 -62.80 -5.50
CA ASN K 53 -5.54 -61.63 -4.96
C ASN K 53 -5.16 -61.46 -3.51
N VAL K 54 -4.88 -60.24 -3.10
CA VAL K 54 -4.59 -59.93 -1.70
C VAL K 54 -5.71 -59.04 -1.22
N GLU K 55 -6.25 -59.35 -0.05
CA GLU K 55 -7.28 -58.53 0.59
C GLU K 55 -6.73 -58.09 1.95
N VAL K 56 -6.93 -56.82 2.32
CA VAL K 56 -6.51 -56.24 3.60
C VAL K 56 -7.76 -55.61 4.21
N ASN K 57 -8.17 -56.07 5.38
CA ASN K 57 -9.34 -55.58 6.09
C ASN K 57 -9.05 -54.42 7.04
N GLY K 58 -7.80 -54.33 7.49
CA GLY K 58 -7.32 -53.25 8.35
C GLY K 58 -6.70 -52.16 7.52
N SER K 59 -5.65 -51.52 8.03
CA SER K 59 -4.98 -50.46 7.29
C SER K 59 -3.79 -51.01 6.49
N LEU K 60 -3.43 -50.33 5.39
CA LEU K 60 -2.24 -50.65 4.62
C LEU K 60 -1.37 -49.40 4.65
N THR K 61 -0.34 -49.41 5.49
CA THR K 61 0.57 -48.29 5.68
C THR K 61 1.79 -48.40 4.78
N LEU K 62 2.10 -47.32 4.06
CA LEU K 62 3.22 -47.26 3.14
C LEU K 62 4.27 -46.25 3.61
N PRO K 63 5.51 -46.22 3.03
CA PRO K 63 6.50 -45.22 3.50
C PRO K 63 6.06 -43.78 3.19
N THR K 64 6.02 -42.93 4.24
CA THR K 64 5.57 -41.53 4.17
C THR K 64 6.68 -40.51 4.47
N LYS K 65 6.67 -39.38 3.74
CA LYS K 65 7.58 -38.25 3.94
C LYS K 65 6.86 -36.98 3.49
N SER K 66 6.94 -35.93 4.33
CA SER K 66 6.36 -34.61 4.08
C SER K 66 7.41 -33.51 3.84
N TRP K 67 7.01 -32.45 3.12
CA TRP K 67 7.80 -31.27 2.79
C TRP K 67 6.86 -30.17 2.43
N SER K 68 7.19 -28.97 2.87
CA SER K 68 6.43 -27.77 2.57
C SER K 68 7.42 -26.63 2.37
N GLY K 69 7.14 -25.78 1.42
CA GLY K 69 8.01 -24.64 1.15
C GLY K 69 7.41 -23.62 0.24
N GLU K 70 7.92 -22.39 0.35
CA GLU K 70 7.50 -21.28 -0.49
C GLU K 70 8.28 -21.38 -1.79
N LEU K 71 7.61 -21.66 -2.91
CA LEU K 71 8.29 -21.81 -4.19
C LEU K 71 8.85 -20.51 -4.69
N GLY K 72 8.11 -19.44 -4.43
CA GLY K 72 8.42 -18.08 -4.85
C GLY K 72 7.14 -17.30 -5.04
N GLY K 73 7.23 -15.96 -4.97
CA GLY K 73 6.10 -15.05 -5.11
C GLY K 73 5.02 -15.17 -4.06
N GLY K 74 5.29 -15.91 -2.98
CA GLY K 74 4.35 -16.13 -1.88
C GLY K 74 3.54 -17.40 -2.02
N ILE K 75 3.82 -18.20 -3.06
CA ILE K 75 3.12 -19.48 -3.30
C ILE K 75 3.75 -20.57 -2.45
N ILE K 76 2.95 -21.23 -1.59
CA ILE K 76 3.41 -22.36 -0.74
C ILE K 76 2.92 -23.68 -1.33
N LEU K 77 3.81 -24.66 -1.46
CA LEU K 77 3.45 -25.99 -1.92
C LEU K 77 3.74 -27.00 -0.79
N SER K 78 2.70 -27.73 -0.36
CA SER K 78 2.80 -28.76 0.68
C SER K 78 2.66 -30.12 0.02
N LEU K 79 3.65 -30.98 0.26
CA LEU K 79 3.73 -32.31 -0.32
C LEU K 79 3.80 -33.40 0.74
N ARG K 80 3.29 -34.59 0.37
CA ARG K 80 3.32 -35.82 1.17
C ARG K 80 3.47 -36.98 0.21
N LYS K 81 4.60 -37.63 0.27
CA LYS K 81 4.95 -38.79 -0.55
C LYS K 81 4.44 -40.03 0.19
N LYS K 82 3.52 -40.79 -0.45
CA LYS K 82 2.99 -42.08 0.05
C LYS K 82 3.25 -43.09 -1.07
N GLY K 83 4.32 -43.85 -0.93
CA GLY K 83 4.72 -44.83 -1.92
C GLY K 83 5.24 -44.12 -3.15
N THR K 84 4.57 -44.32 -4.29
CA THR K 84 4.93 -43.71 -5.58
C THR K 84 3.99 -42.55 -5.98
N THR K 85 3.25 -42.02 -5.01
CA THR K 85 2.34 -40.91 -5.24
C THR K 85 2.71 -39.72 -4.33
N VAL K 86 2.61 -38.51 -4.87
CA VAL K 86 2.81 -37.33 -4.07
C VAL K 86 1.49 -36.60 -4.01
N GLU K 87 0.95 -36.45 -2.79
CA GLU K 87 -0.26 -35.68 -2.51
C GLU K 87 0.19 -34.25 -2.36
N TYR K 88 -0.39 -33.33 -3.13
CA TYR K 88 -0.03 -31.90 -3.07
C TYR K 88 -1.18 -31.03 -2.64
N SER K 89 -0.84 -29.85 -2.09
CA SER K 89 -1.80 -28.86 -1.69
C SER K 89 -1.17 -27.51 -1.93
N ILE K 90 -1.76 -26.71 -2.83
CA ILE K 90 -1.28 -25.36 -3.11
C ILE K 90 -1.88 -24.41 -2.05
N GLY K 91 -1.03 -23.56 -1.49
CA GLY K 91 -1.39 -22.56 -0.49
C GLY K 91 -0.66 -21.26 -0.70
N GLY K 92 -0.76 -20.36 0.29
CA GLY K 92 -0.09 -19.05 0.31
C GLY K 92 -0.93 -17.95 -0.29
N GLU K 93 -0.29 -16.84 -0.65
CA GLU K 93 -0.88 -15.64 -1.21
C GLU K 93 0.16 -14.95 -2.05
N ILE K 94 -0.15 -14.70 -3.33
CA ILE K 94 0.75 -13.98 -4.21
C ILE K 94 1.10 -12.63 -3.56
N SER K 95 2.38 -12.43 -3.26
CA SER K 95 2.91 -11.29 -2.53
C SER K 95 3.88 -10.41 -3.34
N SER K 96 4.12 -10.76 -4.60
CA SER K 96 5.00 -10.03 -5.52
C SER K 96 4.70 -10.47 -6.96
N SER K 97 5.22 -9.72 -7.93
CA SER K 97 5.00 -9.97 -9.35
C SER K 97 5.63 -11.33 -9.77
N ILE K 98 4.78 -12.26 -10.23
CA ILE K 98 5.15 -13.58 -10.76
C ILE K 98 4.87 -13.47 -12.26
N LEU K 99 5.91 -13.39 -13.08
CA LEU K 99 5.70 -13.28 -14.51
C LEU K 99 5.14 -14.54 -15.12
N ALA K 100 4.37 -14.41 -16.23
CA ALA K 100 3.86 -15.58 -16.93
C ALA K 100 5.04 -16.41 -17.42
N ASN K 101 4.97 -17.73 -17.25
CA ASN K 101 5.94 -18.73 -17.74
C ASN K 101 7.27 -18.72 -17.02
N SER K 102 7.32 -18.06 -15.85
CA SER K 102 8.52 -17.90 -15.04
C SER K 102 8.77 -18.99 -14.04
N ASN K 103 10.06 -19.22 -13.73
CA ASN K 103 10.50 -20.16 -12.70
C ASN K 103 10.30 -19.53 -11.30
N LEU K 104 9.89 -20.37 -10.36
CA LEU K 104 9.65 -19.99 -8.98
C LEU K 104 10.97 -20.32 -8.31
N VAL K 105 11.74 -19.26 -8.01
CA VAL K 105 13.12 -19.34 -7.56
C VAL K 105 13.44 -19.10 -6.07
N ASN K 106 12.47 -19.26 -5.17
CA ASN K 106 12.84 -19.13 -3.75
C ASN K 106 13.34 -20.49 -3.25
N ARG K 107 12.64 -21.57 -3.62
CA ARG K 107 12.93 -22.93 -3.18
C ARG K 107 12.47 -23.90 -4.25
N SER K 108 13.28 -24.92 -4.50
CA SER K 108 12.95 -25.99 -5.44
C SER K 108 12.39 -27.17 -4.68
N VAL K 109 11.61 -27.99 -5.36
CA VAL K 109 11.04 -29.19 -4.75
C VAL K 109 12.21 -30.18 -4.58
N PRO K 110 12.41 -30.76 -3.36
CA PRO K 110 13.55 -31.68 -3.18
C PRO K 110 13.43 -32.90 -4.07
N ASN K 111 14.60 -33.43 -4.50
CA ASN K 111 14.71 -34.56 -5.41
C ASN K 111 13.77 -35.75 -5.09
N GLU K 112 13.66 -36.14 -3.80
CA GLU K 112 12.81 -37.26 -3.40
C GLU K 112 11.33 -37.10 -3.76
N PHE K 113 10.87 -35.85 -3.97
CA PHE K 113 9.50 -35.50 -4.33
C PHE K 113 9.36 -35.12 -5.82
N CYS K 114 10.45 -35.19 -6.59
CA CYS K 114 10.43 -34.82 -8.01
C CYS K 114 9.97 -35.91 -8.96
N PRO K 115 9.13 -35.55 -9.93
CA PRO K 115 8.64 -36.57 -10.86
C PRO K 115 9.65 -36.92 -11.94
N ARG K 116 9.47 -38.05 -12.62
CA ARG K 116 10.31 -38.50 -13.74
C ARG K 116 10.08 -37.53 -14.92
N ASN K 117 8.82 -37.23 -15.21
CA ASN K 117 8.33 -36.34 -16.25
C ASN K 117 7.60 -35.12 -15.63
N ARG K 118 7.62 -34.00 -16.33
CA ARG K 118 6.98 -32.73 -15.99
C ARG K 118 5.48 -32.95 -15.62
N CYS K 119 5.07 -32.46 -14.44
CA CYS K 119 3.69 -32.58 -13.93
C CYS K 119 3.02 -31.23 -13.82
N SER K 120 1.78 -31.12 -14.27
CA SER K 120 1.04 -29.86 -14.29
C SER K 120 -0.03 -29.84 -13.23
N LEU K 121 0.24 -29.10 -12.13
CA LEU K 121 -0.65 -29.00 -11.00
C LEU K 121 -1.65 -27.85 -11.13
N VAL K 122 -2.90 -28.20 -11.50
CA VAL K 122 -3.98 -27.24 -11.72
C VAL K 122 -4.53 -26.70 -10.39
N GLY K 123 -4.68 -25.39 -10.35
CA GLY K 123 -5.23 -24.69 -9.20
C GLY K 123 -6.24 -23.65 -9.61
N HIS K 124 -6.88 -23.04 -8.60
CA HIS K 124 -7.88 -22.00 -8.74
C HIS K 124 -7.58 -20.84 -7.79
N MET K 125 -7.94 -19.62 -8.23
CA MET K 125 -7.74 -18.38 -7.51
C MET K 125 -9.05 -18.01 -6.83
N VAL K 126 -9.07 -17.97 -5.50
CA VAL K 126 -10.23 -17.58 -4.69
C VAL K 126 -10.95 -16.31 -5.24
N GLY K 127 -12.30 -16.35 -5.26
CA GLY K 127 -13.11 -15.19 -5.57
C GLY K 127 -13.60 -14.94 -6.97
N GLY K 128 -13.18 -15.77 -7.92
CA GLY K 128 -13.58 -15.66 -9.31
C GLY K 128 -13.46 -16.98 -10.03
N TRP K 129 -13.51 -16.97 -11.37
CA TRP K 129 -13.47 -18.18 -12.21
C TRP K 129 -12.05 -18.55 -12.72
N ASN K 130 -10.98 -17.91 -12.19
CA ASN K 130 -9.60 -18.06 -12.64
C ASN K 130 -8.85 -19.31 -12.25
N ALA K 131 -8.28 -19.98 -13.24
CA ALA K 131 -7.44 -21.14 -12.99
C ALA K 131 -6.00 -20.85 -13.47
N PHE K 132 -5.06 -21.57 -12.88
CA PHE K 132 -3.66 -21.51 -13.24
C PHE K 132 -3.14 -22.93 -13.12
N HIS K 133 -1.88 -23.13 -13.44
CA HIS K 133 -1.17 -24.37 -13.21
C HIS K 133 0.29 -24.07 -12.95
N ILE K 134 0.92 -24.90 -12.12
CA ILE K 134 2.31 -24.85 -11.75
C ILE K 134 2.86 -26.16 -12.26
N ASP K 135 3.93 -26.09 -13.05
CA ASP K 135 4.61 -27.29 -13.55
C ASP K 135 5.74 -27.66 -12.60
N ILE K 136 5.85 -28.94 -12.25
CA ILE K 136 6.97 -29.46 -11.43
C ILE K 136 7.80 -30.28 -12.38
N PRO K 137 8.97 -29.78 -12.84
CA PRO K 137 9.81 -30.60 -13.71
C PRO K 137 10.65 -31.54 -12.83
N SER K 138 11.42 -32.43 -13.46
CA SER K 138 12.26 -33.34 -12.70
C SER K 138 13.33 -32.64 -11.88
N SER K 139 13.66 -31.37 -12.23
CA SER K 139 14.65 -30.54 -11.52
C SER K 139 14.15 -29.96 -10.19
N GLY K 140 12.85 -29.83 -10.04
CA GLY K 140 12.25 -29.28 -8.83
C GLY K 140 12.06 -27.77 -8.92
N VAL K 141 12.60 -27.13 -9.98
CA VAL K 141 12.44 -25.71 -10.24
C VAL K 141 11.08 -25.50 -10.88
N CYS K 142 10.05 -25.27 -10.04
CA CYS K 142 8.67 -25.06 -10.43
C CYS K 142 8.46 -23.82 -11.29
N GLN K 143 7.50 -23.91 -12.21
CA GLN K 143 7.18 -22.89 -13.17
C GLN K 143 5.71 -22.51 -13.10
N TRP K 144 5.43 -21.21 -13.18
CA TRP K 144 4.08 -20.65 -13.11
C TRP K 144 3.53 -20.45 -14.54
N PHE K 145 2.40 -21.13 -14.84
CA PHE K 145 1.79 -21.08 -16.15
C PHE K 145 0.49 -20.32 -16.30
N GLY K 146 0.26 -19.43 -15.37
CA GLY K 146 -0.85 -18.51 -15.45
C GLY K 146 -0.37 -17.23 -16.12
N PRO K 147 -1.12 -16.12 -16.04
CA PRO K 147 -0.61 -14.88 -16.61
C PRO K 147 0.28 -14.17 -15.58
N THR K 148 0.83 -13.00 -15.91
CA THR K 148 1.59 -12.21 -14.95
C THR K 148 0.58 -11.86 -13.82
N ALA K 149 0.86 -12.35 -12.62
CA ALA K 149 0.01 -12.17 -11.46
C ALA K 149 0.79 -11.52 -10.33
N SER K 150 0.11 -10.72 -9.50
CA SER K 150 0.79 -10.03 -8.39
C SER K 150 -0.07 -9.96 -7.13
N SER K 151 -1.20 -10.66 -7.14
CA SER K 151 -2.15 -10.70 -6.03
C SER K 151 -3.06 -11.89 -6.18
N GLY K 152 -3.67 -12.32 -5.09
CA GLY K 152 -4.59 -13.44 -5.06
C GLY K 152 -4.17 -14.62 -4.22
N THR K 153 -5.14 -15.50 -3.96
CA THR K 153 -5.01 -16.67 -3.14
C THR K 153 -5.06 -17.94 -4.01
N PRO K 154 -3.90 -18.63 -4.22
CA PRO K 154 -3.91 -19.83 -5.07
C PRO K 154 -4.25 -21.08 -4.25
N ARG K 155 -5.12 -21.95 -4.74
CA ARG K 155 -5.55 -23.16 -4.03
C ARG K 155 -5.63 -24.33 -4.98
N GLY K 156 -5.54 -25.53 -4.43
CA GLY K 156 -5.66 -26.75 -5.23
C GLY K 156 -5.04 -27.95 -4.57
N THR K 157 -5.80 -29.04 -4.49
CA THR K 157 -5.40 -30.29 -3.87
C THR K 157 -5.53 -31.37 -4.92
N GLY K 158 -4.50 -32.20 -5.05
CA GLY K 158 -4.48 -33.33 -5.96
C GLY K 158 -3.29 -34.23 -5.71
N THR K 159 -2.84 -34.93 -6.76
CA THR K 159 -1.68 -35.84 -6.71
C THR K 159 -0.91 -35.86 -8.05
N TYR K 160 0.35 -36.30 -7.99
CA TYR K 160 1.20 -36.55 -9.16
C TYR K 160 2.09 -37.77 -8.88
N PRO K 161 2.54 -38.50 -9.92
CA PRO K 161 3.34 -39.69 -9.67
C PRO K 161 4.87 -39.47 -9.57
N ILE K 162 5.50 -40.36 -8.80
CA ILE K 162 6.92 -40.47 -8.50
C ILE K 162 7.34 -41.94 -8.70
N ASP K 163 8.64 -42.26 -8.60
CA ASP K 163 9.11 -43.65 -8.69
C ASP K 163 10.37 -43.99 -7.89
N HIS K 164 10.43 -45.26 -7.42
CA HIS K 164 11.51 -45.96 -6.73
C HIS K 164 11.13 -47.41 -6.37
N ALA L 2 0.60 -78.44 15.25
CA ALA L 2 -0.09 -79.74 15.15
C ALA L 2 -0.33 -80.36 16.51
N SER L 3 -1.27 -81.31 16.58
CA SER L 3 -1.53 -82.08 17.81
C SER L 3 -0.61 -83.29 17.77
N ILE L 4 0.36 -83.32 18.69
CA ILE L 4 1.33 -84.40 18.83
C ILE L 4 1.24 -85.03 20.21
N LYS L 5 1.54 -86.33 20.32
CA LYS L 5 1.54 -87.07 21.58
C LYS L 5 2.97 -87.06 22.18
N LYS L 6 3.09 -87.21 23.51
CA LYS L 6 4.38 -87.25 24.19
C LYS L 6 5.10 -88.54 23.86
N VAL L 7 6.42 -88.43 23.68
CA VAL L 7 7.32 -89.55 23.41
C VAL L 7 8.15 -89.66 24.68
N TYR L 8 8.17 -90.82 25.34
CA TYR L 8 8.87 -90.99 26.61
C TYR L 8 9.46 -92.36 26.85
N ARG L 9 10.43 -92.46 27.75
CA ARG L 9 11.12 -93.70 28.13
C ARG L 9 10.13 -94.71 28.72
N GLY L 10 10.16 -95.93 28.20
CA GLY L 10 9.32 -97.02 28.65
C GLY L 10 7.91 -97.02 28.10
N MET L 11 7.58 -96.07 27.22
CA MET L 11 6.26 -96.01 26.57
C MET L 11 5.96 -97.22 25.68
N LYS L 12 4.67 -97.49 25.50
CA LYS L 12 4.19 -98.53 24.60
C LYS L 12 3.76 -97.79 23.34
N ASN L 13 4.08 -98.37 22.20
CA ASN L 13 3.81 -97.82 20.87
C ASN L 13 4.67 -96.63 20.56
N GLY L 14 5.94 -96.76 20.89
CA GLY L 14 6.97 -95.76 20.68
C GLY L 14 7.17 -95.36 19.24
N ALA L 15 7.44 -96.34 18.36
CA ALA L 15 7.68 -96.11 16.94
C ALA L 15 6.47 -95.47 16.24
N GLU L 16 5.26 -96.00 16.51
CA GLU L 16 4.00 -95.53 15.93
C GLU L 16 3.75 -94.09 16.31
N THR L 17 3.93 -93.75 17.59
CA THR L 17 3.80 -92.39 18.12
C THR L 17 4.77 -91.44 17.42
N ILE L 18 6.08 -91.80 17.33
CA ILE L 18 7.07 -90.95 16.65
C ILE L 18 6.62 -90.70 15.20
N ASN L 19 6.25 -91.76 14.47
CA ASN L 19 5.81 -91.66 13.08
C ASN L 19 4.58 -90.79 12.89
N ASP L 20 3.55 -91.00 13.72
CA ASP L 20 2.32 -90.22 13.67
C ASP L 20 2.61 -88.74 13.94
N ASP L 21 3.47 -88.47 14.96
CA ASP L 21 3.93 -87.13 15.31
C ASP L 21 4.66 -86.49 14.13
N LEU L 22 5.62 -87.20 13.52
CA LEU L 22 6.35 -86.66 12.36
C LEU L 22 5.40 -86.32 11.22
N GLU L 23 4.39 -87.18 10.98
CA GLU L 23 3.41 -86.97 9.92
C GLU L 23 2.43 -85.80 10.17
N ALA L 24 1.99 -85.63 11.42
CA ALA L 24 1.09 -84.56 11.83
C ALA L 24 1.76 -83.20 11.70
N ILE L 25 3.08 -83.14 11.96
CA ILE L 25 3.91 -81.94 11.84
C ILE L 25 4.17 -81.66 10.37
N ASN L 26 4.56 -82.70 9.60
CA ASN L 26 4.88 -82.56 8.18
C ASN L 26 3.68 -82.11 7.31
N SER L 27 2.46 -82.48 7.73
CA SER L 27 1.21 -82.12 7.04
C SER L 27 1.03 -80.60 7.06
N GLU L 28 1.34 -79.97 8.23
CA GLU L 28 1.21 -78.54 8.45
C GLU L 28 2.26 -77.73 7.68
N LEU L 29 3.23 -78.39 7.04
CA LEU L 29 4.25 -77.72 6.24
C LEU L 29 3.77 -77.57 4.80
N THR L 30 2.55 -78.08 4.48
CA THR L 30 1.94 -77.99 3.13
C THR L 30 0.63 -77.22 3.17
N SER L 31 -0.20 -77.45 4.22
CA SER L 31 -1.49 -76.78 4.41
C SER L 31 -1.94 -76.91 5.83
N GLY L 32 -2.87 -76.03 6.25
CA GLY L 32 -3.46 -76.06 7.57
C GLY L 32 -2.59 -75.47 8.66
N GLY L 33 -3.07 -75.65 9.89
CA GLY L 33 -2.46 -75.13 11.09
C GLY L 33 -2.50 -73.61 11.11
N ASN L 34 -1.55 -73.00 11.84
CA ASN L 34 -1.39 -71.57 11.98
C ASN L 34 -0.29 -71.08 11.06
N VAL L 35 0.17 -71.88 10.08
CA VAL L 35 1.25 -71.44 9.18
C VAL L 35 0.78 -70.89 7.84
N VAL L 36 1.43 -69.82 7.35
CA VAL L 36 1.11 -69.21 6.06
C VAL L 36 1.90 -69.98 5.00
N HIS L 37 1.18 -70.43 3.96
CA HIS L 37 1.73 -71.24 2.89
C HIS L 37 1.81 -70.53 1.56
N LYS L 38 2.66 -71.05 0.66
CA LYS L 38 2.84 -70.54 -0.69
C LYS L 38 1.73 -71.00 -1.64
N THR L 39 0.65 -71.63 -1.14
CA THR L 39 -0.51 -72.08 -1.92
C THR L 39 -1.78 -71.97 -1.08
N GLY L 40 -2.94 -71.87 -1.75
CA GLY L 40 -4.26 -71.87 -1.10
C GLY L 40 -4.72 -70.57 -0.49
N ASP L 41 -6.03 -70.51 -0.25
CA ASP L 41 -6.71 -69.36 0.33
C ASP L 41 -6.55 -69.44 1.82
N GLU L 42 -5.98 -68.38 2.40
CA GLU L 42 -5.73 -68.32 3.84
C GLU L 42 -6.10 -66.96 4.43
N THR L 43 -6.54 -66.95 5.69
CA THR L 43 -6.85 -65.74 6.45
C THR L 43 -5.71 -65.54 7.46
N ILE L 44 -5.12 -64.32 7.50
CA ILE L 44 -3.97 -63.96 8.32
C ILE L 44 -4.31 -62.83 9.29
N ALA L 45 -4.02 -63.00 10.60
CA ALA L 45 -4.24 -61.99 11.65
C ALA L 45 -2.92 -61.41 12.22
N GLY L 46 -2.97 -60.16 12.71
CA GLY L 46 -1.83 -59.46 13.31
C GLY L 46 -1.16 -58.43 12.42
N LYS L 47 -0.39 -57.50 13.03
CA LYS L 47 0.32 -56.46 12.29
C LYS L 47 1.48 -57.15 11.51
N LYS L 48 1.30 -57.27 10.18
CA LYS L 48 2.36 -57.84 9.36
C LYS L 48 3.22 -56.74 8.77
N THR L 49 4.50 -56.68 9.17
CA THR L 49 5.41 -55.66 8.68
C THR L 49 6.34 -56.26 7.64
N PHE L 50 6.25 -55.78 6.41
CA PHE L 50 7.14 -56.24 5.36
C PHE L 50 8.25 -55.19 5.24
N THR L 51 9.50 -55.62 5.43
CA THR L 51 10.65 -54.73 5.36
C THR L 51 11.25 -54.66 3.95
N GLY L 52 10.84 -55.58 3.09
CA GLY L 52 11.29 -55.63 1.71
C GLY L 52 10.25 -55.10 0.74
N ASN L 53 10.48 -55.40 -0.55
CA ASN L 53 9.58 -55.04 -1.62
C ASN L 53 8.46 -56.06 -1.70
N VAL L 54 7.23 -55.59 -1.81
CA VAL L 54 6.06 -56.46 -1.94
C VAL L 54 5.49 -56.24 -3.32
N GLU L 55 5.24 -57.34 -4.04
CA GLU L 55 4.65 -57.32 -5.37
C GLU L 55 3.33 -58.06 -5.31
N VAL L 56 2.29 -57.52 -5.94
CA VAL L 56 0.97 -58.14 -6.01
C VAL L 56 0.61 -58.18 -7.47
N ASN L 57 0.43 -59.41 -8.01
CA ASN L 57 0.10 -59.64 -9.40
C ASN L 57 -1.39 -59.64 -9.68
N GLY L 58 -2.18 -59.94 -8.65
CA GLY L 58 -3.63 -59.95 -8.74
C GLY L 58 -4.21 -58.62 -8.30
N SER L 59 -5.36 -58.66 -7.65
CA SER L 59 -6.01 -57.48 -7.12
C SER L 59 -5.59 -57.25 -5.65
N LEU L 60 -5.60 -55.99 -5.22
CA LEU L 60 -5.32 -55.59 -3.85
C LEU L 60 -6.57 -54.87 -3.37
N THR L 61 -7.41 -55.55 -2.63
CA THR L 61 -8.67 -55.01 -2.13
C THR L 61 -8.47 -54.39 -0.76
N LEU L 62 -8.95 -53.14 -0.58
CA LEU L 62 -8.86 -52.42 0.68
C LEU L 62 -10.28 -52.12 1.24
N PRO L 63 -10.46 -51.64 2.50
CA PRO L 63 -11.82 -51.28 2.95
C PRO L 63 -12.30 -50.01 2.22
N THR L 64 -13.49 -50.13 1.61
CA THR L 64 -14.15 -49.10 0.83
C THR L 64 -15.46 -48.66 1.44
N LYS L 65 -15.76 -47.35 1.35
CA LYS L 65 -17.00 -46.75 1.81
C LYS L 65 -17.38 -45.58 0.88
N SER L 66 -18.64 -45.48 0.50
CA SER L 66 -19.16 -44.44 -0.39
C SER L 66 -20.18 -43.53 0.30
N TRP L 67 -20.33 -42.31 -0.24
CA TRP L 67 -21.27 -41.29 0.20
C TRP L 67 -21.48 -40.32 -0.92
N SER L 68 -22.71 -39.85 -1.05
CA SER L 68 -23.08 -38.88 -2.05
C SER L 68 -24.14 -38.00 -1.43
N GLY L 69 -24.05 -36.71 -1.69
CA GLY L 69 -25.00 -35.75 -1.18
C GLY L 69 -24.96 -34.43 -1.90
N GLU L 70 -26.07 -33.69 -1.86
CA GLU L 70 -26.14 -32.35 -2.44
C GLU L 70 -25.69 -31.43 -1.34
N LEU L 71 -24.49 -30.86 -1.49
CA LEU L 71 -23.88 -29.98 -0.51
C LEU L 71 -24.71 -28.72 -0.27
N GLY L 72 -25.22 -28.16 -1.36
CA GLY L 72 -25.98 -26.92 -1.40
C GLY L 72 -25.96 -26.34 -2.79
N GLY L 73 -27.01 -25.55 -3.11
CA GLY L 73 -27.18 -24.84 -4.39
C GLY L 73 -27.30 -25.75 -5.60
N GLY L 74 -27.57 -27.02 -5.38
CA GLY L 74 -27.71 -27.98 -6.47
C GLY L 74 -26.41 -28.70 -6.79
N ILE L 75 -25.32 -28.40 -6.03
CA ILE L 75 -24.02 -29.08 -6.20
C ILE L 75 -24.02 -30.40 -5.43
N ILE L 76 -23.71 -31.48 -6.14
CA ILE L 76 -23.61 -32.84 -5.58
C ILE L 76 -22.15 -33.23 -5.51
N LEU L 77 -21.74 -33.85 -4.40
CA LEU L 77 -20.39 -34.36 -4.19
C LEU L 77 -20.52 -35.83 -3.90
N SER L 78 -19.85 -36.67 -4.72
CA SER L 78 -19.83 -38.12 -4.58
C SER L 78 -18.44 -38.55 -4.18
N LEU L 79 -18.34 -39.21 -3.01
CA LEU L 79 -17.09 -39.67 -2.43
C LEU L 79 -16.99 -41.18 -2.28
N ARG L 80 -15.76 -41.70 -2.36
CA ARG L 80 -15.41 -43.11 -2.17
C ARG L 80 -14.06 -43.15 -1.44
N LYS L 81 -14.08 -43.62 -0.20
CA LYS L 81 -12.92 -43.75 0.68
C LYS L 81 -12.31 -45.12 0.45
N LYS L 82 -11.03 -45.17 0.04
CA LYS L 82 -10.26 -46.40 -0.18
C LYS L 82 -9.00 -46.20 0.65
N GLY L 83 -9.02 -46.72 1.86
CA GLY L 83 -7.92 -46.58 2.78
C GLY L 83 -7.80 -45.15 3.32
N THR L 84 -6.71 -44.47 2.96
CA THR L 84 -6.47 -43.08 3.39
C THR L 84 -6.69 -42.04 2.27
N THR L 85 -7.34 -42.43 1.20
CA THR L 85 -7.61 -41.57 0.06
C THR L 85 -9.09 -41.54 -0.24
N VAL L 86 -9.62 -40.33 -0.49
CA VAL L 86 -11.01 -40.14 -0.86
C VAL L 86 -11.04 -39.70 -2.30
N GLU L 87 -11.68 -40.51 -3.14
CA GLU L 87 -11.92 -40.24 -4.57
C GLU L 87 -13.18 -39.42 -4.63
N TYR L 88 -13.11 -38.22 -5.25
CA TYR L 88 -14.28 -37.35 -5.35
C TYR L 88 -14.71 -37.14 -6.77
N SER L 89 -15.98 -36.78 -6.93
CA SER L 89 -16.59 -36.40 -8.21
C SER L 89 -17.61 -35.30 -7.96
N ILE L 90 -17.39 -34.11 -8.52
CA ILE L 90 -18.31 -32.98 -8.41
C ILE L 90 -19.37 -33.19 -9.51
N GLY L 91 -20.63 -33.03 -9.14
CA GLY L 91 -21.77 -33.15 -10.04
C GLY L 91 -22.89 -32.19 -9.68
N GLY L 92 -24.03 -32.38 -10.33
CA GLY L 92 -25.21 -31.54 -10.11
C GLY L 92 -25.27 -30.36 -11.07
N GLU L 93 -26.13 -29.37 -10.72
CA GLU L 93 -26.35 -28.13 -11.47
C GLU L 93 -26.68 -27.04 -10.51
N ILE L 94 -26.05 -25.87 -10.66
CA ILE L 94 -26.35 -24.74 -9.78
C ILE L 94 -27.81 -24.29 -10.02
N SER L 95 -28.64 -24.49 -8.99
CA SER L 95 -30.09 -24.29 -9.01
C SER L 95 -30.56 -23.09 -8.20
N SER L 96 -29.65 -22.38 -7.53
CA SER L 96 -29.95 -21.16 -6.76
C SER L 96 -28.70 -20.32 -6.64
N SER L 97 -28.80 -19.13 -6.04
CA SER L 97 -27.65 -18.24 -5.84
C SER L 97 -26.71 -18.75 -4.77
N ILE L 98 -25.45 -19.03 -5.18
CA ILE L 98 -24.36 -19.46 -4.28
C ILE L 98 -23.45 -18.27 -4.17
N LEU L 99 -23.43 -17.63 -3.00
CA LEU L 99 -22.59 -16.45 -2.80
C LEU L 99 -21.11 -16.77 -2.75
N ALA L 100 -20.27 -15.81 -3.17
CA ALA L 100 -18.81 -15.97 -3.11
C ALA L 100 -18.43 -16.30 -1.68
N ASN L 101 -17.54 -17.32 -1.51
CA ASN L 101 -16.98 -17.74 -0.22
C ASN L 101 -18.00 -18.23 0.85
N SER L 102 -19.23 -18.50 0.44
CA SER L 102 -20.30 -18.97 1.30
C SER L 102 -20.19 -20.45 1.62
N ASN L 103 -20.83 -20.85 2.71
CA ASN L 103 -20.89 -22.22 3.19
C ASN L 103 -22.03 -22.93 2.49
N LEU L 104 -21.79 -24.20 2.12
CA LEU L 104 -22.78 -25.08 1.46
C LEU L 104 -23.42 -25.87 2.61
N VAL L 105 -24.64 -25.44 2.98
CA VAL L 105 -25.36 -25.88 4.18
C VAL L 105 -26.50 -26.90 4.03
N ASN L 106 -26.73 -27.46 2.84
CA ASN L 106 -27.77 -28.49 2.68
C ASN L 106 -27.32 -29.82 3.28
N ARG L 107 -26.07 -30.20 3.04
CA ARG L 107 -25.48 -31.43 3.55
C ARG L 107 -23.99 -31.24 3.82
N SER L 108 -23.53 -31.61 5.01
CA SER L 108 -22.12 -31.60 5.39
C SER L 108 -21.49 -32.95 5.01
N VAL L 109 -20.18 -32.95 4.70
CA VAL L 109 -19.43 -34.17 4.41
C VAL L 109 -19.32 -34.94 5.75
N PRO L 110 -19.74 -36.23 5.82
CA PRO L 110 -19.61 -36.98 7.09
C PRO L 110 -18.20 -37.08 7.60
N ASN L 111 -18.04 -37.18 8.93
CA ASN L 111 -16.75 -37.25 9.62
C ASN L 111 -15.74 -38.25 9.07
N GLU L 112 -16.18 -39.47 8.73
CA GLU L 112 -15.29 -40.49 8.17
C GLU L 112 -14.63 -40.10 6.85
N PHE L 113 -15.20 -39.11 6.13
CA PHE L 113 -14.70 -38.60 4.84
C PHE L 113 -14.02 -37.22 4.98
N CYS L 114 -13.98 -36.66 6.19
CA CYS L 114 -13.39 -35.36 6.45
C CYS L 114 -11.86 -35.37 6.54
N PRO L 115 -11.17 -34.41 5.88
CA PRO L 115 -9.71 -34.38 5.95
C PRO L 115 -9.17 -33.75 7.23
N ARG L 116 -7.85 -33.97 7.50
CA ARG L 116 -7.14 -33.43 8.66
C ARG L 116 -7.12 -31.91 8.51
N ASN L 117 -6.67 -31.42 7.34
CA ASN L 117 -6.63 -30.01 7.02
C ASN L 117 -7.48 -29.76 5.80
N ARG L 118 -7.89 -28.51 5.62
CA ARG L 118 -8.70 -27.99 4.52
C ARG L 118 -8.20 -28.49 3.15
N CYS L 119 -9.10 -29.09 2.34
CA CYS L 119 -8.80 -29.56 0.98
C CYS L 119 -9.52 -28.76 -0.05
N SER L 120 -8.82 -28.31 -1.12
CA SER L 120 -9.39 -27.47 -2.17
C SER L 120 -9.64 -28.25 -3.43
N LEU L 121 -10.90 -28.61 -3.68
CA LEU L 121 -11.29 -29.42 -4.84
C LEU L 121 -11.60 -28.54 -6.03
N VAL L 122 -10.68 -28.53 -7.01
CA VAL L 122 -10.80 -27.73 -8.22
C VAL L 122 -11.82 -28.34 -9.16
N GLY L 123 -12.70 -27.52 -9.70
CA GLY L 123 -13.69 -27.93 -10.67
C GLY L 123 -13.78 -27.00 -11.86
N HIS L 124 -14.63 -27.37 -12.84
CA HIS L 124 -14.85 -26.60 -14.07
C HIS L 124 -16.33 -26.59 -14.40
N MET L 125 -16.81 -25.45 -14.94
CA MET L 125 -18.19 -25.23 -15.37
C MET L 125 -18.25 -25.50 -16.86
N VAL L 126 -19.11 -26.44 -17.29
CA VAL L 126 -19.34 -26.83 -18.69
C VAL L 126 -19.65 -25.64 -19.56
N GLY L 127 -19.03 -25.57 -20.76
CA GLY L 127 -19.34 -24.57 -21.77
C GLY L 127 -18.54 -23.30 -21.85
N GLY L 128 -17.60 -23.12 -20.96
CA GLY L 128 -16.74 -21.94 -20.95
C GLY L 128 -15.40 -22.21 -20.35
N TRP L 129 -14.68 -21.14 -20.01
CA TRP L 129 -13.35 -21.25 -19.43
C TRP L 129 -13.32 -21.16 -17.90
N ASN L 130 -14.52 -21.18 -17.25
CA ASN L 130 -14.67 -20.98 -15.81
C ASN L 130 -14.30 -22.13 -14.90
N ALA L 131 -13.45 -21.85 -13.92
CA ALA L 131 -13.05 -22.80 -12.89
C ALA L 131 -13.49 -22.29 -11.52
N PHE L 132 -13.67 -23.20 -10.58
CA PHE L 132 -14.01 -22.88 -9.20
C PHE L 132 -13.27 -23.88 -8.31
N HIS L 133 -13.46 -23.74 -7.01
CA HIS L 133 -12.99 -24.73 -6.06
C HIS L 133 -13.90 -24.76 -4.87
N ILE L 134 -14.10 -25.96 -4.31
CA ILE L 134 -14.89 -26.16 -3.12
C ILE L 134 -13.92 -26.61 -2.06
N ASP L 135 -14.00 -25.99 -0.88
CA ASP L 135 -13.15 -26.40 0.24
C ASP L 135 -13.84 -27.36 1.15
N ILE L 136 -13.17 -28.46 1.47
CA ILE L 136 -13.68 -29.37 2.47
C ILE L 136 -12.85 -29.12 3.71
N PRO L 137 -13.39 -28.36 4.70
CA PRO L 137 -12.64 -28.22 5.96
C PRO L 137 -12.82 -29.48 6.80
N SER L 138 -12.11 -29.60 7.95
CA SER L 138 -12.24 -30.77 8.83
C SER L 138 -13.64 -30.97 9.44
N SER L 139 -14.41 -29.87 9.57
CA SER L 139 -15.79 -29.85 10.07
C SER L 139 -16.80 -30.47 9.09
N GLY L 140 -16.44 -30.53 7.81
CA GLY L 140 -17.30 -31.05 6.73
C GLY L 140 -18.24 -30.04 6.13
N VAL L 141 -18.28 -28.79 6.67
CA VAL L 141 -19.13 -27.71 6.15
C VAL L 141 -18.40 -27.08 4.97
N CYS L 142 -18.66 -27.62 3.76
CA CYS L 142 -18.00 -27.18 2.52
C CYS L 142 -18.24 -25.75 2.20
N GLN L 143 -17.27 -25.15 1.52
CA GLN L 143 -17.28 -23.74 1.18
C GLN L 143 -17.04 -23.56 -0.32
N TRP L 144 -17.81 -22.68 -0.94
CA TRP L 144 -17.70 -22.31 -2.36
C TRP L 144 -16.72 -21.15 -2.56
N PHE L 145 -15.64 -21.40 -3.32
CA PHE L 145 -14.64 -20.37 -3.58
C PHE L 145 -14.59 -19.76 -4.97
N GLY L 146 -15.66 -19.93 -5.72
CA GLY L 146 -15.78 -19.25 -6.99
C GLY L 146 -16.47 -17.93 -6.70
N PRO L 147 -16.93 -17.18 -7.73
CA PRO L 147 -17.64 -15.93 -7.42
C PRO L 147 -19.11 -16.27 -7.15
N THR L 148 -19.94 -15.26 -6.89
CA THR L 148 -21.37 -15.44 -6.76
C THR L 148 -21.86 -16.05 -8.09
N ALA L 149 -22.46 -17.24 -8.01
CA ALA L 149 -22.95 -17.97 -9.17
C ALA L 149 -24.40 -18.42 -8.93
N SER L 150 -25.22 -18.47 -10.01
CA SER L 150 -26.65 -18.79 -9.96
C SER L 150 -27.13 -19.78 -11.03
N SER L 151 -26.20 -20.32 -11.82
CA SER L 151 -26.47 -21.30 -12.87
C SER L 151 -25.19 -21.98 -13.33
N GLY L 152 -25.32 -23.07 -14.07
CA GLY L 152 -24.19 -23.80 -14.62
C GLY L 152 -24.08 -25.21 -14.12
N THR L 153 -23.20 -25.98 -14.81
CA THR L 153 -22.95 -27.40 -14.58
C THR L 153 -21.53 -27.63 -14.02
N PRO L 154 -21.40 -27.92 -12.70
CA PRO L 154 -20.07 -28.09 -12.13
C PRO L 154 -19.60 -29.54 -12.24
N ARG L 155 -18.33 -29.73 -12.59
CA ARG L 155 -17.72 -31.02 -12.76
C ARG L 155 -16.29 -31.02 -12.26
N GLY L 156 -15.77 -32.20 -11.94
CA GLY L 156 -14.41 -32.36 -11.44
C GLY L 156 -14.23 -33.69 -10.76
N THR L 157 -13.19 -34.43 -11.14
CA THR L 157 -12.83 -35.73 -10.60
C THR L 157 -11.38 -35.64 -10.09
N GLY L 158 -11.15 -36.10 -8.89
CA GLY L 158 -9.83 -36.14 -8.32
C GLY L 158 -9.85 -36.88 -7.02
N THR L 159 -8.82 -36.65 -6.17
CA THR L 159 -8.70 -37.25 -4.85
C THR L 159 -8.18 -36.24 -3.81
N TYR L 160 -8.39 -36.54 -2.52
CA TYR L 160 -7.87 -35.79 -1.38
C TYR L 160 -7.50 -36.76 -0.26
N PRO L 161 -6.54 -36.43 0.63
CA PRO L 161 -6.17 -37.39 1.68
C PRO L 161 -6.94 -37.30 2.99
N ILE L 162 -7.04 -38.45 3.65
CA ILE L 162 -7.66 -38.69 4.95
C ILE L 162 -6.62 -39.49 5.78
N ASP L 163 -6.90 -39.75 7.08
CA ASP L 163 -5.99 -40.53 7.93
C ASP L 163 -6.61 -41.33 9.09
N HIS L 164 -5.99 -42.51 9.39
CA HIS L 164 -6.27 -43.44 10.48
C HIS L 164 -5.27 -44.60 10.47
N ALA M 2 55.35 -49.51 28.97
CA ALA M 2 55.61 -49.89 30.36
C ALA M 2 57.01 -50.43 30.53
N SER M 3 57.57 -50.36 31.76
CA SER M 3 58.91 -50.94 32.03
C SER M 3 58.70 -52.34 32.57
N ILE M 4 59.12 -53.32 31.79
CA ILE M 4 58.99 -54.75 32.08
C ILE M 4 60.39 -55.41 32.22
N LYS M 5 60.49 -56.49 32.98
CA LYS M 5 61.75 -57.23 33.16
C LYS M 5 61.84 -58.39 32.19
N LYS M 6 63.05 -58.83 31.85
CA LYS M 6 63.23 -59.95 30.92
C LYS M 6 62.78 -61.27 31.56
N VAL M 7 62.18 -62.15 30.75
CA VAL M 7 61.70 -63.47 31.13
C VAL M 7 62.58 -64.45 30.37
N TYR M 8 63.21 -65.40 31.07
CA TYR M 8 64.13 -66.33 30.42
C TYR M 8 64.18 -67.68 31.10
N ARG M 9 64.65 -68.73 30.35
CA ARG M 9 64.79 -70.11 30.83
C ARG M 9 65.80 -70.16 31.97
N GLY M 10 65.43 -70.84 33.05
CA GLY M 10 66.27 -71.02 34.22
C GLY M 10 66.09 -69.93 35.24
N MET M 11 65.47 -68.82 34.87
CA MET M 11 65.23 -67.66 35.71
C MET M 11 64.62 -68.02 37.08
N LYS M 12 64.99 -67.22 38.10
CA LYS M 12 64.52 -67.26 39.48
C LYS M 12 63.25 -66.37 39.50
N ASN M 13 62.20 -66.76 40.26
CA ASN M 13 60.94 -65.99 40.36
C ASN M 13 60.29 -65.67 39.00
N GLY M 14 60.14 -66.71 38.19
CA GLY M 14 59.59 -66.62 36.84
C GLY M 14 58.16 -66.19 36.83
N ALA M 15 57.30 -66.84 37.63
CA ALA M 15 55.89 -66.54 37.75
C ALA M 15 55.68 -65.09 38.22
N GLU M 16 56.42 -64.66 39.26
CA GLU M 16 56.31 -63.30 39.80
C GLU M 16 56.70 -62.23 38.79
N THR M 17 57.77 -62.47 38.00
CA THR M 17 58.22 -61.52 36.96
C THR M 17 57.15 -61.39 35.90
N ILE M 18 56.65 -62.55 35.36
CA ILE M 18 55.60 -62.56 34.31
C ILE M 18 54.38 -61.77 34.83
N ASN M 19 53.95 -62.12 36.04
CA ASN M 19 52.83 -61.49 36.72
C ASN M 19 52.97 -59.99 36.80
N ASP M 20 54.15 -59.50 37.27
CA ASP M 20 54.43 -58.07 37.39
C ASP M 20 54.49 -57.40 36.02
N ASP M 21 55.00 -58.11 34.99
CA ASP M 21 55.09 -57.61 33.63
C ASP M 21 53.70 -57.42 33.07
N LEU M 22 52.84 -58.46 33.20
CA LEU M 22 51.45 -58.41 32.74
C LEU M 22 50.68 -57.26 33.39
N GLU M 23 50.88 -57.06 34.70
CA GLU M 23 50.22 -55.96 35.44
C GLU M 23 50.73 -54.57 35.00
N ALA M 24 52.02 -54.41 34.73
CA ALA M 24 52.61 -53.13 34.26
C ALA M 24 52.03 -52.77 32.91
N ILE M 25 51.93 -53.77 32.01
CA ILE M 25 51.37 -53.62 30.67
C ILE M 25 49.87 -53.28 30.76
N ASN M 26 49.13 -54.05 31.54
CA ASN M 26 47.68 -53.89 31.75
C ASN M 26 47.32 -52.53 32.33
N SER M 27 48.13 -52.00 33.25
CA SER M 27 47.91 -50.69 33.86
C SER M 27 47.84 -49.59 32.78
N GLU M 28 48.74 -49.62 31.77
CA GLU M 28 48.78 -48.68 30.67
C GLU M 28 47.59 -48.79 29.71
N LEU M 29 46.76 -49.87 29.84
CA LEU M 29 45.55 -50.03 29.05
C LEU M 29 44.35 -49.27 29.67
N THR M 30 44.52 -48.70 30.87
CA THR M 30 43.49 -47.93 31.59
C THR M 30 43.87 -46.46 31.81
N SER M 31 45.13 -46.19 32.17
CA SER M 31 45.66 -44.83 32.38
C SER M 31 47.18 -44.80 32.25
N GLY M 32 47.72 -43.59 32.09
CA GLY M 32 49.16 -43.35 31.96
C GLY M 32 49.77 -43.83 30.66
N GLY M 33 51.09 -43.88 30.66
CA GLY M 33 51.86 -44.35 29.51
C GLY M 33 51.76 -43.39 28.35
N ASN M 34 52.06 -43.88 27.14
CA ASN M 34 52.01 -43.06 25.95
C ASN M 34 50.69 -43.33 25.18
N VAL M 35 49.71 -43.97 25.84
CA VAL M 35 48.45 -44.30 25.20
C VAL M 35 47.30 -43.32 25.51
N VAL M 36 46.49 -43.02 24.47
CA VAL M 36 45.32 -42.14 24.63
C VAL M 36 44.14 -43.03 25.07
N HIS M 37 43.49 -42.63 26.18
CA HIS M 37 42.40 -43.36 26.80
C HIS M 37 41.03 -42.73 26.63
N LYS M 38 39.99 -43.55 26.81
CA LYS M 38 38.58 -43.18 26.76
C LYS M 38 38.12 -42.51 28.06
N THR M 39 39.05 -42.19 28.98
CA THR M 39 38.80 -41.50 30.27
C THR M 39 40.02 -40.62 30.63
N GLY M 40 39.80 -39.67 31.55
CA GLY M 40 40.80 -38.77 32.12
C GLY M 40 41.38 -37.70 31.22
N ASP M 41 41.97 -36.68 31.88
CA ASP M 41 42.62 -35.55 31.24
C ASP M 41 44.01 -35.95 30.74
N GLU M 42 44.27 -35.74 29.44
CA GLU M 42 45.53 -36.16 28.83
C GLU M 42 46.02 -35.14 27.83
N THR M 43 47.34 -35.00 27.71
CA THR M 43 47.99 -34.11 26.76
C THR M 43 48.51 -34.96 25.62
N ILE M 44 48.16 -34.62 24.38
CA ILE M 44 48.50 -35.38 23.18
C ILE M 44 49.36 -34.54 22.22
N ALA M 45 50.48 -35.10 21.73
CA ALA M 45 51.38 -34.43 20.79
C ALA M 45 51.42 -35.15 19.44
N GLY M 46 51.72 -34.41 18.37
CA GLY M 46 51.83 -34.93 17.01
C GLY M 46 50.65 -34.58 16.14
N LYS M 47 50.84 -34.62 14.79
CA LYS M 47 49.76 -34.32 13.85
C LYS M 47 48.74 -35.48 13.86
N LYS M 48 47.61 -35.26 14.55
CA LYS M 48 46.50 -36.23 14.61
C LYS M 48 45.50 -35.92 13.51
N THR M 49 45.41 -36.81 12.52
CA THR M 49 44.50 -36.71 11.39
C THR M 49 43.32 -37.65 11.63
N PHE M 50 42.11 -37.07 11.74
CA PHE M 50 40.86 -37.78 11.90
C PHE M 50 40.22 -37.86 10.53
N THR M 51 40.05 -39.07 10.01
CA THR M 51 39.47 -39.27 8.69
C THR M 51 37.95 -39.42 8.74
N GLY M 52 37.39 -39.57 9.94
CA GLY M 52 35.96 -39.71 10.11
C GLY M 52 35.34 -38.47 10.72
N ASN M 53 34.13 -38.63 11.27
CA ASN M 53 33.42 -37.54 11.91
C ASN M 53 33.91 -37.41 13.34
N VAL M 54 34.07 -36.17 13.80
CA VAL M 54 34.46 -35.92 15.18
C VAL M 54 33.29 -35.17 15.80
N GLU M 55 32.87 -35.58 16.99
CA GLU M 55 31.79 -34.93 17.69
C GLU M 55 32.36 -34.45 19.01
N VAL M 56 32.04 -33.21 19.43
CA VAL M 56 32.47 -32.67 20.71
C VAL M 56 31.23 -32.22 21.45
N ASN M 57 30.94 -32.82 22.61
CA ASN M 57 29.79 -32.52 23.46
C ASN M 57 30.12 -31.49 24.52
N GLY M 58 31.41 -31.33 24.83
CA GLY M 58 31.89 -30.34 25.78
C GLY M 58 32.29 -29.09 25.02
N SER M 59 33.30 -28.36 25.51
CA SER M 59 33.77 -27.17 24.80
C SER M 59 34.94 -27.51 23.88
N LEU M 60 35.07 -26.76 22.79
CA LEU M 60 36.22 -26.91 21.91
C LEU M 60 36.99 -25.59 21.95
N THR M 61 38.08 -25.57 22.74
CA THR M 61 38.92 -24.38 22.94
C THR M 61 40.09 -24.34 21.98
N LEU M 62 40.23 -23.22 21.27
CA LEU M 62 41.32 -22.97 20.33
C LEU M 62 42.26 -21.84 20.85
N PRO M 63 43.43 -21.57 20.20
CA PRO M 63 44.30 -20.49 20.70
C PRO M 63 43.64 -19.13 20.50
N THR M 64 43.53 -18.36 21.60
CA THR M 64 42.90 -17.05 21.67
C THR M 64 43.89 -15.93 21.96
N LYS M 65 43.68 -14.77 21.31
CA LYS M 65 44.43 -13.54 21.51
C LYS M 65 43.53 -12.34 21.24
N SER M 66 43.58 -11.34 22.12
CA SER M 66 42.78 -10.13 22.04
C SER M 66 43.63 -8.88 21.81
N TRP M 67 43.02 -7.85 21.23
CA TRP M 67 43.62 -6.55 20.96
C TRP M 67 42.51 -5.53 20.81
N SER M 68 42.76 -4.32 21.30
CA SER M 68 41.84 -3.20 21.17
C SER M 68 42.66 -1.93 21.00
N GLY M 69 42.21 -1.04 20.14
CA GLY M 69 42.89 0.23 19.88
C GLY M 69 42.02 1.20 19.12
N GLU M 70 42.39 2.49 19.20
CA GLU M 70 41.69 3.57 18.51
C GLU M 70 42.34 3.70 17.13
N LEU M 71 41.63 3.26 16.08
CA LEU M 71 42.17 3.30 14.72
C LEU M 71 42.51 4.73 14.29
N GLY M 72 41.67 5.66 14.73
CA GLY M 72 41.77 7.07 14.41
C GLY M 72 40.40 7.70 14.43
N GLY M 73 40.37 8.99 14.69
CA GLY M 73 39.14 9.77 14.72
C GLY M 73 38.17 9.41 15.83
N GLY M 74 38.61 8.63 16.80
CA GLY M 74 37.77 8.22 17.92
C GLY M 74 37.27 6.79 17.82
N ILE M 75 37.37 6.17 16.62
CA ILE M 75 36.88 4.84 16.31
C ILE M 75 37.78 3.81 16.96
N ILE M 76 37.19 2.99 17.83
CA ILE M 76 37.88 1.92 18.53
C ILE M 76 37.50 0.60 17.89
N LEU M 77 38.49 -0.25 17.59
CA LEU M 77 38.28 -1.58 17.05
C LEU M 77 38.78 -2.62 18.07
N SER M 78 37.85 -3.47 18.58
CA SER M 78 38.19 -4.54 19.51
C SER M 78 38.16 -5.87 18.80
N LEU M 79 39.27 -6.60 18.85
CA LEU M 79 39.45 -7.88 18.16
C LEU M 79 39.73 -9.03 19.11
N ARG M 80 39.33 -10.24 18.70
CA ARG M 80 39.62 -11.48 19.40
C ARG M 80 39.81 -12.54 18.35
N LYS M 81 41.01 -13.08 18.28
CA LYS M 81 41.39 -14.12 17.32
C LYS M 81 41.13 -15.45 18.00
N LYS M 82 40.34 -16.33 17.38
CA LYS M 82 40.03 -17.68 17.88
C LYS M 82 40.31 -18.58 16.69
N GLY M 83 41.51 -19.13 16.66
CA GLY M 83 41.96 -19.97 15.55
C GLY M 83 42.22 -19.14 14.31
N THR M 84 41.46 -19.38 13.24
CA THR M 84 41.62 -18.63 11.99
C THR M 84 40.53 -17.55 11.77
N THR M 85 39.82 -17.19 12.84
CA THR M 85 38.73 -16.23 12.75
C THR M 85 38.96 -15.09 13.72
N VAL M 86 38.72 -13.86 13.24
CA VAL M 86 38.81 -12.70 14.09
C VAL M 86 37.41 -12.19 14.34
N GLU M 87 37.05 -12.09 15.63
CA GLU M 87 35.78 -11.54 16.10
C GLU M 87 36.06 -10.07 16.30
N TYR M 88 35.26 -9.19 15.66
CA TYR M 88 35.44 -7.76 15.80
C TYR M 88 34.23 -7.09 16.43
N SER M 89 34.47 -5.90 16.98
CA SER M 89 33.45 -5.02 17.58
C SER M 89 33.91 -3.61 17.37
N ILE M 90 33.18 -2.83 16.57
CA ILE M 90 33.47 -1.42 16.31
C ILE M 90 32.81 -0.64 17.47
N GLY M 91 33.58 0.27 18.04
CA GLY M 91 33.13 1.12 19.13
C GLY M 91 33.71 2.53 19.02
N GLY M 92 33.62 3.25 20.14
CA GLY M 92 34.10 4.62 20.26
C GLY M 92 33.08 5.67 19.83
N GLU M 93 33.59 6.87 19.52
CA GLU M 93 32.80 8.02 19.08
C GLU M 93 33.66 8.90 18.23
N ILE M 94 33.19 9.24 17.02
CA ILE M 94 33.93 10.12 16.11
C ILE M 94 34.14 11.47 16.82
N SER M 95 35.41 11.77 17.13
CA SER M 95 35.86 12.93 17.88
C SER M 95 36.56 13.98 17.02
N SER M 96 36.87 13.64 15.75
CA SER M 96 37.54 14.56 14.81
C SER M 96 37.11 14.27 13.37
N SER M 97 37.51 15.11 12.41
CA SER M 97 37.15 14.93 11.01
C SER M 97 37.85 13.74 10.37
N ILE M 98 37.06 12.77 9.93
CA ILE M 98 37.54 11.56 9.22
C ILE M 98 37.12 11.78 7.77
N LEU M 99 38.09 11.96 6.87
CA LEU M 99 37.78 12.22 5.47
C LEU M 99 37.34 10.96 4.77
N ALA M 100 36.48 11.09 3.75
CA ALA M 100 36.02 9.95 2.96
C ALA M 100 37.22 9.21 2.36
N ASN M 101 37.26 7.86 2.49
CA ASN M 101 38.28 6.96 1.89
C ASN M 101 39.67 7.06 2.49
N SER M 102 39.79 7.73 3.65
CA SER M 102 41.06 7.97 4.34
C SER M 102 41.57 6.82 5.20
N ASN M 103 42.91 6.79 5.39
CA ASN M 103 43.59 5.85 6.28
C ASN M 103 43.42 6.33 7.72
N LEU M 104 43.08 5.39 8.63
CA LEU M 104 42.94 5.64 10.05
C LEU M 104 44.37 5.38 10.60
N VAL M 105 45.07 6.48 10.92
CA VAL M 105 46.50 6.46 11.24
C VAL M 105 46.95 6.52 12.70
N ASN M 106 46.02 6.50 13.68
CA ASN M 106 46.42 6.53 15.09
C ASN M 106 47.02 5.19 15.54
N ARG M 107 46.40 4.07 15.14
CA ARG M 107 46.84 2.72 15.50
C ARG M 107 46.51 1.74 14.36
N SER M 108 47.48 0.94 13.96
CA SER M 108 47.31 -0.06 12.93
C SER M 108 46.94 -1.39 13.59
N VAL M 109 46.24 -2.25 12.86
CA VAL M 109 45.84 -3.55 13.39
C VAL M 109 47.13 -4.37 13.46
N PRO M 110 47.47 -5.01 14.61
CA PRO M 110 48.71 -5.78 14.68
C PRO M 110 48.69 -6.92 13.70
N ASN M 111 49.87 -7.25 13.23
CA ASN M 111 50.15 -8.26 12.23
C ASN M 111 49.49 -9.63 12.42
N GLU M 112 49.42 -10.13 13.66
CA GLU M 112 48.77 -11.42 13.96
C GLU M 112 47.22 -11.44 13.75
N PHE M 113 46.60 -10.25 13.62
CA PHE M 113 45.17 -10.07 13.40
C PHE M 113 44.86 -9.60 11.96
N CYS M 114 45.88 -9.47 11.10
CA CYS M 114 45.72 -9.02 9.71
C CYS M 114 45.28 -10.08 8.74
N PRO M 115 44.27 -9.77 7.90
CA PRO M 115 43.80 -10.79 6.94
C PRO M 115 44.69 -10.95 5.71
N ARG M 116 44.59 -12.06 4.99
CA ARG M 116 45.33 -12.36 3.77
C ARG M 116 44.82 -11.45 2.65
N ASN M 117 43.52 -11.22 2.63
CA ASN M 117 42.84 -10.37 1.67
C ASN M 117 42.05 -9.28 2.42
N ARG M 118 41.85 -8.14 1.77
CA ARG M 118 41.13 -6.97 2.25
C ARG M 118 39.71 -7.37 2.75
N CYS M 119 39.36 -6.94 3.98
CA CYS M 119 38.07 -7.24 4.64
C CYS M 119 37.29 -5.97 4.88
N SER M 120 36.02 -5.97 4.50
CA SER M 120 35.13 -4.82 4.63
C SER M 120 34.18 -5.00 5.78
N LEU M 121 34.42 -4.27 6.89
CA LEU M 121 33.63 -4.41 8.13
C LEU M 121 32.50 -3.40 8.16
N VAL M 122 31.26 -3.90 7.93
CA VAL M 122 30.05 -3.07 7.89
C VAL M 122 29.60 -2.66 9.26
N GLY M 123 29.34 -1.37 9.42
CA GLY M 123 28.85 -0.82 10.68
C GLY M 123 27.65 0.10 10.49
N HIS M 124 27.09 0.55 11.62
CA HIS M 124 25.96 1.46 11.65
C HIS M 124 26.22 2.58 12.66
N MET M 125 25.71 3.77 12.35
CA MET M 125 25.79 4.96 13.19
C MET M 125 24.49 5.06 14.01
N VAL M 126 24.59 5.09 15.35
CA VAL M 126 23.47 5.21 16.30
C VAL M 126 22.54 6.38 15.99
N GLY M 127 21.23 6.13 16.02
CA GLY M 127 20.20 7.15 15.91
C GLY M 127 19.70 7.58 14.56
N GLY M 128 20.16 6.92 13.51
CA GLY M 128 19.73 7.23 12.14
C GLY M 128 19.75 6.01 11.26
N TRP M 129 19.73 6.21 9.96
CA TRP M 129 19.77 5.09 9.00
C TRP M 129 21.15 4.89 8.36
N ASN M 130 22.17 5.61 8.85
CA ASN M 130 23.50 5.61 8.25
C ASN M 130 24.40 4.43 8.51
N ALA M 131 24.95 3.88 7.41
CA ALA M 131 25.89 2.77 7.47
C ALA M 131 27.23 3.19 6.91
N PHE M 132 28.28 2.54 7.36
CA PHE M 132 29.62 2.77 6.87
C PHE M 132 30.33 1.41 6.80
N HIS M 133 31.54 1.42 6.26
CA HIS M 133 32.41 0.26 6.34
C HIS M 133 33.85 0.71 6.53
N ILE M 134 34.61 -0.12 7.23
CA ILE M 134 36.03 0.07 7.46
C ILE M 134 36.70 -1.12 6.81
N ASP M 135 37.68 -0.86 5.95
CA ASP M 135 38.47 -1.92 5.33
C ASP M 135 39.71 -2.20 6.14
N ILE M 136 39.97 -3.49 6.43
CA ILE M 136 41.20 -3.91 7.07
C ILE M 136 42.03 -4.55 5.95
N PRO M 137 43.00 -3.84 5.35
CA PRO M 137 43.84 -4.48 4.34
C PRO M 137 44.87 -5.37 5.07
N SER M 138 45.69 -6.13 4.33
CA SER M 138 46.66 -7.03 4.97
C SER M 138 47.77 -6.29 5.75
N SER M 139 47.92 -4.97 5.51
CA SER M 139 48.87 -4.11 6.22
C SER M 139 48.41 -3.71 7.61
N GLY M 140 47.11 -3.75 7.88
CA GLY M 140 46.56 -3.34 9.18
C GLY M 140 46.21 -1.87 9.25
N VAL M 141 46.55 -1.07 8.20
CA VAL M 141 46.25 0.37 8.12
C VAL M 141 44.81 0.52 7.65
N CYS M 142 43.90 0.53 8.59
CA CYS M 142 42.47 0.58 8.29
C CYS M 142 42.05 1.82 7.52
N GLN M 143 41.06 1.67 6.62
CA GLN M 143 40.54 2.73 5.79
C GLN M 143 39.07 2.96 6.04
N TRP M 144 38.64 4.24 6.09
CA TRP M 144 37.25 4.61 6.31
C TRP M 144 36.52 4.82 4.97
N PHE M 145 35.47 4.04 4.72
CA PHE M 145 34.73 4.14 3.47
C PHE M 145 33.33 4.71 3.53
N GLY M 146 33.07 5.44 4.61
CA GLY M 146 31.88 6.25 4.74
C GLY M 146 32.22 7.61 4.13
N PRO M 147 31.34 8.62 4.26
CA PRO M 147 31.69 9.94 3.72
C PRO M 147 32.52 10.72 4.75
N THR M 148 32.87 12.00 4.47
CA THR M 148 33.59 12.84 5.43
C THR M 148 32.67 13.00 6.64
N ALA M 149 33.14 12.59 7.80
CA ALA M 149 32.34 12.60 9.04
C ALA M 149 33.13 13.20 10.19
N SER M 150 32.44 13.89 11.10
CA SER M 150 33.10 14.56 12.23
C SER M 150 32.42 14.32 13.57
N SER M 151 31.38 13.49 13.59
CA SER M 151 30.64 13.12 14.79
C SER M 151 29.86 11.81 14.58
N GLY M 152 29.33 11.27 15.68
CA GLY M 152 28.55 10.06 15.64
C GLY M 152 29.14 8.89 16.40
N THR M 153 28.29 7.87 16.63
CA THR M 153 28.58 6.66 17.40
C THR M 153 28.63 5.43 16.48
N PRO M 154 29.86 4.97 16.13
CA PRO M 154 29.96 3.81 15.23
C PRO M 154 29.83 2.48 15.99
N ARG M 155 29.02 1.54 15.43
CA ARG M 155 28.80 0.22 16.03
C ARG M 155 28.78 -0.88 14.97
N GLY M 156 29.05 -2.10 15.38
CA GLY M 156 29.06 -3.26 14.49
C GLY M 156 29.86 -4.42 15.06
N THR M 157 29.25 -5.61 15.10
CA THR M 157 29.83 -6.85 15.61
C THR M 157 29.73 -7.91 14.53
N GLY M 158 30.82 -8.60 14.25
CA GLY M 158 30.87 -9.67 13.27
C GLY M 158 32.21 -10.38 13.33
N THR M 159 32.60 -11.01 12.19
CA THR M 159 33.88 -11.74 12.04
C THR M 159 34.53 -11.53 10.66
N TYR M 160 35.81 -11.84 10.56
CA TYR M 160 36.58 -11.83 9.30
C TYR M 160 37.64 -12.92 9.37
N PRO M 161 38.02 -13.55 8.25
CA PRO M 161 39.02 -14.63 8.33
C PRO M 161 40.51 -14.23 8.29
N ILE M 162 41.34 -15.04 8.94
CA ILE M 162 42.80 -14.99 9.04
C ILE M 162 43.34 -16.39 8.67
N ASP M 163 44.69 -16.61 8.68
CA ASP M 163 45.28 -17.95 8.41
C ASP M 163 46.66 -18.29 9.04
N HIS M 164 46.84 -19.61 9.34
CA HIS M 164 48.04 -20.26 9.89
C HIS M 164 47.84 -21.78 9.91
N ALA N 2 42.24 -54.54 30.42
CA ALA N 2 41.72 -55.91 30.30
C ALA N 2 41.59 -56.62 31.62
N SER N 3 40.74 -57.66 31.70
CA SER N 3 40.59 -58.47 32.91
C SER N 3 41.55 -59.64 32.81
N ILE N 4 42.57 -59.62 33.65
CA ILE N 4 43.60 -60.66 33.65
C ILE N 4 43.64 -61.41 34.98
N LYS N 5 43.97 -62.70 34.93
CA LYS N 5 44.10 -63.54 36.12
C LYS N 5 45.55 -63.52 36.61
N LYS N 6 45.74 -63.75 37.92
CA LYS N 6 47.05 -63.84 38.53
C LYS N 6 47.86 -65.00 38.08
N VAL N 7 49.15 -64.75 37.86
CA VAL N 7 50.16 -65.73 37.54
C VAL N 7 51.03 -65.83 38.82
N TYR N 8 51.15 -67.04 39.36
CA TYR N 8 51.88 -67.29 40.61
C TYR N 8 52.53 -68.66 40.62
N ARG N 9 53.57 -68.83 41.49
CA ARG N 9 54.32 -70.07 41.67
C ARG N 9 53.39 -71.20 42.07
N GLY N 10 53.52 -72.34 41.41
CA GLY N 10 52.78 -73.55 41.71
C GLY N 10 51.37 -73.61 41.15
N MET N 11 50.98 -72.64 40.33
CA MET N 11 49.65 -72.68 39.74
C MET N 11 49.46 -73.82 38.75
N LYS N 12 48.26 -74.39 38.81
CA LYS N 12 47.76 -75.51 38.02
C LYS N 12 47.91 -75.26 36.55
N ASN N 13 47.35 -74.15 36.05
CA ASN N 13 47.32 -73.83 34.62
C ASN N 13 48.11 -72.57 34.29
N GLY N 14 49.41 -72.66 34.49
CA GLY N 14 50.33 -71.56 34.26
C GLY N 14 50.44 -71.12 32.82
N ALA N 15 50.75 -72.05 31.92
CA ALA N 15 50.87 -71.82 30.48
C ALA N 15 49.59 -71.27 29.92
N GLU N 16 48.44 -71.89 30.25
CA GLU N 16 47.10 -71.49 29.80
C GLU N 16 46.73 -70.09 30.30
N THR N 17 47.03 -69.77 31.59
CA THR N 17 46.73 -68.44 32.16
C THR N 17 47.60 -67.36 31.55
N ILE N 18 48.93 -67.60 31.41
CA ILE N 18 49.83 -66.65 30.74
C ILE N 18 49.25 -66.39 29.33
N ASN N 19 48.91 -67.46 28.55
CA ASN N 19 48.36 -67.32 27.20
C ASN N 19 47.10 -66.50 27.17
N ASP N 20 46.13 -66.84 28.03
CA ASP N 20 44.86 -66.13 28.10
C ASP N 20 45.00 -64.68 28.53
N ASP N 21 45.94 -64.37 29.47
CA ASP N 21 46.22 -62.98 29.88
C ASP N 21 46.82 -62.21 28.69
N LEU N 22 47.83 -62.82 27.99
CA LEU N 22 48.46 -62.20 26.82
C LEU N 22 47.42 -61.88 25.74
N GLU N 23 46.51 -62.81 25.46
CA GLU N 23 45.40 -62.60 24.52
C GLU N 23 44.40 -61.53 24.95
N ALA N 24 44.07 -61.45 26.25
CA ALA N 24 43.14 -60.45 26.80
C ALA N 24 43.70 -59.06 26.63
N ILE N 25 45.00 -58.89 26.92
CA ILE N 25 45.73 -57.62 26.79
C ILE N 25 45.85 -57.24 25.31
N ASN N 26 46.28 -58.19 24.47
CA ASN N 26 46.44 -58.00 23.03
C ASN N 26 45.15 -57.61 22.29
N SER N 27 44.00 -58.11 22.76
CA SER N 27 42.69 -57.78 22.21
C SER N 27 42.41 -56.25 22.33
N GLU N 28 42.73 -55.67 23.49
CA GLU N 28 42.56 -54.26 23.77
C GLU N 28 43.52 -53.33 22.98
N LEU N 29 44.47 -53.91 22.24
CA LEU N 29 45.37 -53.13 21.41
C LEU N 29 44.75 -52.93 20.01
N THR N 30 43.60 -53.58 19.73
CA THR N 30 42.88 -53.48 18.44
C THR N 30 41.51 -52.82 18.59
N SER N 31 40.74 -53.22 19.62
CA SER N 31 39.41 -52.67 19.92
C SER N 31 39.05 -52.86 21.38
N GLY N 32 38.03 -52.15 21.83
CA GLY N 32 37.53 -52.23 23.19
C GLY N 32 38.42 -51.62 24.24
N GLY N 33 38.08 -51.89 25.49
CA GLY N 33 38.79 -51.39 26.66
C GLY N 33 38.70 -49.89 26.80
N ASN N 34 39.62 -49.31 27.55
CA ASN N 34 39.66 -47.89 27.79
C ASN N 34 40.68 -47.25 26.88
N VAL N 35 41.09 -47.93 25.80
CA VAL N 35 42.07 -47.37 24.86
C VAL N 35 41.44 -46.81 23.60
N VAL N 36 41.95 -45.64 23.12
CA VAL N 36 41.47 -44.99 21.91
C VAL N 36 42.26 -45.63 20.75
N HIS N 37 41.55 -46.06 19.73
CA HIS N 37 42.13 -46.76 18.58
C HIS N 37 42.04 -45.96 17.27
N LYS N 38 42.85 -46.37 16.28
CA LYS N 38 42.93 -45.80 14.96
C LYS N 38 41.84 -46.32 14.05
N THR N 39 40.85 -47.06 14.59
CA THR N 39 39.67 -47.58 13.88
C THR N 39 38.45 -47.60 14.83
N GLY N 40 37.25 -47.71 14.27
CA GLY N 40 36.00 -47.84 15.00
C GLY N 40 35.46 -46.61 15.67
N ASP N 41 34.14 -46.64 15.96
CA ASP N 41 33.43 -45.56 16.64
C ASP N 41 33.66 -45.71 18.11
N GLU N 42 34.11 -44.64 18.76
CA GLU N 42 34.42 -44.67 20.19
C GLU N 42 33.97 -43.39 20.88
N THR N 43 33.62 -43.51 22.17
CA THR N 43 33.22 -42.39 23.04
C THR N 43 34.36 -42.14 24.01
N ILE N 44 34.83 -40.89 24.07
CA ILE N 44 36.00 -40.48 24.85
C ILE N 44 35.65 -39.40 25.90
N ALA N 45 36.03 -39.62 27.17
CA ALA N 45 35.76 -38.67 28.24
C ALA N 45 37.07 -38.05 28.75
N GLY N 46 36.98 -36.88 29.42
CA GLY N 46 38.12 -36.15 29.99
C GLY N 46 38.65 -35.06 29.09
N LYS N 47 39.37 -34.06 29.70
CA LYS N 47 39.96 -32.93 28.98
C LYS N 47 41.12 -33.41 28.09
N LYS N 48 40.88 -33.51 26.79
CA LYS N 48 41.92 -33.91 25.85
C LYS N 48 42.57 -32.67 25.28
N THR N 49 43.84 -32.44 25.60
CA THR N 49 44.60 -31.29 25.11
C THR N 49 45.52 -31.75 23.97
N PHE N 50 45.30 -31.25 22.78
CA PHE N 50 46.17 -31.58 21.66
C PHE N 50 47.17 -30.42 21.52
N THR N 51 48.46 -30.71 21.66
CA THR N 51 49.53 -29.72 21.58
C THR N 51 50.03 -29.46 20.16
N GLY N 52 49.74 -30.37 19.24
CA GLY N 52 50.15 -30.24 17.84
C GLY N 52 49.01 -29.80 16.96
N ASN N 53 49.14 -30.09 15.66
CA ASN N 53 48.14 -29.77 14.66
C ASN N 53 47.17 -30.92 14.56
N VAL N 54 45.87 -30.61 14.54
CA VAL N 54 44.79 -31.60 14.40
C VAL N 54 44.12 -31.36 13.06
N GLU N 55 43.95 -32.42 12.29
CA GLU N 55 43.27 -32.37 11.01
C GLU N 55 41.99 -33.21 11.10
N VAL N 56 40.85 -32.70 10.59
CA VAL N 56 39.57 -33.44 10.54
C VAL N 56 39.12 -33.41 9.09
N ASN N 57 39.03 -34.58 8.45
CA ASN N 57 38.61 -34.73 7.05
C ASN N 57 37.09 -34.89 6.88
N GLY N 58 36.42 -35.37 7.93
CA GLY N 58 34.97 -35.53 7.98
C GLY N 58 34.32 -34.28 8.56
N SER N 59 33.23 -34.44 9.31
CA SER N 59 32.51 -33.34 9.93
C SER N 59 33.01 -33.13 11.36
N LEU N 60 32.89 -31.91 11.87
CA LEU N 60 33.20 -31.60 13.25
C LEU N 60 31.90 -31.02 13.86
N THR N 61 31.19 -31.85 14.63
CA THR N 61 29.91 -31.50 15.25
C THR N 61 30.09 -30.97 16.67
N LEU N 62 29.49 -29.79 16.94
CA LEU N 62 29.53 -29.17 18.26
C LEU N 62 28.12 -29.10 18.89
N PRO N 63 27.99 -28.75 20.20
CA PRO N 63 26.62 -28.68 20.78
C PRO N 63 25.84 -27.50 20.18
N THR N 64 24.63 -27.79 19.68
CA THR N 64 23.74 -26.84 19.02
C THR N 64 22.43 -26.62 19.78
N LYS N 65 21.95 -25.37 19.82
CA LYS N 65 20.69 -24.96 20.42
C LYS N 65 20.12 -23.75 19.67
N SER N 66 18.82 -23.81 19.35
CA SER N 66 18.13 -22.75 18.63
C SER N 66 17.07 -22.04 19.48
N TRP N 67 16.77 -20.81 19.10
CA TRP N 67 15.74 -19.95 19.67
C TRP N 67 15.31 -18.93 18.62
N SER N 68 14.03 -18.59 18.65
CA SER N 68 13.45 -17.60 17.78
C SER N 68 12.35 -16.91 18.56
N GLY N 69 12.31 -15.59 18.47
CA GLY N 69 11.30 -14.80 19.16
C GLY N 69 11.11 -13.40 18.63
N GLU N 70 9.92 -12.84 18.88
CA GLU N 70 9.62 -11.46 18.51
C GLU N 70 10.12 -10.60 19.65
N LEU N 71 11.23 -9.89 19.42
CA LEU N 71 11.82 -9.01 20.42
C LEU N 71 10.86 -7.88 20.79
N GLY N 72 10.28 -7.27 19.76
CA GLY N 72 9.33 -6.18 19.89
C GLY N 72 9.07 -5.51 18.56
N GLY N 73 7.90 -4.86 18.48
CA GLY N 73 7.45 -4.11 17.31
C GLY N 73 7.39 -4.83 15.98
N GLY N 74 7.28 -6.15 16.01
CA GLY N 74 7.24 -6.99 14.81
C GLY N 74 8.58 -7.54 14.38
N ILE N 75 9.67 -7.14 15.05
CA ILE N 75 11.03 -7.62 14.74
C ILE N 75 11.25 -8.98 15.38
N ILE N 76 11.64 -9.96 14.55
CA ILE N 76 11.91 -11.34 14.96
C ILE N 76 13.42 -11.58 14.88
N LEU N 77 13.96 -12.21 15.91
CA LEU N 77 15.37 -12.58 15.95
C LEU N 77 15.47 -14.09 16.09
N SER N 78 16.15 -14.76 15.13
CA SER N 78 16.36 -16.21 15.12
C SER N 78 17.82 -16.48 15.40
N LEU N 79 18.08 -17.25 16.46
CA LEU N 79 19.43 -17.59 16.89
C LEU N 79 19.70 -19.07 16.89
N ARG N 80 20.97 -19.43 16.62
CA ARG N 80 21.52 -20.79 16.69
C ARG N 80 22.90 -20.72 17.34
N LYS N 81 23.02 -21.32 18.52
CA LYS N 81 24.26 -21.39 19.29
C LYS N 81 25.01 -22.65 18.83
N LYS N 82 26.24 -22.48 18.32
CA LYS N 82 27.15 -23.55 17.89
C LYS N 82 28.46 -23.28 18.60
N GLY N 83 28.63 -23.95 19.75
CA GLY N 83 29.81 -23.77 20.59
C GLY N 83 29.82 -22.42 21.27
N THR N 84 30.79 -21.57 20.91
CA THR N 84 30.91 -20.22 21.48
C THR N 84 30.47 -19.09 20.53
N THR N 85 29.77 -19.46 19.45
CA THR N 85 29.27 -18.51 18.46
C THR N 85 27.74 -18.62 18.35
N VAL N 86 27.08 -17.46 18.21
CA VAL N 86 25.65 -17.42 17.99
C VAL N 86 25.44 -16.88 16.59
N GLU N 87 24.81 -17.70 15.75
CA GLU N 87 24.44 -17.32 14.39
C GLU N 87 23.07 -16.62 14.52
N TYR N 88 22.92 -15.41 13.97
CA TYR N 88 21.66 -14.68 14.06
C TYR N 88 21.10 -14.39 12.71
N SER N 89 19.79 -14.21 12.64
CA SER N 89 19.06 -13.83 11.43
C SER N 89 17.94 -12.90 11.88
N ILE N 90 17.95 -11.65 11.38
CA ILE N 90 16.92 -10.67 11.72
C ILE N 90 15.80 -10.83 10.70
N GLY N 91 14.57 -10.85 11.19
CA GLY N 91 13.39 -10.97 10.34
C GLY N 91 12.22 -10.15 10.87
N GLY N 92 11.03 -10.51 10.38
CA GLY N 92 9.78 -9.84 10.73
C GLY N 92 9.46 -8.64 9.86
N GLU N 93 8.60 -7.77 10.39
CA GLU N 93 8.14 -6.53 9.77
C GLU N 93 7.75 -5.57 10.86
N ILE N 94 8.25 -4.33 10.82
CA ILE N 94 7.89 -3.34 11.81
C ILE N 94 6.37 -3.11 11.70
N SER N 95 5.67 -3.44 12.78
CA SER N 95 4.20 -3.42 12.87
C SER N 95 3.65 -2.35 13.79
N SER N 96 4.54 -1.62 14.49
CA SER N 96 4.17 -0.54 15.40
C SER N 96 5.33 0.43 15.54
N SER N 97 5.09 1.58 16.19
CA SER N 97 6.12 2.59 16.38
C SER N 97 7.19 2.14 17.33
N ILE N 98 8.44 2.07 16.81
CA ILE N 98 9.63 1.68 17.57
C ILE N 98 10.43 2.96 17.75
N LEU N 99 10.50 3.47 18.97
CA LEU N 99 11.23 4.73 19.21
C LEU N 99 12.73 4.56 19.09
N ALA N 100 13.43 5.63 18.69
CA ALA N 100 14.89 5.63 18.56
C ALA N 100 15.51 5.31 19.92
N ASN N 101 16.53 4.44 19.92
CA ASN N 101 17.30 4.03 21.10
C ASN N 101 16.41 3.39 22.19
N SER N 102 15.29 2.76 21.79
CA SER N 102 14.35 2.12 22.73
C SER N 102 14.59 0.64 22.92
N ASN N 103 14.11 0.12 24.07
CA ASN N 103 14.20 -1.30 24.40
C ASN N 103 13.03 -2.04 23.71
N LEU N 104 13.31 -3.23 23.16
CA LEU N 104 12.33 -4.08 22.51
C LEU N 104 11.82 -4.99 23.61
N VAL N 105 10.59 -4.73 24.08
CA VAL N 105 10.03 -5.33 25.30
C VAL N 105 8.99 -6.44 25.19
N ASN N 106 8.90 -7.13 24.06
CA ASN N 106 7.95 -8.24 24.02
C ASN N 106 8.61 -9.48 24.60
N ARG N 107 9.86 -9.75 24.21
CA ARG N 107 10.62 -10.92 24.60
C ARG N 107 12.09 -10.59 24.65
N SER N 108 12.76 -11.17 25.63
CA SER N 108 14.19 -11.01 25.85
C SER N 108 14.91 -12.21 25.30
N VAL N 109 16.17 -12.02 24.91
CA VAL N 109 17.01 -13.12 24.43
C VAL N 109 17.36 -13.97 25.68
N PRO N 110 17.09 -15.28 25.65
CA PRO N 110 17.37 -16.11 26.85
C PRO N 110 18.83 -16.08 27.25
N ASN N 111 19.09 -16.27 28.55
CA ASN N 111 20.45 -16.23 29.13
C ASN N 111 21.52 -17.05 28.40
N GLU N 112 21.19 -18.29 27.95
CA GLU N 112 22.16 -19.15 27.24
C GLU N 112 22.65 -18.58 25.89
N PHE N 113 21.92 -17.57 25.34
CA PHE N 113 22.24 -16.90 24.07
C PHE N 113 22.79 -15.50 24.28
N CYS N 114 22.88 -15.05 25.53
CA CYS N 114 23.36 -13.71 25.88
C CYS N 114 24.86 -13.54 25.88
N PRO N 115 25.36 -12.43 25.29
CA PRO N 115 26.81 -12.23 25.24
C PRO N 115 27.36 -11.66 26.55
N ARG N 116 28.69 -11.79 26.75
CA ARG N 116 29.40 -11.27 27.92
C ARG N 116 29.33 -9.74 27.88
N ASN N 117 29.64 -9.18 26.71
CA ASN N 117 29.64 -7.76 26.36
C ASN N 117 28.58 -7.46 25.28
N ARG N 118 28.04 -6.24 25.30
CA ARG N 118 27.04 -5.71 24.37
C ARG N 118 27.46 -5.97 22.90
N CYS N 119 26.56 -6.58 22.11
CA CYS N 119 26.77 -6.89 20.69
C CYS N 119 25.84 -6.11 19.82
N SER N 120 26.40 -5.47 18.77
CA SER N 120 25.67 -4.62 17.82
C SER N 120 25.43 -5.33 16.51
N LEU N 121 24.18 -5.79 16.31
CA LEU N 121 23.78 -6.56 15.12
C LEU N 121 23.29 -5.65 14.02
N VAL N 122 24.12 -5.46 12.98
CA VAL N 122 23.80 -4.57 11.86
C VAL N 122 22.79 -5.21 10.90
N GLY N 123 21.78 -4.44 10.55
CA GLY N 123 20.76 -4.86 9.60
C GLY N 123 20.46 -3.78 8.58
N HIS N 124 19.66 -4.17 7.56
CA HIS N 124 19.25 -3.29 6.46
C HIS N 124 17.76 -3.43 6.25
N MET N 125 17.11 -2.33 5.84
CA MET N 125 15.66 -2.25 5.60
C MET N 125 15.46 -2.41 4.12
N VAL N 126 14.67 -3.42 3.71
CA VAL N 126 14.34 -3.73 2.30
C VAL N 126 13.84 -2.50 1.53
N GLY N 127 14.29 -2.34 0.28
CA GLY N 127 13.78 -1.30 -0.61
C GLY N 127 14.52 0.01 -0.73
N GLY N 128 15.43 0.30 0.18
CA GLY N 128 16.20 1.55 0.18
C GLY N 128 17.62 1.37 0.66
N TRP N 129 18.25 2.48 1.09
CA TRP N 129 19.66 2.48 1.55
C TRP N 129 19.81 2.49 3.10
N ASN N 130 18.68 2.35 3.84
CA ASN N 130 18.60 2.44 5.30
C ASN N 130 19.12 1.25 6.08
N ALA N 131 20.04 1.55 7.00
CA ALA N 131 20.61 0.56 7.92
C ALA N 131 20.22 0.87 9.37
N PHE N 132 20.24 -0.15 10.21
CA PHE N 132 19.99 -0.03 11.62
C PHE N 132 20.92 -1.01 12.34
N HIS N 133 20.85 -1.01 13.66
CA HIS N 133 21.49 -2.00 14.50
C HIS N 133 20.68 -2.20 15.75
N ILE N 134 20.67 -3.46 16.20
CA ILE N 134 20.01 -3.92 17.41
C ILE N 134 21.12 -4.40 18.32
N ASP N 135 21.13 -3.88 19.55
CA ASP N 135 22.10 -4.25 20.55
C ASP N 135 21.54 -5.32 21.42
N ILE N 136 22.31 -6.41 21.61
CA ILE N 136 21.98 -7.48 22.53
C ILE N 136 22.89 -7.29 23.75
N PRO N 137 22.38 -6.73 24.87
CA PRO N 137 23.23 -6.59 26.06
C PRO N 137 23.24 -7.94 26.79
N SER N 138 24.05 -8.06 27.86
CA SER N 138 24.13 -9.31 28.64
C SER N 138 22.81 -9.68 29.33
N SER N 139 21.92 -8.68 29.54
CA SER N 139 20.57 -8.84 30.11
C SER N 139 19.56 -9.49 29.14
N GLY N 140 19.84 -9.39 27.84
CA GLY N 140 18.97 -9.94 26.81
C GLY N 140 17.84 -9.03 26.39
N VAL N 141 17.75 -7.82 27.00
CA VAL N 141 16.75 -6.81 26.65
C VAL N 141 17.32 -6.01 25.47
N CYS N 142 16.95 -6.43 24.26
CA CYS N 142 17.41 -5.82 23.02
C CYS N 142 16.99 -4.41 22.81
N GLN N 143 17.87 -3.63 22.17
CA GLN N 143 17.73 -2.20 21.98
C GLN N 143 17.83 -1.82 20.51
N TRP N 144 16.94 -0.97 20.05
CA TRP N 144 16.86 -0.51 18.69
C TRP N 144 17.64 0.80 18.52
N PHE N 145 18.69 0.76 17.68
CA PHE N 145 19.52 1.94 17.47
C PHE N 145 19.39 2.62 16.14
N GLY N 146 18.24 2.40 15.51
CA GLY N 146 17.88 3.12 14.31
C GLY N 146 17.08 4.34 14.76
N PRO N 147 16.48 5.11 13.86
CA PRO N 147 15.65 6.23 14.33
C PRO N 147 14.24 5.71 14.68
N THR N 148 13.31 6.62 15.01
CA THR N 148 11.94 6.22 15.23
C THR N 148 11.39 5.69 13.89
N ALA N 149 10.92 4.45 13.92
CA ALA N 149 10.39 3.78 12.73
C ALA N 149 9.06 3.11 13.06
N SER N 150 8.14 3.05 12.08
CA SER N 150 6.80 2.49 12.25
C SER N 150 6.39 1.48 11.13
N SER N 151 7.30 1.25 10.18
CA SER N 151 7.09 0.32 9.07
C SER N 151 8.47 -0.12 8.51
N GLY N 152 8.44 -1.14 7.66
CA GLY N 152 9.63 -1.65 7.01
C GLY N 152 9.92 -3.09 7.32
N THR N 153 10.78 -3.70 6.49
CA THR N 153 11.18 -5.09 6.54
C THR N 153 12.64 -5.17 6.96
N PRO N 154 12.92 -5.50 8.26
CA PRO N 154 14.33 -5.55 8.73
C PRO N 154 14.98 -6.89 8.44
N ARG N 155 16.21 -6.91 7.96
CA ARG N 155 16.93 -8.14 7.59
C ARG N 155 18.42 -8.07 7.96
N GLY N 156 19.04 -9.24 8.14
CA GLY N 156 20.46 -9.31 8.45
C GLY N 156 20.91 -10.60 9.07
N THR N 157 21.88 -11.23 8.44
CA THR N 157 22.47 -12.50 8.90
C THR N 157 23.94 -12.28 9.29
N GLY N 158 24.29 -12.74 10.48
CA GLY N 158 25.66 -12.67 10.98
C GLY N 158 25.90 -13.55 12.19
N THR N 159 26.93 -13.21 12.99
CA THR N 159 27.30 -13.93 14.22
C THR N 159 27.75 -12.99 15.32
N TYR N 160 27.68 -13.44 16.57
CA TYR N 160 28.18 -12.71 17.73
C TYR N 160 28.74 -13.71 18.73
N PRO N 161 29.74 -13.37 19.57
CA PRO N 161 30.29 -14.38 20.47
C PRO N 161 29.63 -14.54 21.84
N ILE N 162 29.72 -15.76 22.34
CA ILE N 162 29.23 -16.23 23.63
C ILE N 162 30.38 -17.01 24.32
N ASP N 163 30.18 -17.43 25.59
CA ASP N 163 31.21 -18.22 26.29
C ASP N 163 30.70 -19.22 27.32
N HIS N 164 31.49 -20.31 27.51
CA HIS N 164 31.37 -21.40 28.49
C HIS N 164 32.47 -22.45 28.30
N ALA O 2 49.01 -56.63 18.48
CA ALA O 2 50.36 -57.09 18.13
C ALA O 2 50.34 -58.52 17.66
N SER O 3 51.41 -58.97 16.98
CA SER O 3 51.51 -60.37 16.55
C SER O 3 52.20 -61.16 17.67
N ILE O 4 51.43 -61.99 18.37
CA ILE O 4 51.95 -62.82 19.46
C ILE O 4 51.78 -64.31 19.13
N LYS O 5 52.65 -65.17 19.68
CA LYS O 5 52.62 -66.61 19.49
C LYS O 5 51.87 -67.30 20.65
N LYS O 6 51.31 -68.50 20.42
CA LYS O 6 50.59 -69.22 21.47
C LYS O 6 51.55 -69.75 22.53
N VAL O 7 51.13 -69.67 23.80
CA VAL O 7 51.84 -70.17 24.97
C VAL O 7 50.98 -71.33 25.45
N TYR O 8 51.55 -72.52 25.56
CA TYR O 8 50.79 -73.71 25.91
C TYR O 8 51.61 -74.71 26.70
N ARG O 9 50.93 -75.59 27.42
CA ARG O 9 51.50 -76.66 28.23
C ARG O 9 52.32 -77.61 27.34
N GLY O 10 53.52 -77.96 27.80
CA GLY O 10 54.43 -78.86 27.09
C GLY O 10 55.14 -78.27 25.90
N MET O 11 55.01 -76.96 25.67
CA MET O 11 55.70 -76.30 24.58
C MET O 11 57.23 -76.25 24.72
N LYS O 12 57.89 -76.10 23.58
CA LYS O 12 59.33 -75.95 23.44
C LYS O 12 59.55 -74.41 23.31
N ASN O 13 60.54 -73.86 23.99
CA ASN O 13 60.85 -72.42 24.00
C ASN O 13 59.82 -71.53 24.66
N GLY O 14 59.28 -72.02 25.78
CA GLY O 14 58.29 -71.33 26.60
C GLY O 14 58.67 -69.94 27.07
N ALA O 15 59.82 -69.83 27.75
CA ALA O 15 60.35 -68.58 28.28
C ALA O 15 60.59 -67.54 27.20
N GLU O 16 61.22 -67.96 26.06
CA GLU O 16 61.51 -67.09 24.93
C GLU O 16 60.17 -66.57 24.34
N THR O 17 59.18 -67.44 24.17
CA THR O 17 57.89 -67.05 23.62
C THR O 17 57.20 -66.04 24.50
N ILE O 18 57.18 -66.27 25.82
CA ILE O 18 56.53 -65.37 26.79
C ILE O 18 57.20 -64.01 26.71
N ASN O 19 58.53 -63.98 26.77
CA ASN O 19 59.33 -62.74 26.66
C ASN O 19 59.05 -61.97 25.36
N ASP O 20 59.09 -62.66 24.21
CA ASP O 20 58.84 -62.07 22.90
C ASP O 20 57.41 -61.52 22.77
N ASP O 21 56.41 -62.25 23.32
CA ASP O 21 55.01 -61.81 23.35
C ASP O 21 54.87 -60.55 24.20
N LEU O 22 55.52 -60.52 25.38
CA LEU O 22 55.49 -59.36 26.29
C LEU O 22 56.09 -58.10 25.65
N GLU O 23 57.22 -58.28 24.93
CA GLU O 23 57.92 -57.19 24.25
C GLU O 23 57.13 -56.65 23.08
N ALA O 24 56.50 -57.53 22.27
CA ALA O 24 55.68 -57.13 21.11
C ALA O 24 54.47 -56.29 21.55
N ILE O 25 53.81 -56.73 22.64
CA ILE O 25 52.68 -56.01 23.21
C ILE O 25 53.15 -54.66 23.74
N ASN O 26 54.22 -54.65 24.54
CA ASN O 26 54.78 -53.45 25.18
C ASN O 26 55.21 -52.39 24.18
N SER O 27 55.66 -52.82 22.99
CA SER O 27 56.09 -51.96 21.89
C SER O 27 54.91 -51.11 21.40
N GLU O 28 53.72 -51.73 21.32
CA GLU O 28 52.50 -51.05 20.89
C GLU O 28 51.96 -50.06 21.92
N LEU O 29 52.50 -50.05 23.17
CA LEU O 29 52.08 -49.10 24.21
C LEU O 29 52.86 -47.78 24.10
N THR O 30 53.82 -47.70 23.14
CA THR O 30 54.63 -46.50 22.91
C THR O 30 54.44 -45.93 21.52
N SER O 31 54.36 -46.81 20.49
CA SER O 31 54.17 -46.43 19.10
C SER O 31 53.63 -47.62 18.30
N GLY O 32 53.04 -47.33 17.16
CA GLY O 32 52.54 -48.34 16.25
C GLY O 32 51.22 -48.93 16.62
N GLY O 33 50.88 -50.02 15.93
CA GLY O 33 49.64 -50.72 16.14
C GLY O 33 48.42 -49.88 15.81
N ASN O 34 47.27 -50.27 16.36
CA ASN O 34 46.01 -49.61 16.12
C ASN O 34 45.69 -48.73 17.30
N VAL O 35 46.70 -48.41 18.13
CA VAL O 35 46.46 -47.54 19.29
C VAL O 35 46.89 -46.10 19.05
N VAL O 36 46.13 -45.15 19.60
CA VAL O 36 46.43 -43.73 19.46
C VAL O 36 47.34 -43.37 20.63
N HIS O 37 48.49 -42.75 20.30
CA HIS O 37 49.49 -42.37 21.29
C HIS O 37 49.58 -40.89 21.57
N LYS O 38 50.12 -40.52 22.75
CA LYS O 38 50.36 -39.13 23.17
C LYS O 38 51.61 -38.53 22.47
N THR O 39 52.14 -39.19 21.40
CA THR O 39 53.30 -38.76 20.59
C THR O 39 53.13 -39.25 19.16
N GLY O 40 53.83 -38.59 18.23
CA GLY O 40 53.86 -38.95 16.81
C GLY O 40 52.62 -38.61 16.01
N ASP O 41 52.81 -38.55 14.70
CA ASP O 41 51.79 -38.25 13.72
C ASP O 41 51.01 -39.52 13.47
N GLU O 42 49.68 -39.47 13.70
CA GLU O 42 48.80 -40.64 13.53
C GLU O 42 47.53 -40.34 12.76
N THR O 43 47.07 -41.32 11.97
CA THR O 43 45.82 -41.29 11.22
C THR O 43 44.78 -42.14 12.01
N ILE O 44 43.62 -41.53 12.29
CA ILE O 44 42.58 -42.11 13.11
C ILE O 44 41.27 -42.21 12.33
N ALA O 45 40.64 -43.42 12.31
CA ALA O 45 39.37 -43.65 11.62
C ALA O 45 38.20 -43.89 12.58
N GLY O 46 36.97 -43.53 12.17
CA GLY O 46 35.75 -43.75 12.94
C GLY O 46 35.20 -42.53 13.65
N LYS O 47 33.91 -42.60 14.03
CA LYS O 47 33.24 -41.51 14.74
C LYS O 47 33.79 -41.45 16.16
N LYS O 48 34.64 -40.45 16.41
CA LYS O 48 35.20 -40.20 17.72
C LYS O 48 34.36 -39.15 18.38
N THR O 49 33.66 -39.53 19.44
CA THR O 49 32.80 -38.63 20.20
C THR O 49 33.50 -38.27 21.48
N PHE O 50 33.78 -36.98 21.67
CA PHE O 50 34.43 -36.47 22.86
C PHE O 50 33.34 -35.89 23.75
N THR O 51 33.16 -36.46 24.94
CA THR O 51 32.14 -36.03 25.88
C THR O 51 32.61 -34.91 26.81
N GLY O 52 33.93 -34.70 26.89
CA GLY O 52 34.52 -33.65 27.72
C GLY O 52 34.99 -32.48 26.90
N ASN O 53 35.87 -31.67 27.50
CA ASN O 53 36.43 -30.48 26.87
C ASN O 53 37.63 -30.85 26.01
N VAL O 54 37.67 -30.38 24.77
CA VAL O 54 38.81 -30.62 23.88
C VAL O 54 39.50 -29.28 23.67
N GLU O 55 40.81 -29.29 23.81
CA GLU O 55 41.66 -28.14 23.60
C GLU O 55 42.65 -28.44 22.47
N VAL O 56 42.81 -27.52 21.53
CA VAL O 56 43.79 -27.68 20.44
C VAL O 56 44.71 -26.45 20.50
N ASN O 57 46.01 -26.67 20.74
CA ASN O 57 46.99 -25.59 20.83
C ASN O 57 47.62 -25.24 19.47
N GLY O 58 47.66 -26.21 18.55
CA GLY O 58 48.16 -25.97 17.20
C GLY O 58 47.03 -25.55 16.27
N SER O 59 47.13 -25.95 15.01
CA SER O 59 46.11 -25.63 14.02
C SER O 59 45.00 -26.69 13.96
N LEU O 60 43.77 -26.28 13.61
CA LEU O 60 42.62 -27.16 13.42
C LEU O 60 42.20 -26.99 11.99
N THR O 61 42.57 -27.95 11.15
CA THR O 61 42.27 -27.94 9.72
C THR O 61 41.01 -28.70 9.44
N LEU O 62 40.06 -28.07 8.73
CA LEU O 62 38.79 -28.69 8.37
C LEU O 62 38.68 -28.79 6.84
N PRO O 63 37.67 -29.51 6.26
CA PRO O 63 37.54 -29.49 4.79
C PRO O 63 37.01 -28.09 4.32
N THR O 64 37.72 -27.52 3.33
CA THR O 64 37.47 -26.21 2.73
C THR O 64 37.17 -26.28 1.22
N LYS O 65 36.27 -25.41 0.74
CA LYS O 65 35.92 -25.27 -0.69
C LYS O 65 35.58 -23.82 -0.99
N SER O 66 36.09 -23.29 -2.10
CA SER O 66 35.90 -21.90 -2.50
C SER O 66 35.14 -21.77 -3.81
N TRP O 67 34.51 -20.61 -3.99
CA TRP O 67 33.76 -20.26 -5.20
C TRP O 67 33.66 -18.76 -5.27
N SER O 68 33.78 -18.23 -6.48
CA SER O 68 33.65 -16.81 -6.76
C SER O 68 32.93 -16.62 -8.07
N GLY O 69 32.04 -15.66 -8.13
CA GLY O 69 31.30 -15.39 -9.36
C GLY O 69 30.59 -14.06 -9.33
N GLU O 70 30.29 -13.51 -10.52
CA GLU O 70 29.55 -12.28 -10.68
C GLU O 70 28.09 -12.66 -10.71
N LEU O 71 27.35 -12.31 -9.66
CA LEU O 71 25.92 -12.66 -9.56
C LEU O 71 25.10 -11.99 -10.67
N GLY O 72 25.44 -10.74 -10.95
CA GLY O 72 24.77 -9.91 -11.95
C GLY O 72 24.98 -8.45 -11.62
N GLY O 73 24.90 -7.62 -12.65
CA GLY O 73 25.05 -6.17 -12.53
C GLY O 73 26.44 -5.71 -12.15
N GLY O 74 27.39 -6.63 -12.22
CA GLY O 74 28.79 -6.35 -11.89
C GLY O 74 29.16 -6.69 -10.46
N ILE O 75 28.18 -7.15 -9.66
CA ILE O 75 28.38 -7.54 -8.27
C ILE O 75 29.00 -8.93 -8.22
N ILE O 76 30.11 -9.06 -7.48
CA ILE O 76 30.87 -10.30 -7.32
C ILE O 76 30.72 -10.79 -5.91
N LEU O 77 30.51 -12.09 -5.75
CA LEU O 77 30.42 -12.71 -4.44
C LEU O 77 31.49 -13.80 -4.36
N SER O 78 32.33 -13.71 -3.35
CA SER O 78 33.39 -14.69 -3.11
C SER O 78 33.04 -15.45 -1.84
N LEU O 79 33.01 -16.78 -1.94
CA LEU O 79 32.67 -17.64 -0.83
C LEU O 79 33.71 -18.67 -0.52
N ARG O 80 33.83 -19.02 0.77
CA ARG O 80 34.69 -20.11 1.25
C ARG O 80 33.91 -20.85 2.35
N LYS O 81 33.68 -22.15 2.10
CA LYS O 81 32.95 -23.06 2.99
C LYS O 81 33.97 -23.77 3.88
N LYS O 82 33.86 -23.57 5.19
CA LYS O 82 34.71 -24.21 6.19
C LYS O 82 33.74 -24.89 7.13
N GLY O 83 33.58 -26.20 6.94
CA GLY O 83 32.64 -26.98 7.73
C GLY O 83 31.22 -26.60 7.41
N THR O 84 30.50 -26.04 8.37
CA THR O 84 29.09 -25.62 8.18
C THR O 84 28.90 -24.08 8.13
N THR O 85 29.97 -23.35 7.87
CA THR O 85 29.94 -21.90 7.77
C THR O 85 30.49 -21.47 6.44
N VAL O 86 29.82 -20.49 5.82
CA VAL O 86 30.29 -19.90 4.57
C VAL O 86 30.76 -18.49 4.87
N GLU O 87 32.04 -18.24 4.60
CA GLU O 87 32.65 -16.90 4.74
C GLU O 87 32.41 -16.20 3.42
N TYR O 88 31.83 -15.02 3.45
CA TYR O 88 31.55 -14.29 2.22
C TYR O 88 32.27 -12.96 2.15
N SER O 89 32.47 -12.46 0.92
CA SER O 89 33.03 -11.14 0.62
C SER O 89 32.31 -10.59 -0.62
N ILE O 90 31.60 -9.47 -0.45
CA ILE O 90 30.92 -8.80 -1.57
C ILE O 90 31.95 -7.86 -2.22
N GLY O 91 32.03 -7.93 -3.52
CA GLY O 91 32.96 -7.14 -4.31
C GLY O 91 32.32 -6.73 -5.61
N GLY O 92 33.15 -6.21 -6.50
CA GLY O 92 32.71 -5.75 -7.81
C GLY O 92 32.37 -4.28 -7.83
N GLU O 93 31.72 -3.88 -8.92
CA GLU O 93 31.24 -2.54 -9.20
C GLU O 93 29.97 -2.63 -10.03
N ILE O 94 28.94 -1.85 -9.64
CA ILE O 94 27.68 -1.84 -10.38
C ILE O 94 27.91 -1.26 -11.80
N SER O 95 27.82 -2.15 -12.81
CA SER O 95 28.07 -1.88 -14.23
C SER O 95 26.81 -1.72 -15.10
N SER O 96 25.64 -2.00 -14.54
CA SER O 96 24.37 -1.85 -15.25
C SER O 96 23.23 -1.60 -14.26
N SER O 97 22.04 -1.32 -14.77
CA SER O 97 20.89 -1.04 -13.93
C SER O 97 20.34 -2.33 -13.21
N ILE O 98 20.41 -2.37 -11.86
CA ILE O 98 19.95 -3.49 -11.00
C ILE O 98 18.68 -2.99 -10.32
N LEU O 99 17.53 -3.53 -10.70
CA LEU O 99 16.24 -3.07 -10.17
C LEU O 99 16.00 -3.50 -8.72
N ALA O 100 15.24 -2.69 -7.97
CA ALA O 100 14.92 -3.00 -6.58
C ALA O 100 14.23 -4.36 -6.51
N ASN O 101 14.64 -5.20 -5.53
CA ASN O 101 14.08 -6.55 -5.29
C ASN O 101 14.26 -7.54 -6.49
N SER O 102 15.20 -7.25 -7.40
CA SER O 102 15.46 -8.05 -8.59
C SER O 102 16.36 -9.25 -8.30
N ASN O 103 16.23 -10.27 -9.14
CA ASN O 103 17.03 -11.48 -9.07
C ASN O 103 18.32 -11.17 -9.84
N LEU O 104 19.47 -11.63 -9.32
CA LEU O 104 20.78 -11.48 -9.94
C LEU O 104 20.95 -12.80 -10.70
N VAL O 105 20.88 -12.72 -12.04
CA VAL O 105 20.79 -13.89 -12.93
C VAL O 105 22.02 -14.27 -13.77
N ASN O 106 23.17 -13.64 -13.56
CA ASN O 106 24.35 -14.01 -14.34
C ASN O 106 24.95 -15.30 -13.80
N ARG O 107 24.99 -15.46 -12.48
CA ARG O 107 25.54 -16.68 -11.86
C ARG O 107 24.78 -16.97 -10.54
N SER O 108 24.35 -18.21 -10.33
CA SER O 108 23.70 -18.60 -9.09
C SER O 108 24.76 -19.17 -8.13
N VAL O 109 24.49 -19.09 -6.83
CA VAL O 109 25.39 -19.66 -5.84
C VAL O 109 25.23 -21.19 -5.94
N PRO O 110 26.34 -21.95 -6.16
CA PRO O 110 26.22 -23.41 -6.29
C PRO O 110 25.56 -24.05 -5.07
N ASN O 111 24.87 -25.17 -5.28
CA ASN O 111 24.17 -25.92 -4.23
C ASN O 111 24.96 -26.16 -2.95
N GLU O 112 26.25 -26.56 -3.05
CA GLU O 112 27.07 -26.81 -1.86
C GLU O 112 27.25 -25.62 -0.94
N PHE O 113 27.05 -24.39 -1.46
CA PHE O 113 27.18 -23.13 -0.73
C PHE O 113 25.84 -22.53 -0.38
N CYS O 114 24.74 -23.20 -0.72
CA CYS O 114 23.36 -22.72 -0.47
C CYS O 114 22.84 -22.97 0.94
N PRO O 115 22.26 -21.94 1.59
CA PRO O 115 21.75 -22.14 2.95
C PRO O 115 20.40 -22.92 3.01
N ARG O 116 20.00 -23.33 4.24
CA ARG O 116 18.73 -24.03 4.47
C ARG O 116 17.64 -23.01 4.23
N ASN O 117 17.71 -21.89 4.90
CA ASN O 117 16.78 -20.79 4.78
C ASN O 117 17.53 -19.56 4.24
N ARG O 118 16.78 -18.61 3.71
CA ARG O 118 17.20 -17.33 3.16
C ARG O 118 18.18 -16.58 4.09
N CYS O 119 19.35 -16.16 3.54
CA CYS O 119 20.38 -15.41 4.28
C CYS O 119 20.52 -14.02 3.74
N SER O 120 20.41 -13.00 4.61
CA SER O 120 20.48 -11.59 4.20
C SER O 120 21.84 -11.04 4.46
N LEU O 121 22.65 -10.85 3.40
CA LEU O 121 24.03 -10.37 3.50
C LEU O 121 24.07 -8.89 3.39
N VAL O 122 24.29 -8.20 4.51
CA VAL O 122 24.34 -6.74 4.61
C VAL O 122 25.66 -6.18 4.08
N GLY O 123 25.57 -5.22 3.17
CA GLY O 123 26.70 -4.56 2.56
C GLY O 123 26.61 -3.05 2.64
N HIS O 124 27.70 -2.38 2.26
CA HIS O 124 27.81 -0.93 2.26
C HIS O 124 28.38 -0.46 0.94
N MET O 125 27.86 0.67 0.45
CA MET O 125 28.28 1.32 -0.77
C MET O 125 29.32 2.37 -0.42
N VAL O 126 30.51 2.28 -1.07
CA VAL O 126 31.61 3.21 -0.89
C VAL O 126 31.19 4.68 -1.13
N GLY O 127 31.67 5.58 -0.29
CA GLY O 127 31.48 7.01 -0.48
C GLY O 127 30.37 7.71 0.27
N GLY O 128 29.51 6.95 0.94
CA GLY O 128 28.38 7.55 1.64
C GLY O 128 27.85 6.71 2.78
N TRP O 129 26.61 6.95 3.18
CA TRP O 129 25.99 6.26 4.28
C TRP O 129 25.07 5.12 3.85
N ASN O 130 25.13 4.71 2.56
CA ASN O 130 24.23 3.72 1.97
C ASN O 130 24.54 2.27 2.21
N ALA O 131 23.54 1.54 2.73
CA ALA O 131 23.58 0.11 2.94
C ALA O 131 22.60 -0.61 1.98
N PHE O 132 22.81 -1.91 1.80
CA PHE O 132 21.96 -2.77 1.00
C PHE O 132 22.10 -4.18 1.61
N HIS O 133 21.31 -5.10 1.10
CA HIS O 133 21.48 -6.50 1.43
C HIS O 133 21.13 -7.35 0.23
N ILE O 134 21.84 -8.46 0.12
CA ILE O 134 21.62 -9.43 -0.92
C ILE O 134 21.16 -10.68 -0.20
N ASP O 135 20.05 -11.27 -0.67
CA ASP O 135 19.55 -12.51 -0.09
C ASP O 135 20.06 -13.68 -0.85
N ILE O 136 20.56 -14.68 -0.13
CA ILE O 136 20.93 -15.94 -0.75
C ILE O 136 19.83 -16.93 -0.36
N PRO O 137 18.87 -17.26 -1.25
CA PRO O 137 17.85 -18.27 -0.89
C PRO O 137 18.44 -19.68 -1.06
N SER O 138 17.66 -20.75 -0.73
CA SER O 138 18.15 -22.13 -0.90
C SER O 138 18.40 -22.51 -2.38
N SER O 139 17.76 -21.80 -3.31
CA SER O 139 17.93 -22.04 -4.75
C SER O 139 19.27 -21.49 -5.28
N GLY O 140 19.87 -20.53 -4.56
CA GLY O 140 21.09 -19.88 -4.96
C GLY O 140 20.88 -18.70 -5.89
N VAL O 141 19.61 -18.42 -6.30
CA VAL O 141 19.31 -17.28 -7.18
C VAL O 141 19.23 -16.06 -6.27
N CYS O 142 20.36 -15.36 -6.11
CA CYS O 142 20.45 -14.18 -5.24
C CYS O 142 19.58 -13.06 -5.61
N GLN O 143 19.12 -12.30 -4.61
CA GLN O 143 18.21 -11.19 -4.80
C GLN O 143 18.76 -9.91 -4.20
N TRP O 144 18.64 -8.80 -4.94
CA TRP O 144 19.09 -7.48 -4.52
C TRP O 144 17.98 -6.73 -3.76
N PHE O 145 18.23 -6.37 -2.48
CA PHE O 145 17.26 -5.64 -1.67
C PHE O 145 17.53 -4.20 -1.35
N GLY O 146 18.37 -3.58 -2.16
CA GLY O 146 18.57 -2.14 -2.10
C GLY O 146 17.57 -1.52 -3.08
N PRO O 147 17.66 -0.22 -3.39
CA PRO O 147 16.74 0.34 -4.39
C PRO O 147 17.34 0.12 -5.80
N THR O 148 16.72 0.66 -6.83
CA THR O 148 17.26 0.58 -8.17
C THR O 148 18.59 1.37 -8.20
N ALA O 149 19.70 0.71 -8.59
CA ALA O 149 21.03 1.31 -8.65
C ALA O 149 21.75 0.97 -9.97
N SER O 150 22.46 1.96 -10.55
CA SER O 150 23.17 1.77 -11.81
C SER O 150 24.70 2.00 -11.71
N SER O 151 25.18 2.32 -10.50
CA SER O 151 26.59 2.53 -10.18
C SER O 151 26.83 2.37 -8.68
N GLY O 152 28.10 2.18 -8.32
CA GLY O 152 28.52 2.06 -6.94
C GLY O 152 29.44 0.91 -6.70
N THR O 153 30.09 0.95 -5.53
CA THR O 153 31.07 -0.03 -5.13
C THR O 153 30.55 -0.76 -3.90
N PRO O 154 29.98 -1.99 -4.11
CA PRO O 154 29.41 -2.74 -3.01
C PRO O 154 30.48 -3.51 -2.23
N ARG O 155 30.42 -3.43 -0.89
CA ARG O 155 31.40 -4.13 -0.03
C ARG O 155 30.74 -4.74 1.20
N GLY O 156 31.34 -5.80 1.72
CA GLY O 156 30.84 -6.45 2.93
C GLY O 156 31.43 -7.82 3.13
N THR O 157 31.91 -8.10 4.31
CA THR O 157 32.56 -9.33 4.72
C THR O 157 31.83 -9.88 5.96
N GLY O 158 31.49 -11.14 5.94
CA GLY O 158 30.88 -11.79 7.09
C GLY O 158 30.74 -13.27 6.86
N THR O 159 29.76 -13.89 7.56
CA THR O 159 29.47 -15.31 7.39
C THR O 159 27.98 -15.61 7.36
N TYR O 160 27.61 -16.80 6.85
CA TYR O 160 26.25 -17.32 6.92
C TYR O 160 26.32 -18.83 7.12
N PRO O 161 25.33 -19.47 7.78
CA PRO O 161 25.39 -20.93 7.97
C PRO O 161 24.85 -21.82 6.85
N ILE O 162 25.44 -23.01 6.76
CA ILE O 162 25.11 -24.12 5.86
C ILE O 162 24.97 -25.39 6.76
N ASP O 163 24.58 -26.54 6.18
CA ASP O 163 24.47 -27.79 6.98
C ASP O 163 24.68 -29.13 6.25
N HIS O 164 25.25 -30.12 7.01
CA HIS O 164 25.54 -31.51 6.65
C HIS O 164 26.06 -32.30 7.87
N ALA P 2 1.72 -56.99 61.12
CA ALA P 2 1.28 -58.39 61.03
C ALA P 2 1.19 -59.04 62.41
N SER P 3 0.40 -60.12 62.52
CA SER P 3 0.28 -60.88 63.76
C SER P 3 1.34 -61.97 63.73
N ILE P 4 2.34 -61.83 64.60
CA ILE P 4 3.42 -62.80 64.68
C ILE P 4 3.46 -63.48 66.03
N LYS P 5 3.80 -64.78 66.03
CA LYS P 5 3.93 -65.63 67.20
C LYS P 5 5.35 -65.43 67.78
N LYS P 6 5.53 -65.51 69.10
CA LYS P 6 6.84 -65.29 69.70
C LYS P 6 7.74 -66.53 69.61
N VAL P 7 8.99 -66.33 69.13
CA VAL P 7 9.98 -67.40 69.08
C VAL P 7 10.90 -67.37 70.32
N TYR P 8 11.03 -68.52 71.01
CA TYR P 8 11.83 -68.58 72.22
C TYR P 8 12.60 -69.86 72.39
N ARG P 9 13.70 -69.84 73.20
CA ARG P 9 14.54 -71.01 73.44
C ARG P 9 13.73 -72.09 74.16
N GLY P 10 13.78 -73.30 73.60
CA GLY P 10 13.09 -74.46 74.14
C GLY P 10 11.62 -74.61 73.76
N MET P 11 11.17 -73.78 72.81
CA MET P 11 9.79 -73.83 72.31
C MET P 11 9.61 -75.05 71.39
N LYS P 12 8.36 -75.49 71.21
CA LYS P 12 7.94 -76.57 70.32
C LYS P 12 7.57 -75.92 69.00
N ASN P 13 7.82 -76.61 67.90
CA ASN P 13 7.51 -76.11 66.54
C ASN P 13 8.10 -74.71 66.23
N GLY P 14 9.37 -74.54 66.60
CA GLY P 14 10.13 -73.32 66.38
C GLY P 14 10.27 -72.94 64.91
N ALA P 15 10.72 -73.89 64.06
CA ALA P 15 10.93 -73.69 62.62
C ALA P 15 9.67 -73.25 61.86
N GLU P 16 8.54 -73.91 62.16
CA GLU P 16 7.22 -73.62 61.58
C GLU P 16 6.73 -72.27 62.08
N THR P 17 7.05 -71.90 63.34
CA THR P 17 6.67 -70.59 63.92
C THR P 17 7.43 -69.45 63.22
N ILE P 18 8.77 -69.63 63.05
CA ILE P 18 9.63 -68.67 62.35
C ILE P 18 9.14 -68.53 60.91
N ASN P 19 8.83 -69.65 60.25
CA ASN P 19 8.35 -69.63 58.87
C ASN P 19 7.04 -68.85 58.72
N ASP P 20 6.05 -69.19 59.55
CA ASP P 20 4.76 -68.50 59.56
C ASP P 20 4.90 -67.02 59.89
N ASP P 21 5.87 -66.66 60.76
CA ASP P 21 6.15 -65.26 61.08
C ASP P 21 6.69 -64.52 59.87
N LEU P 22 7.71 -65.11 59.20
CA LEU P 22 8.32 -64.55 58.00
C LEU P 22 7.32 -64.28 56.90
N GLU P 23 6.38 -65.22 56.67
CA GLU P 23 5.32 -65.12 55.66
C GLU P 23 4.30 -64.02 55.95
N ALA P 24 3.89 -63.86 57.24
CA ALA P 24 2.91 -62.85 57.68
C ALA P 24 3.45 -61.46 57.43
N ILE P 25 4.75 -61.26 57.75
CA ILE P 25 5.50 -60.01 57.56
C ILE P 25 5.66 -59.77 56.07
N ASN P 26 6.13 -60.80 55.33
CA ASN P 26 6.36 -60.71 53.90
C ASN P 26 5.09 -60.41 53.12
N SER P 27 3.94 -60.94 53.56
CA SER P 27 2.66 -60.68 52.94
C SER P 27 2.35 -59.18 52.96
N GLU P 28 2.63 -58.49 54.09
CA GLU P 28 2.40 -57.06 54.26
C GLU P 28 3.33 -56.19 53.39
N LEU P 29 4.35 -56.78 52.76
CA LEU P 29 5.26 -56.06 51.85
C LEU P 29 4.69 -56.02 50.41
N THR P 30 3.54 -56.70 50.17
CA THR P 30 2.85 -56.73 48.86
C THR P 30 1.44 -56.11 48.92
N SER P 31 0.67 -56.39 49.99
CA SER P 31 -0.67 -55.86 50.19
C SER P 31 -1.07 -55.91 51.67
N GLY P 32 -2.09 -55.13 52.02
CA GLY P 32 -2.61 -55.08 53.37
C GLY P 32 -1.73 -54.39 54.39
N GLY P 33 -2.10 -54.56 55.66
CA GLY P 33 -1.39 -53.97 56.79
C GLY P 33 -1.53 -52.46 56.79
N ASN P 34 -0.60 -51.78 57.46
CA ASN P 34 -0.62 -50.33 57.55
C ASN P 34 0.40 -49.70 56.60
N VAL P 35 0.88 -50.48 55.61
CA VAL P 35 1.86 -50.00 54.65
C VAL P 35 1.22 -49.57 53.32
N VAL P 36 1.75 -48.49 52.72
CA VAL P 36 1.27 -47.99 51.43
C VAL P 36 2.05 -48.74 50.36
N HIS P 37 1.32 -49.31 49.39
CA HIS P 37 1.90 -50.11 48.31
C HIS P 37 1.87 -49.46 46.95
N LYS P 38 2.76 -49.95 46.05
CA LYS P 38 2.84 -49.51 44.67
C LYS P 38 1.74 -50.11 43.78
N THR P 39 0.81 -50.90 44.38
CA THR P 39 -0.34 -51.50 43.69
C THR P 39 -1.59 -51.47 44.60
N GLY P 40 -2.77 -51.61 44.01
CA GLY P 40 -4.04 -51.68 44.71
C GLY P 40 -4.61 -50.38 45.25
N ASP P 41 -5.93 -50.39 45.47
CA ASP P 41 -6.67 -49.26 46.01
C ASP P 41 -6.48 -49.19 47.52
N GLU P 42 -6.00 -48.04 48.03
CA GLU P 42 -5.72 -47.88 49.46
C GLU P 42 -6.18 -46.54 50.01
N THR P 43 -6.61 -46.54 51.28
CA THR P 43 -7.04 -45.34 52.02
C THR P 43 -5.90 -44.99 52.97
N ILE P 44 -5.43 -43.73 52.92
CA ILE P 44 -4.30 -43.22 53.70
C ILE P 44 -4.73 -42.04 54.60
N ALA P 45 -4.34 -42.08 55.91
CA ALA P 45 -4.63 -41.02 56.88
C ALA P 45 -3.39 -40.30 57.38
N GLY P 46 -3.54 -39.01 57.75
CA GLY P 46 -2.47 -38.19 58.29
C GLY P 46 -1.91 -37.15 57.33
N LYS P 47 -1.18 -36.13 57.88
CA LYS P 47 -0.57 -35.08 57.08
C LYS P 47 0.61 -35.66 56.31
N LYS P 48 0.40 -35.90 55.01
CA LYS P 48 1.45 -36.41 54.14
C LYS P 48 2.12 -35.22 53.45
N THR P 49 3.38 -34.97 53.79
CA THR P 49 4.16 -33.89 53.21
C THR P 49 5.09 -34.47 52.16
N PHE P 50 4.91 -34.08 50.90
CA PHE P 50 5.77 -34.51 49.83
C PHE P 50 6.72 -33.35 49.61
N THR P 51 8.03 -33.59 49.79
CA THR P 51 9.06 -32.56 49.62
C THR P 51 9.59 -32.51 48.18
N GLY P 52 9.24 -33.51 47.38
CA GLY P 52 9.69 -33.59 46.00
C GLY P 52 8.57 -33.33 45.02
N ASN P 53 8.77 -33.76 43.78
CA ASN P 53 7.78 -33.60 42.72
C ASN P 53 6.80 -34.74 42.81
N VAL P 54 5.52 -34.44 42.58
CA VAL P 54 4.47 -35.43 42.54
C VAL P 54 3.89 -35.37 41.13
N GLU P 55 3.80 -36.51 40.47
CA GLU P 55 3.21 -36.63 39.15
C GLU P 55 1.98 -37.54 39.25
N VAL P 56 0.89 -37.16 38.59
CA VAL P 56 -0.36 -37.93 38.59
C VAL P 56 -0.73 -38.14 37.13
N ASN P 57 -0.78 -39.40 36.68
CA ASN P 57 -1.12 -39.78 35.30
C ASN P 57 -2.61 -40.07 35.15
N GLY P 58 -3.27 -40.40 36.26
CA GLY P 58 -4.72 -40.63 36.28
C GLY P 58 -5.43 -39.35 36.67
N SER P 59 -6.59 -39.46 37.33
CA SER P 59 -7.31 -38.28 37.79
C SER P 59 -6.87 -37.84 39.20
N LEU P 60 -7.02 -36.54 39.50
CA LEU P 60 -6.77 -35.98 40.83
C LEU P 60 -8.10 -35.39 41.32
N THR P 61 -8.83 -36.14 42.13
CA THR P 61 -10.13 -35.74 42.65
C THR P 61 -9.98 -35.06 44.00
N LEU P 62 -10.58 -33.86 44.12
CA LEU P 62 -10.58 -33.08 45.37
C LEU P 62 -12.02 -32.94 45.90
N PRO P 63 -12.28 -32.39 47.13
CA PRO P 63 -13.68 -32.26 47.58
C PRO P 63 -14.45 -31.24 46.75
N THR P 64 -15.59 -31.67 46.19
CA THR P 64 -16.45 -30.88 45.31
C THR P 64 -17.82 -30.59 45.94
N LYS P 65 -18.33 -29.37 45.69
CA LYS P 65 -19.66 -28.91 46.09
C LYS P 65 -20.19 -27.91 45.09
N SER P 66 -21.45 -28.05 44.70
CA SER P 66 -22.10 -27.18 43.73
C SER P 66 -23.23 -26.36 44.35
N TRP P 67 -23.55 -25.23 43.72
CA TRP P 67 -24.63 -24.33 44.08
C TRP P 67 -25.04 -23.49 42.88
N SER P 68 -26.33 -23.27 42.73
CA SER P 68 -26.89 -22.44 41.69
C SER P 68 -28.06 -21.65 42.27
N GLY P 69 -28.15 -20.39 41.88
CA GLY P 69 -29.21 -19.52 42.35
C GLY P 69 -29.35 -18.23 41.57
N GLU P 70 -30.55 -17.64 41.59
CA GLU P 70 -30.85 -16.36 40.94
C GLU P 70 -30.43 -15.27 41.92
N LEU P 71 -29.37 -14.51 41.59
CA LEU P 71 -28.85 -13.47 42.46
C LEU P 71 -29.83 -12.31 42.61
N GLY P 72 -30.45 -11.94 41.50
CA GLY P 72 -31.40 -10.85 41.41
C GLY P 72 -31.52 -10.32 39.99
N GLY P 73 -32.73 -9.88 39.64
CA GLY P 73 -33.04 -9.34 38.32
C GLY P 73 -33.03 -10.36 37.20
N GLY P 74 -33.10 -11.64 37.54
CA GLY P 74 -33.08 -12.74 36.57
C GLY P 74 -31.71 -13.31 36.27
N ILE P 75 -30.65 -12.76 36.90
CA ILE P 75 -29.27 -13.23 36.73
C ILE P 75 -29.06 -14.46 37.60
N ILE P 76 -28.62 -15.56 36.97
CA ILE P 76 -28.35 -16.83 37.65
C ILE P 76 -26.83 -17.05 37.72
N LEU P 77 -26.34 -17.44 38.90
CA LEU P 77 -24.92 -17.75 39.11
C LEU P 77 -24.79 -19.21 39.52
N SER P 78 -24.05 -20.00 38.72
CA SER P 78 -23.83 -21.41 38.98
C SER P 78 -22.38 -21.57 39.39
N LEU P 79 -22.16 -22.21 40.56
CA LEU P 79 -20.84 -22.39 41.16
C LEU P 79 -20.52 -23.84 41.42
N ARG P 80 -19.21 -24.17 41.39
CA ARG P 80 -18.66 -25.49 41.72
C ARG P 80 -17.32 -25.25 42.38
N LYS P 81 -17.24 -25.62 43.66
CA LYS P 81 -16.05 -25.50 44.50
C LYS P 81 -15.27 -26.80 44.36
N LYS P 82 -14.01 -26.71 43.93
CA LYS P 82 -13.08 -27.84 43.78
C LYS P 82 -11.82 -27.38 44.51
N GLY P 83 -11.71 -27.81 45.77
CA GLY P 83 -10.61 -27.42 46.64
C GLY P 83 -10.73 -25.98 47.05
N THR P 84 -9.75 -25.16 46.63
CA THR P 84 -9.69 -23.72 46.94
C THR P 84 -10.09 -22.80 45.75
N THR P 85 -10.73 -23.38 44.74
CA THR P 85 -11.14 -22.67 43.53
C THR P 85 -12.62 -22.86 43.31
N VAL P 86 -13.29 -21.76 42.92
CA VAL P 86 -14.71 -21.80 42.58
C VAL P 86 -14.85 -21.53 41.09
N GLU P 87 -15.43 -22.49 40.37
CA GLU P 87 -15.71 -22.41 38.95
C GLU P 87 -17.07 -21.78 38.84
N TYR P 88 -17.17 -20.63 38.16
CA TYR P 88 -18.44 -19.92 38.00
C TYR P 88 -18.93 -19.89 36.55
N SER P 89 -20.25 -19.71 36.40
CA SER P 89 -20.93 -19.56 35.13
C SER P 89 -22.10 -18.58 35.32
N ILE P 90 -22.04 -17.44 34.65
CA ILE P 90 -23.11 -16.45 34.70
C ILE P 90 -24.14 -16.83 33.63
N GLY P 91 -25.40 -16.88 34.04
CA GLY P 91 -26.52 -17.23 33.17
C GLY P 91 -27.76 -16.43 33.47
N GLY P 92 -28.87 -16.86 32.90
CA GLY P 92 -30.19 -16.22 33.07
C GLY P 92 -30.47 -15.17 32.02
N GLU P 93 -31.42 -14.28 32.33
CA GLU P 93 -31.87 -13.17 31.49
C GLU P 93 -32.36 -12.04 32.36
N ILE P 94 -31.90 -10.81 32.09
CA ILE P 94 -32.34 -9.65 32.87
C ILE P 94 -33.84 -9.46 32.64
N SER P 95 -34.63 -9.72 33.70
CA SER P 95 -36.09 -9.70 33.72
C SER P 95 -36.71 -8.46 34.40
N SER P 96 -35.89 -7.63 35.06
CA SER P 96 -36.32 -6.41 35.75
C SER P 96 -35.19 -5.38 35.81
N SER P 97 -35.47 -4.16 36.28
CA SER P 97 -34.48 -3.10 36.36
C SER P 97 -33.45 -3.36 37.44
N ILE P 98 -32.17 -3.47 37.01
CA ILE P 98 -31.00 -3.66 37.87
C ILE P 98 -30.27 -2.33 37.84
N LEU P 99 -30.25 -1.62 38.97
CA LEU P 99 -29.62 -0.31 39.07
C LEU P 99 -28.11 -0.43 39.08
N ALA P 100 -27.43 0.59 38.54
CA ALA P 100 -25.97 0.63 38.50
C ALA P 100 -25.43 0.62 39.92
N ASN P 101 -24.41 -0.23 40.17
CA ASN P 101 -23.73 -0.39 41.47
C ASN P 101 -24.60 -0.94 42.62
N SER P 102 -25.75 -1.59 42.26
CA SER P 102 -26.72 -2.15 43.20
C SER P 102 -26.43 -3.57 43.67
N ASN P 103 -26.93 -3.92 44.87
CA ASN P 103 -26.82 -5.26 45.44
C ASN P 103 -27.91 -6.14 44.82
N LEU P 104 -27.55 -7.39 44.48
CA LEU P 104 -28.46 -8.37 43.93
C LEU P 104 -28.95 -9.12 45.16
N VAL P 105 -30.20 -8.84 45.56
CA VAL P 105 -30.82 -9.29 46.81
C VAL P 105 -31.80 -10.48 46.80
N ASN P 106 -31.99 -11.19 45.66
CA ASN P 106 -32.87 -12.35 45.64
C ASN P 106 -32.26 -13.55 46.38
N ARG P 107 -30.96 -13.82 46.14
CA ARG P 107 -30.22 -14.91 46.77
C ARG P 107 -28.77 -14.51 46.96
N SER P 108 -28.22 -14.78 48.15
CA SER P 108 -26.82 -14.51 48.48
C SER P 108 -25.99 -15.77 48.21
N VAL P 109 -24.71 -15.59 47.88
CA VAL P 109 -23.80 -16.71 47.64
C VAL P 109 -23.52 -17.34 49.02
N PRO P 110 -23.77 -18.66 49.21
CA PRO P 110 -23.52 -19.27 50.52
C PRO P 110 -22.09 -19.10 50.99
N ASN P 111 -21.90 -19.05 52.31
CA ASN P 111 -20.60 -18.84 52.95
C ASN P 111 -19.47 -19.74 52.45
N GLU P 112 -19.75 -21.04 52.20
CA GLU P 112 -18.74 -21.99 51.71
C GLU P 112 -18.14 -21.64 50.32
N PHE P 113 -18.86 -20.81 49.53
CA PHE P 113 -18.46 -20.35 48.21
C PHE P 113 -18.00 -18.88 48.23
N CYS P 114 -17.96 -18.24 49.41
CA CYS P 114 -17.56 -16.84 49.54
C CYS P 114 -16.07 -16.62 49.61
N PRO P 115 -15.55 -15.64 48.83
CA PRO P 115 -14.09 -15.38 48.85
C PRO P 115 -13.65 -14.58 50.07
N ARG P 116 -12.34 -14.62 50.38
CA ARG P 116 -11.70 -13.87 51.48
C ARG P 116 -11.80 -12.38 51.12
N ASN P 117 -11.44 -12.03 49.88
CA ASN P 117 -11.43 -10.70 49.29
C ASN P 117 -12.45 -10.61 48.15
N ARG P 118 -12.92 -9.41 47.85
CA ARG P 118 -13.87 -9.08 46.79
C ARG P 118 -13.39 -9.58 45.41
N CYS P 119 -14.22 -10.35 44.70
CA CYS P 119 -13.92 -10.90 43.37
C CYS P 119 -14.78 -10.30 42.29
N SER P 120 -14.17 -9.78 41.20
CA SER P 120 -14.88 -9.15 40.08
C SER P 120 -15.03 -10.11 38.90
N LEU P 121 -16.25 -10.65 38.72
CA LEU P 121 -16.53 -11.60 37.65
C LEU P 121 -17.01 -10.89 36.38
N VAL P 122 -16.13 -10.82 35.37
CA VAL P 122 -16.41 -10.15 34.08
C VAL P 122 -17.30 -11.02 33.21
N GLY P 123 -18.33 -10.39 32.64
CA GLY P 123 -19.28 -11.04 31.76
C GLY P 123 -19.57 -10.22 30.53
N HIS P 124 -20.33 -10.80 29.60
CA HIS P 124 -20.70 -10.18 28.34
C HIS P 124 -22.18 -10.38 28.08
N MET P 125 -22.80 -9.39 27.43
CA MET P 125 -24.21 -9.40 27.05
C MET P 125 -24.29 -9.85 25.59
N VAL P 126 -25.06 -10.91 25.32
CA VAL P 126 -25.30 -11.48 23.99
C VAL P 126 -25.83 -10.41 23.01
N GLY P 127 -25.33 -10.44 21.77
CA GLY P 127 -25.81 -9.58 20.69
C GLY P 127 -25.05 -8.32 20.36
N GLY P 128 -24.22 -7.85 21.30
CA GLY P 128 -23.45 -6.63 21.09
C GLY P 128 -22.07 -6.65 21.69
N TRP P 129 -21.50 -5.47 21.92
CA TRP P 129 -20.17 -5.30 22.48
C TRP P 129 -20.15 -5.00 23.98
N ASN P 130 -21.30 -5.13 24.66
CA ASN P 130 -21.45 -4.80 26.09
C ASN P 130 -20.92 -5.78 27.09
N ALA P 131 -20.08 -5.27 28.02
CA ALA P 131 -19.49 -6.04 29.12
C ALA P 131 -19.93 -5.46 30.44
N PHE P 132 -19.96 -6.30 31.47
CA PHE P 132 -20.30 -5.93 32.82
C PHE P 132 -19.42 -6.73 33.74
N HIS P 133 -19.57 -6.50 35.04
CA HIS P 133 -18.96 -7.33 36.06
C HIS P 133 -19.84 -7.38 37.28
N ILE P 134 -19.81 -8.52 37.96
CA ILE P 134 -20.53 -8.77 39.21
C ILE P 134 -19.49 -9.01 40.27
N ASP P 135 -19.56 -8.26 41.37
CA ASP P 135 -18.65 -8.43 42.49
C ASP P 135 -19.20 -9.41 43.51
N ILE P 136 -18.40 -10.39 43.94
CA ILE P 136 -18.78 -11.32 45.00
C ILE P 136 -17.96 -10.90 46.22
N PRO P 137 -18.55 -10.19 47.21
CA PRO P 137 -17.77 -9.85 48.41
C PRO P 137 -17.77 -11.03 49.38
N SER P 138 -17.05 -10.92 50.50
CA SER P 138 -17.01 -12.01 51.48
C SER P 138 -18.39 -12.32 52.13
N SER P 139 -19.31 -11.34 52.13
CA SER P 139 -20.67 -11.46 52.66
C SER P 139 -21.62 -12.32 51.81
N GLY P 140 -21.33 -12.45 50.52
CA GLY P 140 -22.14 -13.20 49.59
C GLY P 140 -23.22 -12.38 48.93
N VAL P 141 -23.31 -11.08 49.30
CA VAL P 141 -24.29 -10.17 48.72
C VAL P 141 -23.66 -9.56 47.46
N CYS P 142 -23.91 -10.21 46.30
CA CYS P 142 -23.35 -9.81 45.00
C CYS P 142 -23.79 -8.44 44.54
N GLN P 143 -22.90 -7.74 43.84
CA GLN P 143 -23.12 -6.38 43.37
C GLN P 143 -22.96 -6.27 41.86
N TRP P 144 -23.88 -5.57 41.20
CA TRP P 144 -23.87 -5.37 39.74
C TRP P 144 -23.11 -4.10 39.41
N PHE P 145 -22.04 -4.22 38.62
CA PHE P 145 -21.22 -3.07 38.25
C PHE P 145 -21.30 -2.59 36.82
N GLY P 146 -22.36 -2.99 36.15
CA GLY P 146 -22.69 -2.49 34.82
C GLY P 146 -23.53 -1.25 35.01
N PRO P 147 -24.09 -0.63 33.96
CA PRO P 147 -24.96 0.53 34.19
C PRO P 147 -26.37 0.04 34.55
N THR P 148 -27.34 0.95 34.68
CA THR P 148 -28.71 0.54 34.94
C THR P 148 -29.18 -0.24 33.70
N ALA P 149 -29.59 -1.50 33.91
CA ALA P 149 -30.02 -2.40 32.84
C ALA P 149 -31.37 -3.03 33.16
N SER P 150 -32.19 -3.28 32.12
CA SER P 150 -33.53 -3.83 32.28
C SER P 150 -33.83 -5.00 31.33
N SER P 151 -32.85 -5.37 30.49
CA SER P 151 -32.98 -6.48 29.54
C SER P 151 -31.59 -7.00 29.12
N GLY P 152 -31.59 -8.19 28.49
CA GLY P 152 -30.38 -8.81 27.97
C GLY P 152 -30.04 -10.17 28.56
N THR P 153 -29.11 -10.86 27.88
CA THR P 153 -28.62 -12.19 28.21
C THR P 153 -27.18 -12.15 28.77
N PRO P 154 -27.00 -12.27 30.11
CA PRO P 154 -25.66 -12.21 30.68
C PRO P 154 -24.91 -13.53 30.62
N ARG P 155 -23.65 -13.52 30.16
CA ARG P 155 -22.84 -14.73 30.04
C ARG P 155 -21.40 -14.53 30.50
N GLY P 156 -20.74 -15.60 30.93
CA GLY P 156 -19.35 -15.56 31.39
C GLY P 156 -18.99 -16.76 32.24
N THR P 157 -17.88 -17.44 31.89
CA THR P 157 -17.33 -18.63 32.56
C THR P 157 -15.89 -18.34 32.98
N GLY P 158 -15.56 -18.70 34.21
CA GLY P 158 -14.23 -18.51 34.75
C GLY P 158 -14.11 -19.07 36.14
N THR P 159 -13.12 -18.55 36.92
CA THR P 159 -12.86 -18.97 38.29
C THR P 159 -12.49 -17.82 39.21
N TYR P 160 -12.63 -18.04 40.54
CA TYR P 160 -12.21 -17.12 41.58
C TYR P 160 -11.69 -17.94 42.78
N PRO P 161 -10.77 -17.41 43.61
CA PRO P 161 -10.25 -18.21 44.73
C PRO P 161 -10.99 -18.12 46.06
N ILE P 162 -10.94 -19.24 46.80
CA ILE P 162 -11.49 -19.48 48.14
C ILE P 162 -10.33 -20.03 49.01
N ASP P 163 -10.55 -20.27 50.33
CA ASP P 163 -9.50 -20.83 51.21
C ASP P 163 -9.93 -21.66 52.44
N HIS P 164 -9.08 -22.64 52.81
CA HIS P 164 -9.15 -23.55 53.97
C HIS P 164 -7.94 -24.48 54.03
N ALA Q 2 9.19 -59.42 49.29
CA ALA Q 2 10.50 -60.03 49.10
C ALA Q 2 10.43 -61.51 48.74
N SER Q 3 11.51 -62.02 48.14
CA SER Q 3 11.59 -63.45 47.81
C SER Q 3 12.35 -64.12 48.92
N ILE Q 4 11.62 -64.98 49.68
CA ILE Q 4 12.15 -65.68 50.84
C ILE Q 4 12.00 -67.17 50.64
N LYS Q 5 12.91 -67.95 51.25
CA LYS Q 5 12.93 -69.41 51.21
C LYS Q 5 12.23 -70.00 52.43
N LYS Q 6 11.69 -71.22 52.28
CA LYS Q 6 10.98 -71.88 53.36
C LYS Q 6 11.91 -72.24 54.49
N VAL Q 7 11.42 -72.06 55.72
CA VAL Q 7 12.12 -72.41 56.94
C VAL Q 7 11.36 -73.64 57.49
N TYR Q 8 12.08 -74.72 57.76
CA TYR Q 8 11.41 -75.95 58.16
C TYR Q 8 12.24 -76.79 59.06
N ARG Q 9 11.57 -77.66 59.85
CA ARG Q 9 12.20 -78.59 60.78
C ARG Q 9 13.13 -79.55 60.00
N GLY Q 10 14.35 -79.72 60.51
CA GLY Q 10 15.36 -80.59 59.93
C GLY Q 10 16.14 -79.99 58.78
N MET Q 11 15.84 -78.73 58.40
CA MET Q 11 16.56 -78.11 57.29
C MET Q 11 18.04 -77.95 57.53
N LYS Q 12 18.84 -78.14 56.47
CA LYS Q 12 20.29 -78.08 56.51
C LYS Q 12 20.85 -76.75 56.99
N ASN Q 13 20.49 -75.64 56.32
CA ASN Q 13 20.99 -74.31 56.61
C ASN Q 13 19.91 -73.42 57.22
N GLY Q 14 19.50 -73.79 58.44
CA GLY Q 14 18.47 -73.10 59.20
C GLY Q 14 18.82 -71.68 59.53
N ALA Q 15 19.92 -71.51 60.25
CA ALA Q 15 20.40 -70.20 60.68
C ALA Q 15 20.66 -69.25 59.49
N GLU Q 16 21.29 -69.78 58.42
CA GLU Q 16 21.61 -69.04 57.20
C GLU Q 16 20.37 -68.60 56.47
N THR Q 17 19.38 -69.51 56.30
CA THR Q 17 18.12 -69.16 55.63
C THR Q 17 17.33 -68.12 56.44
N ILE Q 18 17.23 -68.29 57.80
CA ILE Q 18 16.51 -67.32 58.65
C ILE Q 18 17.17 -65.92 58.44
N ASN Q 19 18.51 -65.83 58.56
CA ASN Q 19 19.27 -64.61 58.33
C ASN Q 19 19.04 -64.00 56.94
N ASP Q 20 19.16 -64.81 55.88
CA ASP Q 20 18.95 -64.34 54.51
C ASP Q 20 17.53 -63.87 54.25
N ASP Q 21 16.54 -64.53 54.87
CA ASP Q 21 15.13 -64.14 54.78
C ASP Q 21 14.90 -62.84 55.52
N LEU Q 22 15.52 -62.66 56.69
CA LEU Q 22 15.39 -61.43 57.46
C LEU Q 22 15.98 -60.24 56.68
N GLU Q 23 17.14 -60.44 56.05
CA GLU Q 23 17.80 -59.42 55.26
C GLU Q 23 17.01 -59.05 54.00
N ALA Q 24 16.41 -60.05 53.32
CA ALA Q 24 15.58 -59.83 52.12
C ALA Q 24 14.35 -59.00 52.45
N ILE Q 25 13.70 -59.29 53.59
CA ILE Q 25 12.52 -58.57 54.05
C ILE Q 25 12.94 -57.14 54.49
N ASN Q 26 14.00 -57.05 55.30
CA ASN Q 26 14.52 -55.77 55.81
C ASN Q 26 14.93 -54.81 54.72
N SER Q 27 15.47 -55.32 53.59
CA SER Q 27 15.89 -54.52 52.45
C SER Q 27 14.69 -53.74 51.91
N GLU Q 28 13.50 -54.39 51.81
CA GLU Q 28 12.28 -53.78 51.31
C GLU Q 28 11.67 -52.73 52.25
N LEU Q 29 12.25 -52.55 53.43
CA LEU Q 29 11.79 -51.54 54.39
C LEU Q 29 12.55 -50.24 54.16
N THR Q 30 13.56 -50.24 53.26
CA THR Q 30 14.34 -49.06 52.91
C THR Q 30 14.13 -48.63 51.46
N SER Q 31 14.12 -49.58 50.52
CA SER Q 31 13.93 -49.34 49.08
C SER Q 31 13.44 -50.59 48.37
N GLY Q 32 12.93 -50.43 47.15
CA GLY Q 32 12.46 -51.54 46.33
C GLY Q 32 11.16 -52.17 46.78
N GLY Q 33 10.84 -53.31 46.19
CA GLY Q 33 9.64 -54.07 46.49
C GLY Q 33 8.38 -53.35 46.04
N ASN Q 34 7.25 -53.72 46.63
CA ASN Q 34 5.97 -53.10 46.32
C ASN Q 34 5.59 -52.09 47.40
N VAL Q 35 6.57 -51.67 48.24
CA VAL Q 35 6.32 -50.71 49.31
C VAL Q 35 6.73 -49.30 48.94
N VAL Q 36 5.89 -48.30 49.31
CA VAL Q 36 6.16 -46.87 49.09
C VAL Q 36 7.03 -46.37 50.26
N HIS Q 37 8.14 -45.72 49.92
CA HIS Q 37 9.13 -45.24 50.87
C HIS Q 37 9.18 -43.73 51.01
N LYS Q 38 9.78 -43.27 52.11
CA LYS Q 38 9.95 -41.86 52.42
C LYS Q 38 11.16 -41.25 51.68
N THR Q 39 11.81 -42.03 50.77
CA THR Q 39 12.93 -41.60 49.92
C THR Q 39 12.82 -42.24 48.52
N GLY Q 40 13.54 -41.66 47.55
CA GLY Q 40 13.63 -42.14 46.19
C GLY Q 40 12.43 -41.92 45.31
N ASP Q 41 12.66 -41.95 43.99
CA ASP Q 41 11.63 -41.79 42.97
C ASP Q 41 10.91 -43.12 42.80
N GLU Q 42 9.58 -43.12 42.95
CA GLU Q 42 8.78 -44.34 42.89
C GLU Q 42 7.50 -44.17 42.07
N THR Q 43 7.07 -45.25 41.41
CA THR Q 43 5.85 -45.27 40.60
C THR Q 43 4.83 -46.07 41.38
N ILE Q 44 3.64 -45.49 41.61
CA ILE Q 44 2.57 -46.04 42.43
C ILE Q 44 1.30 -46.20 41.63
N ALA Q 45 0.68 -47.40 41.68
CA ALA Q 45 -0.57 -47.71 40.96
C ALA Q 45 -1.73 -47.94 41.92
N GLY Q 46 -2.97 -47.75 41.44
CA GLY Q 46 -4.19 -47.97 42.22
C GLY Q 46 -4.80 -46.70 42.76
N LYS Q 47 -6.11 -46.75 43.12
CA LYS Q 47 -6.81 -45.59 43.67
C LYS Q 47 -6.32 -45.30 45.10
N LYS Q 48 -5.44 -44.29 45.23
CA LYS Q 48 -4.94 -43.86 46.52
C LYS Q 48 -5.82 -42.73 47.03
N THR Q 49 -6.55 -42.98 48.13
CA THR Q 49 -7.43 -42.01 48.76
C THR Q 49 -6.77 -41.47 50.01
N PHE Q 50 -6.47 -40.20 50.03
CA PHE Q 50 -5.88 -39.51 51.16
C PHE Q 50 -7.04 -38.84 51.89
N THR Q 51 -7.26 -39.21 53.15
CA THR Q 51 -8.35 -38.63 53.96
C THR Q 51 -7.91 -37.41 54.78
N GLY Q 52 -6.60 -37.19 54.88
CA GLY Q 52 -6.03 -36.08 55.62
C GLY Q 52 -5.51 -35.00 54.70
N ASN Q 53 -4.66 -34.11 55.23
CA ASN Q 53 -4.07 -33.03 54.47
C ASN Q 53 -2.84 -33.50 53.71
N VAL Q 54 -2.73 -33.10 52.44
CA VAL Q 54 -1.56 -33.44 51.64
C VAL Q 54 -0.86 -32.12 51.35
N GLU Q 55 0.46 -32.10 51.52
CA GLU Q 55 1.25 -30.94 51.20
C GLU Q 55 2.29 -31.34 50.16
N VAL Q 56 2.45 -30.51 49.11
CA VAL Q 56 3.44 -30.72 48.07
C VAL Q 56 4.34 -29.49 48.05
N ASN Q 57 5.62 -29.66 48.30
CA ASN Q 57 6.61 -28.59 48.34
C ASN Q 57 7.28 -28.35 46.97
N GLY Q 58 7.32 -29.39 46.14
CA GLY Q 58 7.87 -29.35 44.80
C GLY Q 58 6.76 -29.09 43.82
N SER Q 59 6.87 -29.66 42.61
CA SER Q 59 5.88 -29.51 41.55
C SER Q 59 4.79 -30.57 41.63
N LEU Q 60 3.57 -30.23 41.19
CA LEU Q 60 2.48 -31.18 41.08
C LEU Q 60 2.06 -31.18 39.61
N THR Q 61 2.56 -32.19 38.87
CA THR Q 61 2.31 -32.35 37.44
C THR Q 61 1.09 -33.25 37.20
N LEU Q 62 0.16 -32.77 36.38
CA LEU Q 62 -1.05 -33.50 36.04
C LEU Q 62 -1.03 -33.88 34.54
N PRO Q 63 -1.96 -34.73 34.01
CA PRO Q 63 -1.92 -35.04 32.56
C PRO Q 63 -2.23 -33.79 31.74
N THR Q 64 -1.32 -33.44 30.81
CA THR Q 64 -1.42 -32.27 29.95
C THR Q 64 -1.58 -32.65 28.47
N LYS Q 65 -2.42 -31.88 27.75
CA LYS Q 65 -2.65 -31.99 26.31
C LYS Q 65 -2.98 -30.60 25.74
N SER Q 66 -2.34 -30.25 24.62
CA SER Q 66 -2.55 -28.99 23.93
C SER Q 66 -3.21 -29.17 22.55
N TRP Q 67 -3.89 -28.10 22.11
CA TRP Q 67 -4.59 -27.99 20.83
C TRP Q 67 -4.76 -26.52 20.46
N SER Q 68 -4.58 -26.23 19.20
CA SER Q 68 -4.75 -24.90 18.66
C SER Q 68 -5.35 -25.04 17.26
N GLY Q 69 -6.28 -24.16 16.94
CA GLY Q 69 -6.93 -24.19 15.65
C GLY Q 69 -7.76 -22.95 15.36
N GLU Q 70 -7.99 -22.71 14.06
CA GLU Q 70 -8.82 -21.60 13.62
C GLU Q 70 -10.27 -22.08 13.68
N LEU Q 71 -11.06 -21.57 14.66
CA LEU Q 71 -12.47 -21.93 14.78
C LEU Q 71 -13.27 -21.53 13.54
N GLY Q 72 -12.98 -20.33 13.03
CA GLY Q 72 -13.62 -19.74 11.87
C GLY Q 72 -13.49 -18.23 11.93
N GLY Q 73 -13.61 -17.58 10.76
CA GLY Q 73 -13.52 -16.14 10.61
C GLY Q 73 -12.18 -15.52 10.97
N GLY Q 74 -11.13 -16.34 11.05
CA GLY Q 74 -9.80 -15.89 11.42
C GLY Q 74 -9.52 -15.95 12.91
N ILE Q 75 -10.54 -16.32 13.73
CA ILE Q 75 -10.42 -16.47 15.20
C ILE Q 75 -9.70 -17.79 15.53
N ILE Q 76 -8.58 -17.68 16.25
CA ILE Q 76 -7.79 -18.85 16.67
C ILE Q 76 -8.02 -19.08 18.16
N LEU Q 77 -8.26 -20.32 18.53
CA LEU Q 77 -8.41 -20.70 19.93
C LEU Q 77 -7.30 -21.68 20.30
N SER Q 78 -6.52 -21.33 21.33
CA SER Q 78 -5.42 -22.18 21.80
C SER Q 78 -5.80 -22.71 23.16
N LEU Q 79 -5.82 -24.03 23.32
CA LEU Q 79 -6.21 -24.72 24.54
C LEU Q 79 -5.12 -25.61 25.11
N ARG Q 80 -5.08 -25.72 26.45
CA ARG Q 80 -4.21 -26.63 27.22
C ARG Q 80 -5.03 -27.24 28.34
N LYS Q 81 -5.22 -28.55 28.27
CA LYS Q 81 -5.95 -29.33 29.25
C LYS Q 81 -4.98 -29.74 30.35
N LYS Q 82 -5.22 -29.32 31.60
CA LYS Q 82 -4.45 -29.70 32.78
C LYS Q 82 -5.45 -30.33 33.78
N GLY Q 83 -5.56 -31.67 33.74
CA GLY Q 83 -6.51 -32.39 34.55
C GLY Q 83 -7.94 -32.14 34.11
N THR Q 84 -8.74 -31.48 34.96
CA THR Q 84 -10.15 -31.17 34.65
C THR Q 84 -10.38 -29.70 34.28
N THR Q 85 -9.32 -28.98 33.98
CA THR Q 85 -9.38 -27.57 33.60
C THR Q 85 -8.74 -27.37 32.23
N VAL Q 86 -9.36 -26.51 31.43
CA VAL Q 86 -8.83 -26.17 30.13
C VAL Q 86 -8.46 -24.71 30.19
N GLU Q 87 -7.17 -24.42 29.98
CA GLU Q 87 -6.65 -23.07 29.89
C GLU Q 87 -6.82 -22.62 28.44
N TYR Q 88 -7.51 -21.50 28.21
CA TYR Q 88 -7.75 -21.02 26.84
C TYR Q 88 -7.09 -19.68 26.58
N SER Q 89 -6.80 -19.41 25.30
CA SER Q 89 -6.26 -18.14 24.84
C SER Q 89 -6.86 -17.85 23.48
N ILE Q 90 -7.63 -16.77 23.39
CA ILE Q 90 -8.24 -16.33 22.15
C ILE Q 90 -7.18 -15.53 21.38
N GLY Q 91 -7.05 -15.83 20.09
CA GLY Q 91 -6.10 -15.18 19.21
C GLY Q 91 -6.63 -15.02 17.80
N GLY Q 92 -5.74 -14.55 16.91
CA GLY Q 92 -6.04 -14.33 15.50
C GLY Q 92 -6.50 -12.93 15.18
N GLU Q 93 -7.21 -12.79 14.05
CA GLU Q 93 -7.75 -11.54 13.52
C GLU Q 93 -8.93 -11.85 12.66
N ILE Q 94 -10.06 -11.14 12.88
CA ILE Q 94 -11.27 -11.32 12.10
C ILE Q 94 -10.95 -10.96 10.63
N SER Q 95 -11.00 -11.99 9.77
CA SER Q 95 -10.61 -11.95 8.37
C SER Q 95 -11.79 -12.04 7.41
N SER Q 96 -13.00 -12.29 7.92
CA SER Q 96 -14.23 -12.38 7.12
C SER Q 96 -15.45 -12.01 7.97
N SER Q 97 -16.63 -11.87 7.33
CA SER Q 97 -17.85 -11.54 8.05
C SER Q 97 -18.32 -12.70 8.95
N ILE Q 98 -18.40 -12.42 10.27
CA ILE Q 98 -18.86 -13.35 11.30
C ILE Q 98 -20.20 -12.81 11.76
N LEU Q 99 -21.29 -13.51 11.42
CA LEU Q 99 -22.63 -13.06 11.79
C LEU Q 99 -22.89 -13.22 13.28
N ALA Q 100 -23.74 -12.35 13.85
CA ALA Q 100 -24.11 -12.45 15.26
C ALA Q 100 -24.78 -13.80 15.52
N ASN Q 101 -24.39 -14.46 16.62
CA ASN Q 101 -24.93 -15.74 17.08
C ASN Q 101 -24.62 -16.95 16.17
N SER Q 102 -23.65 -16.79 15.25
CA SER Q 102 -23.28 -17.83 14.28
C SER Q 102 -22.30 -18.85 14.79
N ASN Q 103 -22.32 -20.05 14.16
CA ASN Q 103 -21.38 -21.13 14.45
C ASN Q 103 -20.08 -20.87 13.68
N LEU Q 104 -18.94 -21.19 14.32
CA LEU Q 104 -17.60 -21.06 13.71
C LEU Q 104 -17.31 -22.45 13.16
N VAL Q 105 -17.42 -22.58 11.83
CA VAL Q 105 -17.41 -23.85 11.10
C VAL Q 105 -16.13 -24.29 10.37
N ASN Q 106 -14.97 -23.68 10.64
CA ASN Q 106 -13.74 -24.16 10.00
C ASN Q 106 -13.27 -25.41 10.74
N ARG Q 107 -13.12 -25.30 12.07
CA ARG Q 107 -12.62 -26.38 12.92
C ARG Q 107 -13.42 -26.41 14.23
N SER Q 108 -13.78 -27.63 14.66
CA SER Q 108 -14.48 -27.83 15.94
C SER Q 108 -13.45 -28.15 17.03
N VAL Q 109 -13.79 -27.82 18.29
CA VAL Q 109 -12.91 -28.13 19.43
C VAL Q 109 -12.98 -29.65 19.62
N PRO Q 110 -11.83 -30.38 19.60
CA PRO Q 110 -11.87 -31.84 19.78
C PRO Q 110 -12.59 -32.28 21.06
N ASN Q 111 -13.20 -33.48 21.03
CA ASN Q 111 -13.96 -34.05 22.14
C ASN Q 111 -13.26 -34.01 23.50
N GLU Q 112 -11.94 -34.33 23.54
CA GLU Q 112 -11.17 -34.32 24.80
C GLU Q 112 -11.09 -32.95 25.50
N PHE Q 113 -11.36 -31.85 24.75
CA PHE Q 113 -11.33 -30.47 25.24
C PHE Q 113 -12.74 -29.90 25.37
N CYS Q 114 -13.78 -30.72 25.13
CA CYS Q 114 -15.17 -30.29 25.18
C CYS Q 114 -15.78 -30.33 26.56
N PRO Q 115 -16.48 -29.25 26.97
CA PRO Q 115 -17.08 -29.25 28.30
C PRO Q 115 -18.38 -30.06 28.37
N ARG Q 116 -18.81 -30.42 29.59
CA ARG Q 116 -20.06 -31.17 29.84
C ARG Q 116 -21.23 -30.25 29.47
N ASN Q 117 -21.17 -29.01 29.97
CA ASN Q 117 -22.13 -27.93 29.77
C ASN Q 117 -21.48 -26.78 28.97
N ARG Q 118 -22.29 -25.98 28.28
CA ARG Q 118 -21.92 -24.82 27.48
C ARG Q 118 -21.10 -23.79 28.30
N CYS Q 119 -19.90 -23.42 27.79
CA CYS Q 119 -18.98 -22.46 28.42
C CYS Q 119 -18.86 -21.18 27.63
N SER Q 120 -19.01 -20.04 28.31
CA SER Q 120 -18.96 -18.72 27.69
C SER Q 120 -17.61 -18.04 27.94
N LEU Q 121 -16.76 -17.99 26.90
CA LEU Q 121 -15.42 -17.41 26.97
C LEU Q 121 -15.44 -15.94 26.57
N VAL Q 122 -15.33 -15.05 27.58
CA VAL Q 122 -15.36 -13.59 27.41
C VAL Q 122 -14.03 -13.08 26.88
N GLY Q 123 -14.11 -12.29 25.83
CA GLY Q 123 -12.95 -11.69 25.21
C GLY Q 123 -13.12 -10.19 25.00
N HIS Q 124 -12.06 -9.55 24.52
CA HIS Q 124 -12.01 -8.12 24.26
C HIS Q 124 -11.37 -7.87 22.91
N MET Q 125 -11.86 -6.85 22.20
CA MET Q 125 -11.33 -6.43 20.91
C MET Q 125 -10.33 -5.29 21.15
N VAL Q 126 -9.07 -5.45 20.68
CA VAL Q 126 -7.98 -4.46 20.76
C VAL Q 126 -8.41 -3.08 20.24
N GLY Q 127 -8.00 -2.03 20.96
CA GLY Q 127 -8.16 -0.64 20.55
C GLY Q 127 -9.41 0.11 20.91
N GLY Q 128 -10.37 -0.58 21.55
CA GLY Q 128 -11.63 0.03 21.97
C GLY Q 128 -12.16 -0.56 23.25
N TRP Q 129 -13.44 -0.30 23.56
CA TRP Q 129 -14.09 -0.81 24.76
C TRP Q 129 -14.96 -2.04 24.50
N ASN Q 130 -14.88 -2.63 23.28
CA ASN Q 130 -15.69 -3.76 22.83
C ASN Q 130 -15.35 -5.14 23.39
N ALA Q 131 -16.37 -5.82 23.92
CA ALA Q 131 -16.27 -7.17 24.45
C ALA Q 131 -17.12 -8.12 23.63
N PHE Q 132 -16.81 -9.40 23.70
CA PHE Q 132 -17.58 -10.43 23.01
C PHE Q 132 -17.45 -11.67 23.87
N HIS Q 133 -18.09 -12.75 23.45
CA HIS Q 133 -17.94 -14.06 24.05
C HIS Q 133 -18.16 -15.13 23.01
N ILE Q 134 -17.45 -16.23 23.16
CA ILE Q 134 -17.51 -17.40 22.30
C ILE Q 134 -17.96 -18.55 23.20
N ASP Q 135 -19.05 -19.20 22.80
CA ASP Q 135 -19.56 -20.35 23.52
C ASP Q 135 -18.96 -21.65 23.00
N ILE Q 136 -18.46 -22.48 23.93
CA ILE Q 136 -17.99 -23.81 23.56
C ILE Q 136 -19.05 -24.76 24.06
N PRO Q 137 -19.91 -25.31 23.15
CA PRO Q 137 -20.89 -26.31 23.62
C PRO Q 137 -20.19 -27.68 23.71
N SER Q 138 -20.88 -28.69 24.24
CA SER Q 138 -20.30 -30.03 24.36
C SER Q 138 -19.96 -30.69 23.00
N SER Q 139 -20.54 -30.18 21.89
CA SER Q 139 -20.32 -30.63 20.51
C SER Q 139 -18.98 -30.14 19.93
N GLY Q 140 -18.47 -29.04 20.44
CA GLY Q 140 -17.21 -28.47 19.96
C GLY Q 140 -17.38 -27.41 18.91
N VAL Q 141 -18.62 -27.27 18.37
CA VAL Q 141 -18.98 -26.30 17.34
C VAL Q 141 -19.19 -24.97 18.02
N CYS Q 142 -18.11 -24.19 18.11
CA CYS Q 142 -18.09 -22.89 18.78
C CYS Q 142 -19.03 -21.86 18.17
N GLN Q 143 -19.57 -20.96 19.00
CA GLN Q 143 -20.55 -19.98 18.60
C GLN Q 143 -20.13 -18.59 19.00
N TRP Q 144 -20.22 -17.63 18.05
CA TRP Q 144 -19.85 -16.22 18.24
C TRP Q 144 -21.03 -15.43 18.76
N PHE Q 145 -20.89 -14.84 19.98
CA PHE Q 145 -21.97 -14.07 20.60
C PHE Q 145 -21.80 -12.56 20.68
N GLY Q 146 -20.94 -12.05 19.81
CA GLY Q 146 -20.77 -10.62 19.62
C GLY Q 146 -21.73 -10.22 18.51
N PRO Q 147 -21.73 -8.95 18.07
CA PRO Q 147 -22.61 -8.62 16.93
C PRO Q 147 -21.95 -9.07 15.63
N THR Q 148 -22.54 -8.74 14.47
CA THR Q 148 -21.93 -9.07 13.19
C THR Q 148 -20.64 -8.24 13.11
N ALA Q 149 -19.51 -8.92 12.85
CA ALA Q 149 -18.20 -8.31 12.78
C ALA Q 149 -17.43 -8.81 11.57
N SER Q 150 -16.59 -7.97 10.99
CA SER Q 150 -15.82 -8.30 9.77
C SER Q 150 -14.34 -7.92 9.89
N SER Q 151 -13.94 -7.38 11.07
CA SER Q 151 -12.55 -6.97 11.35
C SER Q 151 -12.29 -6.89 12.86
N GLY Q 152 -11.01 -6.78 13.21
CA GLY Q 152 -10.58 -6.62 14.58
C GLY Q 152 -9.72 -7.74 15.11
N THR Q 153 -9.07 -7.47 16.27
CA THR Q 153 -8.16 -8.36 16.95
C THR Q 153 -8.79 -8.91 18.24
N PRO Q 154 -9.31 -10.18 18.23
CA PRO Q 154 -9.92 -10.75 19.44
C PRO Q 154 -8.88 -11.33 20.42
N ARG Q 155 -9.00 -11.00 21.71
CA ARG Q 155 -8.09 -11.46 22.75
C ARG Q 155 -8.84 -11.87 24.03
N GLY Q 156 -8.23 -12.74 24.83
CA GLY Q 156 -8.78 -13.21 26.08
C GLY Q 156 -8.14 -14.48 26.56
N THR Q 157 -7.69 -14.49 27.83
CA THR Q 157 -7.06 -15.64 28.50
C THR Q 157 -7.88 -15.96 29.76
N GLY Q 158 -8.20 -17.23 29.92
CA GLY Q 158 -8.93 -17.72 31.08
C GLY Q 158 -8.95 -19.23 31.12
N THR Q 159 -9.96 -19.80 31.80
CA THR Q 159 -10.17 -21.25 31.93
C THR Q 159 -11.65 -21.64 31.89
N TYR Q 160 -11.92 -22.91 31.60
CA TYR Q 160 -13.26 -23.49 31.65
C TYR Q 160 -13.12 -24.95 32.12
N PRO Q 161 -14.12 -25.51 32.82
CA PRO Q 161 -13.98 -26.90 33.30
C PRO Q 161 -14.37 -28.02 32.33
N ILE Q 162 -13.71 -29.17 32.51
CA ILE Q 162 -13.88 -30.43 31.80
C ILE Q 162 -14.03 -31.55 32.86
N ASP Q 163 -14.24 -32.83 32.45
CA ASP Q 163 -14.33 -33.95 33.38
C ASP Q 163 -13.94 -35.34 32.86
N HIS Q 164 -13.32 -36.14 33.76
CA HIS Q 164 -12.90 -37.55 33.60
C HIS Q 164 -12.28 -38.07 34.90
N ALA R 2 14.93 -51.50 59.23
CA ALA R 2 15.14 -51.73 60.67
C ALA R 2 16.57 -52.14 60.94
N SER R 3 17.00 -51.97 62.21
CA SER R 3 18.31 -52.41 62.66
C SER R 3 18.13 -53.83 63.22
N ILE R 4 18.67 -54.82 62.50
CA ILE R 4 18.56 -56.24 62.84
C ILE R 4 19.95 -56.79 63.06
N LYS R 5 20.07 -57.79 63.92
CA LYS R 5 21.36 -58.41 64.19
C LYS R 5 21.50 -59.68 63.34
N LYS R 6 22.75 -60.09 63.05
CA LYS R 6 23.02 -61.30 62.25
C LYS R 6 22.63 -62.57 63.00
N VAL R 7 22.08 -63.55 62.26
CA VAL R 7 21.67 -64.88 62.71
C VAL R 7 22.62 -65.81 61.97
N TYR R 8 23.34 -66.64 62.71
CA TYR R 8 24.36 -67.53 62.18
C TYR R 8 24.49 -68.81 63.00
N ARG R 9 25.06 -69.84 62.39
CA ARG R 9 25.28 -71.14 62.98
C ARG R 9 26.23 -71.01 64.19
N GLY R 10 25.87 -71.62 65.31
CA GLY R 10 26.72 -71.62 66.50
C GLY R 10 26.57 -70.38 67.38
N MET R 11 25.70 -69.48 66.97
CA MET R 11 25.31 -68.26 67.64
C MET R 11 24.98 -68.49 69.11
N LYS R 12 25.22 -67.44 69.90
CA LYS R 12 24.83 -67.38 71.30
C LYS R 12 23.54 -66.51 71.22
N ASN R 13 22.47 -66.92 71.92
CA ASN R 13 21.15 -66.24 71.95
C ASN R 13 20.45 -66.22 70.61
N GLY R 14 20.38 -67.39 69.98
CA GLY R 14 19.73 -67.61 68.69
C GLY R 14 18.25 -67.24 68.63
N ALA R 15 17.43 -67.87 69.49
CA ALA R 15 15.98 -67.66 69.50
C ALA R 15 15.63 -66.23 69.85
N GLU R 16 16.36 -65.62 70.81
CA GLU R 16 16.15 -64.24 71.23
C GLU R 16 16.46 -63.26 70.11
N THR R 17 17.53 -63.50 69.33
CA THR R 17 17.93 -62.64 68.20
C THR R 17 16.89 -62.72 67.12
N ILE R 18 16.47 -63.96 66.74
CA ILE R 18 15.44 -64.17 65.73
C ILE R 18 14.18 -63.39 66.12
N ASN R 19 13.72 -63.57 67.39
CA ASN R 19 12.53 -62.91 67.89
C ASN R 19 12.64 -61.40 67.85
N ASP R 20 13.77 -60.86 68.34
CA ASP R 20 13.95 -59.41 68.36
C ASP R 20 14.06 -58.82 66.97
N ASP R 21 14.73 -59.56 66.01
CA ASP R 21 14.83 -59.15 64.61
C ASP R 21 13.44 -59.13 64.00
N LEU R 22 12.64 -60.19 64.23
CA LEU R 22 11.26 -60.26 63.72
C LEU R 22 10.39 -59.07 64.20
N GLU R 23 10.50 -58.72 65.49
CA GLU R 23 9.76 -57.62 66.10
C GLU R 23 10.23 -56.26 65.66
N ALA R 24 11.56 -56.08 65.46
CA ALA R 24 12.15 -54.84 64.94
C ALA R 24 11.62 -54.58 63.51
N ILE R 25 11.47 -55.67 62.72
CA ILE R 25 10.93 -55.60 61.37
C ILE R 25 9.42 -55.30 61.40
N ASN R 26 8.63 -56.15 62.10
CA ASN R 26 7.17 -55.98 62.25
C ASN R 26 6.76 -54.61 62.77
N SER R 27 7.59 -54.02 63.64
CA SER R 27 7.39 -52.68 64.17
C SER R 27 7.26 -51.67 63.02
N GLU R 28 8.21 -51.69 62.07
CA GLU R 28 8.27 -50.80 60.90
C GLU R 28 7.12 -50.96 59.90
N LEU R 29 6.29 -52.01 60.04
CA LEU R 29 5.09 -52.24 59.20
C LEU R 29 3.87 -51.48 59.75
N THR R 30 4.03 -50.80 60.91
CA THR R 30 2.97 -49.98 61.54
C THR R 30 3.36 -48.52 61.66
N SER R 31 4.64 -48.22 62.00
CA SER R 31 5.15 -46.85 62.15
C SER R 31 6.68 -46.81 61.96
N GLY R 32 7.19 -45.62 61.65
CA GLY R 32 8.62 -45.36 61.53
C GLY R 32 9.32 -45.89 60.30
N GLY R 33 10.66 -45.80 60.35
CA GLY R 33 11.55 -46.23 59.28
C GLY R 33 11.38 -45.42 58.02
N ASN R 34 11.73 -46.01 56.87
CA ASN R 34 11.61 -45.33 55.59
C ASN R 34 10.36 -45.79 54.87
N VAL R 35 9.39 -46.36 55.61
CA VAL R 35 8.16 -46.81 54.99
C VAL R 35 6.99 -45.85 55.15
N VAL R 36 6.17 -45.70 54.09
CA VAL R 36 5.00 -44.84 54.10
C VAL R 36 3.82 -45.70 54.55
N HIS R 37 3.09 -45.22 55.54
CA HIS R 37 1.98 -45.91 56.16
C HIS R 37 0.62 -45.27 55.90
N LYS R 38 -0.43 -46.02 56.19
CA LYS R 38 -1.82 -45.61 56.08
C LYS R 38 -2.33 -44.82 57.30
N THR R 39 -1.39 -44.40 58.23
CA THR R 39 -1.66 -43.61 59.43
C THR R 39 -0.48 -42.65 59.71
N GLY R 40 -0.74 -41.59 60.49
CA GLY R 40 0.26 -40.63 60.96
C GLY R 40 0.82 -39.65 59.96
N ASP R 41 1.47 -38.60 60.49
CA ASP R 41 2.10 -37.52 59.74
C ASP R 41 3.47 -37.98 59.30
N GLU R 42 3.74 -37.94 57.98
CA GLU R 42 5.00 -38.39 57.42
C GLU R 42 5.51 -37.44 56.35
N THR R 43 6.83 -37.32 56.24
CA THR R 43 7.51 -36.53 55.22
C THR R 43 8.05 -37.52 54.19
N ILE R 44 7.74 -37.29 52.90
CA ILE R 44 8.12 -38.15 51.78
C ILE R 44 8.96 -37.38 50.74
N ALA R 45 10.12 -37.94 50.34
CA ALA R 45 11.04 -37.36 49.36
C ALA R 45 11.10 -38.20 48.07
N GLY R 46 11.41 -37.53 46.93
CA GLY R 46 11.56 -38.15 45.62
C GLY R 46 10.38 -37.98 44.69
N LYS R 47 10.60 -38.16 43.37
CA LYS R 47 9.55 -38.06 42.37
C LYS R 47 8.56 -39.24 42.54
N LYS R 48 7.40 -38.95 43.13
CA LYS R 48 6.34 -39.94 43.29
C LYS R 48 5.37 -39.84 42.11
N THR R 49 5.32 -40.88 41.27
CA THR R 49 4.44 -40.90 40.11
C THR R 49 3.26 -41.78 40.40
N PHE R 50 2.06 -41.21 40.39
CA PHE R 50 0.83 -41.96 40.60
C PHE R 50 0.23 -42.24 39.24
N THR R 51 0.13 -43.51 38.85
CA THR R 51 -0.39 -43.90 37.54
C THR R 51 -1.90 -44.15 37.54
N GLY R 52 -2.50 -44.12 38.73
CA GLY R 52 -3.93 -44.31 38.88
C GLY R 52 -4.60 -43.04 39.33
N ASN R 53 -5.84 -43.16 39.80
CA ASN R 53 -6.62 -42.04 40.32
C ASN R 53 -6.22 -41.73 41.76
N VAL R 54 -6.02 -40.46 42.06
CA VAL R 54 -5.69 -40.00 43.41
C VAL R 54 -6.87 -39.16 43.89
N GLU R 55 -7.33 -39.43 45.10
CA GLU R 55 -8.42 -38.69 45.72
C GLU R 55 -7.89 -38.04 47.00
N VAL R 56 -8.22 -36.76 47.23
CA VAL R 56 -7.82 -36.06 48.45
C VAL R 56 -9.09 -35.53 49.09
N ASN R 57 -9.36 -35.95 50.33
CA ASN R 57 -10.56 -35.59 51.09
C ASN R 57 -10.32 -34.38 51.99
N GLY R 58 -9.07 -34.14 52.34
CA GLY R 58 -8.67 -32.99 53.15
C GLY R 58 -8.18 -31.88 52.26
N SER R 59 -7.17 -31.15 52.70
CA SER R 59 -6.61 -30.05 51.92
C SER R 59 -5.42 -30.49 51.07
N LEU R 60 -5.22 -29.83 49.91
CA LEU R 60 -4.08 -30.04 49.04
C LEU R 60 -3.33 -28.71 48.97
N THR R 61 -2.24 -28.61 49.75
CA THR R 61 -1.41 -27.42 49.86
C THR R 61 -0.26 -27.46 48.85
N LEU R 62 -0.10 -26.37 48.08
CA LEU R 62 0.94 -26.23 47.07
C LEU R 62 1.84 -25.02 47.41
N PRO R 63 3.03 -24.85 46.74
CA PRO R 63 3.84 -23.65 47.00
C PRO R 63 3.16 -22.37 46.43
N THR R 64 2.99 -21.37 47.32
CA THR R 64 2.34 -20.09 47.04
C THR R 64 3.28 -18.90 47.17
N LYS R 65 3.11 -17.90 46.29
CA LYS R 65 3.86 -16.65 46.28
C LYS R 65 2.98 -15.54 45.74
N SER R 66 2.97 -14.38 46.44
CA SER R 66 2.17 -13.21 46.09
C SER R 66 3.01 -12.00 45.70
N TRP R 67 2.40 -11.12 44.89
CA TRP R 67 2.96 -9.86 44.41
C TRP R 67 1.82 -8.96 44.04
N SER R 68 2.03 -7.67 44.26
CA SER R 68 1.09 -6.60 43.95
C SER R 68 1.88 -5.34 43.60
N GLY R 69 1.41 -4.63 42.60
CA GLY R 69 2.08 -3.41 42.17
C GLY R 69 1.23 -2.58 41.25
N GLU R 70 1.54 -1.28 41.18
CA GLU R 70 0.86 -0.35 40.28
C GLU R 70 1.62 -0.44 38.95
N LEU R 71 0.97 -1.01 37.92
CA LEU R 71 1.61 -1.19 36.60
C LEU R 71 1.93 0.16 35.93
N GLY R 72 1.04 1.13 36.14
CA GLY R 72 1.12 2.47 35.58
C GLY R 72 -0.27 3.05 35.46
N GLY R 73 -0.35 4.37 35.39
CA GLY R 73 -1.61 5.11 35.28
C GLY R 73 -2.64 4.87 36.37
N GLY R 74 -2.18 4.33 37.51
CA GLY R 74 -3.03 4.06 38.66
C GLY R 74 -3.62 2.68 38.70
N ILE R 75 -3.36 1.85 37.64
CA ILE R 75 -3.85 0.47 37.56
C ILE R 75 -2.99 -0.42 38.46
N ILE R 76 -3.65 -1.18 39.35
CA ILE R 76 -2.99 -2.10 40.28
C ILE R 76 -3.25 -3.53 39.88
N LEU R 77 -2.19 -4.35 39.84
CA LEU R 77 -2.32 -5.76 39.53
C LEU R 77 -1.84 -6.57 40.71
N SER R 78 -2.73 -7.41 41.27
CA SER R 78 -2.43 -8.28 42.41
C SER R 78 -2.41 -9.72 41.95
N LEU R 79 -1.27 -10.39 42.18
CA LEU R 79 -1.04 -11.77 41.73
C LEU R 79 -0.71 -12.72 42.86
N ARG R 80 -1.16 -13.99 42.70
CA ARG R 80 -0.85 -15.11 43.58
C ARG R 80 -0.58 -16.32 42.70
N LYS R 81 0.67 -16.81 42.76
CA LYS R 81 1.13 -17.99 42.06
C LYS R 81 0.86 -19.21 42.95
N LYS R 82 0.07 -20.19 42.48
CA LYS R 82 -0.23 -21.45 43.15
C LYS R 82 0.12 -22.52 42.12
N GLY R 83 1.32 -23.09 42.27
CA GLY R 83 1.83 -24.09 41.33
C GLY R 83 2.18 -23.47 39.99
N THR R 84 1.43 -23.84 38.93
CA THR R 84 1.64 -23.32 37.56
C THR R 84 0.54 -22.34 37.12
N THR R 85 -0.26 -21.85 38.06
CA THR R 85 -1.34 -20.92 37.79
C THR R 85 -1.14 -19.63 38.55
N VAL R 86 -1.40 -18.51 37.88
CA VAL R 86 -1.36 -17.21 38.53
C VAL R 86 -2.77 -16.68 38.61
N GLU R 87 -3.24 -16.43 39.84
CA GLU R 87 -4.55 -15.85 40.09
C GLU R 87 -4.32 -14.36 40.08
N TYR R 88 -5.06 -13.62 39.23
CA TYR R 88 -4.94 -12.17 39.15
C TYR R 88 -6.20 -11.44 39.59
N SER R 89 -6.01 -10.17 39.99
CA SER R 89 -7.07 -9.24 40.34
C SER R 89 -6.65 -7.85 39.93
N ILE R 90 -7.43 -7.25 39.02
CA ILE R 90 -7.18 -5.90 38.51
C ILE R 90 -7.90 -4.92 39.44
N GLY R 91 -7.14 -3.97 39.94
CA GLY R 91 -7.62 -2.94 40.84
C GLY R 91 -7.05 -1.57 40.53
N GLY R 92 -7.32 -0.63 41.42
CA GLY R 92 -6.88 0.74 41.32
C GLY R 92 -7.88 1.64 40.63
N GLU R 93 -7.41 2.79 40.18
CA GLU R 93 -8.21 3.79 39.48
C GLU R 93 -7.33 4.53 38.51
N ILE R 94 -7.81 4.72 37.25
CA ILE R 94 -7.04 5.44 36.24
C ILE R 94 -6.86 6.88 36.71
N SER R 95 -5.61 7.23 37.07
CA SER R 95 -5.22 8.51 37.64
C SER R 95 -4.50 9.46 36.67
N SER R 96 -4.17 8.98 35.45
CA SER R 96 -3.48 9.76 34.42
C SER R 96 -3.82 9.23 33.02
N SER R 97 -3.37 9.93 31.97
CA SER R 97 -3.65 9.51 30.58
C SER R 97 -2.87 8.23 30.20
N ILE R 98 -3.62 7.17 29.85
CA ILE R 98 -3.06 5.89 29.41
C ILE R 98 -3.38 5.79 27.93
N LEU R 99 -2.36 5.94 27.08
CA LEU R 99 -2.56 5.88 25.63
C LEU R 99 -2.95 4.49 25.17
N ALA R 100 -3.73 4.43 24.07
CA ALA R 100 -4.15 3.17 23.49
C ALA R 100 -2.90 2.37 23.08
N ASN R 101 -2.91 1.06 23.38
CA ASN R 101 -1.84 0.11 23.04
C ASN R 101 -0.45 0.48 23.62
N SER R 102 -0.41 1.15 24.78
CA SER R 102 0.82 1.60 25.43
C SER R 102 1.30 0.66 26.55
N ASN R 103 2.60 0.72 26.80
CA ASN R 103 3.26 -0.03 27.86
C ASN R 103 3.03 0.66 29.20
N LEU R 104 2.70 -0.13 30.25
CA LEU R 104 2.52 0.35 31.61
C LEU R 104 3.92 0.21 32.24
N VAL R 105 4.59 1.35 32.42
CA VAL R 105 6.01 1.42 32.81
C VAL R 105 6.35 1.77 34.27
N ASN R 106 5.36 1.86 35.16
CA ASN R 106 5.67 2.17 36.57
C ASN R 106 6.32 0.96 37.26
N ARG R 107 5.74 -0.24 37.05
CA ARG R 107 6.21 -1.51 37.59
C ARG R 107 5.98 -2.66 36.61
N SER R 108 7.00 -3.50 36.44
CA SER R 108 6.94 -4.69 35.59
C SER R 108 6.56 -5.88 36.44
N VAL R 109 5.85 -6.85 35.86
CA VAL R 109 5.50 -8.07 36.57
C VAL R 109 6.82 -8.85 36.72
N PRO R 110 7.18 -9.26 37.96
CA PRO R 110 8.45 -10.00 38.13
C PRO R 110 8.49 -11.30 37.33
N ASN R 111 9.71 -11.75 37.00
CA ASN R 111 9.96 -12.94 36.21
C ASN R 111 9.23 -14.21 36.66
N GLU R 112 9.19 -14.50 37.97
CA GLU R 112 8.52 -15.70 38.50
C GLU R 112 6.99 -15.76 38.22
N PHE R 113 6.37 -14.59 37.91
CA PHE R 113 4.94 -14.43 37.59
C PHE R 113 4.68 -14.21 36.08
N CYS R 114 5.76 -14.22 35.25
CA CYS R 114 5.67 -14.00 33.81
C CYS R 114 5.30 -15.23 33.01
N PRO R 115 4.31 -15.13 32.09
CA PRO R 115 3.92 -16.31 31.31
C PRO R 115 4.90 -16.63 30.19
N ARG R 116 4.77 -17.86 29.62
CA ARG R 116 5.60 -18.33 28.49
C ARG R 116 5.27 -17.48 27.29
N ASN R 117 3.98 -17.33 26.99
CA ASN R 117 3.45 -16.50 25.91
C ASN R 117 2.54 -15.43 26.49
N ARG R 118 2.31 -14.40 25.71
CA ARG R 118 1.45 -13.26 25.99
C ARG R 118 0.03 -13.68 26.50
N CYS R 119 -0.36 -13.14 27.66
CA CYS R 119 -1.66 -13.39 28.29
C CYS R 119 -2.49 -12.14 28.28
N SER R 120 -3.75 -12.25 27.81
CA SER R 120 -4.70 -11.13 27.69
C SER R 120 -5.73 -11.16 28.81
N LEU R 121 -5.52 -10.27 29.80
CA LEU R 121 -6.37 -10.17 30.99
C LEU R 121 -7.52 -9.23 30.75
N VAL R 122 -8.72 -9.79 30.54
CA VAL R 122 -9.93 -9.01 30.25
C VAL R 122 -10.49 -8.41 31.53
N GLY R 123 -10.76 -7.12 31.47
CA GLY R 123 -11.36 -6.38 32.57
C GLY R 123 -12.56 -5.54 32.15
N HIS R 124 -13.22 -4.95 33.14
CA HIS R 124 -14.39 -4.10 32.94
C HIS R 124 -14.24 -2.81 33.75
N MET R 125 -14.75 -1.71 33.20
CA MET R 125 -14.77 -0.37 33.81
C MET R 125 -16.13 -0.18 34.51
N VAL R 126 -16.11 0.08 35.82
CA VAL R 126 -17.29 0.28 36.66
C VAL R 126 -18.22 1.39 36.09
N GLY R 127 -19.53 1.13 36.11
CA GLY R 127 -20.56 2.09 35.73
C GLY R 127 -21.10 2.10 34.32
N GLY R 128 -20.48 1.36 33.40
CA GLY R 128 -20.93 1.29 32.02
C GLY R 128 -20.70 -0.07 31.39
N TRP R 129 -20.73 -0.13 30.06
CA TRP R 129 -20.55 -1.38 29.31
C TRP R 129 -19.12 -1.58 28.79
N ASN R 130 -18.16 -0.74 29.21
CA ASN R 130 -16.79 -0.78 28.72
C ASN R 130 -15.86 -1.89 29.24
N ALA R 131 -15.26 -2.63 28.29
CA ALA R 131 -14.27 -3.66 28.56
C ALA R 131 -12.91 -3.25 28.00
N PHE R 132 -11.85 -3.75 28.60
CA PHE R 132 -10.48 -3.51 28.17
C PHE R 132 -9.73 -4.84 28.39
N HIS R 133 -8.47 -4.88 27.99
CA HIS R 133 -7.58 -5.97 28.31
C HIS R 133 -6.19 -5.48 28.48
N ILE R 134 -5.46 -6.11 29.42
CA ILE R 134 -4.07 -5.81 29.71
C ILE R 134 -3.30 -7.06 29.34
N ASP R 135 -2.26 -6.89 28.52
CA ASP R 135 -1.42 -8.01 28.12
C ASP R 135 -0.23 -8.13 29.05
N ILE R 136 0.06 -9.35 29.49
CA ILE R 136 1.28 -9.64 30.24
C ILE R 136 2.18 -10.40 29.28
N PRO R 137 3.24 -9.78 28.71
CA PRO R 137 4.14 -10.53 27.83
C PRO R 137 5.19 -11.27 28.67
N SER R 138 6.10 -12.04 27.99
CA SER R 138 7.15 -12.79 28.69
C SER R 138 8.16 -11.91 29.48
N SER R 139 8.31 -10.63 29.07
CA SER R 139 9.18 -9.64 29.68
C SER R 139 8.60 -9.01 30.97
N GLY R 140 7.28 -9.07 31.12
CA GLY R 140 6.61 -8.50 32.28
C GLY R 140 6.21 -7.05 32.12
N VAL R 141 6.56 -6.42 30.96
CA VAL R 141 6.20 -5.02 30.66
C VAL R 141 4.77 -5.06 30.13
N CYS R 142 3.79 -4.84 31.01
CA CYS R 142 2.37 -4.91 30.66
C CYS R 142 1.90 -3.84 29.69
N GLN R 143 0.92 -4.19 28.86
CA GLN R 143 0.42 -3.30 27.83
C GLN R 143 -1.07 -3.12 27.91
N TRP R 144 -1.52 -1.88 27.77
CA TRP R 144 -2.94 -1.51 27.80
C TRP R 144 -3.56 -1.58 26.40
N PHE R 145 -4.58 -2.43 26.23
CA PHE R 145 -5.24 -2.60 24.94
C PHE R 145 -6.66 -2.07 24.82
N GLY R 146 -6.99 -1.15 25.70
CA GLY R 146 -8.24 -0.41 25.61
C GLY R 146 -7.92 0.85 24.81
N PRO R 147 -8.84 1.82 24.66
CA PRO R 147 -8.49 3.05 23.93
C PRO R 147 -7.76 4.02 24.86
N THR R 148 -7.50 5.26 24.41
CA THR R 148 -6.86 6.25 25.28
C THR R 148 -7.86 6.55 26.40
N ALA R 149 -7.43 6.34 27.64
CA ALA R 149 -8.26 6.54 28.82
C ALA R 149 -7.52 7.39 29.87
N SER R 150 -8.28 8.22 30.59
CA SER R 150 -7.73 9.14 31.60
C SER R 150 -8.49 9.07 32.93
N SER R 151 -9.53 8.23 33.01
CA SER R 151 -10.31 8.03 34.23
C SER R 151 -11.04 6.69 34.21
N GLY R 152 -11.55 6.28 35.37
CA GLY R 152 -12.31 5.05 35.53
C GLY R 152 -11.76 4.05 36.52
N THR R 153 -12.63 3.10 36.90
CA THR R 153 -12.33 2.05 37.87
C THR R 153 -12.18 0.69 37.17
N PRO R 154 -10.93 0.20 36.97
CA PRO R 154 -10.75 -1.09 36.30
C PRO R 154 -10.88 -2.26 37.27
N ARG R 155 -11.70 -3.24 36.91
CA ARG R 155 -11.91 -4.43 37.74
C ARG R 155 -11.92 -5.69 36.87
N GLY R 156 -11.38 -6.76 37.42
CA GLY R 156 -11.35 -8.07 36.75
C GLY R 156 -10.57 -9.09 37.56
N THR R 157 -11.15 -10.28 37.73
CA THR R 157 -10.57 -11.41 38.47
C THR R 157 -10.57 -12.67 37.57
N GLY R 158 -9.42 -13.34 37.51
CA GLY R 158 -9.27 -14.57 36.76
C GLY R 158 -7.94 -15.25 36.99
N THR R 159 -7.50 -16.06 36.02
CA THR R 159 -6.21 -16.76 36.08
C THR R 159 -5.51 -16.78 34.72
N TYR R 160 -4.18 -17.00 34.75
CA TYR R 160 -3.35 -17.20 33.56
C TYR R 160 -2.27 -18.25 33.87
N PRO R 161 -1.79 -19.04 32.88
CA PRO R 161 -0.77 -20.05 33.17
C PRO R 161 0.69 -19.60 33.13
N ILE R 162 1.49 -20.28 33.93
CA ILE R 162 2.92 -20.16 34.12
C ILE R 162 3.51 -21.59 34.03
N ASP R 163 4.87 -21.73 34.07
CA ASP R 163 5.51 -23.06 34.03
C ASP R 163 6.87 -23.22 34.73
N HIS R 164 7.13 -24.46 35.23
CA HIS R 164 8.34 -24.99 35.87
C HIS R 164 8.15 -26.42 36.35
N GLY S 1 36.69 -99.46 28.59
CA GLY S 1 37.61 -100.34 29.29
C GLY S 1 37.67 -100.02 30.77
N PHE S 2 38.81 -100.34 31.43
CA PHE S 2 39.15 -100.00 32.83
C PHE S 2 39.85 -98.62 32.75
N LYS S 3 40.86 -98.48 31.86
CA LYS S 3 41.58 -97.23 31.61
C LYS S 3 41.38 -96.82 30.13
N PHE S 4 40.64 -95.73 29.91
CA PHE S 4 40.30 -95.22 28.59
C PHE S 4 40.86 -93.79 28.40
N VAL S 5 41.25 -93.46 27.17
CA VAL S 5 41.84 -92.15 26.85
C VAL S 5 40.91 -91.33 25.98
N LEU S 6 40.67 -90.06 26.36
CA LEU S 6 39.85 -89.17 25.53
C LEU S 6 40.68 -87.98 25.15
N GLU S 7 40.97 -87.86 23.85
CA GLU S 7 41.69 -86.72 23.30
C GLU S 7 40.65 -85.62 23.10
N HIS S 8 41.00 -84.36 23.36
CA HIS S 8 40.03 -83.27 23.26
C HIS S 8 40.60 -81.95 22.79
N ASP S 9 39.73 -80.95 22.57
CA ASP S 9 40.11 -79.64 22.04
C ASP S 9 40.40 -78.55 23.06
N SER S 10 40.15 -78.82 24.36
CA SER S 10 40.38 -77.83 25.41
C SER S 10 41.84 -77.77 25.84
N GLU S 11 42.26 -76.58 26.23
CA GLU S 11 43.60 -76.27 26.74
C GLU S 11 43.60 -76.47 28.28
N TYR S 12 42.49 -76.97 28.83
CA TYR S 12 42.25 -77.18 30.27
C TYR S 12 41.96 -78.64 30.62
N GLN S 13 41.21 -78.85 31.73
CA GLN S 13 40.89 -80.17 32.26
C GLN S 13 39.40 -80.35 32.32
N PRO S 14 38.79 -80.73 31.18
CA PRO S 14 37.33 -80.87 31.17
C PRO S 14 36.82 -82.00 32.02
N GLU S 15 35.70 -81.78 32.70
CA GLU S 15 35.07 -82.81 33.51
C GLU S 15 34.53 -83.86 32.57
N VAL S 16 34.63 -85.11 32.98
CA VAL S 16 34.13 -86.25 32.22
C VAL S 16 33.18 -87.00 33.12
N LYS S 17 32.01 -87.33 32.61
CA LYS S 17 31.01 -88.13 33.29
C LYS S 17 30.70 -89.34 32.42
N VAL S 18 30.79 -90.56 33.01
CA VAL S 18 30.57 -91.84 32.34
C VAL S 18 29.28 -92.51 32.82
N THR S 19 28.49 -93.05 31.89
CA THR S 19 27.24 -93.75 32.19
C THR S 19 27.17 -95.07 31.41
N SER S 20 26.55 -96.09 32.02
CA SER S 20 26.36 -97.43 31.46
C SER S 20 24.88 -97.76 31.33
N TYR S 21 24.46 -98.21 30.14
CA TYR S 21 23.05 -98.55 29.89
C TYR S 21 22.87 -99.53 28.74
N LYS S 22 21.76 -100.30 28.77
CA LYS S 22 21.37 -101.32 27.78
C LYS S 22 20.13 -100.87 26.98
N ASN S 23 19.99 -101.34 25.71
CA ASN S 23 18.84 -101.08 24.81
C ASN S 23 18.48 -99.63 24.53
N ALA S 24 19.49 -98.79 24.36
CA ALA S 24 19.30 -97.41 23.98
C ALA S 24 18.84 -97.45 22.50
N ILE S 25 18.29 -96.37 22.02
CA ILE S 25 17.79 -96.22 20.66
C ILE S 25 18.81 -96.70 19.63
N GLY S 26 18.40 -97.65 18.80
CA GLY S 26 19.21 -98.24 17.74
C GLY S 26 20.22 -99.31 18.13
N THR S 27 20.12 -99.83 19.36
CA THR S 27 21.03 -100.86 19.86
C THR S 27 20.32 -102.20 20.08
N GLU S 28 18.98 -102.18 20.16
CA GLU S 28 18.08 -103.30 20.37
C GLU S 28 18.36 -104.43 19.39
N THR S 29 18.27 -105.68 19.88
CA THR S 29 18.53 -106.91 19.11
C THR S 29 17.66 -107.03 17.87
N ASP S 30 16.32 -106.97 18.06
CA ASP S 30 15.39 -107.11 16.95
C ASP S 30 14.89 -105.78 16.32
N GLY S 31 15.76 -104.76 16.27
CA GLY S 31 15.49 -103.46 15.67
C GLY S 31 14.88 -102.42 16.60
N PHE S 32 14.59 -101.23 16.03
CA PHE S 32 14.04 -100.05 16.70
C PHE S 32 12.77 -100.37 17.45
N ASP S 33 12.71 -99.98 18.75
CA ASP S 33 11.55 -100.15 19.66
C ASP S 33 11.12 -101.65 19.85
N SER S 34 12.06 -102.59 19.73
CA SER S 34 11.78 -104.04 19.92
C SER S 34 12.12 -104.53 21.32
N GLY S 35 12.90 -103.77 22.07
CA GLY S 35 13.29 -104.08 23.44
C GLY S 35 12.21 -103.91 24.50
N PRO S 36 12.51 -104.27 25.78
CA PRO S 36 11.46 -104.18 26.80
C PRO S 36 11.23 -102.76 27.31
N VAL S 37 12.25 -101.87 27.27
CA VAL S 37 12.08 -100.51 27.78
C VAL S 37 12.47 -99.58 26.67
N PHE S 38 11.47 -98.90 26.09
CA PHE S 38 11.73 -97.97 24.99
C PHE S 38 12.59 -96.79 25.48
N GLY S 39 13.71 -96.54 24.80
CA GLY S 39 14.60 -95.47 25.16
C GLY S 39 15.81 -95.92 25.94
N GLY S 40 15.71 -97.11 26.53
CA GLY S 40 16.81 -97.68 27.30
C GLY S 40 16.45 -98.11 28.70
N GLY S 41 17.22 -99.07 29.22
CA GLY S 41 17.04 -99.59 30.56
C GLY S 41 17.65 -98.67 31.63
N THR S 42 18.02 -99.26 32.78
CA THR S 42 18.56 -98.47 33.87
C THR S 42 19.87 -97.84 33.44
N ILE S 43 20.04 -96.54 33.73
CA ILE S 43 21.25 -95.76 33.51
C ILE S 43 22.06 -95.79 34.79
N TYR S 44 23.30 -96.26 34.71
CA TYR S 44 24.19 -96.35 35.87
C TYR S 44 25.31 -95.36 35.75
N ASN S 45 25.47 -94.51 36.77
CA ASN S 45 26.59 -93.57 36.85
C ASN S 45 27.83 -94.38 37.18
N VAL S 46 28.83 -94.33 36.28
CA VAL S 46 30.07 -95.10 36.40
C VAL S 46 31.08 -94.30 37.23
N PRO S 47 31.59 -94.86 38.36
CA PRO S 47 32.61 -94.12 39.13
C PRO S 47 33.92 -93.98 38.34
N VAL S 48 34.49 -92.76 38.30
CA VAL S 48 35.71 -92.48 37.54
C VAL S 48 36.81 -91.84 38.37
N SER S 49 38.04 -92.06 37.93
CA SER S 49 39.23 -91.46 38.51
C SER S 49 39.87 -90.73 37.34
N LEU S 50 39.92 -89.40 37.42
CA LEU S 50 40.40 -88.57 36.32
C LEU S 50 41.81 -88.02 36.50
N SER S 51 42.54 -87.96 35.38
CA SER S 51 43.96 -87.64 35.26
C SER S 51 44.10 -86.89 33.92
N TYR S 52 44.87 -85.78 33.89
CA TYR S 52 45.00 -84.96 32.69
C TYR S 52 46.40 -84.57 32.23
N ASP S 53 46.58 -84.63 30.91
CA ASP S 53 47.71 -84.14 30.15
C ASP S 53 47.12 -83.11 29.11
N ARG S 54 47.98 -82.43 28.32
CA ARG S 54 47.50 -81.47 27.30
C ARG S 54 46.62 -82.21 26.32
N GLN S 55 45.33 -81.79 26.24
CA GLN S 55 44.32 -82.34 25.32
C GLN S 55 44.09 -83.86 25.41
N LYS S 56 44.27 -84.44 26.59
CA LYS S 56 44.12 -85.86 26.90
C LYS S 56 43.60 -86.01 28.35
N VAL S 57 42.51 -86.79 28.50
CA VAL S 57 41.92 -87.18 29.78
C VAL S 57 42.11 -88.69 29.86
N TYR S 58 42.63 -89.15 30.98
CA TYR S 58 42.78 -90.55 31.29
C TYR S 58 41.65 -90.85 32.26
N VAL S 59 40.72 -91.70 31.81
CA VAL S 59 39.54 -92.08 32.57
C VAL S 59 39.75 -93.50 33.10
N GLU S 60 39.80 -93.65 34.44
CA GLU S 60 39.91 -94.95 35.11
C GLU S 60 38.55 -95.30 35.74
N MET S 61 38.03 -96.46 35.34
CA MET S 61 36.74 -96.99 35.74
C MET S 61 36.95 -98.34 36.41
N PRO S 62 35.99 -98.88 37.19
CA PRO S 62 36.16 -100.27 37.70
C PRO S 62 36.23 -101.24 36.51
N LYS S 63 36.96 -102.36 36.68
CA LYS S 63 37.13 -103.42 35.67
C LYS S 63 35.79 -103.93 35.14
N SER S 64 34.73 -103.99 35.96
CA SER S 64 33.40 -104.51 35.57
C SER S 64 32.80 -103.77 34.38
N TYR S 65 33.21 -102.50 34.18
CA TYR S 65 32.72 -101.67 33.09
C TYR S 65 33.49 -101.82 31.81
N THR S 66 34.54 -102.70 31.78
CA THR S 66 35.28 -102.92 30.54
C THR S 66 34.35 -103.38 29.42
N LEU S 67 34.38 -102.63 28.34
CA LEU S 67 33.52 -102.91 27.21
C LEU S 67 34.22 -102.33 26.02
N ALA S 68 34.91 -103.14 25.25
CA ALA S 68 35.47 -102.59 24.04
C ALA S 68 34.63 -103.23 22.93
N GLY S 69 33.97 -102.36 22.20
CA GLY S 69 33.14 -102.68 21.04
C GLY S 69 33.48 -101.62 20.01
N ASP S 70 32.47 -101.03 19.38
CA ASP S 70 32.66 -99.96 18.40
C ASP S 70 32.70 -98.58 19.07
N ILE S 71 33.78 -97.84 18.82
CA ILE S 71 34.01 -96.49 19.38
C ILE S 71 33.40 -95.48 18.44
N ILE S 72 32.27 -94.92 18.82
CA ILE S 72 31.53 -93.93 18.03
C ILE S 72 31.68 -92.52 18.59
N LEU S 73 32.17 -91.63 17.76
CA LEU S 73 32.33 -90.23 18.09
C LEU S 73 31.16 -89.44 17.58
N ILE S 74 30.50 -88.73 18.48
CA ILE S 74 29.37 -87.89 18.15
C ILE S 74 29.88 -86.46 18.04
N ASP S 75 29.44 -85.75 16.99
CA ASP S 75 29.85 -84.39 16.65
C ASP S 75 29.74 -83.28 17.73
N ASP S 76 29.66 -83.68 19.03
CA ASP S 76 29.66 -82.81 20.19
C ASP S 76 30.59 -83.38 21.32
N GLY S 77 30.38 -82.95 22.56
CA GLY S 77 31.15 -83.45 23.70
C GLY S 77 30.79 -84.87 24.15
N THR S 78 30.54 -85.82 23.15
CA THR S 78 30.18 -87.20 23.46
C THR S 78 30.81 -88.30 22.64
N LEU S 79 31.26 -89.36 23.32
CA LEU S 79 31.86 -90.57 22.73
C LEU S 79 31.15 -91.77 23.32
N LEU S 80 30.79 -92.72 22.48
CA LEU S 80 30.12 -93.97 22.86
C LEU S 80 30.96 -95.14 22.52
N VAL S 81 30.83 -96.20 23.33
CA VAL S 81 31.39 -97.50 23.09
C VAL S 81 30.17 -98.38 23.07
N ILE S 82 29.88 -98.97 21.90
CA ILE S 82 28.71 -99.85 21.71
C ILE S 82 29.15 -101.27 21.36
N LYS S 83 28.66 -102.22 22.15
CA LYS S 83 28.86 -103.66 21.97
C LYS S 83 27.48 -104.27 22.05
N GLU S 84 26.85 -104.38 20.86
CA GLU S 84 25.49 -104.89 20.67
C GLU S 84 24.48 -104.00 21.41
N THR S 85 23.86 -104.48 22.50
CA THR S 85 22.84 -103.75 23.26
C THR S 85 23.43 -102.91 24.37
N GLN S 86 24.70 -103.14 24.69
CA GLN S 86 25.40 -102.47 25.78
C GLN S 86 26.18 -101.25 25.31
N VAL S 87 26.00 -100.11 26.03
CA VAL S 87 26.63 -98.81 25.74
C VAL S 87 27.36 -98.26 26.99
N LEU S 88 28.56 -97.73 26.76
CA LEU S 88 29.39 -97.01 27.73
C LEU S 88 29.48 -95.59 27.12
N CYS S 89 28.90 -94.60 27.79
CA CYS S 89 28.78 -93.22 27.33
C CYS S 89 29.69 -92.27 28.10
N PHE S 90 30.52 -91.51 27.36
CA PHE S 90 31.47 -90.53 27.88
C PHE S 90 31.01 -89.15 27.50
N LYS S 91 30.65 -88.35 28.51
CA LYS S 91 30.15 -86.99 28.30
C LYS S 91 31.15 -85.98 28.82
N MET S 92 31.57 -85.05 27.96
CA MET S 92 32.51 -84.01 28.32
C MET S 92 31.86 -82.64 28.41
N SER S 93 32.11 -81.95 29.52
CA SER S 93 31.64 -80.60 29.75
C SER S 93 32.71 -79.64 29.19
N ASP S 94 32.25 -78.59 28.50
CA ASP S 94 33.09 -77.50 27.96
C ASP S 94 34.23 -77.84 26.99
N ALA S 95 34.09 -78.96 26.28
CA ALA S 95 35.05 -79.37 25.28
C ALA S 95 34.47 -80.49 24.43
N LYS S 96 35.10 -80.77 23.29
CA LYS S 96 34.66 -81.81 22.38
C LYS S 96 35.70 -82.92 22.37
N ILE S 97 35.26 -84.18 22.44
CA ILE S 97 36.16 -85.33 22.36
C ILE S 97 36.52 -85.42 20.88
N THR S 98 37.83 -85.58 20.56
CA THR S 98 38.30 -85.66 19.19
C THR S 98 38.68 -87.08 18.79
N LYS S 99 39.06 -87.91 19.77
CA LYS S 99 39.50 -89.30 19.59
C LYS S 99 39.35 -90.00 20.95
N GLY S 100 39.10 -91.30 20.89
CA GLY S 100 38.96 -92.11 22.10
C GLY S 100 39.46 -93.50 21.84
N TYR S 101 40.21 -94.06 22.79
CA TYR S 101 40.81 -95.39 22.68
C TYR S 101 41.21 -95.92 24.03
N VAL S 102 41.31 -97.26 24.15
CA VAL S 102 41.76 -97.95 25.35
C VAL S 102 43.26 -97.63 25.60
N PHE S 103 43.62 -97.34 26.85
CA PHE S 103 44.97 -96.99 27.21
C PHE S 103 45.94 -98.14 27.04
N VAL S 104 47.02 -97.93 26.27
CA VAL S 104 48.09 -98.90 26.03
C VAL S 104 49.32 -98.34 26.73
N ALA S 105 49.77 -99.02 27.80
CA ALA S 105 50.93 -98.58 28.59
C ALA S 105 52.26 -98.75 27.87
N GLY T 1 18.11 -94.93 54.30
CA GLY T 1 18.62 -96.30 54.27
C GLY T 1 20.01 -96.37 53.66
N PHE T 2 20.35 -97.55 53.12
CA PHE T 2 21.53 -97.92 52.33
C PHE T 2 21.11 -97.70 50.85
N LYS T 3 19.97 -98.26 50.41
CA LYS T 3 19.38 -98.07 49.08
C LYS T 3 18.02 -97.36 49.25
N PHE T 4 17.95 -96.10 48.80
CA PHE T 4 16.78 -95.24 48.91
C PHE T 4 16.30 -94.83 47.52
N VAL T 5 15.00 -94.72 47.33
CA VAL T 5 14.40 -94.39 46.03
C VAL T 5 13.75 -93.02 46.08
N LEU T 6 14.02 -92.20 45.07
CA LEU T 6 13.44 -90.87 44.98
C LEU T 6 12.69 -90.76 43.66
N GLU T 7 11.37 -90.62 43.73
CA GLU T 7 10.52 -90.44 42.56
C GLU T 7 10.60 -88.96 42.26
N HIS T 8 10.62 -88.58 40.99
CA HIS T 8 10.74 -87.16 40.64
C HIS T 8 9.95 -86.75 39.42
N ASP T 9 9.95 -85.46 39.07
CA ASP T 9 9.17 -84.92 37.96
C ASP T 9 9.90 -84.74 36.64
N SER T 10 11.24 -84.96 36.62
CA SER T 10 12.06 -84.83 35.41
C SER T 10 12.00 -86.05 34.51
N GLU T 11 12.17 -85.83 33.23
CA GLU T 11 12.22 -86.85 32.19
C GLU T 11 13.70 -87.27 31.98
N TYR T 12 14.61 -86.74 32.80
CA TYR T 12 16.06 -86.95 32.73
C TYR T 12 16.65 -87.62 33.98
N GLN T 13 17.93 -87.35 34.27
CA GLN T 13 18.65 -87.99 35.37
C GLN T 13 19.20 -86.93 36.30
N PRO T 14 18.36 -86.36 37.18
CA PRO T 14 18.81 -85.27 38.03
C PRO T 14 19.88 -85.66 39.04
N GLU T 15 20.85 -84.76 39.25
CA GLU T 15 21.90 -85.01 40.22
C GLU T 15 21.31 -84.97 41.62
N VAL T 16 21.72 -85.92 42.47
CA VAL T 16 21.27 -86.00 43.86
C VAL T 16 22.50 -85.88 44.72
N LYS T 17 22.41 -85.04 45.74
CA LYS T 17 23.47 -84.84 46.72
C LYS T 17 22.88 -85.11 48.08
N VAL T 18 23.56 -85.97 48.87
CA VAL T 18 23.12 -86.39 50.19
C VAL T 18 24.04 -85.84 51.29
N THR T 19 23.45 -85.35 52.39
CA THR T 19 24.14 -84.83 53.57
C THR T 19 23.54 -85.41 54.86
N SER T 20 24.41 -85.60 55.87
CA SER T 20 24.12 -86.10 57.20
C SER T 20 24.50 -85.02 58.25
N TYR T 21 23.55 -84.70 59.15
CA TYR T 21 23.75 -83.73 60.22
C TYR T 21 22.79 -83.94 61.38
N LYS T 22 23.24 -83.52 62.56
CA LYS T 22 22.57 -83.61 63.85
C LYS T 22 22.19 -82.19 64.34
N ASN T 23 21.09 -82.08 65.08
CA ASN T 23 20.64 -80.86 65.75
C ASN T 23 20.26 -79.69 64.88
N ALA T 24 19.74 -79.99 63.71
CA ALA T 24 19.26 -78.93 62.85
C ALA T 24 17.98 -78.36 63.53
N ILE T 25 17.62 -77.12 63.17
CA ILE T 25 16.47 -76.37 63.63
C ILE T 25 15.23 -77.29 63.70
N GLY T 26 14.57 -77.32 64.85
CA GLY T 26 13.36 -78.12 65.07
C GLY T 26 13.58 -79.58 65.40
N THR T 27 14.86 -80.05 65.49
CA THR T 27 15.17 -81.47 65.78
C THR T 27 15.79 -81.64 67.15
N GLU T 28 16.20 -80.53 67.79
CA GLU T 28 16.79 -80.52 69.14
C GLU T 28 15.87 -81.18 70.19
N THR T 29 16.46 -82.01 71.08
CA THR T 29 15.73 -82.78 72.10
C THR T 29 14.87 -81.88 72.99
N ASP T 30 15.47 -80.82 73.58
CA ASP T 30 14.76 -79.94 74.50
C ASP T 30 14.16 -78.65 73.89
N GLY T 31 13.71 -78.74 72.64
CA GLY T 31 13.06 -77.64 71.92
C GLY T 31 14.00 -76.73 71.16
N PHE T 32 13.41 -75.72 70.49
CA PHE T 32 14.13 -74.75 69.67
C PHE T 32 15.31 -74.09 70.35
N ASP T 33 16.49 -74.17 69.72
CA ASP T 33 17.76 -73.58 70.14
C ASP T 33 18.22 -74.08 71.51
N SER T 34 18.00 -75.38 71.77
CA SER T 34 18.41 -76.01 73.04
C SER T 34 19.67 -76.86 72.91
N GLY T 35 20.08 -77.14 71.67
CA GLY T 35 21.28 -77.93 71.39
C GLY T 35 22.59 -77.17 71.54
N PRO T 36 23.74 -77.87 71.38
CA PRO T 36 25.04 -77.19 71.54
C PRO T 36 25.47 -76.26 70.41
N VAL T 37 25.06 -76.54 69.17
CA VAL T 37 25.45 -75.71 68.02
C VAL T 37 24.15 -75.28 67.35
N PHE T 38 23.78 -74.01 67.48
CA PHE T 38 22.55 -73.47 66.89
C PHE T 38 22.59 -73.60 65.39
N GLY T 39 21.54 -74.17 64.83
CA GLY T 39 21.47 -74.39 63.39
C GLY T 39 21.90 -75.76 62.90
N GLY T 40 22.64 -76.48 63.75
CA GLY T 40 23.09 -77.83 63.47
C GLY T 40 24.59 -78.05 63.58
N GLY T 41 24.95 -79.30 63.83
CA GLY T 41 26.35 -79.69 63.97
C GLY T 41 27.07 -79.89 62.64
N THR T 42 28.17 -80.68 62.66
CA THR T 42 28.98 -80.92 61.47
C THR T 42 28.11 -81.52 60.38
N ILE T 43 28.20 -80.98 59.15
CA ILE T 43 27.48 -81.49 57.97
C ILE T 43 28.42 -82.43 57.23
N TYR T 44 28.03 -83.70 57.09
CA TYR T 44 28.83 -84.72 56.40
C TYR T 44 28.28 -84.98 55.04
N ASN T 45 29.12 -84.85 54.00
CA ASN T 45 28.74 -85.17 52.62
C ASN T 45 28.73 -86.69 52.55
N VAL T 46 27.56 -87.27 52.26
CA VAL T 46 27.38 -88.72 52.16
C VAL T 46 27.82 -89.23 50.77
N PRO T 47 28.76 -90.18 50.68
CA PRO T 47 29.12 -90.73 49.34
C PRO T 47 27.96 -91.55 48.77
N VAL T 48 27.59 -91.27 47.52
CA VAL T 48 26.48 -91.95 46.86
C VAL T 48 26.85 -92.67 45.55
N SER T 49 26.04 -93.65 45.17
CA SER T 49 26.12 -94.36 43.90
C SER T 49 24.76 -94.20 43.29
N LEU T 50 24.67 -93.44 42.20
CA LEU T 50 23.37 -93.16 41.55
C LEU T 50 23.08 -94.00 40.32
N SER T 51 21.81 -94.35 40.18
CA SER T 51 21.21 -95.26 39.20
C SER T 51 19.87 -94.63 38.78
N TYR T 52 19.48 -94.70 37.50
CA TYR T 52 18.26 -94.05 37.04
C TYR T 52 17.32 -94.85 36.17
N ASP T 53 16.01 -94.70 36.47
CA ASP T 53 14.87 -95.18 35.71
C ASP T 53 14.02 -93.94 35.42
N ARG T 54 12.88 -94.08 34.68
CA ARG T 54 12.01 -92.95 34.37
C ARG T 54 11.47 -92.42 35.69
N GLN T 55 11.73 -91.16 35.99
CA GLN T 55 11.24 -90.48 37.18
C GLN T 55 11.54 -91.20 38.50
N LYS T 56 12.66 -91.92 38.55
CA LYS T 56 13.10 -92.67 39.72
C LYS T 56 14.64 -92.64 39.79
N VAL T 57 15.17 -92.21 40.94
CA VAL T 57 16.62 -92.21 41.23
C VAL T 57 16.83 -93.26 42.32
N TYR T 58 17.81 -94.14 42.11
CA TYR T 58 18.15 -95.12 43.12
C TYR T 58 19.46 -94.64 43.73
N VAL T 59 19.39 -94.26 45.02
CA VAL T 59 20.49 -93.71 45.79
C VAL T 59 21.07 -94.78 46.69
N GLU T 60 22.30 -95.19 46.42
CA GLU T 60 23.02 -96.16 47.24
C GLU T 60 24.10 -95.43 48.07
N MET T 61 24.03 -95.56 49.39
CA MET T 61 24.93 -94.91 50.35
C MET T 61 25.55 -96.02 51.19
N PRO T 62 26.62 -95.73 51.99
CA PRO T 62 27.14 -96.76 52.90
C PRO T 62 26.08 -97.14 53.94
N LYS T 63 26.10 -98.40 54.43
CA LYS T 63 25.14 -98.92 55.43
C LYS T 63 25.11 -98.05 56.69
N SER T 64 26.25 -97.41 57.08
CA SER T 64 26.34 -96.57 58.28
C SER T 64 25.36 -95.41 58.25
N TYR T 65 24.94 -94.98 57.06
CA TYR T 65 23.98 -93.89 56.89
C TYR T 65 22.52 -94.30 56.93
N THR T 66 22.25 -95.62 57.09
CA THR T 66 20.87 -96.08 57.22
C THR T 66 20.17 -95.38 58.35
N LEU T 67 19.05 -94.80 58.03
CA LEU T 67 18.26 -94.03 58.99
C LEU T 67 16.88 -93.98 58.47
N ALA T 68 16.02 -94.83 58.96
CA ALA T 68 14.66 -94.64 58.53
C ALA T 68 13.94 -94.15 59.80
N GLY T 69 13.36 -92.99 59.66
CA GLY T 69 12.56 -92.31 60.66
C GLY T 69 11.38 -91.76 59.90
N ASP T 70 11.10 -90.47 60.07
CA ASP T 70 10.03 -89.81 59.34
C ASP T 70 10.51 -89.21 58.02
N ILE T 71 9.87 -89.62 56.89
CA ILE T 71 10.17 -89.13 55.54
C ILE T 71 9.37 -87.85 55.29
N ILE T 72 10.07 -86.72 55.28
CA ILE T 72 9.45 -85.41 55.08
C ILE T 72 9.80 -84.85 53.71
N LEU T 73 8.77 -84.56 52.93
CA LEU T 73 8.88 -83.97 51.61
C LEU T 73 8.67 -82.48 51.72
N ILE T 74 9.63 -81.73 51.20
CA ILE T 74 9.61 -80.27 51.20
C ILE T 74 9.30 -79.76 49.81
N ASP T 75 8.50 -78.68 49.77
CA ASP T 75 8.00 -77.91 48.63
C ASP T 75 8.88 -77.81 47.36
N ASP T 76 10.22 -77.96 47.49
CA ASP T 76 11.21 -77.87 46.41
C ASP T 76 11.89 -79.22 46.11
N GLY T 77 13.13 -79.15 45.62
CA GLY T 77 13.93 -80.34 45.30
C GLY T 77 14.62 -80.93 46.52
N THR T 78 13.87 -81.11 47.65
CA THR T 78 14.41 -81.66 48.89
C THR T 78 13.50 -82.61 49.67
N LEU T 79 14.08 -83.71 50.12
CA LEU T 79 13.43 -84.72 50.95
C LEU T 79 14.35 -84.95 52.15
N LEU T 80 13.75 -85.09 53.34
CA LEU T 80 14.49 -85.34 54.59
C LEU T 80 14.02 -86.62 55.22
N VAL T 81 14.91 -87.26 55.96
CA VAL T 81 14.61 -88.40 56.78
C VAL T 81 15.07 -87.94 58.17
N ILE T 82 14.11 -87.75 59.10
CA ILE T 82 14.38 -87.31 60.47
C ILE T 82 14.09 -88.42 61.48
N LYS T 83 15.08 -88.71 62.32
CA LYS T 83 14.97 -89.67 63.41
C LYS T 83 15.56 -88.96 64.60
N GLU T 84 14.66 -88.27 65.35
CA GLU T 84 14.95 -87.47 66.53
C GLU T 84 15.84 -86.29 66.14
N THR T 85 17.13 -86.27 66.56
CA THR T 85 18.08 -85.18 66.29
C THR T 85 18.88 -85.40 64.99
N GLN T 86 18.81 -86.63 64.44
CA GLN T 86 19.55 -87.01 63.24
C GLN T 86 18.76 -86.81 61.95
N VAL T 87 19.34 -86.09 60.98
CA VAL T 87 18.73 -85.82 59.66
C VAL T 87 19.60 -86.37 58.51
N LEU T 88 18.95 -86.99 57.53
CA LEU T 88 19.53 -87.47 56.27
C LEU T 88 18.81 -86.63 55.18
N CYS T 89 19.55 -85.69 54.58
CA CYS T 89 19.05 -84.72 53.60
C CYS T 89 19.36 -85.13 52.16
N PHE T 90 18.32 -85.14 51.30
CA PHE T 90 18.45 -85.43 49.86
C PHE T 90 18.12 -84.18 49.12
N LYS T 91 19.08 -83.63 48.33
CA LYS T 91 18.91 -82.41 47.54
C LYS T 91 19.04 -82.76 46.07
N MET T 92 18.00 -82.48 45.31
CA MET T 92 17.97 -82.75 43.88
C MET T 92 18.09 -81.47 43.09
N SER T 93 18.93 -81.49 42.07
CA SER T 93 19.14 -80.36 41.16
C SER T 93 18.21 -80.55 39.93
N ASP T 94 17.58 -79.44 39.47
CA ASP T 94 16.75 -79.39 38.26
C ASP T 94 15.56 -80.34 38.22
N ALA T 95 14.95 -80.60 39.38
CA ALA T 95 13.76 -81.42 39.51
C ALA T 95 13.26 -81.40 40.93
N LYS T 96 12.01 -81.83 41.11
CA LYS T 96 11.37 -81.87 42.42
C LYS T 96 11.12 -83.30 42.82
N ILE T 97 11.45 -83.66 44.07
CA ILE T 97 11.22 -85.01 44.58
C ILE T 97 9.72 -85.08 44.82
N THR T 98 9.05 -86.15 44.33
CA THR T 98 7.60 -86.29 44.49
C THR T 98 7.24 -87.31 45.55
N LYS T 99 8.13 -88.27 45.82
CA LYS T 99 7.96 -89.37 46.77
C LYS T 99 9.32 -89.95 47.05
N GLY T 100 9.50 -90.44 48.26
CA GLY T 100 10.74 -91.06 48.68
C GLY T 100 10.48 -92.20 49.63
N TYR T 101 11.19 -93.30 49.44
CA TYR T 101 11.03 -94.49 50.26
C TYR T 101 12.24 -95.39 50.15
N VAL T 102 12.44 -96.26 51.16
CA VAL T 102 13.52 -97.26 51.20
C VAL T 102 13.23 -98.28 50.11
N PHE T 103 14.28 -98.68 49.36
CA PHE T 103 14.15 -99.64 48.29
C PHE T 103 13.72 -101.02 48.79
N VAL T 104 12.59 -101.52 48.25
CA VAL T 104 12.03 -102.82 48.55
C VAL T 104 12.21 -103.66 47.29
N ALA T 105 13.08 -104.68 47.36
CA ALA T 105 13.35 -105.55 46.21
C ALA T 105 12.20 -106.54 45.96
N GLY U 1 48.06 -82.68 53.54
CA GLY U 1 47.97 -83.85 54.41
C GLY U 1 46.95 -84.85 53.91
N PHE U 2 46.45 -85.72 54.82
CA PHE U 2 45.39 -86.73 54.69
C PHE U 2 44.13 -86.00 55.11
N LYS U 3 44.15 -85.30 56.27
CA LYS U 3 43.06 -84.46 56.79
C LYS U 3 43.59 -83.03 56.90
N PHE U 4 43.03 -82.13 56.09
CA PHE U 4 43.42 -80.71 55.97
C PHE U 4 42.19 -79.82 56.19
N VAL U 5 42.37 -78.71 56.90
CA VAL U 5 41.28 -77.78 57.23
C VAL U 5 41.46 -76.54 56.39
N LEU U 6 40.34 -76.05 55.79
CA LEU U 6 40.31 -74.81 55.03
C LEU U 6 39.29 -73.89 55.65
N GLU U 7 39.77 -72.78 56.17
CA GLU U 7 38.89 -71.77 56.76
C GLU U 7 38.43 -70.90 55.61
N HIS U 8 37.17 -70.45 55.65
CA HIS U 8 36.66 -69.65 54.53
C HIS U 8 35.72 -68.52 54.97
N ASP U 9 35.26 -67.72 53.99
CA ASP U 9 34.39 -66.57 54.22
C ASP U 9 32.91 -66.84 54.06
N SER U 10 32.53 -68.05 53.63
CA SER U 10 31.13 -68.39 53.41
C SER U 10 30.40 -68.81 54.68
N GLU U 11 29.10 -68.54 54.69
CA GLU U 11 28.17 -68.94 55.73
C GLU U 11 27.60 -70.31 55.35
N TYR U 12 28.04 -70.88 54.19
CA TYR U 12 27.55 -72.15 53.66
C TYR U 12 28.56 -73.27 53.61
N GLN U 13 28.43 -74.21 52.64
CA GLN U 13 29.29 -75.38 52.48
C GLN U 13 29.90 -75.39 51.09
N PRO U 14 30.93 -74.56 50.83
CA PRO U 14 31.52 -74.49 49.49
C PRO U 14 32.15 -75.79 49.03
N GLU U 15 32.03 -76.11 47.73
CA GLU U 15 32.62 -77.33 47.16
C GLU U 15 34.11 -77.12 47.10
N VAL U 16 34.87 -78.19 47.38
CA VAL U 16 36.31 -78.15 47.34
C VAL U 16 36.77 -79.21 46.38
N LYS U 17 37.64 -78.83 45.45
CA LYS U 17 38.25 -79.77 44.50
C LYS U 17 39.77 -79.70 44.67
N VAL U 18 40.39 -80.89 44.87
CA VAL U 18 41.81 -81.06 45.12
C VAL U 18 42.48 -81.73 43.91
N THR U 19 43.65 -81.19 43.48
CA THR U 19 44.46 -81.68 42.38
C THR U 19 45.94 -81.79 42.82
N SER U 20 46.66 -82.77 42.23
CA SER U 20 48.05 -83.07 42.50
C SER U 20 48.84 -82.98 41.19
N TYR U 21 49.94 -82.24 41.21
CA TYR U 21 50.79 -82.09 40.00
C TYR U 21 52.22 -81.69 40.37
N LYS U 22 53.16 -82.02 39.48
CA LYS U 22 54.59 -81.78 39.60
C LYS U 22 55.01 -80.80 38.49
N ASN U 23 56.06 -80.00 38.75
CA ASN U 23 56.66 -79.10 37.77
C ASN U 23 55.85 -77.92 37.24
N ALA U 24 54.90 -77.43 38.04
CA ALA U 24 54.12 -76.25 37.71
C ALA U 24 55.07 -75.04 37.68
N ILE U 25 54.65 -73.97 37.03
CA ILE U 25 55.35 -72.71 36.85
C ILE U 25 55.94 -72.24 38.18
N GLY U 26 57.25 -72.05 38.18
CA GLY U 26 57.99 -71.59 39.35
C GLY U 26 58.37 -72.66 40.35
N THR U 27 58.04 -73.95 40.08
CA THR U 27 58.37 -75.05 40.99
C THR U 27 59.49 -75.95 40.47
N GLU U 28 59.90 -75.76 39.22
CA GLU U 28 60.97 -76.52 38.57
C GLU U 28 62.31 -76.33 39.31
N THR U 29 63.13 -77.40 39.37
CA THR U 29 64.41 -77.46 40.08
C THR U 29 65.41 -76.41 39.61
N ASP U 30 65.70 -76.37 38.31
CA ASP U 30 66.67 -75.40 37.79
C ASP U 30 66.03 -74.12 37.17
N GLY U 31 64.99 -73.59 37.83
CA GLY U 31 64.29 -72.38 37.44
C GLY U 31 63.21 -72.52 36.39
N PHE U 32 62.60 -71.38 36.02
CA PHE U 32 61.52 -71.27 35.07
C PHE U 32 61.79 -71.95 33.73
N ASP U 33 60.85 -72.79 33.25
CA ASP U 33 60.95 -73.50 31.95
C ASP U 33 62.16 -74.45 31.84
N SER U 34 62.64 -74.95 32.99
CA SER U 34 63.77 -75.89 33.04
C SER U 34 63.35 -77.37 33.10
N GLY U 35 62.08 -77.63 33.39
CA GLY U 35 61.52 -78.97 33.52
C GLY U 35 61.22 -79.68 32.21
N PRO U 36 60.80 -80.95 32.28
CA PRO U 36 60.50 -81.67 31.03
C PRO U 36 59.19 -81.27 30.36
N VAL U 37 58.19 -80.84 31.16
CA VAL U 37 56.90 -80.45 30.58
C VAL U 37 56.57 -79.05 31.06
N PHE U 38 56.71 -78.06 30.16
CA PHE U 38 56.45 -76.67 30.48
C PHE U 38 55.01 -76.46 30.95
N GLY U 39 54.85 -75.82 32.08
CA GLY U 39 53.54 -75.57 32.62
C GLY U 39 53.11 -76.56 33.68
N GLY U 40 53.76 -77.74 33.71
CA GLY U 40 53.48 -78.81 34.65
C GLY U 40 53.15 -80.14 34.01
N GLY U 41 53.38 -81.19 34.78
CA GLY U 41 53.14 -82.56 34.35
C GLY U 41 51.67 -82.94 34.47
N THR U 42 51.39 -84.26 34.61
CA THR U 42 50.05 -84.80 34.68
C THR U 42 49.36 -84.24 35.88
N ILE U 43 48.12 -83.77 35.71
CA ILE U 43 47.26 -83.29 36.80
C ILE U 43 46.36 -84.47 37.23
N TYR U 44 46.41 -84.81 38.51
CA TYR U 44 45.64 -85.89 39.11
C TYR U 44 44.54 -85.33 39.99
N ASN U 45 43.28 -85.72 39.72
CA ASN U 45 42.16 -85.33 40.56
C ASN U 45 42.27 -86.19 41.83
N VAL U 46 42.37 -85.53 42.98
CA VAL U 46 42.50 -86.19 44.27
C VAL U 46 41.09 -86.51 44.80
N PRO U 47 40.78 -87.81 45.09
CA PRO U 47 39.47 -88.13 45.71
C PRO U 47 39.35 -87.54 47.14
N VAL U 48 38.24 -86.84 47.42
CA VAL U 48 38.07 -86.19 48.72
C VAL U 48 36.79 -86.58 49.44
N SER U 49 36.83 -86.51 50.76
CA SER U 49 35.67 -86.73 51.63
C SER U 49 35.49 -85.41 52.38
N LEU U 50 34.40 -84.67 52.08
CA LEU U 50 34.15 -83.36 52.67
C LEU U 50 33.16 -83.34 53.82
N SER U 51 33.49 -82.51 54.81
CA SER U 51 32.83 -82.32 56.09
C SER U 51 32.83 -80.78 56.36
N TYR U 52 31.75 -80.23 56.95
CA TYR U 52 31.61 -78.79 57.19
C TYR U 52 31.15 -78.34 58.57
N ASP U 53 31.81 -77.29 59.08
CA ASP U 53 31.46 -76.50 60.27
C ASP U 53 31.37 -75.05 59.78
N ARG U 54 30.91 -74.10 60.63
CA ARG U 54 30.83 -72.68 60.25
C ARG U 54 32.21 -72.21 59.81
N GLN U 55 32.33 -71.81 58.52
CA GLN U 55 33.54 -71.26 57.91
C GLN U 55 34.79 -72.12 58.01
N LYS U 56 34.60 -73.44 57.98
CA LYS U 56 35.64 -74.46 58.06
C LYS U 56 35.20 -75.70 57.22
N VAL U 57 36.09 -76.16 56.33
CA VAL U 57 35.90 -77.35 55.52
C VAL U 57 36.96 -78.31 55.98
N TYR U 58 36.55 -79.54 56.28
CA TYR U 58 37.48 -80.62 56.62
C TYR U 58 37.61 -81.50 55.37
N VAL U 59 38.79 -81.49 54.75
CA VAL U 59 39.12 -82.21 53.52
C VAL U 59 39.92 -83.46 53.84
N GLU U 60 39.31 -84.63 53.64
CA GLU U 60 39.99 -85.91 53.84
C GLU U 60 40.36 -86.51 52.50
N MET U 61 41.64 -86.81 52.33
CA MET U 61 42.24 -87.33 51.12
C MET U 61 42.95 -88.66 51.44
N PRO U 62 43.31 -89.51 50.45
CA PRO U 62 44.12 -90.70 50.80
C PRO U 62 45.49 -90.30 51.38
N LYS U 63 46.08 -91.13 52.28
CA LYS U 63 47.37 -90.83 52.91
C LYS U 63 48.47 -90.59 51.88
N SER U 64 48.43 -91.24 50.70
CA SER U 64 49.45 -91.06 49.66
C SER U 64 49.63 -89.59 49.25
N TYR U 65 48.57 -88.77 49.39
CA TYR U 65 48.61 -87.36 49.01
C TYR U 65 49.12 -86.45 50.07
N THR U 66 49.50 -87.00 51.28
CA THR U 66 50.07 -86.15 52.34
C THR U 66 51.31 -85.44 51.87
N LEU U 67 51.33 -84.13 52.03
CA LEU U 67 52.41 -83.29 51.56
C LEU U 67 52.33 -82.02 52.32
N ALA U 68 53.12 -81.86 53.35
CA ALA U 68 53.13 -80.58 54.01
C ALA U 68 54.49 -79.95 53.63
N GLY U 69 54.39 -78.77 53.05
CA GLY U 69 55.50 -77.95 52.62
C GLY U 69 55.09 -76.53 52.93
N ASP U 70 55.25 -75.62 51.97
CA ASP U 70 54.83 -74.24 52.15
C ASP U 70 53.35 -74.05 51.76
N ILE U 71 52.53 -73.55 52.70
CA ILE U 71 51.12 -73.29 52.49
C ILE U 71 50.98 -71.89 51.93
N ILE U 72 50.65 -71.80 50.65
CA ILE U 72 50.49 -70.53 49.93
C ILE U 72 49.03 -70.23 49.66
N LEU U 73 48.58 -69.08 50.14
CA LEU U 73 47.23 -68.57 49.94
C LEU U 73 47.24 -67.57 48.81
N ILE U 74 46.41 -67.81 47.81
CA ILE U 74 46.27 -66.94 46.67
C ILE U 74 44.97 -66.18 46.89
N ASP U 75 45.00 -64.81 46.90
CA ASP U 75 43.76 -64.02 47.02
C ASP U 75 42.95 -64.56 45.86
N ASP U 76 41.91 -65.35 46.17
CA ASP U 76 41.16 -66.14 45.22
C ASP U 76 40.63 -67.29 46.08
N GLY U 77 39.83 -68.16 45.44
CA GLY U 77 39.36 -69.38 46.10
C GLY U 77 40.41 -70.47 45.95
N THR U 78 41.76 -70.13 46.12
CA THR U 78 42.88 -71.08 45.93
C THR U 78 43.89 -71.09 47.06
N LEU U 79 44.31 -72.31 47.43
CA LEU U 79 45.35 -72.58 48.38
C LEU U 79 46.23 -73.69 47.84
N LEU U 80 47.54 -73.49 47.87
CA LEU U 80 48.50 -74.48 47.43
C LEU U 80 49.38 -74.91 48.58
N VAL U 81 49.83 -76.16 48.52
CA VAL U 81 50.83 -76.72 49.39
C VAL U 81 51.96 -77.11 48.43
N ILE U 82 53.11 -76.41 48.53
CA ILE U 82 54.25 -76.67 47.66
C ILE U 82 55.41 -77.24 48.43
N LYS U 83 55.88 -78.40 47.97
CA LYS U 83 57.07 -79.01 48.53
C LYS U 83 57.97 -79.26 47.35
N GLU U 84 58.86 -78.29 47.08
CA GLU U 84 59.81 -78.32 45.97
C GLU U 84 59.08 -78.35 44.61
N THR U 85 59.14 -79.49 43.86
CA THR U 85 58.48 -79.60 42.55
C THR U 85 57.04 -80.09 42.65
N GLN U 86 56.65 -80.60 43.82
CA GLN U 86 55.32 -81.18 44.05
C GLN U 86 54.33 -80.18 44.61
N VAL U 87 53.12 -80.12 44.02
CA VAL U 87 52.06 -79.21 44.43
C VAL U 87 50.76 -79.98 44.73
N LEU U 88 50.10 -79.61 45.84
CA LEU U 88 48.76 -80.05 46.23
C LEU U 88 47.89 -78.79 46.16
N CYS U 89 46.99 -78.75 45.19
CA CYS U 89 46.12 -77.60 44.93
C CYS U 89 44.68 -77.79 45.47
N PHE U 90 44.18 -76.78 46.19
CA PHE U 90 42.82 -76.75 46.76
C PHE U 90 42.06 -75.61 46.13
N LYS U 91 40.99 -75.94 45.39
CA LYS U 91 40.13 -74.98 44.68
C LYS U 91 38.74 -74.97 45.28
N MET U 92 38.33 -73.81 45.76
CA MET U 92 37.02 -73.61 46.37
C MET U 92 36.13 -72.80 45.44
N SER U 93 34.91 -73.29 45.26
CA SER U 93 33.89 -72.64 44.46
C SER U 93 33.02 -71.77 45.39
N ASP U 94 32.64 -70.57 44.94
CA ASP U 94 31.72 -69.67 45.67
C ASP U 94 32.18 -69.13 47.03
N ALA U 95 33.50 -69.18 47.30
CA ALA U 95 34.05 -68.64 48.55
C ALA U 95 35.54 -68.47 48.43
N LYS U 96 36.15 -67.76 49.39
CA LYS U 96 37.59 -67.52 49.42
C LYS U 96 38.21 -68.24 50.60
N ILE U 97 39.33 -68.94 50.37
CA ILE U 97 40.05 -69.61 51.46
C ILE U 97 40.74 -68.46 52.24
N THR U 98 40.60 -68.44 53.58
CA THR U 98 41.18 -67.38 54.41
C THR U 98 42.38 -67.90 55.18
N LYS U 99 42.43 -69.21 55.42
CA LYS U 99 43.51 -69.89 56.14
C LYS U 99 43.43 -71.38 55.80
N GLY U 100 44.58 -72.04 55.82
CA GLY U 100 44.69 -73.47 55.58
C GLY U 100 45.75 -74.11 56.45
N TYR U 101 45.47 -75.30 57.00
CA TYR U 101 46.39 -76.02 57.88
C TYR U 101 45.99 -77.49 58.05
N VAL U 102 46.95 -78.35 58.39
CA VAL U 102 46.74 -79.79 58.64
C VAL U 102 45.90 -79.94 59.90
N PHE U 103 44.90 -80.81 59.88
CA PHE U 103 44.03 -81.05 61.02
C PHE U 103 44.77 -81.61 62.23
N VAL U 104 44.65 -80.90 63.38
CA VAL U 104 45.21 -81.26 64.69
C VAL U 104 44.02 -81.56 65.60
N ALA U 105 43.85 -82.84 65.95
CA ALA U 105 42.76 -83.32 66.81
C ALA U 105 42.86 -82.80 68.26
N GLY V 1 -25.58 100.80 -38.79
CA GLY V 1 -25.56 101.67 -39.97
C GLY V 1 -25.94 100.94 -41.25
N PHE V 2 -25.56 101.55 -42.39
CA PHE V 2 -25.68 101.06 -43.78
C PHE V 2 -24.44 100.18 -43.99
N LYS V 3 -23.25 100.72 -43.64
CA LYS V 3 -21.98 100.00 -43.72
C LYS V 3 -21.39 99.91 -42.31
N PHE V 4 -21.28 98.68 -41.77
CA PHE V 4 -20.79 98.37 -40.44
C PHE V 4 -19.61 97.41 -40.51
N VAL V 5 -18.64 97.55 -39.59
CA VAL V 5 -17.43 96.74 -39.57
C VAL V 5 -17.39 95.84 -38.34
N LEU V 6 -17.19 94.55 -38.55
CA LEU V 6 -17.06 93.59 -37.46
C LEU V 6 -15.66 93.00 -37.51
N GLU V 7 -14.87 93.33 -36.47
CA GLU V 7 -13.52 92.80 -36.32
C GLU V 7 -13.68 91.44 -35.67
N HIS V 8 -12.92 90.44 -36.13
CA HIS V 8 -13.05 89.08 -35.59
C HIS V 8 -11.76 88.29 -35.38
N ASP V 9 -11.85 87.08 -34.78
CA ASP V 9 -10.68 86.24 -34.48
C ASP V 9 -10.29 85.20 -35.54
N SER V 10 -11.10 85.05 -36.59
CA SER V 10 -10.84 84.07 -37.65
C SER V 10 -9.87 84.58 -38.71
N GLU V 11 -9.15 83.65 -39.30
CA GLU V 11 -8.19 83.87 -40.38
C GLU V 11 -8.91 83.65 -41.71
N TYR V 12 -10.23 83.48 -41.67
CA TYR V 12 -11.10 83.18 -42.81
C TYR V 12 -12.19 84.25 -43.06
N GLN V 13 -13.33 83.82 -43.65
CA GLN V 13 -14.43 84.70 -43.99
C GLN V 13 -15.71 84.22 -43.32
N PRO V 14 -15.88 84.50 -42.00
CA PRO V 14 -17.08 84.02 -41.30
C PRO V 14 -18.39 84.58 -41.80
N GLU V 15 -19.42 83.73 -41.91
CA GLU V 15 -20.75 84.15 -42.33
C GLU V 15 -21.37 85.03 -41.24
N VAL V 16 -22.03 86.12 -41.66
CA VAL V 16 -22.67 87.06 -40.76
C VAL V 16 -24.14 87.13 -41.17
N LYS V 17 -25.02 87.04 -40.17
CA LYS V 17 -26.45 87.14 -40.34
C LYS V 17 -26.97 88.24 -39.43
N VAL V 18 -27.72 89.19 -40.03
CA VAL V 18 -28.23 90.37 -39.33
C VAL V 18 -29.74 90.29 -39.22
N THR V 19 -30.28 90.62 -38.02
CA THR V 19 -31.71 90.65 -37.68
C THR V 19 -32.08 91.98 -36.99
N SER V 20 -33.33 92.40 -37.19
CA SER V 20 -33.93 93.63 -36.66
C SER V 20 -35.18 93.26 -35.87
N TYR V 21 -35.27 93.74 -34.64
CA TYR V 21 -36.41 93.49 -33.76
C TYR V 21 -36.54 94.57 -32.67
N LYS V 22 -37.77 94.70 -32.16
CA LYS V 22 -38.22 95.67 -31.18
C LYS V 22 -38.70 94.93 -29.90
N ASN V 23 -38.58 95.60 -28.74
CA ASN V 23 -39.08 95.11 -27.46
C ASN V 23 -38.46 93.83 -26.91
N ALA V 24 -37.20 93.54 -27.26
CA ALA V 24 -36.53 92.36 -26.75
C ALA V 24 -36.32 92.54 -25.23
N ILE V 25 -36.11 91.46 -24.52
CA ILE V 25 -35.88 91.44 -23.08
C ILE V 25 -34.92 92.58 -22.63
N GLY V 26 -35.40 93.42 -21.72
CA GLY V 26 -34.63 94.53 -21.17
C GLY V 26 -34.52 95.78 -22.03
N THR V 27 -35.28 95.86 -23.14
CA THR V 27 -35.25 97.04 -24.01
C THR V 27 -36.58 97.78 -23.94
N GLU V 28 -37.60 97.14 -23.33
CA GLU V 28 -38.95 97.69 -23.17
C GLU V 28 -38.90 99.03 -22.42
N THR V 29 -39.67 100.03 -22.88
CA THR V 29 -39.71 101.40 -22.32
C THR V 29 -40.05 101.42 -20.84
N ASP V 30 -41.17 100.77 -20.45
CA ASP V 30 -41.63 100.79 -19.07
C ASP V 30 -41.18 99.60 -18.19
N GLY V 31 -39.96 99.13 -18.44
CA GLY V 31 -39.32 98.06 -17.70
C GLY V 31 -39.57 96.65 -18.23
N PHE V 32 -39.00 95.66 -17.54
CA PHE V 32 -39.12 94.24 -17.88
C PHE V 32 -40.56 93.77 -17.99
N ASP V 33 -40.88 93.07 -19.10
CA ASP V 33 -42.21 92.49 -19.38
C ASP V 33 -43.35 93.55 -19.45
N SER V 34 -43.02 94.80 -19.85
CA SER V 34 -43.99 95.89 -19.98
C SER V 34 -44.53 96.08 -21.42
N GLY V 35 -43.82 95.55 -22.41
CA GLY V 35 -44.17 95.63 -23.83
C GLY V 35 -45.35 94.79 -24.28
N PRO V 36 -45.81 94.96 -25.54
CA PRO V 36 -46.98 94.17 -26.01
C PRO V 36 -46.70 92.70 -26.30
N VAL V 37 -45.46 92.35 -26.68
CA VAL V 37 -45.11 90.96 -27.00
C VAL V 37 -43.90 90.61 -26.16
N PHE V 38 -44.10 89.79 -25.10
CA PHE V 38 -43.01 89.37 -24.21
C PHE V 38 -41.97 88.58 -25.00
N GLY V 39 -40.71 88.98 -24.89
CA GLY V 39 -39.62 88.33 -25.59
C GLY V 39 -39.15 89.04 -26.84
N GLY V 40 -40.01 89.92 -27.37
CA GLY V 40 -39.74 90.72 -28.56
C GLY V 40 -40.77 90.56 -29.66
N GLY V 41 -40.88 91.59 -30.50
CA GLY V 41 -41.81 91.61 -31.63
C GLY V 41 -41.33 90.83 -32.83
N THR V 42 -41.81 91.19 -34.03
CA THR V 42 -41.44 90.52 -35.29
C THR V 42 -39.95 90.67 -35.54
N ILE V 43 -39.29 89.56 -35.88
CA ILE V 43 -37.85 89.53 -36.20
C ILE V 43 -37.73 89.59 -37.72
N TYR V 44 -37.00 90.61 -38.20
CA TYR V 44 -36.80 90.83 -39.63
C TYR V 44 -35.39 90.45 -40.07
N ASN V 45 -35.28 89.56 -41.06
CA ASN V 45 -33.98 89.15 -41.59
C ASN V 45 -33.49 90.29 -42.46
N VAL V 46 -32.40 90.95 -42.04
CA VAL V 46 -31.85 92.11 -42.75
C VAL V 46 -31.03 91.62 -43.98
N PRO V 47 -31.33 92.10 -45.21
CA PRO V 47 -30.49 91.69 -46.36
C PRO V 47 -29.11 92.32 -46.23
N VAL V 48 -28.05 91.53 -46.42
CA VAL V 48 -26.69 92.02 -46.28
C VAL V 48 -25.83 91.74 -47.50
N SER V 49 -24.80 92.57 -47.65
CA SER V 49 -23.78 92.42 -48.69
C SER V 49 -22.46 92.32 -47.91
N LEU V 50 -21.81 91.16 -47.97
CA LEU V 50 -20.58 90.91 -47.24
C LEU V 50 -19.29 91.03 -48.08
N SER V 51 -18.28 91.57 -47.43
CA SER V 51 -16.98 91.91 -47.97
C SER V 51 -15.94 91.59 -46.87
N TYR V 52 -14.77 91.01 -47.23
CA TYR V 52 -13.79 90.59 -46.24
C TYR V 52 -12.33 90.99 -46.42
N ASP V 53 -11.74 91.41 -45.31
CA ASP V 53 -10.30 91.66 -45.14
C ASP V 53 -9.85 90.76 -43.99
N ARG V 54 -8.52 90.67 -43.71
CA ARG V 54 -7.99 89.89 -42.59
C ARG V 54 -8.65 90.34 -41.28
N GLN V 55 -9.41 89.45 -40.64
CA GLN V 55 -10.11 89.69 -39.36
C GLN V 55 -11.08 90.88 -39.34
N LYS V 56 -11.67 91.19 -40.51
CA LYS V 56 -12.60 92.30 -40.69
C LYS V 56 -13.68 91.91 -41.70
N VAL V 57 -14.96 92.05 -41.30
CA VAL V 57 -16.10 91.82 -42.18
C VAL V 57 -16.74 93.19 -42.40
N TYR V 58 -16.97 93.54 -43.66
CA TYR V 58 -17.69 94.76 -44.01
C TYR V 58 -19.13 94.34 -44.35
N VAL V 59 -20.08 94.74 -43.50
CA VAL V 59 -21.50 94.40 -43.59
C VAL V 59 -22.27 95.59 -44.15
N GLU V 60 -22.75 95.44 -45.39
CA GLU V 60 -23.56 96.44 -46.08
C GLU V 60 -25.04 96.03 -46.01
N MET V 61 -25.89 96.90 -45.47
CA MET V 61 -27.33 96.71 -45.23
C MET V 61 -28.10 97.87 -45.88
N PRO V 62 -29.43 97.77 -46.14
CA PRO V 62 -30.15 98.94 -46.65
C PRO V 62 -30.15 100.03 -45.58
N LYS V 63 -30.11 101.29 -46.05
CA LYS V 63 -30.12 102.50 -45.23
C LYS V 63 -31.30 102.55 -44.23
N SER V 64 -32.45 101.88 -44.53
CA SER V 64 -33.57 101.88 -43.57
C SER V 64 -33.12 101.22 -42.25
N TYR V 65 -32.19 100.24 -42.33
CA TYR V 65 -31.68 99.51 -41.17
C TYR V 65 -30.65 100.27 -40.35
N THR V 66 -30.17 101.45 -40.84
CA THR V 66 -29.24 102.29 -40.07
C THR V 66 -29.81 102.66 -38.74
N LEU V 67 -29.07 102.34 -37.70
CA LEU V 67 -29.45 102.51 -36.31
C LEU V 67 -28.16 102.55 -35.54
N ALA V 68 -27.69 103.72 -35.24
CA ALA V 68 -26.52 103.84 -34.42
C ALA V 68 -27.06 104.30 -33.07
N GLY V 69 -26.85 103.44 -32.09
CA GLY V 69 -27.19 103.61 -30.69
C GLY V 69 -26.00 103.07 -29.93
N ASP V 70 -26.25 102.31 -28.87
CA ASP V 70 -25.18 101.71 -28.08
C ASP V 70 -24.71 100.37 -28.62
N ILE V 71 -23.39 100.27 -28.94
CA ILE V 71 -22.75 99.06 -29.47
C ILE V 71 -22.36 98.13 -28.32
N ILE V 72 -23.13 97.05 -28.16
CA ILE V 72 -22.93 96.07 -27.09
C ILE V 72 -22.30 94.77 -27.62
N LEU V 73 -21.10 94.48 -27.12
CA LEU V 73 -20.39 93.26 -27.48
C LEU V 73 -20.68 92.21 -26.44
N ILE V 74 -21.24 91.10 -26.89
CA ILE V 74 -21.57 89.96 -26.03
C ILE V 74 -20.44 88.97 -26.19
N ASP V 75 -19.85 88.54 -25.06
CA ASP V 75 -18.70 87.62 -24.92
C ASP V 75 -18.65 86.32 -25.79
N ASP V 76 -19.47 86.26 -26.87
CA ASP V 76 -19.51 85.18 -27.87
C ASP V 76 -19.56 85.77 -29.32
N GLY V 77 -20.10 84.99 -30.27
CA GLY V 77 -20.21 85.41 -31.67
C GLY V 77 -21.38 86.34 -31.99
N THR V 78 -21.72 87.28 -31.04
CA THR V 78 -22.80 88.25 -31.19
C THR V 78 -22.50 89.68 -30.74
N LEU V 79 -22.87 90.64 -31.58
CA LEU V 79 -22.77 92.08 -31.34
C LEU V 79 -24.17 92.64 -31.57
N LEU V 80 -24.61 93.51 -30.66
CA LEU V 80 -25.89 94.21 -30.77
C LEU V 80 -25.66 95.70 -30.87
N VAL V 81 -26.62 96.40 -31.49
CA VAL V 81 -26.71 97.84 -31.52
C VAL V 81 -28.10 98.07 -30.94
N ILE V 82 -28.19 98.76 -29.79
CA ILE V 82 -29.45 99.06 -29.11
C ILE V 82 -29.72 100.58 -29.04
N LYS V 83 -30.87 101.01 -29.57
CA LYS V 83 -31.37 102.38 -29.53
C LYS V 83 -32.77 102.26 -28.97
N GLU V 84 -32.88 102.41 -27.63
CA GLU V 84 -34.11 102.33 -26.84
C GLU V 84 -34.74 100.92 -26.95
N THR V 85 -35.90 100.78 -27.62
CA THR V 85 -36.59 99.50 -27.82
C THR V 85 -36.12 98.75 -29.07
N GLN V 86 -35.38 99.43 -29.95
CA GLN V 86 -34.92 98.87 -31.23
C GLN V 86 -33.52 98.25 -31.15
N VAL V 87 -33.41 97.01 -31.66
CA VAL V 87 -32.16 96.26 -31.68
C VAL V 87 -31.82 95.83 -33.12
N LEU V 88 -30.53 95.95 -33.47
CA LEU V 88 -29.89 95.48 -34.70
C LEU V 88 -28.86 94.40 -34.22
N CYS V 89 -29.15 93.13 -34.52
CA CYS V 89 -28.39 91.97 -34.07
C CYS V 89 -27.48 91.40 -35.13
N PHE V 90 -26.19 91.23 -34.79
CA PHE V 90 -25.19 90.66 -35.69
C PHE V 90 -24.75 89.32 -35.14
N LYS V 91 -25.00 88.23 -35.88
CA LYS V 91 -24.62 86.88 -35.45
C LYS V 91 -23.57 86.34 -36.38
N MET V 92 -22.39 86.07 -35.85
CA MET V 92 -21.29 85.51 -36.63
C MET V 92 -21.23 83.99 -36.45
N SER V 93 -20.98 83.29 -37.54
CA SER V 93 -20.84 81.84 -37.54
C SER V 93 -19.35 81.51 -37.64
N ASP V 94 -18.85 80.65 -36.71
CA ASP V 94 -17.48 80.12 -36.68
C ASP V 94 -16.37 81.10 -36.35
N ALA V 95 -16.65 82.12 -35.49
CA ALA V 95 -15.68 83.12 -35.02
C ALA V 95 -16.34 84.00 -34.00
N LYS V 96 -15.54 84.77 -33.26
CA LYS V 96 -16.02 85.72 -32.25
C LYS V 96 -15.80 87.14 -32.74
N ILE V 97 -16.78 88.04 -32.49
CA ILE V 97 -16.62 89.45 -32.84
C ILE V 97 -15.74 90.05 -31.72
N THR V 98 -14.71 90.80 -32.09
CA THR V 98 -13.80 91.41 -31.12
C THR V 98 -14.05 92.92 -30.99
N LYS V 99 -14.63 93.54 -32.05
CA LYS V 99 -14.96 94.97 -32.11
C LYS V 99 -15.94 95.19 -33.24
N GLY V 100 -16.84 96.14 -33.04
CA GLY V 100 -17.81 96.55 -34.04
C GLY V 100 -17.98 98.06 -34.07
N TYR V 101 -18.05 98.64 -35.28
CA TYR V 101 -18.19 100.09 -35.47
C TYR V 101 -18.69 100.40 -36.90
N VAL V 102 -19.27 101.61 -37.08
CA VAL V 102 -19.70 102.12 -38.38
C VAL V 102 -18.45 102.38 -39.21
N PHE V 103 -18.53 102.08 -40.50
CA PHE V 103 -17.45 102.29 -41.43
C PHE V 103 -17.29 103.79 -41.79
N VAL V 104 -16.04 104.30 -41.72
CA VAL V 104 -15.66 105.67 -42.07
C VAL V 104 -14.83 105.60 -43.37
N ALA V 105 -15.41 106.07 -44.49
CA ALA V 105 -14.75 106.03 -45.81
C ALA V 105 -13.75 107.16 -45.94
N GLY W 1 -47.98 82.87 -53.30
CA GLY W 1 -48.28 84.27 -53.54
C GLY W 1 -47.02 85.11 -53.65
N PHE W 2 -47.11 86.37 -53.17
CA PHE W 2 -46.06 87.38 -53.03
C PHE W 2 -45.68 87.21 -51.57
N LYS W 3 -46.69 87.33 -50.68
CA LYS W 3 -46.54 87.17 -49.24
C LYS W 3 -47.32 85.91 -48.84
N PHE W 4 -46.59 84.88 -48.39
CA PHE W 4 -47.12 83.58 -47.96
C PHE W 4 -46.73 83.30 -46.53
N VAL W 5 -47.66 82.76 -45.72
CA VAL W 5 -47.45 82.46 -44.30
C VAL W 5 -47.24 80.97 -44.12
N LEU W 6 -46.26 80.60 -43.28
CA LEU W 6 -46.03 79.21 -42.92
C LEU W 6 -46.07 79.11 -41.42
N GLU W 7 -47.05 78.37 -40.88
CA GLU W 7 -47.15 78.13 -39.44
C GLU W 7 -46.25 76.93 -39.16
N HIS W 8 -45.57 76.94 -38.01
CA HIS W 8 -44.64 75.84 -37.71
C HIS W 8 -44.58 75.44 -36.24
N ASP W 9 -43.83 74.39 -35.90
CA ASP W 9 -43.70 73.84 -34.55
C ASP W 9 -42.49 74.34 -33.73
N SER W 10 -41.52 75.04 -34.36
CA SER W 10 -40.34 75.53 -33.68
C SER W 10 -40.65 76.74 -32.84
N GLU W 11 -39.84 76.96 -31.80
CA GLU W 11 -39.95 78.11 -30.92
C GLU W 11 -38.96 79.18 -31.39
N TYR W 12 -38.33 78.94 -32.54
CA TYR W 12 -37.30 79.81 -33.10
C TYR W 12 -37.67 80.41 -34.46
N GLN W 13 -36.66 80.62 -35.32
CA GLN W 13 -36.85 81.22 -36.62
C GLN W 13 -36.26 80.30 -37.69
N PRO W 14 -36.98 79.23 -38.08
CA PRO W 14 -36.44 78.29 -39.07
C PRO W 14 -36.19 78.89 -40.45
N GLU W 15 -35.10 78.48 -41.11
CA GLU W 15 -34.76 78.92 -42.45
C GLU W 15 -35.76 78.28 -43.41
N VAL W 16 -36.19 79.06 -44.40
CA VAL W 16 -37.13 78.64 -45.44
C VAL W 16 -36.48 78.89 -46.78
N LYS W 17 -36.56 77.91 -47.66
CA LYS W 17 -36.04 77.98 -49.01
C LYS W 17 -37.16 77.62 -49.98
N VAL W 18 -37.39 78.50 -50.96
CA VAL W 18 -38.46 78.36 -51.95
C VAL W 18 -37.89 78.07 -53.34
N THR W 19 -38.51 77.10 -54.05
CA THR W 19 -38.16 76.70 -55.40
C THR W 19 -39.40 76.72 -56.31
N SER W 20 -39.18 76.91 -57.62
CA SER W 20 -40.23 76.94 -58.62
C SER W 20 -39.85 75.98 -59.74
N TYR W 21 -40.78 75.12 -60.13
CA TYR W 21 -40.55 74.15 -61.20
C TYR W 21 -41.87 73.66 -61.80
N LYS W 22 -41.78 73.17 -63.06
CA LYS W 22 -42.85 72.66 -63.87
C LYS W 22 -42.65 71.15 -64.10
N ASN W 23 -43.74 70.38 -64.27
CA ASN W 23 -43.76 68.96 -64.61
C ASN W 23 -43.13 67.94 -63.66
N ALA W 24 -43.16 68.25 -62.37
CA ALA W 24 -42.68 67.32 -61.36
C ALA W 24 -43.65 66.12 -61.35
N ILE W 25 -43.18 64.99 -60.88
CA ILE W 25 -43.88 63.73 -60.75
C ILE W 25 -45.36 63.94 -60.31
N GLY W 26 -46.27 63.53 -61.18
CA GLY W 26 -47.71 63.62 -60.94
C GLY W 26 -48.37 64.96 -61.23
N THR W 27 -47.63 65.90 -61.87
CA THR W 27 -48.17 67.21 -62.26
C THR W 27 -48.32 67.32 -63.78
N GLU W 28 -47.80 66.32 -64.53
CA GLU W 28 -47.85 66.30 -65.99
C GLU W 28 -49.30 66.19 -66.49
N THR W 29 -49.60 66.98 -67.54
CA THR W 29 -50.94 67.10 -68.14
C THR W 29 -51.52 65.74 -68.53
N ASP W 30 -50.72 64.94 -69.25
CA ASP W 30 -51.13 63.64 -69.77
C ASP W 30 -50.76 62.44 -68.95
N GLY W 31 -50.54 62.66 -67.65
CA GLY W 31 -50.21 61.62 -66.68
C GLY W 31 -48.74 61.43 -66.44
N PHE W 32 -48.40 60.43 -65.59
CA PHE W 32 -47.05 60.09 -65.19
C PHE W 32 -46.11 59.87 -66.37
N ASP W 33 -44.95 60.53 -66.37
CA ASP W 33 -43.89 60.36 -67.40
C ASP W 33 -44.37 60.70 -68.80
N SER W 34 -45.35 61.62 -68.90
CA SER W 34 -45.91 62.04 -70.18
C SER W 34 -45.35 63.39 -70.68
N GLY W 35 -44.65 64.11 -69.79
CA GLY W 35 -44.02 65.39 -70.06
C GLY W 35 -42.70 65.30 -70.82
N PRO W 36 -42.12 66.47 -71.18
CA PRO W 36 -40.85 66.44 -71.93
C PRO W 36 -39.60 66.08 -71.13
N VAL W 37 -39.58 66.36 -69.81
CA VAL W 37 -38.41 66.07 -68.95
C VAL W 37 -38.90 65.29 -67.74
N PHE W 38 -38.60 63.99 -67.71
CA PHE W 38 -39.02 63.15 -66.59
C PHE W 38 -38.44 63.65 -65.26
N GLY W 39 -39.32 63.84 -64.29
CA GLY W 39 -38.94 64.29 -62.97
C GLY W 39 -39.13 65.76 -62.71
N GLY W 40 -39.31 66.53 -63.78
CA GLY W 40 -39.49 67.97 -63.72
C GLY W 40 -38.49 68.74 -64.56
N GLY W 41 -38.89 69.95 -64.96
CA GLY W 41 -38.07 70.84 -65.76
C GLY W 41 -37.06 71.60 -64.93
N THR W 42 -36.67 72.81 -65.40
CA THR W 42 -35.69 73.64 -64.70
C THR W 42 -36.23 74.02 -63.32
N ILE W 43 -35.42 73.84 -62.27
CA ILE W 43 -35.74 74.26 -60.90
C ILE W 43 -35.16 75.67 -60.71
N TYR W 44 -35.99 76.64 -60.31
CA TYR W 44 -35.55 78.02 -60.09
C TYR W 44 -35.58 78.35 -58.61
N ASN W 45 -34.45 78.85 -58.09
CA ASN W 45 -34.37 79.28 -56.69
C ASN W 45 -35.11 80.59 -56.59
N VAL W 46 -36.13 80.66 -55.73
CA VAL W 46 -36.98 81.85 -55.58
C VAL W 46 -36.34 82.78 -54.56
N PRO W 47 -36.05 84.05 -54.91
CA PRO W 47 -35.49 84.97 -53.88
C PRO W 47 -36.58 85.28 -52.83
N VAL W 48 -36.23 85.20 -51.57
CA VAL W 48 -37.20 85.43 -50.50
C VAL W 48 -36.71 86.43 -49.48
N SER W 49 -37.66 87.07 -48.80
CA SER W 49 -37.43 87.99 -47.69
C SER W 49 -38.22 87.39 -46.52
N LEU W 50 -37.51 86.94 -45.48
CA LEU W 50 -38.11 86.28 -44.31
C LEU W 50 -38.25 87.18 -43.09
N SER W 51 -39.37 86.96 -42.40
CA SER W 51 -39.87 87.73 -41.26
C SER W 51 -40.47 86.70 -40.31
N TYR W 52 -40.28 86.89 -38.98
CA TYR W 52 -40.76 85.89 -38.02
C TYR W 52 -41.57 86.37 -36.82
N ASP W 53 -42.63 85.62 -36.51
CA ASP W 53 -43.43 85.75 -35.30
C ASP W 53 -43.43 84.36 -34.61
N ARG W 54 -44.01 84.26 -33.39
CA ARG W 54 -44.06 82.96 -32.70
C ARG W 54 -44.77 81.94 -33.59
N GLN W 55 -44.03 80.91 -34.03
CA GLN W 55 -44.52 79.79 -34.87
C GLN W 55 -45.15 80.21 -36.21
N LYS W 56 -44.67 81.31 -36.78
CA LYS W 56 -45.14 81.88 -38.04
C LYS W 56 -43.95 82.50 -38.82
N VAL W 57 -43.76 82.07 -40.06
CA VAL W 57 -42.76 82.63 -40.97
C VAL W 57 -43.54 83.38 -42.05
N TYR W 58 -43.18 84.63 -42.28
CA TYR W 58 -43.74 85.43 -43.36
C TYR W 58 -42.72 85.39 -44.50
N VAL W 59 -43.10 84.77 -45.61
CA VAL W 59 -42.27 84.56 -46.80
C VAL W 59 -42.70 85.53 -47.87
N GLU W 60 -41.84 86.50 -48.20
CA GLU W 60 -42.06 87.50 -49.24
C GLU W 60 -41.25 87.10 -50.47
N MET W 61 -41.89 87.05 -51.62
CA MET W 61 -41.30 86.64 -52.90
C MET W 61 -41.65 87.67 -53.98
N PRO W 62 -40.95 87.71 -55.14
CA PRO W 62 -41.42 88.62 -56.22
C PRO W 62 -42.83 88.24 -56.67
N LYS W 63 -43.63 89.23 -57.12
CA LYS W 63 -45.01 89.03 -57.59
C LYS W 63 -45.12 87.99 -58.69
N SER W 64 -44.12 87.84 -59.56
CA SER W 64 -44.12 86.86 -60.66
C SER W 64 -44.31 85.42 -60.17
N TYR W 65 -43.94 85.16 -58.91
CA TYR W 65 -44.05 83.83 -58.30
C TYR W 65 -45.40 83.51 -57.69
N THR W 66 -46.34 84.50 -57.69
CA THR W 66 -47.67 84.23 -57.17
C THR W 66 -48.33 83.06 -57.89
N LEU W 67 -48.81 82.11 -57.07
CA LEU W 67 -49.41 80.90 -57.58
C LEU W 67 -50.30 80.36 -56.51
N ALA W 68 -51.60 80.57 -56.63
CA ALA W 68 -52.50 79.94 -55.68
C ALA W 68 -53.19 78.82 -56.43
N GLY W 69 -53.03 77.62 -55.91
CA GLY W 69 -53.61 76.39 -56.43
C GLY W 69 -53.92 75.53 -55.23
N ASP W 70 -53.54 74.26 -55.27
CA ASP W 70 -53.75 73.35 -54.15
C ASP W 70 -52.59 73.45 -53.14
N ILE W 71 -52.90 73.77 -51.87
CA ILE W 71 -51.90 73.86 -50.80
C ILE W 71 -51.78 72.47 -50.19
N ILE W 72 -50.66 71.81 -50.47
CA ILE W 72 -50.39 70.44 -50.04
C ILE W 72 -49.30 70.36 -49.00
N LEU W 73 -49.68 69.92 -47.79
CA LEU W 73 -48.76 69.72 -46.68
C LEU W 73 -48.22 68.30 -46.70
N ILE W 74 -46.91 68.17 -46.75
CA ILE W 74 -46.23 66.89 -46.76
C ILE W 74 -45.68 66.66 -45.36
N ASP W 75 -46.02 65.49 -44.77
CA ASP W 75 -45.74 65.07 -43.40
C ASP W 75 -44.35 65.38 -42.78
N ASP W 76 -43.40 65.91 -43.59
CA ASP W 76 -42.10 66.36 -43.11
C ASP W 76 -42.09 67.92 -43.10
N GLY W 77 -40.91 68.55 -43.24
CA GLY W 77 -40.78 70.00 -43.27
C GLY W 77 -40.97 70.59 -44.65
N THR W 78 -42.13 70.23 -45.35
CA THR W 78 -42.41 70.70 -46.72
C THR W 78 -43.87 70.95 -47.09
N LEU W 79 -44.12 72.12 -47.71
CA LEU W 79 -45.41 72.58 -48.21
C LEU W 79 -45.26 72.91 -49.69
N LEU W 80 -46.24 72.46 -50.48
CA LEU W 80 -46.29 72.70 -51.92
C LEU W 80 -47.53 73.47 -52.27
N VAL W 81 -47.44 74.30 -53.30
CA VAL W 81 -48.57 74.97 -53.91
C VAL W 81 -48.58 74.47 -55.34
N ILE W 82 -49.61 73.71 -55.71
CA ILE W 82 -49.68 73.11 -57.06
C ILE W 82 -50.82 73.69 -57.89
N LYS W 83 -50.50 74.16 -59.08
CA LYS W 83 -51.50 74.65 -60.02
C LYS W 83 -51.21 73.97 -61.33
N GLU W 84 -51.86 72.82 -61.52
CA GLU W 84 -51.69 71.97 -62.70
C GLU W 84 -50.26 71.47 -62.86
N THR W 85 -49.47 72.02 -63.83
CA THR W 85 -48.10 71.56 -64.07
C THR W 85 -47.08 72.31 -63.25
N GLN W 86 -47.47 73.45 -62.73
CA GLN W 86 -46.61 74.38 -62.01
C GLN W 86 -46.64 74.12 -60.51
N VAL W 87 -45.44 74.09 -59.88
CA VAL W 87 -45.26 73.89 -58.45
C VAL W 87 -44.39 75.02 -57.84
N LEU W 88 -44.79 75.48 -56.65
CA LEU W 88 -44.08 76.41 -55.77
C LEU W 88 -43.82 75.59 -54.49
N CYS W 89 -42.56 75.21 -54.27
CA CYS W 89 -42.09 74.39 -53.15
C CYS W 89 -41.45 75.21 -52.00
N PHE W 90 -41.94 75.03 -50.76
CA PHE W 90 -41.45 75.66 -49.54
C PHE W 90 -40.80 74.57 -48.66
N LYS W 91 -39.48 74.68 -48.41
CA LYS W 91 -38.70 73.72 -47.62
C LYS W 91 -38.20 74.38 -46.35
N MET W 92 -38.59 73.85 -45.21
CA MET W 92 -38.20 74.38 -43.90
C MET W 92 -37.21 73.46 -43.20
N SER W 93 -36.09 74.01 -42.74
CA SER W 93 -35.11 73.21 -42.00
C SER W 93 -35.25 73.45 -40.50
N ASP W 94 -35.11 72.36 -39.70
CA ASP W 94 -35.15 72.35 -38.23
C ASP W 94 -36.53 72.53 -37.62
N ALA W 95 -37.58 72.41 -38.46
CA ALA W 95 -38.96 72.52 -38.01
C ALA W 95 -39.91 71.94 -39.05
N LYS W 96 -41.16 71.70 -38.63
CA LYS W 96 -42.19 71.18 -39.52
C LYS W 96 -43.27 72.23 -39.77
N ILE W 97 -43.68 72.38 -41.06
CA ILE W 97 -44.75 73.30 -41.41
C ILE W 97 -46.04 72.62 -40.92
N THR W 98 -46.90 73.36 -40.21
CA THR W 98 -48.14 72.80 -39.68
C THR W 98 -49.37 73.30 -40.46
N LYS W 99 -49.23 74.45 -41.12
CA LYS W 99 -50.27 75.13 -41.89
C LYS W 99 -49.62 76.17 -42.81
N GLY W 100 -50.20 76.34 -43.99
CA GLY W 100 -49.74 77.29 -44.98
C GLY W 100 -50.87 77.98 -45.71
N TYR W 101 -50.73 79.27 -45.91
CA TYR W 101 -51.74 80.09 -46.58
C TYR W 101 -51.16 81.44 -47.02
N VAL W 102 -51.77 82.03 -48.04
CA VAL W 102 -51.44 83.36 -48.55
C VAL W 102 -51.75 84.36 -47.43
N PHE W 103 -50.85 85.32 -47.22
CA PHE W 103 -51.02 86.34 -46.20
C PHE W 103 -52.26 87.19 -46.46
N VAL W 104 -53.19 87.15 -45.48
CA VAL W 104 -54.45 87.91 -45.48
C VAL W 104 -54.24 88.99 -44.40
N ALA W 105 -54.19 90.26 -44.85
CA ALA W 105 -53.97 91.42 -43.98
C ALA W 105 -55.16 91.70 -43.04
N GLY X 1 -18.65 85.47 -66.22
CA GLY X 1 -19.60 86.29 -66.95
C GLY X 1 -20.71 86.83 -66.06
N PHE X 2 -21.83 87.25 -66.71
CA PHE X 2 -23.12 87.67 -66.10
C PHE X 2 -23.93 86.37 -65.86
N LYS X 3 -23.98 85.48 -66.88
CA LYS X 3 -24.63 84.17 -66.85
C LYS X 3 -23.60 83.07 -67.20
N PHE X 4 -23.23 82.29 -66.19
CA PHE X 4 -22.21 81.25 -66.29
C PHE X 4 -22.83 79.87 -66.05
N VAL X 5 -22.30 78.83 -66.71
CA VAL X 5 -22.79 77.46 -66.56
C VAL X 5 -21.76 76.55 -65.89
N LEU X 6 -22.13 75.91 -64.77
CA LEU X 6 -21.23 74.97 -64.12
C LEU X 6 -21.84 73.59 -64.26
N GLU X 7 -21.13 72.68 -64.92
CA GLU X 7 -21.55 71.28 -65.04
C GLU X 7 -21.02 70.57 -63.80
N HIS X 8 -21.77 69.64 -63.24
CA HIS X 8 -21.33 68.92 -62.05
C HIS X 8 -21.67 67.42 -62.07
N ASP X 9 -21.32 66.70 -60.98
CA ASP X 9 -21.51 65.25 -60.82
C ASP X 9 -22.71 64.86 -59.93
N SER X 10 -23.37 65.86 -59.31
CA SER X 10 -24.51 65.59 -58.43
C SER X 10 -25.79 65.40 -59.20
N GLU X 11 -26.64 64.53 -58.67
CA GLU X 11 -27.95 64.19 -59.21
C GLU X 11 -28.97 65.18 -58.63
N TYR X 12 -28.51 66.13 -57.81
CA TYR X 12 -29.32 67.11 -57.10
C TYR X 12 -29.03 68.57 -57.49
N GLN X 13 -29.36 69.53 -56.59
CA GLN X 13 -29.17 70.97 -56.85
C GLN X 13 -28.14 71.56 -55.88
N PRO X 14 -26.83 71.44 -56.20
CA PRO X 14 -25.80 71.89 -55.26
C PRO X 14 -25.68 73.40 -55.08
N GLU X 15 -25.50 73.84 -53.83
CA GLU X 15 -25.35 75.26 -53.56
C GLU X 15 -24.04 75.77 -54.16
N VAL X 16 -24.09 76.95 -54.78
CA VAL X 16 -22.94 77.57 -55.43
C VAL X 16 -22.73 78.94 -54.83
N LYS X 17 -21.52 79.22 -54.36
CA LYS X 17 -21.16 80.51 -53.79
C LYS X 17 -20.05 81.13 -54.62
N VAL X 18 -20.26 82.40 -55.04
CA VAL X 18 -19.33 83.13 -55.89
C VAL X 18 -18.66 84.30 -55.15
N THR X 19 -17.33 84.41 -55.34
CA THR X 19 -16.48 85.44 -54.75
C THR X 19 -15.53 86.06 -55.80
N SER X 20 -15.21 87.34 -55.61
CA SER X 20 -14.31 88.08 -56.48
C SER X 20 -13.22 88.68 -55.61
N TYR X 21 -11.97 88.61 -56.11
CA TYR X 21 -10.79 89.13 -55.41
C TYR X 21 -9.62 89.34 -56.37
N LYS X 22 -8.70 90.25 -55.97
CA LYS X 22 -7.50 90.68 -56.68
C LYS X 22 -6.23 90.24 -55.89
N ASN X 23 -5.13 89.94 -56.63
CA ASN X 23 -3.80 89.59 -56.08
C ASN X 23 -3.66 88.30 -55.25
N ALA X 24 -4.39 87.25 -55.64
CA ALA X 24 -4.30 85.95 -54.99
C ALA X 24 -2.96 85.29 -55.37
N ILE X 25 -2.56 84.29 -54.62
CA ILE X 25 -1.38 83.48 -54.83
C ILE X 25 -1.21 83.17 -56.34
N GLY X 26 -0.14 83.71 -56.92
CA GLY X 26 0.24 83.50 -58.32
C GLY X 26 -0.50 84.28 -59.38
N THR X 27 -1.20 85.37 -59.01
CA THR X 27 -1.92 86.24 -59.95
C THR X 27 -1.29 87.63 -59.98
N GLU X 28 -0.33 87.87 -59.07
CA GLU X 28 0.39 89.14 -58.90
C GLU X 28 1.21 89.41 -60.17
N THR X 29 1.18 90.68 -60.64
CA THR X 29 1.84 91.15 -61.87
C THR X 29 3.37 90.82 -61.89
N ASP X 30 4.08 91.11 -60.80
CA ASP X 30 5.53 90.91 -60.74
C ASP X 30 5.96 89.61 -60.06
N GLY X 31 5.11 88.58 -60.10
CA GLY X 31 5.36 87.26 -59.54
C GLY X 31 4.94 87.11 -58.09
N PHE X 32 5.24 85.93 -57.52
CA PHE X 32 4.88 85.54 -56.16
C PHE X 32 5.28 86.54 -55.09
N ASP X 33 4.32 86.93 -54.22
CA ASP X 33 4.48 87.86 -53.09
C ASP X 33 5.03 89.27 -53.50
N SER X 34 4.66 89.73 -54.72
CA SER X 34 5.09 91.01 -55.26
C SER X 34 4.05 92.12 -55.06
N GLY X 35 2.81 91.75 -54.74
CA GLY X 35 1.67 92.63 -54.54
C GLY X 35 1.56 93.35 -53.20
N PRO X 36 0.57 94.26 -53.06
CA PRO X 36 0.44 95.03 -51.81
C PRO X 36 -0.08 94.22 -50.61
N VAL X 37 -0.95 93.22 -50.85
CA VAL X 37 -1.48 92.35 -49.79
C VAL X 37 -1.15 90.93 -50.24
N PHE X 38 -0.46 90.18 -49.38
CA PHE X 38 0.02 88.85 -49.68
C PHE X 38 -1.01 87.80 -50.11
N GLY X 39 -1.90 87.40 -49.21
CA GLY X 39 -2.90 86.39 -49.57
C GLY X 39 -3.89 86.77 -50.66
N GLY X 40 -4.07 88.08 -50.87
CA GLY X 40 -4.95 88.72 -51.84
C GLY X 40 -5.66 89.89 -51.18
N GLY X 41 -6.31 90.71 -51.99
CA GLY X 41 -7.05 91.86 -51.49
C GLY X 41 -8.38 91.50 -50.85
N THR X 42 -9.32 92.47 -50.83
CA THR X 42 -10.65 92.32 -50.27
C THR X 42 -11.41 91.26 -51.04
N ILE X 43 -12.06 90.32 -50.31
CA ILE X 43 -12.88 89.25 -50.90
C ILE X 43 -14.32 89.75 -50.95
N TYR X 44 -14.86 89.87 -52.14
CA TYR X 44 -16.25 90.32 -52.30
C TYR X 44 -17.16 89.16 -52.60
N ASN X 45 -18.28 89.05 -51.81
CA ASN X 45 -19.31 88.04 -52.04
C ASN X 45 -20.17 88.55 -53.19
N VAL X 46 -20.15 87.81 -54.32
CA VAL X 46 -20.93 88.11 -55.51
C VAL X 46 -22.38 87.63 -55.32
N PRO X 47 -23.42 88.49 -55.46
CA PRO X 47 -24.80 87.98 -55.36
C PRO X 47 -25.18 87.09 -56.58
N VAL X 48 -25.86 85.98 -56.32
CA VAL X 48 -26.23 85.04 -57.38
C VAL X 48 -27.73 84.72 -57.45
N SER X 49 -28.16 84.27 -58.64
CA SER X 49 -29.50 83.79 -58.94
C SER X 49 -29.24 82.42 -59.55
N LEU X 50 -29.62 81.35 -58.85
CA LEU X 50 -29.33 79.99 -59.30
C LEU X 50 -30.54 79.25 -59.82
N SER X 51 -30.36 78.56 -60.94
CA SER X 51 -31.37 77.71 -61.56
C SER X 51 -30.66 76.44 -61.97
N TYR X 52 -31.38 75.31 -61.91
CA TYR X 52 -30.82 73.99 -62.11
C TYR X 52 -31.54 73.09 -63.11
N ASP X 53 -30.73 72.31 -63.82
CA ASP X 53 -31.10 71.20 -64.70
C ASP X 53 -30.22 70.04 -64.18
N ARG X 54 -30.39 68.82 -64.73
CA ARG X 54 -29.59 67.64 -64.35
C ARG X 54 -28.12 67.96 -64.63
N GLN X 55 -27.27 67.89 -63.58
CA GLN X 55 -25.82 68.09 -63.64
C GLN X 55 -25.41 69.42 -64.32
N LYS X 56 -26.18 70.49 -64.09
CA LYS X 56 -25.98 71.82 -64.66
C LYS X 56 -26.54 72.88 -63.72
N VAL X 57 -25.70 73.84 -63.33
CA VAL X 57 -26.09 75.00 -62.51
C VAL X 57 -25.91 76.23 -63.40
N TYR X 58 -26.95 77.06 -63.49
CA TYR X 58 -26.91 78.31 -64.21
C TYR X 58 -26.75 79.38 -63.18
N VAL X 59 -25.57 80.02 -63.19
CA VAL X 59 -25.22 81.06 -62.24
C VAL X 59 -25.41 82.45 -62.87
N GLU X 60 -26.33 83.24 -62.33
CA GLU X 60 -26.61 84.61 -62.76
C GLU X 60 -26.05 85.60 -61.71
N MET X 61 -25.14 86.45 -62.14
CA MET X 61 -24.46 87.43 -61.29
C MET X 61 -24.69 88.81 -61.88
N PRO X 62 -24.46 89.93 -61.14
CA PRO X 62 -24.55 91.26 -61.79
C PRO X 62 -23.55 91.36 -62.96
N LYS X 63 -23.92 92.14 -64.01
CA LYS X 63 -23.07 92.29 -65.22
C LYS X 63 -21.70 92.84 -64.88
N SER X 64 -21.58 93.67 -63.82
CA SER X 64 -20.31 94.25 -63.34
C SER X 64 -19.24 93.20 -63.03
N TYR X 65 -19.68 91.97 -62.69
CA TYR X 65 -18.77 90.87 -62.38
C TYR X 65 -18.33 90.06 -63.59
N THR X 66 -18.75 90.45 -64.82
CA THR X 66 -18.31 89.73 -66.01
C THR X 66 -16.79 89.69 -66.14
N LEU X 67 -16.27 88.49 -66.42
CA LEU X 67 -14.85 88.22 -66.54
C LEU X 67 -14.63 87.07 -67.51
N ALA X 68 -13.76 87.33 -68.48
CA ALA X 68 -13.36 86.34 -69.47
C ALA X 68 -11.87 86.21 -69.30
N GLY X 69 -11.44 85.05 -68.85
CA GLY X 69 -10.03 84.75 -68.66
C GLY X 69 -9.80 83.28 -68.86
N ASP X 70 -8.82 82.75 -68.16
CA ASP X 70 -8.51 81.33 -68.18
C ASP X 70 -9.46 80.67 -67.17
N ILE X 71 -10.20 79.65 -67.61
CA ILE X 71 -11.15 78.90 -66.79
C ILE X 71 -10.39 77.73 -66.20
N ILE X 72 -10.10 77.80 -64.92
CA ILE X 72 -9.31 76.80 -64.22
C ILE X 72 -10.18 75.93 -63.32
N LEU X 73 -10.12 74.61 -63.56
CA LEU X 73 -10.83 73.62 -62.79
C LEU X 73 -9.94 73.02 -61.73
N ILE X 74 -10.36 73.07 -60.50
CA ILE X 74 -9.60 72.55 -59.37
C ILE X 74 -10.12 71.19 -58.97
N ASP X 75 -9.19 70.23 -58.77
CA ASP X 75 -9.43 68.83 -58.38
C ASP X 75 -10.65 68.61 -57.51
N ASP X 76 -10.92 69.56 -56.55
CA ASP X 76 -12.09 69.52 -55.66
C ASP X 76 -13.34 70.28 -56.26
N GLY X 77 -14.30 70.66 -55.42
CA GLY X 77 -15.50 71.38 -55.87
C GLY X 77 -15.33 72.87 -56.12
N THR X 78 -14.32 73.26 -56.95
CA THR X 78 -14.02 74.67 -57.24
C THR X 78 -13.58 74.99 -58.65
N LEU X 79 -14.04 76.14 -59.14
CA LEU X 79 -13.71 76.64 -60.46
C LEU X 79 -13.38 78.11 -60.35
N LEU X 80 -12.32 78.53 -61.06
CA LEU X 80 -11.84 79.91 -61.11
C LEU X 80 -11.80 80.41 -62.54
N VAL X 81 -12.01 81.71 -62.66
CA VAL X 81 -11.89 82.46 -63.90
C VAL X 81 -10.82 83.49 -63.53
N ILE X 82 -9.63 83.35 -64.15
CA ILE X 82 -8.53 84.27 -63.88
C ILE X 82 -8.24 85.12 -65.09
N LYS X 83 -8.22 86.43 -64.90
CA LYS X 83 -7.77 87.36 -65.92
C LYS X 83 -6.81 88.27 -65.19
N GLU X 84 -5.50 88.02 -65.40
CA GLU X 84 -4.42 88.81 -64.77
C GLU X 84 -4.45 88.69 -63.24
N THR X 85 -4.64 89.82 -62.55
CA THR X 85 -4.72 89.93 -61.09
C THR X 85 -6.10 89.61 -60.57
N GLN X 86 -7.09 89.59 -61.47
CA GLN X 86 -8.49 89.43 -61.14
C GLN X 86 -8.98 88.02 -61.27
N VAL X 87 -9.63 87.53 -60.18
CA VAL X 87 -10.22 86.20 -60.06
C VAL X 87 -11.70 86.28 -59.64
N LEU X 88 -12.52 85.42 -60.29
CA LEU X 88 -13.92 85.14 -60.00
C LEU X 88 -13.90 83.70 -59.63
N CYS X 89 -14.32 83.39 -58.39
CA CYS X 89 -14.26 82.05 -57.77
C CYS X 89 -15.61 81.38 -57.51
N PHE X 90 -15.81 80.17 -58.08
CA PHE X 90 -17.05 79.38 -57.93
C PHE X 90 -16.83 78.22 -57.01
N LYS X 91 -17.49 78.25 -55.86
CA LYS X 91 -17.39 77.21 -54.85
C LYS X 91 -18.70 76.45 -54.74
N MET X 92 -18.64 75.16 -55.06
CA MET X 92 -19.78 74.26 -54.95
C MET X 92 -19.56 73.34 -53.76
N SER X 93 -20.57 73.24 -52.93
CA SER X 93 -20.55 72.39 -51.75
C SER X 93 -21.39 71.13 -52.06
N ASP X 94 -20.88 69.94 -51.65
CA ASP X 94 -21.53 68.62 -51.86
C ASP X 94 -21.53 68.08 -53.29
N ALA X 95 -20.64 68.62 -54.15
CA ALA X 95 -20.47 68.17 -55.53
C ALA X 95 -19.20 68.77 -56.13
N LYS X 96 -18.76 68.22 -57.26
CA LYS X 96 -17.56 68.68 -57.95
C LYS X 96 -17.96 69.27 -59.28
N ILE X 97 -17.41 70.44 -59.64
CA ILE X 97 -17.61 71.05 -60.95
C ILE X 97 -16.79 70.17 -61.93
N THR X 98 -17.36 69.84 -63.12
CA THR X 98 -16.68 69.01 -64.14
C THR X 98 -16.34 69.80 -65.39
N LYS X 99 -17.05 70.93 -65.61
CA LYS X 99 -16.89 71.83 -66.75
C LYS X 99 -17.49 73.18 -66.38
N GLY X 100 -16.92 74.24 -66.92
CA GLY X 100 -17.39 75.59 -66.70
C GLY X 100 -17.26 76.38 -67.99
N TYR X 101 -18.29 77.16 -68.31
CA TYR X 101 -18.35 77.97 -69.52
C TYR X 101 -19.41 79.03 -69.45
N VAL X 102 -19.18 80.17 -70.15
CA VAL X 102 -20.15 81.25 -70.23
C VAL X 102 -21.36 80.75 -71.02
N PHE X 103 -22.55 81.03 -70.50
CA PHE X 103 -23.81 80.63 -71.09
C PHE X 103 -24.04 81.27 -72.48
N VAL X 104 -24.21 80.41 -73.49
CA VAL X 104 -24.52 80.78 -74.87
C VAL X 104 -26.01 80.45 -75.04
N ALA X 105 -26.82 81.48 -75.34
CA ALA X 105 -28.27 81.35 -75.49
C ALA X 105 -28.71 80.45 -76.66
BR BR Y . -18.85 -7.89 -9.05
BR BR Z . -5.91 13.48 -17.68
BR BR AA . -24.15 -9.11 -26.26
BR BR BA . -3.85 19.32 23.69
BR BR CA . 5.80 26.68 -5.37
BR BR DA . 9.21 23.91 2.24
BR BR EA . -14.54 22.13 0.00
BR BR FA . 12.79 -18.90 3.19
BR BR GA . 4.23 -13.70 22.22
BR BR HA . 21.08 6.29 4.25
BR BR IA . -18.98 -1.30 24.71
BR BR JA . -7.34 -25.46 8.08
BR BR KA . 16.45 -103.21 29.45
BR BR LA . 25.84 -81.12 67.56
BR BR MA . 56.77 -83.68 34.87
BR BR NA . -43.70 94.84 -30.55
BR BR OA . -40.58 71.22 -68.72
BR BR PA . -4.97 94.30 -53.56
#